data_6KSS
#
_entry.id   6KSS
#
_entity_poly.entity_id   1
_entity_poly.type   'polypeptide(L)'
_entity_poly.pdbx_seq_one_letter_code
;DSIIHIGAIFEENAAKDDRVFQLAVSDLSLNDDILQSEKITYSIKVIEANNPFQAVQEACDLMTQGILALVTSTGCASAN
ALQSLTDAMHIPHLFVQRNPGGSPRTACHLNPSPDGEAYTLASRPPVRLNDVMLRLVTELRWQKFVMFYDSEYDIRGLQS
FLDQASRLGLDVSLQKVDKNISHVFTSLFTTMKTEELNRYRDTLRRAILLLSPQGAHSFINEAVETNLASKDSHWVFVNE
EISDPEILDLVHSALGRMTVVRQIFPSAKDNQKCMRNNHRISSLLCDPQEGYLQMLQISNLYLYDSVLMLANAFHRKLED
RKWHSMASLNCIRKSTKPWNGGRSMLDTIKKGHITGLTGVMEFREDSSNPYVQFEILGTTYSETFGKDMRKLATWDSEKG
LNGSLQERPMGSRLQGLTLKVVTVLEEPFVMVAENILGQPKRYKGFSIDVLDALAKALGFKYEIYQAPDGRYGHQLHNTS
WNGMIGELISKRADLAISAITITPERESVVDFSKRYMDYSVGILIKKPEEKISIFSLFAPFDFAVWACIAAAIPVVGVLI
FVLNRIQAVRSQSATQPRPSASATLHSAIWIVYGAFVQQGGESSVNSVAMRIVMGSWWLFTLIVCSSYTANLAAFLTVSR
MDSPVRTFQDLSKQLEMSYGTVRDSAVYEYFRAKGTNPLEQDSTFAELWRTISKNGGADNCVSNPSEGIRKAKKGNYAFL
WDVAVVEYAALTDDDCSVTVIGNSISSKGYGIALQHGSPYRDLFSQRILELQDTGDLDVLKQKWWPHTGRCDLTSHSSAQ
TDGKSLKLHSFAGVFCILAIGLLLACLVAALELWWNSNRCHQETPKEDKEVGLVPR
;
_entity_poly.pdbx_strand_id   A,B,C,D
#
# COMPACT_ATOMS: atom_id res chain seq x y z
N SER A 2 62.83 -73.15 -3.13
CA SER A 2 63.38 -72.43 -4.28
C SER A 2 63.49 -70.94 -3.96
N ILE A 3 63.45 -70.11 -5.00
CA ILE A 3 63.57 -68.67 -4.86
C ILE A 3 62.18 -68.03 -4.99
N ILE A 4 61.85 -67.19 -4.01
CA ILE A 4 60.58 -66.47 -3.96
C ILE A 4 60.89 -64.99 -3.80
N HIS A 5 60.19 -64.14 -4.53
CA HIS A 5 60.42 -62.72 -4.46
C HIS A 5 59.11 -61.97 -4.36
N ILE A 6 59.10 -60.91 -3.55
CA ILE A 6 58.00 -59.97 -3.46
C ILE A 6 58.56 -58.56 -3.62
N GLY A 7 57.69 -57.57 -3.48
CA GLY A 7 58.10 -56.19 -3.59
C GLY A 7 57.26 -55.30 -2.70
N ALA A 8 57.86 -54.19 -2.25
CA ALA A 8 57.14 -53.25 -1.40
C ALA A 8 57.77 -51.87 -1.58
N ILE A 9 57.16 -51.05 -2.43
CA ILE A 9 57.59 -49.67 -2.56
C ILE A 9 56.95 -48.86 -1.44
N PHE A 10 57.77 -48.22 -0.62
CA PHE A 10 57.32 -47.42 0.49
C PHE A 10 57.63 -45.95 0.23
N GLU A 11 57.08 -45.08 1.08
CA GLU A 11 57.42 -43.68 1.07
C GLU A 11 57.94 -43.25 2.43
N GLU A 12 58.85 -42.28 2.43
CA GLU A 12 59.24 -41.61 3.67
C GLU A 12 58.05 -40.86 4.25
N ASN A 13 57.77 -41.06 5.54
CA ASN A 13 58.61 -41.82 6.47
C ASN A 13 58.17 -43.28 6.57
N ALA A 14 59.07 -44.19 6.21
CA ALA A 14 58.83 -45.61 6.36
C ALA A 14 59.86 -46.25 7.28
N ALA A 15 60.14 -45.59 8.40
CA ALA A 15 61.12 -46.10 9.35
C ALA A 15 60.58 -47.32 10.05
N LYS A 16 59.44 -47.16 10.73
CA LYS A 16 58.83 -48.28 11.43
C LYS A 16 58.19 -49.25 10.46
N ASP A 17 57.98 -48.86 9.20
CA ASP A 17 57.48 -49.78 8.19
C ASP A 17 58.52 -50.85 7.90
N ASP A 18 59.77 -50.45 7.64
CA ASP A 18 60.85 -51.39 7.48
C ASP A 18 61.16 -52.13 8.78
N ARG A 19 61.00 -51.45 9.93
CA ARG A 19 61.13 -52.10 11.23
C ARG A 19 60.08 -53.19 11.44
N VAL A 20 58.91 -53.06 10.81
CA VAL A 20 57.93 -54.14 10.80
C VAL A 20 58.23 -55.16 9.70
N PHE A 21 58.72 -54.70 8.55
CA PHE A 21 58.93 -55.55 7.38
C PHE A 21 60.07 -56.54 7.58
N GLN A 22 61.09 -56.13 8.31
CA GLN A 22 62.19 -57.03 8.65
C GLN A 22 61.80 -58.07 9.69
N LEU A 23 60.69 -57.87 10.41
CA LEU A 23 60.09 -58.97 11.14
C LEU A 23 59.05 -59.73 10.33
N ALA A 24 58.55 -59.11 9.26
CA ALA A 24 57.50 -59.71 8.44
C ALA A 24 58.08 -60.85 7.62
N VAL A 25 59.04 -60.52 6.75
CA VAL A 25 59.50 -61.52 5.79
C VAL A 25 60.35 -62.55 6.52
N SER A 26 61.11 -62.10 7.53
CA SER A 26 61.91 -63.03 8.32
C SER A 26 61.04 -63.95 9.16
N ASP A 27 59.79 -63.56 9.50
CA ASP A 27 58.87 -64.53 10.06
C ASP A 27 58.20 -65.37 8.98
N LEU A 28 58.24 -64.96 7.72
CA LEU A 28 57.60 -65.78 6.69
C LEU A 28 58.49 -66.94 6.27
N SER A 29 59.62 -66.62 5.62
CA SER A 29 60.44 -67.63 4.99
C SER A 29 61.28 -68.43 5.97
N LEU A 30 61.40 -67.97 7.21
CA LEU A 30 62.36 -68.57 8.13
C LEU A 30 61.73 -69.10 9.40
N ASN A 31 60.79 -68.37 10.00
CA ASN A 31 60.26 -68.76 11.29
C ASN A 31 59.03 -69.65 11.19
N ASP A 32 58.55 -69.92 9.98
CA ASP A 32 57.42 -70.81 9.79
C ASP A 32 57.92 -72.19 9.33
N ASP A 33 57.31 -73.23 9.89
CA ASP A 33 57.66 -74.60 9.53
C ASP A 33 56.96 -75.09 8.27
N ILE A 34 56.20 -74.22 7.60
CA ILE A 34 55.60 -74.54 6.31
C ILE A 34 56.28 -73.76 5.18
N LEU A 35 56.55 -72.47 5.41
CA LEU A 35 57.17 -71.61 4.43
C LEU A 35 58.69 -71.58 4.54
N GLN A 36 59.27 -72.54 5.27
CA GLN A 36 60.72 -72.63 5.39
C GLN A 36 61.37 -73.05 4.09
N SER A 37 60.69 -73.90 3.32
CA SER A 37 61.27 -74.46 2.10
C SER A 37 61.44 -73.40 1.02
N GLU A 38 60.61 -72.37 1.04
CA GLU A 38 60.66 -71.32 0.03
C GLU A 38 61.39 -70.11 0.59
N LYS A 39 62.36 -69.60 -0.17
CA LYS A 39 63.23 -68.52 0.26
C LYS A 39 62.67 -67.21 -0.29
N ILE A 40 62.07 -66.42 0.59
CA ILE A 40 61.32 -65.23 0.19
C ILE A 40 62.24 -64.01 0.21
N THR A 41 62.55 -63.49 -0.97
CA THR A 41 63.22 -62.21 -1.09
C THR A 41 62.17 -61.13 -1.30
N TYR A 42 62.64 -59.88 -1.40
CA TYR A 42 61.76 -58.74 -1.24
C TYR A 42 62.42 -57.51 -1.84
N SER A 43 61.62 -56.47 -2.06
CA SER A 43 62.08 -55.22 -2.65
C SER A 43 61.57 -54.06 -1.81
N ILE A 44 62.34 -53.70 -0.78
CA ILE A 44 62.04 -52.51 0.02
C ILE A 44 62.47 -51.31 -0.80
N LYS A 45 61.50 -50.53 -1.28
CA LYS A 45 61.80 -49.33 -2.06
C LYS A 45 61.16 -48.14 -1.36
N VAL A 46 61.84 -47.61 -0.35
CA VAL A 46 61.38 -46.42 0.34
C VAL A 46 61.80 -45.21 -0.46
N ILE A 47 60.83 -44.43 -0.89
CA ILE A 47 61.06 -43.18 -1.62
C ILE A 47 60.65 -42.07 -0.67
N GLU A 48 60.73 -40.82 -1.10
CA GLU A 48 60.28 -39.73 -0.23
C GLU A 48 58.76 -39.63 -0.27
N ALA A 49 58.23 -38.56 0.33
CA ALA A 49 56.80 -38.34 0.37
C ALA A 49 56.27 -38.03 -1.02
N ASN A 50 55.37 -38.89 -1.51
CA ASN A 50 54.55 -38.66 -2.70
C ASN A 50 55.39 -38.44 -3.96
N ASN A 51 56.07 -39.52 -4.38
CA ASN A 51 56.74 -39.56 -5.69
C ASN A 51 56.24 -40.75 -6.54
N PRO A 52 55.10 -40.60 -7.23
CA PRO A 52 54.69 -41.63 -8.18
C PRO A 52 55.61 -41.81 -9.38
N PHE A 53 56.41 -40.81 -9.75
CA PHE A 53 57.36 -40.93 -10.86
C PHE A 53 58.32 -42.10 -10.67
N GLN A 54 59.05 -42.10 -9.56
CA GLN A 54 59.97 -43.20 -9.30
C GLN A 54 59.23 -44.49 -8.98
N ALA A 55 58.03 -44.41 -8.40
CA ALA A 55 57.27 -45.63 -8.19
C ALA A 55 56.78 -46.26 -9.51
N VAL A 56 56.54 -45.44 -10.53
CA VAL A 56 56.33 -45.94 -11.89
C VAL A 56 57.60 -46.52 -12.46
N GLN A 57 58.73 -45.83 -12.24
CA GLN A 57 60.01 -46.30 -12.76
C GLN A 57 60.39 -47.65 -12.16
N GLU A 58 60.17 -47.81 -10.86
CA GLU A 58 60.64 -48.96 -10.11
C GLU A 58 59.68 -50.14 -10.17
N ALA A 59 58.36 -49.90 -10.14
CA ALA A 59 57.40 -51.00 -10.06
C ALA A 59 57.39 -51.84 -11.34
N CYS A 60 57.48 -51.20 -12.49
CA CYS A 60 57.50 -51.94 -13.75
C CYS A 60 58.83 -52.65 -13.95
N ASP A 61 59.90 -52.09 -13.40
CA ASP A 61 61.18 -52.81 -13.32
C ASP A 61 61.07 -54.03 -12.42
N LEU A 62 60.37 -53.93 -11.30
CA LEU A 62 60.16 -55.09 -10.44
C LEU A 62 59.22 -56.10 -11.09
N MET A 63 58.29 -55.62 -11.92
CA MET A 63 57.48 -56.51 -12.75
C MET A 63 58.35 -57.24 -13.76
N THR A 64 59.38 -56.57 -14.28
CA THR A 64 60.33 -57.26 -15.15
C THR A 64 61.17 -58.26 -14.37
N GLN A 65 61.46 -57.94 -13.11
CA GLN A 65 62.15 -58.90 -12.26
C GLN A 65 61.21 -60.02 -11.83
N GLY A 66 59.97 -59.67 -11.48
CA GLY A 66 58.98 -60.66 -11.12
C GLY A 66 58.85 -60.85 -9.61
N ILE A 67 57.76 -60.34 -9.05
CA ILE A 67 57.52 -60.43 -7.60
C ILE A 67 56.35 -61.36 -7.39
N LEU A 68 55.98 -61.61 -6.15
CA LEU A 68 54.75 -62.35 -5.86
C LEU A 68 53.74 -61.60 -5.02
N ALA A 69 54.12 -60.48 -4.39
CA ALA A 69 53.16 -59.71 -3.61
C ALA A 69 53.62 -58.27 -3.51
N LEU A 70 52.65 -57.37 -3.36
CA LEU A 70 52.90 -55.94 -3.19
C LEU A 70 52.07 -55.43 -2.02
N VAL A 71 52.74 -54.92 -1.00
CA VAL A 71 52.10 -54.36 0.18
C VAL A 71 52.60 -52.93 0.37
N THR A 72 51.67 -51.98 0.44
CA THR A 72 52.01 -50.57 0.61
C THR A 72 51.22 -49.99 1.78
N SER A 73 51.90 -49.20 2.59
CA SER A 73 51.30 -48.43 3.69
C SER A 73 51.37 -46.96 3.31
N THR A 74 50.37 -46.46 2.59
CA THR A 74 50.42 -45.13 1.98
C THR A 74 49.06 -44.45 2.14
N GLY A 75 48.87 -43.37 1.39
CA GLY A 75 47.64 -42.59 1.38
C GLY A 75 46.88 -42.81 0.08
N CYS A 76 45.77 -42.06 -0.05
CA CYS A 76 44.90 -42.21 -1.21
C CYS A 76 45.56 -41.65 -2.47
N ALA A 77 46.13 -40.44 -2.38
CA ALA A 77 46.64 -39.74 -3.56
C ALA A 77 47.88 -40.43 -4.13
N SER A 78 48.66 -41.09 -3.29
CA SER A 78 49.78 -41.87 -3.80
C SER A 78 49.29 -43.19 -4.38
N ALA A 79 48.31 -43.82 -3.73
CA ALA A 79 47.85 -45.14 -4.15
C ALA A 79 46.89 -45.10 -5.32
N ASN A 80 46.51 -43.92 -5.82
CA ASN A 80 45.54 -43.85 -6.91
C ASN A 80 46.12 -44.41 -8.22
N ALA A 81 47.31 -43.95 -8.60
CA ALA A 81 47.96 -44.55 -9.76
C ALA A 81 48.43 -45.97 -9.48
N LEU A 82 48.79 -46.28 -8.23
CA LEU A 82 49.12 -47.67 -7.89
C LEU A 82 47.89 -48.57 -7.91
N GLN A 83 46.71 -47.99 -7.73
CA GLN A 83 45.45 -48.70 -7.88
C GLN A 83 45.23 -49.03 -9.35
N SER A 84 45.31 -48.00 -10.21
CA SER A 84 45.07 -48.25 -11.63
C SER A 84 46.19 -49.04 -12.27
N LEU A 85 47.34 -49.17 -11.61
CA LEU A 85 48.46 -49.92 -12.14
C LEU A 85 48.34 -51.40 -11.76
N THR A 86 48.11 -51.70 -10.47
CA THR A 86 48.00 -53.10 -10.06
C THR A 86 46.72 -53.75 -10.55
N ASP A 87 45.65 -52.98 -10.78
CA ASP A 87 44.41 -53.56 -11.31
C ASP A 87 44.61 -54.17 -12.69
N ALA A 88 45.26 -53.44 -13.59
CA ALA A 88 45.40 -53.87 -14.99
C ALA A 88 46.45 -54.96 -15.19
N MET A 89 47.32 -55.21 -14.22
CA MET A 89 48.37 -56.22 -14.35
C MET A 89 48.10 -57.49 -13.55
N HIS A 90 46.90 -57.64 -12.96
CA HIS A 90 46.49 -58.80 -12.15
C HIS A 90 47.42 -59.00 -10.96
N ILE A 91 47.63 -57.94 -10.19
CA ILE A 91 48.66 -57.90 -9.17
C ILE A 91 48.04 -57.63 -7.80
N PRO A 92 48.25 -58.51 -6.82
CA PRO A 92 47.83 -58.23 -5.44
C PRO A 92 48.50 -56.97 -4.91
N HIS A 93 47.70 -56.14 -4.25
CA HIS A 93 48.12 -54.81 -3.80
C HIS A 93 47.46 -54.56 -2.45
N LEU A 94 48.18 -54.89 -1.38
CA LEU A 94 47.65 -54.71 -0.03
C LEU A 94 47.91 -53.27 0.39
N PHE A 95 46.94 -52.41 0.12
CA PHE A 95 47.03 -51.00 0.48
C PHE A 95 46.68 -50.82 1.95
N VAL A 96 47.65 -50.38 2.74
CA VAL A 96 47.43 -49.97 4.11
C VAL A 96 47.36 -48.46 4.13
N GLN A 97 46.46 -47.90 4.93
CA GLN A 97 46.33 -46.46 5.02
C GLN A 97 47.22 -45.92 6.15
N ARG A 98 47.97 -44.87 5.85
CA ARG A 98 48.75 -44.17 6.85
C ARG A 98 47.85 -43.29 7.72
N ASN A 99 48.43 -42.75 8.78
CA ASN A 99 47.76 -41.70 9.53
C ASN A 99 48.29 -40.36 9.04
N PRO A 100 47.50 -39.56 8.33
CA PRO A 100 48.00 -38.26 7.84
C PRO A 100 48.00 -37.21 8.95
N GLY A 101 49.19 -36.88 9.44
CA GLY A 101 49.32 -35.91 10.50
C GLY A 101 48.69 -36.31 11.82
N GLY A 102 48.52 -37.60 12.07
CA GLY A 102 47.89 -38.06 13.28
C GLY A 102 46.41 -37.76 13.36
N SER A 103 45.75 -37.63 12.22
CA SER A 103 44.33 -37.35 12.14
C SER A 103 43.64 -38.47 11.38
N PRO A 104 42.37 -38.79 11.72
CA PRO A 104 41.68 -39.93 11.08
C PRO A 104 41.43 -39.80 9.58
N ARG A 105 40.76 -40.80 9.01
CA ARG A 105 40.80 -41.05 7.57
C ARG A 105 39.61 -40.43 6.85
N THR A 106 39.89 -39.83 5.70
CA THR A 106 38.93 -39.67 4.62
C THR A 106 39.05 -40.86 3.68
N ALA A 107 37.93 -41.53 3.44
CA ALA A 107 37.90 -42.69 2.56
C ALA A 107 38.29 -42.31 1.13
N CYS A 108 39.05 -43.20 0.50
CA CYS A 108 39.49 -42.99 -0.88
C CYS A 108 38.29 -43.11 -1.82
N HIS A 109 38.21 -42.20 -2.79
CA HIS A 109 37.14 -42.25 -3.78
C HIS A 109 37.38 -43.35 -4.81
N LEU A 110 36.32 -44.08 -5.13
CA LEU A 110 36.39 -45.12 -6.14
C LEU A 110 36.39 -44.49 -7.52
N ASN A 111 37.53 -44.57 -8.19
CA ASN A 111 37.56 -44.35 -9.63
C ASN A 111 36.84 -45.49 -10.34
N PRO A 112 35.96 -45.22 -11.29
CA PRO A 112 35.05 -46.26 -11.77
C PRO A 112 35.74 -47.22 -12.72
N SER A 113 35.37 -48.49 -12.61
CA SER A 113 35.77 -49.56 -13.51
C SER A 113 34.85 -50.74 -13.28
N PRO A 114 34.73 -51.65 -14.25
CA PRO A 114 34.07 -52.93 -13.96
C PRO A 114 34.88 -53.72 -12.94
N ASP A 115 34.21 -54.12 -11.86
CA ASP A 115 34.87 -54.89 -10.82
C ASP A 115 35.18 -56.29 -11.34
N GLY A 116 36.33 -56.82 -10.91
CA GLY A 116 36.88 -58.00 -11.55
C GLY A 116 38.18 -57.60 -12.22
N GLU A 117 38.19 -56.38 -12.76
CA GLU A 117 39.44 -55.74 -13.10
C GLU A 117 40.20 -55.28 -11.87
N ALA A 118 39.52 -55.15 -10.73
CA ALA A 118 40.12 -54.62 -9.52
C ALA A 118 41.08 -55.61 -8.88
N TYR A 119 42.31 -55.18 -8.67
CA TYR A 119 43.35 -55.90 -7.96
C TYR A 119 44.01 -55.04 -6.90
N THR A 120 43.57 -53.79 -6.76
CA THR A 120 43.80 -53.00 -5.56
C THR A 120 42.46 -52.85 -4.85
N LEU A 121 42.39 -53.34 -3.63
CA LEU A 121 41.19 -53.24 -2.82
C LEU A 121 41.54 -52.44 -1.57
N ALA A 122 40.56 -52.24 -0.71
CA ALA A 122 40.78 -51.50 0.53
C ALA A 122 40.99 -52.49 1.66
N SER A 123 42.26 -52.77 1.97
CA SER A 123 42.58 -53.52 3.17
C SER A 123 42.21 -52.72 4.40
N ARG A 124 42.28 -51.39 4.29
CA ARG A 124 41.72 -50.50 5.30
C ARG A 124 40.20 -50.61 5.28
N PRO A 125 39.57 -50.94 6.40
CA PRO A 125 38.11 -50.87 6.48
C PRO A 125 37.66 -49.43 6.51
N PRO A 126 36.60 -49.07 5.78
CA PRO A 126 36.30 -47.66 5.54
C PRO A 126 35.74 -46.88 6.71
N VAL A 127 35.35 -45.64 6.42
CA VAL A 127 35.05 -44.62 7.41
C VAL A 127 33.68 -44.88 8.02
N ARG A 128 33.63 -44.99 9.35
CA ARG A 128 32.37 -45.01 10.08
C ARG A 128 32.36 -43.86 11.09
N LEU A 129 33.10 -42.79 10.79
CA LEU A 129 33.28 -41.70 11.74
C LEU A 129 32.06 -40.80 11.79
N ASN A 130 31.55 -40.40 10.62
CA ASN A 130 30.33 -39.62 10.53
C ASN A 130 29.15 -40.39 11.11
N ASP A 131 29.21 -41.72 11.08
CA ASP A 131 28.21 -42.54 11.76
C ASP A 131 28.23 -42.30 13.26
N VAL A 132 29.42 -42.20 13.85
CA VAL A 132 29.53 -41.88 15.27
C VAL A 132 29.07 -40.46 15.54
N MET A 133 29.30 -39.57 14.58
CA MET A 133 28.82 -38.18 14.73
C MET A 133 27.31 -38.11 14.70
N LEU A 134 26.69 -38.89 13.80
CA LEU A 134 25.23 -39.03 13.80
C LEU A 134 24.71 -39.71 15.04
N ARG A 135 25.53 -40.57 15.66
CA ARG A 135 25.12 -41.20 16.90
C ARG A 135 25.12 -40.18 18.02
N LEU A 136 26.08 -39.27 18.01
CA LEU A 136 26.25 -38.35 19.11
C LEU A 136 25.63 -36.98 18.85
N VAL A 137 24.83 -36.83 17.78
CA VAL A 137 23.91 -35.69 17.74
C VAL A 137 22.84 -35.79 18.81
N THR A 138 22.63 -36.99 19.37
CA THR A 138 21.62 -37.26 20.39
C THR A 138 22.22 -37.71 21.71
N GLU A 139 23.45 -38.21 21.72
CA GLU A 139 23.99 -38.87 22.91
C GLU A 139 24.41 -37.87 23.99
N LEU A 140 24.99 -36.74 23.60
CA LEU A 140 25.32 -35.69 24.56
C LEU A 140 24.84 -34.33 24.07
N ARG A 141 23.58 -34.27 23.62
CA ARG A 141 22.79 -33.04 23.49
C ARG A 141 23.39 -32.02 22.51
N TRP A 142 23.48 -32.41 21.24
CA TRP A 142 24.11 -31.51 20.27
C TRP A 142 23.13 -30.43 19.82
N GLN A 143 23.52 -29.17 20.03
CA GLN A 143 22.76 -28.00 19.62
C GLN A 143 23.50 -27.11 18.64
N LYS A 144 24.67 -26.58 19.01
CA LYS A 144 25.33 -25.48 18.30
C LYS A 144 26.80 -25.52 18.65
N PHE A 145 27.68 -25.69 17.66
CA PHE A 145 29.10 -25.88 17.91
C PHE A 145 29.90 -25.61 16.64
N VAL A 146 31.23 -25.70 16.75
CA VAL A 146 32.16 -25.51 15.65
C VAL A 146 33.13 -26.68 15.61
N MET A 147 33.40 -27.20 14.43
CA MET A 147 34.30 -28.34 14.29
C MET A 147 35.65 -27.88 13.74
N PHE A 148 36.68 -28.69 13.99
CA PHE A 148 38.05 -28.32 13.74
C PHE A 148 38.82 -29.49 13.16
N TYR A 149 40.00 -29.20 12.62
CA TYR A 149 40.75 -30.13 11.78
C TYR A 149 42.11 -29.52 11.50
N ASP A 150 42.98 -30.31 10.87
CA ASP A 150 44.32 -29.89 10.51
C ASP A 150 44.46 -29.75 8.99
N SER A 151 45.65 -29.34 8.57
CA SER A 151 45.98 -29.35 7.14
C SER A 151 46.08 -30.76 6.60
N GLU A 152 46.39 -31.73 7.45
CA GLU A 152 46.59 -33.12 7.07
C GLU A 152 45.31 -33.93 7.07
N TYR A 153 44.17 -33.31 6.85
CA TYR A 153 42.92 -34.03 6.67
C TYR A 153 42.22 -33.59 5.39
N ASP A 154 41.62 -34.55 4.69
CA ASP A 154 40.84 -34.29 3.51
C ASP A 154 39.38 -34.14 3.93
N ILE A 155 38.82 -32.94 3.73
CA ILE A 155 37.54 -32.57 4.31
C ILE A 155 36.35 -33.32 3.75
N ARG A 156 36.52 -34.04 2.64
CA ARG A 156 35.44 -34.84 2.06
C ARG A 156 35.03 -36.00 2.95
N GLY A 157 35.86 -36.40 3.92
CA GLY A 157 35.48 -37.45 4.85
C GLY A 157 34.43 -37.06 5.86
N LEU A 158 34.02 -35.79 5.89
CA LEU A 158 33.01 -35.32 6.83
C LEU A 158 31.82 -34.70 6.12
N GLN A 159 31.86 -34.58 4.79
CA GLN A 159 30.91 -33.77 4.05
C GLN A 159 29.52 -34.37 4.04
N SER A 160 29.41 -35.69 4.26
CA SER A 160 28.10 -36.31 4.41
C SER A 160 27.43 -35.92 5.72
N PHE A 161 28.20 -35.87 6.82
CA PHE A 161 27.61 -35.54 8.11
C PHE A 161 27.17 -34.09 8.20
N LEU A 162 27.81 -33.22 7.41
CA LEU A 162 27.42 -31.81 7.33
C LEU A 162 25.99 -31.66 6.84
N ASP A 163 25.57 -32.58 5.97
CA ASP A 163 24.30 -32.47 5.28
C ASP A 163 23.15 -32.72 6.24
N GLN A 164 23.15 -33.90 6.86
CA GLN A 164 22.07 -34.28 7.76
C GLN A 164 22.15 -33.50 9.07
N ALA A 165 23.36 -33.14 9.51
CA ALA A 165 23.46 -32.26 10.67
C ALA A 165 22.89 -30.88 10.39
N SER A 166 23.05 -30.37 9.16
CA SER A 166 22.34 -29.17 8.75
C SER A 166 20.85 -29.42 8.62
N ARG A 167 20.46 -30.63 8.26
CA ARG A 167 19.07 -31.03 8.19
C ARG A 167 18.48 -31.35 9.56
N LEU A 168 19.29 -31.32 10.63
CA LEU A 168 18.73 -31.15 11.95
C LEU A 168 18.28 -29.72 12.20
N GLY A 169 18.68 -28.78 11.36
CA GLY A 169 18.22 -27.41 11.45
C GLY A 169 18.96 -26.61 12.51
N LEU A 170 20.20 -26.97 12.80
CA LEU A 170 20.95 -26.37 13.90
C LEU A 170 21.76 -25.18 13.39
N ASP A 171 22.61 -24.62 14.26
CA ASP A 171 23.38 -23.42 13.96
C ASP A 171 24.83 -23.67 14.28
N VAL A 172 25.66 -23.85 13.25
CA VAL A 172 27.01 -24.40 13.39
C VAL A 172 27.96 -23.62 12.49
N SER A 173 29.09 -23.20 13.05
CA SER A 173 30.19 -22.64 12.29
C SER A 173 31.27 -23.68 12.07
N LEU A 174 32.22 -23.38 11.20
CA LEU A 174 33.23 -24.35 10.76
C LEU A 174 34.58 -23.65 10.72
N GLN A 175 35.57 -24.19 11.42
CA GLN A 175 36.85 -23.48 11.48
C GLN A 175 38.03 -24.44 11.37
N LYS A 176 39.11 -23.94 10.77
CA LYS A 176 40.34 -24.67 10.59
C LYS A 176 41.29 -24.41 11.76
N VAL A 177 42.01 -25.44 12.18
CA VAL A 177 43.19 -25.27 13.02
C VAL A 177 44.42 -25.46 12.14
N ASP A 178 45.30 -24.47 12.13
CA ASP A 178 46.48 -24.51 11.28
C ASP A 178 47.56 -25.39 11.89
N LYS A 179 48.70 -25.46 11.21
CA LYS A 179 49.74 -26.42 11.59
C LYS A 179 50.49 -25.99 12.85
N ASN A 180 50.52 -24.71 13.16
CA ASN A 180 51.21 -24.23 14.35
C ASN A 180 50.19 -23.67 15.32
N ILE A 181 50.29 -24.07 16.58
CA ILE A 181 49.24 -23.85 17.57
C ILE A 181 49.37 -22.49 18.23
N SER A 182 50.60 -22.14 18.63
CA SER A 182 50.82 -20.85 19.29
C SER A 182 50.55 -19.70 18.34
N HIS A 183 50.75 -19.91 17.03
CA HIS A 183 50.36 -18.91 16.06
C HIS A 183 48.85 -18.81 15.92
N VAL A 184 48.13 -19.92 16.15
CA VAL A 184 46.67 -19.86 16.14
C VAL A 184 46.17 -19.02 17.31
N PHE A 185 46.67 -19.30 18.52
CA PHE A 185 46.28 -18.48 19.67
C PHE A 185 46.77 -17.04 19.58
N THR A 186 47.92 -16.83 18.91
CA THR A 186 48.35 -15.48 18.56
C THR A 186 47.34 -14.78 17.68
N SER A 187 46.82 -15.48 16.67
CA SER A 187 45.75 -14.90 15.88
C SER A 187 44.44 -14.80 16.65
N LEU A 188 44.28 -15.59 17.71
CA LEU A 188 43.05 -15.53 18.49
C LEU A 188 43.02 -14.29 19.38
N PHE A 189 43.90 -14.25 20.38
CA PHE A 189 43.70 -13.31 21.47
C PHE A 189 44.09 -11.89 21.11
N THR A 190 44.92 -11.71 20.08
CA THR A 190 45.19 -10.37 19.57
C THR A 190 43.98 -9.79 18.86
N THR A 191 43.05 -10.64 18.41
CA THR A 191 41.82 -10.19 17.80
C THR A 191 40.59 -10.57 18.62
N MET A 192 40.74 -11.46 19.61
CA MET A 192 39.64 -11.72 20.54
C MET A 192 39.34 -10.50 21.36
N LYS A 193 38.13 -9.99 21.21
CA LYS A 193 37.57 -9.00 22.10
C LYS A 193 36.94 -9.71 23.29
N THR A 194 36.33 -8.90 24.17
CA THR A 194 35.65 -9.45 25.33
C THR A 194 34.46 -10.30 24.90
N GLU A 195 33.62 -9.76 24.02
CA GLU A 195 32.51 -10.51 23.44
C GLU A 195 32.98 -11.71 22.61
N GLU A 196 34.16 -11.60 21.99
CA GLU A 196 34.71 -12.73 21.26
C GLU A 196 35.21 -13.82 22.20
N LEU A 197 35.86 -13.41 23.29
CA LEU A 197 36.26 -14.38 24.31
C LEU A 197 35.04 -14.99 25.00
N ASN A 198 33.94 -14.23 25.07
CA ASN A 198 32.70 -14.74 25.62
C ASN A 198 32.11 -15.81 24.72
N ARG A 199 31.93 -15.49 23.44
CA ARG A 199 31.33 -16.45 22.54
C ARG A 199 32.27 -17.62 22.29
N TYR A 200 33.56 -17.45 22.58
CA TYR A 200 34.51 -18.51 22.33
C TYR A 200 34.51 -19.49 23.50
N ARG A 201 34.34 -19.01 24.74
CA ARG A 201 34.16 -19.97 25.81
C ARG A 201 32.77 -20.62 25.75
N ASP A 202 31.80 -19.96 25.12
CA ASP A 202 30.58 -20.67 24.77
C ASP A 202 30.84 -21.72 23.71
N THR A 203 31.69 -21.38 22.74
CA THR A 203 32.12 -22.31 21.70
C THR A 203 32.94 -23.46 22.28
N LEU A 204 33.57 -23.24 23.44
CA LEU A 204 34.36 -24.27 24.09
C LEU A 204 33.50 -25.42 24.61
N ARG A 205 32.20 -25.19 24.76
CA ARG A 205 31.33 -26.11 25.46
C ARG A 205 31.09 -27.39 24.68
N ARG A 206 31.32 -27.39 23.37
CA ARG A 206 31.50 -28.60 22.59
C ARG A 206 32.64 -28.31 21.63
N ALA A 207 33.60 -29.22 21.50
CA ALA A 207 34.73 -28.95 20.61
C ALA A 207 35.14 -30.21 19.88
N ILE A 208 35.12 -30.16 18.55
CA ILE A 208 35.36 -31.32 17.72
C ILE A 208 36.56 -31.02 16.84
N LEU A 209 37.61 -31.81 16.99
CA LEU A 209 38.89 -31.49 16.37
C LEU A 209 39.39 -32.68 15.57
N LEU A 210 40.31 -32.40 14.63
CA LEU A 210 41.10 -33.45 13.97
C LEU A 210 42.55 -32.99 13.90
N LEU A 211 43.33 -33.28 14.94
CA LEU A 211 44.71 -32.79 15.00
C LEU A 211 45.67 -33.91 15.39
N SER A 212 46.92 -33.54 15.64
CA SER A 212 48.03 -34.40 15.99
C SER A 212 48.06 -34.62 17.50
N PRO A 213 48.76 -35.67 17.97
CA PRO A 213 49.00 -35.77 19.42
C PRO A 213 49.82 -34.62 19.97
N GLN A 214 50.81 -34.14 19.22
CA GLN A 214 51.61 -33.01 19.68
C GLN A 214 50.79 -31.73 19.67
N GLY A 215 50.07 -31.48 18.58
CA GLY A 215 49.41 -30.20 18.41
C GLY A 215 48.20 -30.02 19.31
N ALA A 216 47.34 -31.05 19.36
CA ALA A 216 46.06 -30.88 20.05
C ALA A 216 46.23 -30.83 21.57
N HIS A 217 47.31 -31.40 22.08
CA HIS A 217 47.51 -31.48 23.52
C HIS A 217 47.79 -30.08 24.07
N SER A 218 48.86 -29.46 23.57
CA SER A 218 49.16 -28.11 23.96
C SER A 218 48.15 -27.13 23.40
N PHE A 219 47.37 -27.51 22.38
CA PHE A 219 46.21 -26.71 22.00
C PHE A 219 45.21 -26.61 23.14
N ILE A 220 44.99 -27.71 23.87
CA ILE A 220 44.17 -27.63 25.07
C ILE A 220 44.88 -26.81 26.15
N ASN A 221 46.19 -27.00 26.28
CA ASN A 221 46.92 -26.31 27.35
C ASN A 221 46.95 -24.81 27.12
N GLU A 222 47.12 -24.38 25.87
CA GLU A 222 47.05 -22.97 25.55
C GLU A 222 45.62 -22.47 25.48
N ALA A 223 44.64 -23.37 25.47
CA ALA A 223 43.25 -22.93 25.57
C ALA A 223 42.87 -22.65 27.02
N VAL A 224 43.55 -23.29 27.97
CA VAL A 224 43.27 -23.07 29.40
C VAL A 224 43.68 -21.66 29.83
N GLU A 225 44.60 -21.02 29.11
CA GLU A 225 45.39 -19.87 29.57
C GLU A 225 44.59 -18.64 29.98
N THR A 226 43.38 -18.45 29.47
CA THR A 226 42.57 -17.30 29.87
C THR A 226 41.31 -17.68 30.64
N ASN A 227 41.32 -18.84 31.30
CA ASN A 227 40.29 -19.33 32.21
C ASN A 227 38.93 -19.41 31.50
N LEU A 228 38.88 -20.30 30.53
CA LEU A 228 37.69 -20.44 29.71
C LEU A 228 36.83 -21.62 30.13
N ALA A 229 37.29 -22.41 31.09
CA ALA A 229 36.51 -23.51 31.63
C ALA A 229 36.92 -23.77 33.06
N SER A 230 35.99 -24.34 33.83
CA SER A 230 36.32 -25.01 35.08
C SER A 230 35.89 -26.47 35.02
N LYS A 231 34.62 -26.73 34.72
CA LYS A 231 34.14 -28.08 34.48
C LYS A 231 33.06 -28.07 33.41
N ASP A 232 32.77 -26.91 32.80
CA ASP A 232 31.56 -26.66 32.03
C ASP A 232 31.84 -26.48 30.53
N SER A 233 32.70 -27.32 29.96
CA SER A 233 32.90 -27.34 28.53
C SER A 233 33.32 -28.74 28.10
N HIS A 234 32.99 -29.11 26.86
CA HIS A 234 33.31 -30.43 26.36
C HIS A 234 34.22 -30.33 25.14
N TRP A 235 35.05 -31.35 24.97
CA TRP A 235 35.95 -31.49 23.83
C TRP A 235 35.84 -32.90 23.29
N VAL A 236 35.44 -33.02 22.03
CA VAL A 236 35.27 -34.31 21.37
C VAL A 236 36.53 -34.54 20.55
N PHE A 237 37.04 -35.76 20.57
CA PHE A 237 38.12 -36.09 19.65
C PHE A 237 38.07 -37.56 19.29
N VAL A 238 38.58 -37.87 18.10
CA VAL A 238 38.79 -39.24 17.63
C VAL A 238 40.18 -39.28 17.02
N ASN A 239 40.96 -40.29 17.39
CA ASN A 239 42.10 -40.76 16.61
C ASN A 239 42.43 -42.16 17.10
N GLU A 240 43.13 -42.91 16.26
CA GLU A 240 43.59 -44.22 16.67
C GLU A 240 45.06 -44.26 17.07
N GLU A 241 45.85 -43.25 16.70
CA GLU A 241 47.29 -43.24 16.97
C GLU A 241 47.55 -42.42 18.23
N ILE A 242 47.62 -43.12 19.37
CA ILE A 242 47.96 -42.52 20.65
C ILE A 242 48.52 -43.65 21.52
N SER A 243 49.11 -43.31 22.67
CA SER A 243 49.30 -44.28 23.74
C SER A 243 48.50 -43.80 24.95
N ASP A 244 48.33 -44.69 25.93
CA ASP A 244 47.56 -44.38 27.12
C ASP A 244 48.15 -43.30 28.03
N PRO A 245 49.48 -43.22 28.30
CA PRO A 245 49.96 -42.06 29.07
C PRO A 245 49.84 -40.75 28.31
N GLU A 246 49.84 -40.82 26.97
CA GLU A 246 49.53 -39.64 26.17
C GLU A 246 48.09 -39.19 26.42
N ILE A 247 47.15 -40.13 26.48
CA ILE A 247 45.77 -39.83 26.87
C ILE A 247 45.71 -39.25 28.27
N LEU A 248 46.53 -39.78 29.18
CA LEU A 248 46.61 -39.23 30.54
C LEU A 248 47.12 -37.80 30.55
N ASP A 249 48.07 -37.48 29.69
CA ASP A 249 48.50 -36.09 29.54
C ASP A 249 47.43 -35.24 28.87
N LEU A 250 46.65 -35.84 27.99
CA LEU A 250 45.56 -35.12 27.34
C LEU A 250 44.48 -34.75 28.34
N VAL A 251 44.18 -35.65 29.27
CA VAL A 251 43.21 -35.30 30.30
C VAL A 251 43.86 -34.52 31.42
N HIS A 252 45.20 -34.46 31.46
CA HIS A 252 45.85 -33.44 32.26
C HIS A 252 45.64 -32.06 31.64
N SER A 253 45.49 -32.01 30.33
CA SER A 253 45.38 -30.72 29.64
C SER A 253 44.00 -30.11 29.83
N ALA A 254 42.97 -30.94 29.92
CA ALA A 254 41.59 -30.50 29.90
C ALA A 254 41.18 -29.95 31.26
N LEU A 255 39.93 -29.50 31.35
CA LEU A 255 39.37 -29.01 32.60
C LEU A 255 38.02 -29.65 32.91
N GLY A 256 37.27 -29.99 31.86
CA GLY A 256 35.99 -30.66 31.98
C GLY A 256 35.93 -32.00 31.29
N ARG A 257 34.76 -32.37 30.76
CA ARG A 257 34.50 -33.71 30.23
C ARG A 257 34.90 -33.84 28.75
N MET A 258 35.15 -35.09 28.34
CA MET A 258 35.92 -35.41 27.14
C MET A 258 35.26 -36.48 26.28
N THR A 259 35.86 -36.69 25.11
CA THR A 259 35.52 -37.82 24.25
C THR A 259 36.75 -38.23 23.45
N VAL A 260 37.16 -39.48 23.62
CA VAL A 260 38.13 -40.14 22.76
C VAL A 260 37.41 -41.30 22.09
N VAL A 261 37.69 -41.55 20.81
CA VAL A 261 37.28 -42.79 20.17
C VAL A 261 38.51 -43.37 19.48
N ARG A 262 38.73 -44.67 19.65
CA ARG A 262 39.91 -45.33 19.10
C ARG A 262 39.52 -46.73 18.64
N GLN A 263 40.52 -47.50 18.23
CA GLN A 263 40.35 -48.89 17.84
C GLN A 263 40.71 -49.80 19.01
N ILE A 264 40.25 -51.06 18.95
CA ILE A 264 40.49 -52.03 20.00
C ILE A 264 41.97 -52.38 20.12
N PHE A 265 42.32 -53.00 21.24
CA PHE A 265 43.65 -53.50 21.60
C PHE A 265 43.80 -54.97 21.27
N PRO A 266 45.02 -55.42 21.06
CA PRO A 266 45.34 -56.84 21.25
C PRO A 266 45.47 -57.13 22.74
N SER A 267 45.48 -58.42 23.07
CA SER A 267 45.57 -58.84 24.46
C SER A 267 46.59 -59.94 24.63
N ALA A 268 47.25 -59.94 25.79
CA ALA A 268 48.22 -60.94 26.16
C ALA A 268 47.90 -61.62 27.47
N LYS A 269 47.09 -60.99 28.33
CA LYS A 269 46.53 -61.63 29.51
C LYS A 269 45.32 -62.47 29.16
N ASP A 270 44.87 -62.43 27.91
CA ASP A 270 43.69 -63.14 27.46
C ASP A 270 43.95 -64.04 26.27
N ASN A 271 45.01 -63.82 25.50
CA ASN A 271 45.33 -64.61 24.33
C ASN A 271 46.80 -65.01 24.40
N GLN A 272 47.11 -66.22 23.92
CA GLN A 272 48.49 -66.64 23.77
C GLN A 272 48.94 -66.48 22.32
N LYS A 273 49.16 -65.22 21.96
CA LYS A 273 49.66 -64.87 20.63
C LYS A 273 51.19 -64.93 20.64
N CYS A 274 51.70 -66.16 20.65
CA CYS A 274 53.14 -66.41 20.62
C CYS A 274 53.59 -67.10 19.35
N MET A 275 52.99 -68.25 19.03
CA MET A 275 53.38 -69.04 17.87
C MET A 275 52.12 -69.41 17.09
N ARG A 276 51.66 -68.51 16.23
CA ARG A 276 50.67 -68.89 15.25
C ARG A 276 51.35 -69.75 14.20
N ASN A 277 50.73 -70.90 13.87
CA ASN A 277 51.20 -71.83 12.81
C ASN A 277 52.64 -72.29 13.02
N ASN A 278 53.08 -72.31 14.29
CA ASN A 278 54.49 -72.43 14.69
C ASN A 278 55.37 -71.40 13.97
N HIS A 279 54.89 -70.17 13.91
CA HIS A 279 55.76 -69.05 13.54
C HIS A 279 55.57 -67.91 14.54
N ARG A 280 56.67 -67.22 14.82
CA ARG A 280 56.71 -66.19 15.84
C ARG A 280 55.89 -64.96 15.43
N ILE A 281 54.93 -64.60 16.27
CA ILE A 281 54.19 -63.36 16.12
C ILE A 281 54.91 -62.28 16.92
N SER A 282 55.35 -61.24 16.23
CA SER A 282 56.10 -60.15 16.86
C SER A 282 55.15 -59.31 17.69
N SER A 283 55.08 -59.59 18.99
CA SER A 283 54.15 -58.93 19.90
C SER A 283 54.63 -59.15 21.33
N LEU A 284 54.30 -58.19 22.20
CA LEU A 284 54.78 -58.23 23.58
C LEU A 284 54.04 -59.27 24.42
N LEU A 285 54.17 -60.54 24.05
CA LEU A 285 53.96 -61.70 24.89
C LEU A 285 55.09 -62.72 24.72
N CYS A 286 55.59 -62.88 23.49
CA CYS A 286 56.69 -63.78 23.19
C CYS A 286 57.69 -63.20 22.21
N ASP A 287 57.49 -61.97 21.73
CA ASP A 287 58.50 -61.27 20.94
C ASP A 287 58.33 -59.79 21.22
N PRO A 288 59.05 -59.26 22.22
CA PRO A 288 58.64 -58.04 22.94
C PRO A 288 58.55 -56.78 22.10
N GLN A 289 57.35 -56.21 22.05
CA GLN A 289 57.14 -54.90 21.46
C GLN A 289 57.16 -53.79 22.50
N GLU A 290 57.77 -54.05 23.66
CA GLU A 290 57.97 -53.00 24.65
C GLU A 290 59.00 -52.02 24.11
N GLY A 291 58.70 -50.73 24.21
CA GLY A 291 59.42 -49.70 23.50
C GLY A 291 58.72 -49.21 22.25
N TYR A 292 57.84 -50.03 21.66
CA TYR A 292 56.96 -49.54 20.62
C TYR A 292 55.72 -48.86 21.21
N LEU A 293 55.64 -48.80 22.53
CA LEU A 293 54.44 -48.36 23.23
C LEU A 293 54.18 -46.88 22.99
N GLN A 294 55.23 -46.06 23.06
CA GLN A 294 55.14 -44.68 22.64
C GLN A 294 55.44 -44.53 21.16
N MET A 295 55.99 -45.56 20.52
CA MET A 295 56.22 -45.57 19.08
C MET A 295 55.04 -46.10 18.30
N LEU A 296 53.85 -46.02 18.89
CA LEU A 296 52.71 -46.77 18.39
C LEU A 296 52.14 -46.09 17.15
N GLN A 297 52.20 -46.79 16.01
CA GLN A 297 51.60 -46.34 14.77
C GLN A 297 50.54 -47.34 14.34
N ILE A 298 49.42 -46.83 13.84
CA ILE A 298 48.31 -47.67 13.44
C ILE A 298 48.45 -48.28 12.06
N SER A 299 49.25 -47.68 11.17
CA SER A 299 49.44 -48.27 9.85
C SER A 299 50.32 -49.51 9.95
N ASN A 300 51.21 -49.56 10.93
CA ASN A 300 52.00 -50.75 11.17
C ASN A 300 51.19 -51.87 11.82
N LEU A 301 50.06 -51.54 12.44
CA LEU A 301 49.21 -52.56 13.08
C LEU A 301 48.62 -53.52 12.06
N TYR A 302 48.31 -53.03 10.87
CA TYR A 302 47.82 -53.89 9.80
C TYR A 302 48.82 -54.02 8.68
N LEU A 303 50.03 -53.49 8.84
CA LEU A 303 51.11 -53.80 7.91
C LEU A 303 51.67 -55.19 8.19
N TYR A 304 51.65 -55.63 9.45
CA TYR A 304 52.12 -56.96 9.77
C TYR A 304 50.97 -57.96 9.77
N ASP A 305 49.73 -57.50 9.98
CA ASP A 305 48.57 -58.34 9.75
C ASP A 305 48.29 -58.55 8.26
N SER A 306 48.81 -57.69 7.38
CA SER A 306 48.61 -57.89 5.95
C SER A 306 49.48 -59.02 5.41
N VAL A 307 50.67 -59.22 5.99
CA VAL A 307 51.55 -60.27 5.50
C VAL A 307 51.15 -61.63 6.06
N LEU A 308 50.32 -61.65 7.11
CA LEU A 308 49.71 -62.91 7.56
C LEU A 308 48.69 -63.40 6.55
N MET A 309 48.06 -62.49 5.81
CA MET A 309 47.16 -62.87 4.73
C MET A 309 47.93 -63.55 3.62
N LEU A 310 49.13 -63.04 3.32
CA LEU A 310 49.94 -63.62 2.24
C LEU A 310 50.53 -64.95 2.69
N ALA A 311 50.84 -65.07 3.99
CA ALA A 311 51.38 -66.32 4.51
C ALA A 311 50.32 -67.41 4.48
N ASN A 312 49.09 -67.09 4.87
CA ASN A 312 47.99 -68.04 4.69
C ASN A 312 47.71 -68.30 3.22
N ALA A 313 47.86 -67.28 2.36
CA ALA A 313 47.60 -67.44 0.94
C ALA A 313 48.61 -68.36 0.26
N PHE A 314 49.83 -68.44 0.79
CA PHE A 314 50.75 -69.42 0.24
C PHE A 314 50.81 -70.71 1.04
N HIS A 315 50.24 -70.75 2.25
CA HIS A 315 49.81 -72.03 2.80
C HIS A 315 48.70 -72.62 1.95
N ARG A 316 47.82 -71.77 1.43
CA ARG A 316 46.83 -72.18 0.44
C ARG A 316 47.48 -72.62 -0.86
N LYS A 317 48.52 -71.91 -1.29
CA LYS A 317 48.97 -72.03 -2.67
C LYS A 317 50.02 -73.13 -2.85
N LEU A 318 50.89 -73.35 -1.85
CA LEU A 318 51.98 -74.31 -2.06
C LEU A 318 51.47 -75.75 -2.00
N GLU A 319 50.60 -76.06 -1.04
CA GLU A 319 50.15 -77.44 -0.86
C GLU A 319 49.09 -77.86 -1.86
N ASP A 320 48.50 -76.92 -2.60
CA ASP A 320 47.51 -77.22 -3.62
C ASP A 320 48.07 -77.13 -5.03
N ARG A 321 49.33 -76.71 -5.16
CA ARG A 321 50.17 -76.93 -6.33
C ARG A 321 49.61 -76.25 -7.59
N LYS A 322 49.48 -74.94 -7.51
CA LYS A 322 48.96 -74.14 -8.63
C LYS A 322 49.99 -73.06 -8.98
N TRP A 323 50.33 -72.96 -10.26
CA TRP A 323 51.28 -71.96 -10.72
C TRP A 323 51.10 -71.73 -12.21
N HIS A 324 51.18 -70.46 -12.61
CA HIS A 324 51.41 -70.07 -13.99
C HIS A 324 52.67 -69.21 -14.03
N SER A 325 53.37 -69.27 -15.16
CA SER A 325 54.71 -68.70 -15.31
C SER A 325 54.74 -67.20 -15.02
N MET A 326 55.70 -66.80 -14.18
CA MET A 326 55.74 -65.44 -13.64
C MET A 326 56.02 -64.41 -14.73
N ALA A 327 55.21 -63.36 -14.75
CA ALA A 327 55.35 -62.30 -15.73
C ALA A 327 56.64 -61.52 -15.51
N SER A 328 57.34 -61.24 -16.61
CA SER A 328 58.59 -60.49 -16.58
C SER A 328 58.48 -59.47 -17.70
N LEU A 329 58.01 -58.27 -17.37
CA LEU A 329 57.70 -57.26 -18.36
C LEU A 329 57.75 -55.89 -17.71
N ASN A 330 57.95 -54.86 -18.53
CA ASN A 330 57.71 -53.50 -18.09
C ASN A 330 56.30 -53.07 -18.44
N CYS A 331 55.90 -51.92 -17.91
CA CYS A 331 54.60 -51.35 -18.22
C CYS A 331 54.58 -50.62 -19.55
N ILE A 332 55.72 -50.59 -20.25
CA ILE A 332 55.87 -49.77 -21.44
C ILE A 332 55.23 -50.42 -22.67
N ARG A 333 54.98 -51.73 -22.66
CA ARG A 333 54.36 -52.37 -23.81
C ARG A 333 52.86 -52.06 -23.86
N LYS A 334 52.40 -51.63 -25.03
CA LYS A 334 50.98 -51.48 -25.26
C LYS A 334 50.31 -52.83 -25.48
N SER A 335 51.01 -53.75 -26.11
CA SER A 335 50.58 -55.14 -26.28
C SER A 335 51.08 -56.04 -25.18
N THR A 336 51.23 -55.51 -23.97
CA THR A 336 51.67 -56.32 -22.84
C THR A 336 50.63 -57.38 -22.49
N LYS A 337 51.13 -58.49 -21.94
CA LYS A 337 50.28 -59.60 -21.52
C LYS A 337 50.44 -59.77 -20.02
N PRO A 338 49.49 -59.27 -19.22
CA PRO A 338 49.56 -59.47 -17.76
C PRO A 338 49.38 -60.94 -17.39
N TRP A 339 49.67 -61.23 -16.13
CA TRP A 339 49.77 -62.61 -15.67
C TRP A 339 48.38 -63.15 -15.36
N ASN A 340 47.94 -64.13 -16.15
CA ASN A 340 46.61 -64.73 -15.99
C ASN A 340 46.47 -65.51 -14.68
N GLY A 341 47.57 -65.93 -14.05
CA GLY A 341 47.45 -66.53 -12.74
C GLY A 341 47.22 -65.57 -11.59
N GLY A 342 47.09 -64.27 -11.89
CA GLY A 342 46.75 -63.31 -10.87
C GLY A 342 45.33 -63.44 -10.39
N ARG A 343 44.51 -64.17 -11.15
CA ARG A 343 43.14 -64.41 -10.76
C ARG A 343 43.11 -65.57 -9.78
N SER A 344 43.85 -66.64 -10.04
CA SER A 344 43.81 -67.77 -9.13
C SER A 344 44.51 -67.43 -7.82
N MET A 345 45.51 -66.53 -7.88
CA MET A 345 46.09 -66.03 -6.65
C MET A 345 45.13 -65.06 -5.93
N LEU A 346 44.35 -64.28 -6.69
CA LEU A 346 43.33 -63.50 -6.00
C LEU A 346 42.21 -64.39 -5.48
N ASP A 347 41.99 -65.57 -6.09
CA ASP A 347 41.07 -66.54 -5.51
C ASP A 347 41.60 -67.10 -4.20
N THR A 348 42.92 -67.12 -4.05
CA THR A 348 43.50 -67.49 -2.74
C THR A 348 43.28 -66.38 -1.71
N ILE A 349 43.39 -65.13 -2.12
CA ILE A 349 43.39 -64.05 -1.13
C ILE A 349 41.98 -63.51 -0.88
N LYS A 350 41.13 -63.47 -1.90
CA LYS A 350 39.71 -63.14 -1.76
C LYS A 350 38.91 -64.24 -1.06
N LYS A 351 39.44 -65.45 -0.98
CA LYS A 351 38.91 -66.40 -0.02
C LYS A 351 39.66 -66.37 1.30
N GLY A 352 40.60 -65.43 1.44
CA GLY A 352 41.48 -65.42 2.59
C GLY A 352 40.76 -64.86 3.79
N HIS A 353 40.90 -65.54 4.92
CA HIS A 353 40.33 -65.09 6.19
C HIS A 353 41.27 -65.59 7.26
N ILE A 354 41.97 -64.67 7.93
CA ILE A 354 43.12 -65.01 8.75
C ILE A 354 42.92 -64.58 10.20
N THR A 355 43.96 -64.79 11.01
CA THR A 355 44.00 -64.34 12.41
C THR A 355 44.89 -63.11 12.47
N GLY A 356 44.27 -61.94 12.60
CA GLY A 356 45.00 -60.70 12.79
C GLY A 356 45.22 -60.44 14.26
N LEU A 357 45.55 -59.19 14.58
CA LEU A 357 45.81 -58.84 15.96
C LEU A 357 44.67 -58.07 16.62
N THR A 358 43.88 -57.33 15.85
CA THR A 358 42.69 -56.65 16.35
C THR A 358 41.49 -57.02 15.49
N GLY A 359 40.84 -58.13 15.82
CA GLY A 359 39.54 -58.45 15.26
C GLY A 359 39.57 -59.16 13.92
N VAL A 360 38.39 -59.20 13.30
CA VAL A 360 38.16 -59.95 12.07
C VAL A 360 38.86 -59.26 10.91
N MET A 361 39.53 -60.06 10.07
CA MET A 361 40.03 -59.58 8.79
C MET A 361 39.52 -60.50 7.69
N GLU A 362 39.00 -59.90 6.63
CA GLU A 362 38.54 -60.65 5.47
C GLU A 362 38.60 -59.76 4.24
N PHE A 363 39.13 -60.33 3.16
CA PHE A 363 39.29 -59.65 1.88
C PHE A 363 38.34 -60.32 0.92
N ARG A 364 37.41 -59.56 0.34
CA ARG A 364 36.36 -60.17 -0.48
C ARG A 364 36.20 -59.36 -1.77
N GLU A 365 35.15 -59.68 -2.52
CA GLU A 365 34.76 -58.94 -3.72
C GLU A 365 33.90 -57.72 -3.42
N ASP A 366 33.76 -57.34 -2.15
CA ASP A 366 33.28 -56.02 -1.79
C ASP A 366 34.31 -54.92 -2.04
N SER A 367 35.55 -55.30 -2.36
CA SER A 367 36.68 -54.41 -2.58
C SER A 367 36.99 -53.58 -1.32
N SER A 368 36.81 -54.20 -0.16
CA SER A 368 36.99 -53.52 1.11
C SER A 368 37.20 -54.57 2.20
N ASN A 369 37.94 -54.19 3.23
CA ASN A 369 37.76 -54.82 4.52
C ASN A 369 36.40 -54.38 5.05
N PRO A 370 35.46 -55.30 5.29
CA PRO A 370 34.18 -54.87 5.85
C PRO A 370 34.19 -54.69 7.35
N TYR A 371 35.27 -55.07 8.05
CA TYR A 371 35.29 -55.13 9.50
C TYR A 371 36.21 -54.04 10.04
N VAL A 372 35.62 -53.05 10.70
CA VAL A 372 36.36 -52.21 11.64
C VAL A 372 35.63 -52.25 12.98
N GLN A 373 36.37 -52.06 14.06
CA GLN A 373 35.78 -52.12 15.38
C GLN A 373 36.31 -50.96 16.21
N PHE A 374 35.40 -50.17 16.76
CA PHE A 374 35.72 -48.94 17.47
C PHE A 374 35.50 -49.12 18.96
N GLU A 375 35.90 -48.11 19.72
CA GLU A 375 35.58 -48.00 21.13
C GLU A 375 35.64 -46.54 21.53
N ILE A 376 34.57 -46.05 22.14
CA ILE A 376 34.45 -44.67 22.54
C ILE A 376 34.92 -44.55 23.98
N LEU A 377 35.68 -43.52 24.27
CA LEU A 377 36.23 -43.33 25.61
C LEU A 377 35.78 -41.94 26.05
N GLY A 378 35.12 -41.88 27.19
CA GLY A 378 34.52 -40.65 27.65
C GLY A 378 34.51 -40.46 29.15
N THR A 379 33.79 -39.43 29.59
CA THR A 379 33.83 -38.99 30.97
C THR A 379 33.16 -39.98 31.92
N THR A 380 33.86 -40.27 33.01
CA THR A 380 33.26 -40.76 34.25
C THR A 380 33.96 -39.93 35.32
N TYR A 381 33.30 -38.88 35.80
CA TYR A 381 33.96 -37.91 36.66
C TYR A 381 34.25 -38.48 38.04
N SER A 382 35.46 -39.02 38.21
CA SER A 382 35.93 -39.56 39.47
C SER A 382 37.22 -38.83 39.81
N GLU A 383 37.20 -38.04 40.89
CA GLU A 383 38.29 -37.11 41.18
C GLU A 383 39.60 -37.78 41.56
N THR A 384 39.62 -39.11 41.71
CA THR A 384 40.88 -39.83 41.71
C THR A 384 41.53 -39.78 40.33
N PHE A 385 40.74 -39.70 39.26
CA PHE A 385 41.30 -39.60 37.92
C PHE A 385 40.55 -38.60 37.05
N GLY A 386 39.75 -37.72 37.66
CA GLY A 386 39.00 -36.76 36.85
C GLY A 386 37.86 -37.43 36.10
N LYS A 387 37.59 -36.90 34.91
CA LYS A 387 36.60 -37.47 34.00
C LYS A 387 37.19 -38.78 33.46
N ASP A 388 37.10 -39.83 34.28
CA ASP A 388 37.90 -41.03 34.09
C ASP A 388 37.34 -41.84 32.93
N MET A 389 38.21 -42.65 32.32
CA MET A 389 37.98 -43.21 31.00
C MET A 389 38.08 -44.73 31.10
N ARG A 390 36.95 -45.42 30.92
CA ARG A 390 36.90 -46.87 30.91
C ARG A 390 35.94 -47.30 29.81
N LYS A 391 35.92 -48.60 29.54
CA LYS A 391 34.97 -49.13 28.56
C LYS A 391 33.59 -49.12 29.22
N LEU A 392 32.82 -48.08 28.92
CA LEU A 392 31.39 -48.04 29.22
C LEU A 392 30.55 -47.86 27.98
N ALA A 393 31.02 -47.07 27.01
CA ALA A 393 30.33 -46.86 25.76
C ALA A 393 31.17 -47.49 24.66
N THR A 394 30.53 -48.25 23.78
CA THR A 394 31.24 -48.94 22.71
C THR A 394 30.34 -48.99 21.47
N TRP A 395 30.62 -48.11 20.51
CA TRP A 395 29.88 -48.10 19.25
C TRP A 395 30.54 -49.09 18.31
N ASP A 396 29.82 -50.15 17.95
CA ASP A 396 30.22 -50.98 16.83
C ASP A 396 29.30 -50.69 15.66
N SER A 397 29.85 -50.74 14.45
CA SER A 397 29.05 -50.50 13.26
C SER A 397 28.03 -51.60 13.01
N GLU A 398 28.28 -52.80 13.54
CA GLU A 398 27.36 -53.91 13.34
C GLU A 398 26.13 -53.82 14.24
N LYS A 399 26.25 -53.16 15.40
CA LYS A 399 25.19 -53.24 16.40
C LYS A 399 24.90 -51.91 17.11
N GLY A 400 25.35 -50.79 16.56
CA GLY A 400 25.04 -49.50 17.14
C GLY A 400 25.87 -49.19 18.37
N LEU A 401 25.27 -48.62 19.40
CA LEU A 401 26.01 -48.19 20.57
C LEU A 401 25.75 -49.12 21.74
N ASN A 402 26.78 -49.37 22.55
CA ASN A 402 26.69 -50.13 23.79
C ASN A 402 27.16 -49.22 24.93
N GLY A 403 26.27 -48.36 25.41
CA GLY A 403 26.61 -47.49 26.52
C GLY A 403 25.79 -46.22 26.48
N SER A 404 25.90 -45.45 27.57
CA SER A 404 25.13 -44.23 27.76
C SER A 404 26.01 -43.10 28.26
N LEU A 405 25.64 -41.87 27.90
CA LEU A 405 26.43 -40.69 28.24
C LEU A 405 25.56 -39.52 28.70
N LEU A 417 29.86 -18.97 37.62
CA LEU A 417 30.41 -18.35 36.43
C LEU A 417 30.20 -16.84 36.48
N THR A 418 31.28 -16.08 36.50
CA THR A 418 31.21 -14.64 36.72
C THR A 418 30.68 -13.95 35.49
N LEU A 419 29.57 -13.23 35.65
CA LEU A 419 28.90 -12.61 34.53
C LEU A 419 29.13 -11.11 34.55
N LYS A 420 29.00 -10.51 33.37
CA LYS A 420 29.51 -9.17 33.10
C LYS A 420 28.41 -8.15 33.37
N VAL A 421 28.44 -7.55 34.55
CA VAL A 421 27.40 -6.67 35.04
C VAL A 421 27.89 -5.24 34.84
N VAL A 422 26.99 -4.32 34.52
CA VAL A 422 27.38 -2.92 34.47
C VAL A 422 26.29 -2.08 35.14
N THR A 423 26.73 -1.12 35.93
CA THR A 423 25.85 -0.18 36.61
C THR A 423 26.09 1.21 36.04
N VAL A 424 25.26 2.17 36.46
CA VAL A 424 25.31 3.55 35.96
C VAL A 424 24.75 4.46 37.05
N LEU A 425 24.86 5.78 36.85
CA LEU A 425 24.64 6.75 37.92
C LEU A 425 23.16 6.85 38.28
N GLU A 426 22.68 5.98 39.16
CA GLU A 426 21.29 6.03 39.59
C GLU A 426 21.15 5.54 41.02
N GLU A 427 20.66 6.42 41.87
CA GLU A 427 20.94 6.42 43.29
C GLU A 427 20.10 5.43 44.11
N PRO A 428 18.75 5.42 44.08
CA PRO A 428 18.05 4.46 44.95
C PRO A 428 18.14 3.04 44.46
N PHE A 429 18.41 2.85 43.17
CA PHE A 429 18.70 1.54 42.64
C PHE A 429 20.11 1.10 43.01
N VAL A 430 21.10 1.92 42.68
CA VAL A 430 22.51 1.57 42.87
C VAL A 430 23.10 2.59 43.81
N MET A 431 23.65 2.13 44.93
CA MET A 431 24.26 3.05 45.88
C MET A 431 25.40 2.36 46.63
N VAL A 432 26.63 2.80 46.37
CA VAL A 432 27.71 2.38 47.25
C VAL A 432 27.58 3.23 48.51
N ALA A 433 27.05 2.64 49.58
CA ALA A 433 27.08 3.28 50.88
C ALA A 433 28.07 2.62 51.83
N GLU A 434 28.83 1.64 51.35
CA GLU A 434 29.98 1.12 52.08
C GLU A 434 31.15 0.95 51.15
N ASN A 435 32.24 1.66 51.46
CA ASN A 435 33.48 1.50 50.74
C ASN A 435 34.28 0.34 51.32
N ILE A 436 35.46 0.12 50.76
CA ILE A 436 36.58 -0.46 51.49
C ILE A 436 37.63 0.64 51.59
N LEU A 437 38.69 0.35 52.32
CA LEU A 437 39.78 1.32 52.44
C LEU A 437 40.58 1.30 51.14
N GLY A 438 40.11 2.06 50.18
CA GLY A 438 40.75 2.14 48.88
C GLY A 438 39.78 2.13 47.72
N GLN A 439 38.63 1.48 47.91
CA GLN A 439 37.63 1.35 46.85
C GLN A 439 36.22 1.54 47.41
N PRO A 440 35.39 2.36 46.77
CA PRO A 440 33.97 2.40 47.14
C PRO A 440 33.25 1.16 46.65
N LYS A 441 33.28 0.09 47.45
CA LYS A 441 32.84 -1.20 46.96
C LYS A 441 31.31 -1.33 46.94
N ARG A 442 30.68 -1.30 48.10
CA ARG A 442 29.44 -2.04 48.28
C ARG A 442 28.24 -1.27 47.76
N TYR A 443 27.96 -1.50 46.47
CA TYR A 443 26.69 -1.14 45.84
C TYR A 443 25.53 -1.70 46.65
N LYS A 444 24.53 -0.86 46.90
CA LYS A 444 23.36 -1.29 47.65
C LYS A 444 22.10 -0.93 46.87
N GLY A 445 20.97 -1.36 47.40
CA GLY A 445 19.67 -1.13 46.79
C GLY A 445 18.90 -2.42 46.68
N PHE A 446 17.62 -2.26 46.32
CA PHE A 446 16.69 -3.40 46.25
C PHE A 446 17.07 -4.37 45.15
N SER A 447 17.08 -3.89 43.90
CA SER A 447 17.28 -4.81 42.78
C SER A 447 18.72 -5.25 42.69
N ILE A 448 19.64 -4.54 43.36
CA ILE A 448 20.95 -5.09 43.69
C ILE A 448 20.81 -6.46 44.34
N ASP A 449 20.00 -6.53 45.40
CA ASP A 449 19.82 -7.78 46.12
C ASP A 449 19.08 -8.80 45.28
N VAL A 450 18.11 -8.33 44.50
CA VAL A 450 17.44 -9.19 43.51
C VAL A 450 18.44 -9.79 42.53
N LEU A 451 19.35 -8.96 42.03
CA LEU A 451 20.35 -9.41 41.10
C LEU A 451 21.36 -10.35 41.76
N ASP A 452 21.72 -10.08 43.01
CA ASP A 452 22.64 -10.99 43.67
C ASP A 452 21.97 -12.31 44.02
N ALA A 453 20.64 -12.31 44.17
CA ALA A 453 19.91 -13.56 44.23
C ALA A 453 20.03 -14.29 42.91
N LEU A 454 19.97 -13.56 41.81
CA LEU A 454 20.19 -14.20 40.52
C LEU A 454 21.64 -14.62 40.35
N ALA A 455 22.55 -13.96 41.04
CA ALA A 455 23.93 -14.42 41.10
C ALA A 455 24.07 -15.69 41.92
N LYS A 456 23.15 -15.96 42.84
CA LYS A 456 23.33 -17.11 43.71
C LYS A 456 22.25 -18.18 43.57
N ALA A 457 20.98 -17.81 43.39
CA ALA A 457 19.96 -18.82 43.24
C ALA A 457 20.05 -19.48 41.86
N LEU A 458 20.54 -18.73 40.88
CA LEU A 458 21.02 -19.30 39.63
C LEU A 458 22.48 -19.70 39.69
N GLY A 459 23.22 -19.21 40.68
CA GLY A 459 24.52 -19.76 41.00
C GLY A 459 25.68 -19.33 40.13
N PHE A 460 25.47 -18.49 39.14
CA PHE A 460 26.58 -17.99 38.33
C PHE A 460 26.80 -16.52 38.65
N LYS A 461 28.07 -16.14 38.73
CA LYS A 461 28.50 -15.03 39.57
C LYS A 461 28.54 -13.71 38.78
N TYR A 462 29.23 -12.71 39.34
CA TYR A 462 29.09 -11.32 38.97
C TYR A 462 30.44 -10.70 38.62
N GLU A 463 30.40 -9.73 37.69
CA GLU A 463 31.51 -8.81 37.42
C GLU A 463 30.90 -7.44 37.13
N ILE A 464 30.82 -6.60 38.15
CA ILE A 464 30.07 -5.34 38.08
C ILE A 464 30.89 -4.29 37.37
N TYR A 465 30.23 -3.54 36.47
CA TYR A 465 30.87 -2.36 35.91
C TYR A 465 30.00 -1.14 36.11
N GLN A 466 30.34 -0.07 35.42
CA GLN A 466 30.16 1.28 35.93
C GLN A 466 30.44 2.27 34.81
N ALA A 467 29.68 3.37 34.79
CA ALA A 467 29.80 4.39 33.76
C ALA A 467 29.18 5.70 34.22
N PRO A 468 29.83 6.84 34.02
CA PRO A 468 29.19 8.11 34.36
C PRO A 468 28.30 8.67 33.27
N ASP A 469 27.51 7.82 32.62
CA ASP A 469 26.43 8.31 31.79
C ASP A 469 25.32 8.90 32.62
N GLY A 470 24.69 8.09 33.45
CA GLY A 470 23.59 8.53 34.29
C GLY A 470 22.35 8.94 33.55
N ARG A 471 22.15 8.48 32.32
CA ARG A 471 21.03 8.92 31.50
C ARG A 471 20.17 7.74 31.02
N TYR A 472 20.45 6.53 31.54
CA TYR A 472 19.96 5.19 31.19
C TYR A 472 20.48 4.70 29.85
N GLY A 473 21.10 5.57 29.07
CA GLY A 473 21.41 5.22 27.71
C GLY A 473 20.21 5.33 26.80
N HIS A 474 20.32 6.08 25.70
CA HIS A 474 19.17 6.33 24.84
C HIS A 474 19.63 6.62 23.42
N GLN A 475 18.66 6.65 22.51
CA GLN A 475 18.92 6.79 21.08
C GLN A 475 19.53 8.14 20.77
N LEU A 476 20.72 8.12 20.18
CA LEU A 476 21.47 9.34 19.95
C LEU A 476 21.17 9.90 18.57
N HIS A 477 21.77 11.06 18.28
CA HIS A 477 21.62 11.68 16.97
C HIS A 477 22.43 10.95 15.91
N ASN A 478 23.45 10.18 16.32
CA ASN A 478 24.32 9.48 15.39
C ASN A 478 23.85 8.07 15.10
N THR A 479 22.53 7.84 15.16
CA THR A 479 21.89 6.51 15.08
C THR A 479 22.51 5.55 16.09
N SER A 480 22.78 6.05 17.29
CA SER A 480 23.60 5.33 18.25
C SER A 480 22.97 5.44 19.63
N TRP A 481 23.64 4.90 20.62
CA TRP A 481 23.03 4.69 21.92
C TRP A 481 24.09 4.87 22.99
N ASN A 482 23.86 5.80 23.91
CA ASN A 482 24.80 6.04 25.00
C ASN A 482 24.50 5.08 26.15
N GLY A 483 25.05 5.38 27.32
CA GLY A 483 24.92 4.54 28.50
C GLY A 483 25.57 3.19 28.31
N MET A 484 24.95 2.18 28.89
CA MET A 484 25.34 0.80 28.65
C MET A 484 24.63 0.21 27.44
N ILE A 485 23.81 0.99 26.75
CA ILE A 485 23.10 0.47 25.58
C ILE A 485 24.08 0.26 24.44
N GLY A 486 24.93 1.24 24.19
CA GLY A 486 26.06 1.04 23.30
C GLY A 486 27.04 0.02 23.82
N GLU A 487 27.11 -0.15 25.13
CA GLU A 487 27.88 -1.23 25.72
C GLU A 487 27.12 -2.55 25.74
N LEU A 488 25.87 -2.55 25.30
CA LEU A 488 25.24 -3.75 24.78
C LEU A 488 25.01 -3.64 23.28
N ILE A 489 25.72 -2.71 22.64
CA ILE A 489 25.97 -2.75 21.22
C ILE A 489 27.41 -3.12 20.94
N SER A 490 28.35 -2.52 21.70
CA SER A 490 29.69 -3.07 21.77
C SER A 490 29.70 -4.34 22.58
N LYS A 491 28.67 -4.53 23.42
CA LYS A 491 28.30 -5.84 24.01
C LYS A 491 29.40 -6.38 24.90
N ARG A 492 29.98 -5.48 25.69
CA ARG A 492 31.00 -5.90 26.65
C ARG A 492 30.40 -6.37 27.97
N ALA A 493 29.08 -6.29 28.12
CA ALA A 493 28.41 -6.68 29.35
C ALA A 493 27.42 -7.81 29.08
N ASP A 494 26.66 -8.17 30.12
CA ASP A 494 25.63 -9.20 30.05
C ASP A 494 24.24 -8.70 30.39
N LEU A 495 24.11 -7.81 31.36
CA LEU A 495 22.81 -7.36 31.83
C LEU A 495 22.80 -5.84 31.98
N ALA A 496 21.66 -5.25 31.66
CA ALA A 496 21.47 -3.81 31.76
C ALA A 496 20.84 -3.51 33.11
N ILE A 497 21.54 -2.74 33.95
CA ILE A 497 21.16 -2.57 35.35
C ILE A 497 21.09 -1.08 35.64
N SER A 498 19.95 -0.43 35.37
CA SER A 498 19.56 0.66 36.26
C SER A 498 18.11 0.64 36.70
N ALA A 499 17.21 0.90 35.73
CA ALA A 499 15.76 0.89 35.93
C ALA A 499 15.15 0.84 34.53
N ILE A 500 14.66 -0.33 34.12
CA ILE A 500 14.58 -0.60 32.70
C ILE A 500 13.36 0.09 32.10
N THR A 501 13.56 1.31 31.63
CA THR A 501 12.55 2.07 30.91
C THR A 501 12.43 1.49 29.51
N ILE A 502 11.47 0.58 29.31
CA ILE A 502 11.49 -0.28 28.13
C ILE A 502 10.87 0.46 26.96
N THR A 503 11.63 0.57 25.87
CA THR A 503 11.12 1.17 24.67
C THR A 503 10.99 0.08 23.60
N PRO A 504 10.16 0.29 22.57
CA PRO A 504 10.15 -0.65 21.45
C PRO A 504 11.42 -0.65 20.63
N GLU A 505 12.21 0.42 20.63
CA GLU A 505 13.56 0.36 20.09
C GLU A 505 14.45 -0.55 20.93
N ARG A 506 14.37 -0.41 22.26
CA ARG A 506 15.12 -1.29 23.16
C ARG A 506 14.66 -2.75 23.03
N GLU A 507 13.39 -2.96 22.74
CA GLU A 507 12.95 -4.29 22.34
C GLU A 507 13.59 -4.69 21.01
N SER A 508 13.63 -3.75 20.07
CA SER A 508 14.05 -4.04 18.71
C SER A 508 15.54 -4.28 18.58
N VAL A 509 16.33 -4.01 19.61
CA VAL A 509 17.78 -4.13 19.52
C VAL A 509 18.31 -5.30 20.32
N VAL A 510 17.73 -5.60 21.48
CA VAL A 510 18.24 -6.61 22.39
C VAL A 510 17.06 -7.39 22.97
N ASP A 511 17.38 -8.32 23.84
CA ASP A 511 16.42 -9.16 24.53
C ASP A 511 16.34 -8.76 26.00
N PHE A 512 15.46 -9.41 26.75
CA PHE A 512 15.11 -9.00 28.09
C PHE A 512 14.88 -10.19 29.00
N SER A 513 14.74 -9.87 30.27
CA SER A 513 13.91 -10.62 31.21
C SER A 513 12.58 -9.88 31.34
N LYS A 514 11.56 -10.60 31.81
CA LYS A 514 10.26 -9.97 31.90
C LYS A 514 10.22 -9.00 33.07
N ARG A 515 9.17 -8.18 33.08
CA ARG A 515 8.96 -7.21 34.14
C ARG A 515 8.62 -7.93 35.42
N TYR A 516 9.37 -7.69 36.49
CA TYR A 516 8.89 -8.16 37.77
C TYR A 516 7.94 -7.18 38.41
N MET A 517 8.02 -5.90 38.05
CA MET A 517 7.03 -4.92 38.48
C MET A 517 6.70 -3.98 37.34
N ASP A 518 5.42 -3.69 37.17
CA ASP A 518 5.02 -2.53 36.40
C ASP A 518 5.28 -1.26 37.20
N TYR A 519 5.13 -0.12 36.51
CA TYR A 519 5.36 1.18 37.11
C TYR A 519 4.09 2.01 37.17
N SER A 520 3.89 2.67 38.31
CA SER A 520 2.90 3.72 38.48
C SER A 520 3.53 4.89 39.22
N VAL A 521 2.97 6.08 39.03
CA VAL A 521 3.58 7.31 39.51
C VAL A 521 2.87 7.74 40.79
N GLY A 522 3.62 8.23 41.76
CA GLY A 522 3.04 8.71 43.00
C GLY A 522 3.00 10.22 43.07
N ILE A 523 2.15 10.74 43.96
CA ILE A 523 1.96 12.18 44.14
C ILE A 523 2.22 12.49 45.62
N LEU A 524 3.43 12.90 45.94
CA LEU A 524 3.75 13.29 47.31
C LEU A 524 3.09 14.62 47.64
N ILE A 525 2.27 14.61 48.68
CA ILE A 525 1.84 15.86 49.31
C ILE A 525 2.17 15.77 50.79
N LYS A 526 2.16 16.94 51.43
CA LYS A 526 2.60 16.98 52.82
C LYS A 526 1.46 16.58 53.75
N LYS A 527 1.75 16.56 55.05
CA LYS A 527 0.80 16.12 56.05
C LYS A 527 0.79 17.05 57.25
N ILE A 532 -16.57 18.56 63.24
CA ILE A 532 -17.78 18.83 63.99
C ILE A 532 -17.42 19.84 65.07
N SER A 533 -17.31 21.11 64.70
CA SER A 533 -16.76 22.12 65.60
C SER A 533 -17.63 23.36 65.62
N ILE A 534 -17.35 24.23 66.59
CA ILE A 534 -17.97 25.54 66.63
C ILE A 534 -17.45 26.40 65.49
N PHE A 535 -16.19 26.18 65.07
CA PHE A 535 -15.64 26.92 63.95
C PHE A 535 -16.28 26.52 62.63
N SER A 536 -16.87 25.32 62.57
CA SER A 536 -17.66 24.93 61.41
C SER A 536 -18.96 25.73 61.31
N LEU A 537 -19.41 26.33 62.41
CA LEU A 537 -20.70 26.98 62.47
C LEU A 537 -20.62 28.43 62.02
N PHE A 538 -19.48 28.86 61.51
CA PHE A 538 -19.24 30.29 61.29
C PHE A 538 -19.32 30.67 59.83
N ALA A 539 -19.07 29.72 58.93
CA ALA A 539 -19.43 29.91 57.53
C ALA A 539 -20.93 30.08 57.29
N PRO A 540 -21.86 29.43 58.03
CA PRO A 540 -23.25 29.90 57.94
C PRO A 540 -23.48 31.30 58.49
N PHE A 541 -22.77 31.72 59.54
CA PHE A 541 -23.07 33.03 60.10
C PHE A 541 -21.84 33.62 60.76
N ASP A 542 -21.51 34.84 60.37
CA ASP A 542 -20.28 35.48 60.79
C ASP A 542 -20.37 35.96 62.24
N PHE A 543 -19.20 36.28 62.80
CA PHE A 543 -19.09 36.81 64.15
C PHE A 543 -19.69 38.19 64.29
N ALA A 544 -19.81 38.95 63.21
CA ALA A 544 -20.18 40.35 63.27
C ALA A 544 -21.63 40.64 62.88
N VAL A 545 -22.27 39.76 62.11
CA VAL A 545 -23.63 40.05 61.63
C VAL A 545 -24.65 39.91 62.77
N TRP A 546 -24.25 39.29 63.87
CA TRP A 546 -24.93 39.43 65.16
C TRP A 546 -25.18 40.89 65.51
N ALA A 547 -24.09 41.66 65.64
CA ALA A 547 -24.14 43.06 66.03
C ALA A 547 -24.82 43.94 64.99
N CYS A 548 -24.95 43.44 63.76
CA CYS A 548 -25.82 44.10 62.80
C CYS A 548 -27.28 44.03 63.20
N ILE A 549 -27.65 43.13 64.10
CA ILE A 549 -29.04 43.00 64.50
C ILE A 549 -29.15 42.93 66.03
N ALA A 550 -28.01 42.86 66.71
CA ALA A 550 -28.04 42.73 68.17
C ALA A 550 -28.54 43.99 68.86
N ALA A 551 -28.39 45.15 68.24
CA ALA A 551 -28.92 46.39 68.79
C ALA A 551 -30.28 46.77 68.22
N ALA A 552 -31.00 45.82 67.63
CA ALA A 552 -32.30 46.16 67.07
C ALA A 552 -33.38 46.33 68.11
N ILE A 553 -33.20 45.78 69.32
CA ILE A 553 -34.14 46.01 70.40
C ILE A 553 -33.95 47.41 71.02
N PRO A 554 -32.74 47.92 71.30
CA PRO A 554 -32.64 49.32 71.74
C PRO A 554 -33.00 50.35 70.68
N VAL A 555 -33.15 49.94 69.41
CA VAL A 555 -33.91 50.75 68.46
C VAL A 555 -35.32 50.98 68.98
N VAL A 556 -35.95 49.93 69.50
CA VAL A 556 -37.38 49.99 69.77
C VAL A 556 -37.68 50.43 71.20
N GLY A 557 -36.84 50.05 72.17
CA GLY A 557 -37.16 50.14 73.58
C GLY A 557 -37.35 51.54 74.13
N VAL A 558 -37.02 52.58 73.35
CA VAL A 558 -37.31 53.94 73.77
C VAL A 558 -38.81 54.24 73.68
N LEU A 559 -39.57 53.43 72.93
CA LEU A 559 -41.01 53.58 72.87
C LEU A 559 -41.70 53.23 74.17
N ILE A 560 -41.02 52.49 75.05
CA ILE A 560 -41.44 52.37 76.44
C ILE A 560 -41.53 53.75 77.08
N PHE A 561 -40.51 54.57 76.85
CA PHE A 561 -40.56 55.96 77.29
C PHE A 561 -41.50 56.74 76.38
N ALA A 609 -52.47 48.95 73.65
CA ALA A 609 -51.02 48.81 73.67
C ALA A 609 -50.47 48.59 72.28
N MET A 610 -49.14 48.69 72.15
CA MET A 610 -48.46 48.52 70.88
C MET A 610 -47.54 47.29 70.90
N ARG A 611 -47.86 46.32 71.77
CA ARG A 611 -47.34 44.97 71.63
C ARG A 611 -47.66 44.37 70.26
N ILE A 612 -48.79 44.78 69.67
CA ILE A 612 -49.22 44.28 68.38
C ILE A 612 -48.47 44.90 67.22
N VAL A 613 -47.90 46.09 67.40
CA VAL A 613 -47.52 46.91 66.25
C VAL A 613 -46.22 46.44 65.63
N MET A 614 -45.14 46.47 66.39
CA MET A 614 -43.83 46.18 65.85
C MET A 614 -43.39 44.74 66.01
N GLY A 615 -44.18 43.92 66.71
CA GLY A 615 -43.74 42.58 67.09
C GLY A 615 -43.53 41.58 65.97
N SER A 616 -43.82 41.95 64.72
CA SER A 616 -43.60 41.07 63.58
C SER A 616 -42.13 40.79 63.32
N TRP A 617 -41.22 41.57 63.91
CA TRP A 617 -39.83 41.52 63.50
C TRP A 617 -39.10 40.38 64.18
N TRP A 618 -39.31 40.15 65.49
CA TRP A 618 -38.62 39.03 66.10
C TRP A 618 -39.26 37.71 65.72
N LEU A 619 -40.48 37.73 65.15
CA LEU A 619 -41.02 36.54 64.52
C LEU A 619 -40.34 36.27 63.18
N PHE A 620 -40.53 37.16 62.19
CA PHE A 620 -40.34 36.75 60.80
C PHE A 620 -38.86 36.63 60.42
N THR A 621 -38.12 37.73 60.55
CA THR A 621 -36.77 37.70 60.02
C THR A 621 -35.85 36.85 60.87
N LEU A 622 -36.24 36.53 62.11
CA LEU A 622 -35.48 35.57 62.91
C LEU A 622 -35.58 34.18 62.27
N ILE A 623 -36.72 33.86 61.68
CA ILE A 623 -36.87 32.63 60.89
C ILE A 623 -36.04 32.72 59.64
N VAL A 624 -36.05 33.88 58.98
CA VAL A 624 -35.20 34.09 57.81
C VAL A 624 -33.71 33.93 58.16
N CYS A 625 -33.33 34.38 59.36
CA CYS A 625 -32.00 34.12 59.90
C CYS A 625 -31.77 32.63 60.12
N SER A 626 -32.78 31.93 60.62
CA SER A 626 -32.64 30.51 60.86
C SER A 626 -32.51 29.75 59.55
N SER A 627 -33.09 30.30 58.50
CA SER A 627 -32.98 29.72 57.17
C SER A 627 -31.57 29.90 56.62
N TYR A 628 -31.00 31.09 56.77
CA TYR A 628 -29.61 31.29 56.35
C TYR A 628 -28.64 30.51 57.23
N THR A 629 -28.99 30.37 58.50
CA THR A 629 -28.29 29.46 59.40
C THR A 629 -28.35 28.03 58.90
N ALA A 630 -29.50 27.63 58.38
CA ALA A 630 -29.68 26.29 57.87
C ALA A 630 -28.89 26.09 56.59
N ASN A 631 -29.32 26.75 55.51
CA ASN A 631 -29.10 26.25 54.15
C ASN A 631 -27.62 26.20 53.78
N LEU A 632 -26.81 27.03 54.43
CA LEU A 632 -25.38 27.01 54.16
C LEU A 632 -24.72 25.78 54.77
N ALA A 633 -25.30 25.23 55.83
CA ALA A 633 -24.76 24.01 56.41
C ALA A 633 -25.09 22.79 55.56
N ALA A 634 -26.23 22.82 54.88
CA ALA A 634 -26.56 21.71 53.98
C ALA A 634 -25.68 21.74 52.74
N PHE A 635 -25.47 22.93 52.18
CA PHE A 635 -24.71 23.09 50.94
C PHE A 635 -23.23 22.78 51.11
N LEU A 636 -22.75 22.50 52.33
CA LEU A 636 -21.43 21.94 52.55
C LEU A 636 -21.18 20.65 51.77
N THR A 637 -22.21 19.85 51.55
CA THR A 637 -22.10 18.73 50.63
C THR A 637 -23.38 18.61 49.82
N PRO A 644 -2.46 16.98 54.19
CA PRO A 644 -2.94 15.60 54.06
C PRO A 644 -3.79 15.40 52.80
N VAL A 645 -4.50 14.28 52.72
CA VAL A 645 -5.21 13.89 51.51
C VAL A 645 -6.58 14.57 51.46
N ARG A 646 -6.94 15.09 50.28
CA ARG A 646 -8.27 15.62 50.02
C ARG A 646 -9.11 14.63 49.23
N THR A 647 -8.64 14.25 48.04
CA THR A 647 -9.20 13.14 47.28
C THR A 647 -8.06 12.22 46.86
N PHE A 648 -8.42 11.06 46.33
CA PHE A 648 -7.46 10.09 45.84
C PHE A 648 -7.45 10.03 44.32
N GLN A 649 -7.68 11.16 43.68
CA GLN A 649 -7.80 11.21 42.22
C GLN A 649 -6.68 12.03 41.62
N ASP A 650 -6.31 11.66 40.40
CA ASP A 650 -5.49 12.48 39.53
C ASP A 650 -6.34 13.45 38.71
N LEU A 651 -7.64 13.48 38.97
CA LEU A 651 -8.59 14.33 38.27
C LEU A 651 -9.28 15.31 39.22
N SER A 652 -9.59 14.89 40.43
CA SER A 652 -10.22 15.80 41.39
C SER A 652 -9.24 16.82 41.94
N LYS A 653 -7.94 16.56 41.82
CA LYS A 653 -6.92 17.48 42.30
C LYS A 653 -6.29 18.28 41.17
N GLN A 654 -6.91 18.29 40.00
CA GLN A 654 -6.51 19.21 38.93
C GLN A 654 -6.78 20.66 39.29
N LEU A 655 -7.70 20.92 40.22
CA LEU A 655 -7.94 22.28 40.68
C LEU A 655 -6.87 22.79 41.62
N GLU A 656 -5.95 21.95 42.08
CA GLU A 656 -4.86 22.40 42.93
C GLU A 656 -3.67 22.80 42.08
N MET A 657 -3.11 23.97 42.38
CA MET A 657 -2.11 24.60 41.52
C MET A 657 -0.71 24.48 42.13
N SER A 658 0.25 25.10 41.44
CA SER A 658 1.68 25.03 41.74
C SER A 658 2.15 23.58 41.81
N TYR A 659 2.08 22.92 40.67
CA TYR A 659 2.15 21.47 40.57
C TYR A 659 3.57 21.06 40.20
N GLY A 660 4.36 20.66 41.19
CA GLY A 660 5.76 20.34 40.95
C GLY A 660 5.93 19.03 40.19
N THR A 661 6.86 19.03 39.24
CA THR A 661 7.11 17.89 38.38
C THR A 661 8.49 17.99 37.75
N VAL A 662 8.99 16.84 37.28
CA VAL A 662 10.38 16.66 36.84
C VAL A 662 10.45 16.70 35.31
N ARG A 663 11.40 17.46 34.78
CA ARG A 663 11.69 17.53 33.36
C ARG A 663 12.66 16.43 32.94
N ASP A 664 12.65 16.15 31.63
CA ASP A 664 13.57 15.24 30.95
C ASP A 664 13.51 13.83 31.53
N SER A 665 12.32 13.40 31.90
CA SER A 665 12.12 12.07 32.44
C SER A 665 11.12 11.32 31.58
N ALA A 666 10.97 10.04 31.91
CA ALA A 666 10.03 9.21 31.17
C ALA A 666 8.59 9.60 31.47
N VAL A 667 8.31 9.96 32.72
CA VAL A 667 6.99 10.50 33.02
C VAL A 667 6.81 11.88 32.42
N TYR A 668 7.90 12.62 32.26
CA TYR A 668 7.86 13.85 31.48
C TYR A 668 7.63 13.58 30.00
N GLU A 669 8.11 12.46 29.50
CA GLU A 669 8.04 12.23 28.05
C GLU A 669 6.76 11.51 27.62
N TYR A 670 6.55 10.31 28.14
CA TYR A 670 5.52 9.40 27.64
C TYR A 670 4.12 9.92 27.87
N PHE A 671 3.91 10.68 28.92
CA PHE A 671 2.56 11.12 29.23
C PHE A 671 2.26 12.48 28.62
N ARG A 672 3.28 13.16 28.10
CA ARG A 672 3.01 14.19 27.10
C ARG A 672 2.53 13.55 25.81
N ALA A 673 3.02 12.36 25.49
CA ALA A 673 2.48 11.59 24.37
C ALA A 673 1.12 10.99 24.72
N LYS A 674 0.76 10.97 26.00
CA LYS A 674 -0.53 10.46 26.44
C LYS A 674 -1.42 11.53 27.03
N GLY A 675 -0.92 12.73 27.23
CA GLY A 675 -1.80 13.85 27.44
C GLY A 675 -2.15 14.57 26.17
N THR A 676 -1.76 13.98 25.05
CA THR A 676 -2.09 14.38 23.69
C THR A 676 -2.86 13.19 23.11
N ASN A 677 -3.03 13.15 21.76
CA ASN A 677 -3.75 12.12 21.01
C ASN A 677 -5.21 12.10 21.46
N PRO A 678 -6.03 13.03 20.96
CA PRO A 678 -7.39 13.19 21.48
C PRO A 678 -8.35 12.03 21.25
N LEU A 679 -7.93 10.95 20.61
CA LEU A 679 -8.73 9.72 20.61
C LEU A 679 -8.64 8.98 21.93
N GLU A 680 -7.69 9.36 22.79
CA GLU A 680 -7.57 8.76 24.11
C GLU A 680 -8.60 9.41 25.00
N GLN A 681 -9.67 8.66 25.32
CA GLN A 681 -10.88 9.23 25.89
C GLN A 681 -10.82 9.33 27.41
N ASP A 682 -9.64 9.25 28.00
CA ASP A 682 -9.44 9.58 29.40
C ASP A 682 -8.82 10.97 29.47
N SER A 683 -9.67 11.99 29.60
CA SER A 683 -9.23 13.38 29.54
C SER A 683 -8.57 13.86 30.82
N THR A 684 -8.51 12.99 31.85
CA THR A 684 -7.69 13.26 33.02
C THR A 684 -6.23 13.46 32.64
N PHE A 685 -5.75 12.64 31.71
CA PHE A 685 -4.34 12.65 31.34
C PHE A 685 -4.02 13.91 30.55
N ALA A 686 -4.90 14.31 29.64
CA ALA A 686 -4.73 15.56 28.91
C ALA A 686 -4.92 16.77 29.82
N GLU A 687 -5.74 16.64 30.85
CA GLU A 687 -5.90 17.74 31.80
C GLU A 687 -4.66 17.91 32.67
N LEU A 688 -4.09 16.82 33.15
CA LEU A 688 -2.84 16.91 33.90
C LEU A 688 -1.68 17.29 32.99
N TRP A 689 -1.78 16.98 31.70
CA TRP A 689 -0.84 17.47 30.70
C TRP A 689 -0.89 18.99 30.59
N ARG A 690 -2.07 19.53 30.31
CA ARG A 690 -2.21 20.97 30.16
C ARG A 690 -2.14 21.72 31.48
N THR A 691 -2.16 21.01 32.61
CA THR A 691 -1.83 21.60 33.90
C THR A 691 -0.41 22.17 33.92
N ILE A 692 0.54 21.43 33.34
CA ILE A 692 1.94 21.83 33.34
C ILE A 692 2.43 22.29 31.98
N SER A 693 1.69 22.04 30.90
CA SER A 693 2.15 22.34 29.55
C SER A 693 2.34 23.82 29.30
N LYS A 694 1.69 24.68 30.07
CA LYS A 694 1.87 26.12 29.94
C LYS A 694 3.23 26.51 30.50
N ASN A 695 3.61 27.77 30.22
CA ASN A 695 4.97 28.29 30.39
C ASN A 695 5.99 27.41 29.68
N GLY A 696 5.63 26.95 28.47
CA GLY A 696 6.47 26.09 27.68
C GLY A 696 6.71 24.72 28.27
N GLY A 697 5.84 24.26 29.16
CA GLY A 697 6.11 23.09 29.95
C GLY A 697 6.81 23.36 31.27
N ALA A 698 7.17 24.61 31.55
CA ALA A 698 7.92 24.96 32.75
C ALA A 698 7.09 25.80 33.71
N ASP A 699 5.83 25.38 33.94
CA ASP A 699 4.86 26.13 34.74
C ASP A 699 5.32 26.33 36.18
N ASN A 700 5.41 25.25 36.95
CA ASN A 700 6.04 25.27 38.28
C ASN A 700 6.76 23.92 38.40
N CYS A 701 8.01 23.89 37.95
CA CYS A 701 8.64 22.64 37.57
C CYS A 701 10.06 22.56 38.11
N VAL A 702 10.51 21.34 38.36
CA VAL A 702 11.87 21.07 38.82
C VAL A 702 12.60 20.29 37.73
N SER A 703 13.93 20.29 37.83
CA SER A 703 14.74 19.57 36.86
C SER A 703 14.90 18.10 37.20
N ASN A 704 15.11 17.78 38.48
CA ASN A 704 15.34 16.43 38.94
C ASN A 704 14.55 16.21 40.22
N PRO A 705 14.29 14.95 40.59
CA PRO A 705 13.67 14.68 41.90
C PRO A 705 14.51 15.10 43.08
N SER A 706 15.81 15.35 42.90
CA SER A 706 16.66 15.91 43.95
C SER A 706 16.40 17.38 44.21
N GLU A 707 15.47 18.02 43.52
CA GLU A 707 15.21 19.44 43.67
C GLU A 707 13.97 19.72 44.52
N GLY A 708 12.82 19.19 44.10
CA GLY A 708 11.55 19.47 44.77
C GLY A 708 11.27 18.60 45.98
N ILE A 709 12.27 18.36 46.82
CA ILE A 709 12.16 17.39 47.90
C ILE A 709 11.31 17.94 49.04
N ARG A 710 11.81 18.95 49.74
CA ARG A 710 11.05 19.49 50.85
C ARG A 710 10.09 20.58 50.40
N LYS A 711 10.05 20.89 49.12
CA LYS A 711 9.05 21.81 48.60
C LYS A 711 7.69 21.13 48.51
N ALA A 712 7.67 19.81 48.42
CA ALA A 712 6.44 19.05 48.57
C ALA A 712 6.03 18.90 50.02
N LYS A 713 6.99 19.01 50.94
CA LYS A 713 6.71 18.85 52.36
C LYS A 713 6.62 20.17 53.10
N LYS A 714 7.20 21.23 52.55
CA LYS A 714 7.16 22.55 53.18
C LYS A 714 6.76 23.59 52.14
N GLY A 715 5.72 23.27 51.39
CA GLY A 715 5.23 24.18 50.36
C GLY A 715 4.13 23.53 49.56
N ASN A 716 3.45 24.37 48.78
CA ASN A 716 2.32 23.97 47.95
C ASN A 716 2.87 23.42 46.63
N TYR A 717 3.38 22.19 46.68
CA TYR A 717 3.89 21.53 45.47
C TYR A 717 3.52 20.06 45.50
N ALA A 718 2.57 19.67 44.66
CA ALA A 718 2.17 18.27 44.52
C ALA A 718 3.20 17.59 43.62
N PHE A 719 4.29 17.15 44.25
CA PHE A 719 5.41 16.59 43.52
C PHE A 719 5.03 15.23 42.93
N LEU A 720 5.66 14.89 41.81
CA LEU A 720 5.19 13.81 40.94
C LEU A 720 6.35 12.92 40.52
N TRP A 721 6.46 11.73 41.11
CA TRP A 721 7.51 10.79 40.76
C TRP A 721 7.06 9.39 41.16
N ASP A 722 7.89 8.39 40.85
CA ASP A 722 7.78 6.99 41.24
C ASP A 722 7.33 6.79 42.69
N VAL A 723 6.37 5.89 42.86
CA VAL A 723 5.85 5.53 44.16
C VAL A 723 6.90 4.80 45.01
N ALA A 724 7.72 3.94 44.39
CA ALA A 724 8.70 3.19 45.17
C ALA A 724 9.83 4.09 45.62
N VAL A 725 10.14 5.10 44.80
CA VAL A 725 11.05 6.15 45.22
C VAL A 725 10.48 6.89 46.42
N VAL A 726 9.15 7.05 46.47
CA VAL A 726 8.54 7.63 47.67
C VAL A 726 8.64 6.65 48.84
N GLU A 727 8.62 5.34 48.58
CA GLU A 727 8.82 4.38 49.67
C GLU A 727 10.26 4.38 50.16
N TYR A 728 11.17 4.94 49.40
CA TYR A 728 12.47 5.34 49.93
C TYR A 728 12.48 6.75 50.54
N ALA A 729 11.75 7.69 49.96
CA ALA A 729 11.90 9.09 50.35
C ALA A 729 11.18 9.42 51.65
N ALA A 730 9.96 8.90 51.81
CA ALA A 730 9.28 9.02 53.08
C ALA A 730 9.94 8.18 54.15
N LEU A 731 10.68 7.15 53.74
CA LEU A 731 11.55 6.45 54.68
C LEU A 731 12.71 7.34 55.13
N THR A 732 13.26 8.14 54.22
CA THR A 732 14.26 9.13 54.62
C THR A 732 13.62 10.27 55.40
N ASP A 733 12.36 10.58 55.12
CA ASP A 733 11.64 11.57 55.89
C ASP A 733 11.35 11.07 57.29
N ASP A 734 11.50 11.96 58.27
CA ASP A 734 11.26 11.63 59.67
C ASP A 734 10.33 12.64 60.35
N ASP A 735 9.75 13.57 59.60
CA ASP A 735 8.97 14.66 60.17
C ASP A 735 7.47 14.42 60.12
N CYS A 736 7.03 13.29 59.56
CA CYS A 736 5.61 12.92 59.40
C CYS A 736 4.84 13.99 58.63
N SER A 737 5.39 14.39 57.48
CA SER A 737 4.77 15.37 56.61
C SER A 737 4.62 14.75 55.23
N VAL A 738 4.09 13.54 55.18
CA VAL A 738 4.00 12.74 53.96
C VAL A 738 2.55 12.34 53.75
N THR A 739 2.04 12.57 52.54
CA THR A 739 0.75 12.04 52.14
C THR A 739 0.83 11.74 50.64
N VAL A 740 0.13 10.71 50.21
CA VAL A 740 0.18 10.26 48.82
C VAL A 740 -1.12 9.54 48.52
N ILE A 741 -1.50 9.49 47.24
CA ILE A 741 -2.69 8.81 46.79
C ILE A 741 -2.28 7.63 45.91
N GLY A 742 -3.27 6.80 45.55
CA GLY A 742 -2.99 5.61 44.78
C GLY A 742 -2.95 5.86 43.27
N ASN A 743 -2.45 4.86 42.55
CA ASN A 743 -2.29 4.94 41.10
C ASN A 743 -2.11 3.53 40.57
N SER A 744 -2.87 3.19 39.54
CA SER A 744 -2.72 1.92 38.82
C SER A 744 -2.40 2.23 37.37
N ILE A 745 -1.15 2.00 36.97
CA ILE A 745 -0.69 2.22 35.60
C ILE A 745 -0.08 0.91 35.11
N SER A 746 -0.81 0.22 34.24
CA SER A 746 -0.42 -1.11 33.80
C SER A 746 0.57 -1.10 32.64
N SER A 747 0.62 -0.03 31.86
CA SER A 747 1.36 -0.05 30.60
C SER A 747 2.86 -0.01 30.79
N LYS A 748 3.37 0.67 31.81
CA LYS A 748 4.81 0.82 31.93
C LYS A 748 5.35 0.17 33.19
N GLY A 749 6.65 -0.10 33.12
CA GLY A 749 7.29 -1.00 34.05
C GLY A 749 8.69 -1.33 33.55
N TYR A 750 9.25 -2.41 34.08
CA TYR A 750 10.69 -2.59 34.02
C TYR A 750 11.08 -4.03 34.31
N GLY A 751 11.93 -4.58 33.43
CA GLY A 751 12.54 -5.89 33.59
C GLY A 751 13.86 -5.95 32.86
N ILE A 752 14.86 -6.60 33.48
CA ILE A 752 16.27 -6.44 33.10
C ILE A 752 16.54 -6.99 31.72
N ALA A 753 17.22 -6.18 30.90
CA ALA A 753 17.56 -6.58 29.55
C ALA A 753 18.69 -7.60 29.52
N LEU A 754 18.59 -8.51 28.56
CA LEU A 754 19.66 -9.43 28.22
C LEU A 754 20.37 -8.99 26.95
N GLN A 755 21.34 -9.78 26.54
CA GLN A 755 21.96 -9.61 25.24
C GLN A 755 20.96 -10.01 24.16
N HIS A 756 21.18 -9.50 22.95
CA HIS A 756 20.34 -9.91 21.83
C HIS A 756 20.77 -11.32 21.44
N GLY A 757 20.01 -12.32 21.86
CA GLY A 757 20.41 -13.69 21.65
C GLY A 757 20.90 -14.38 22.91
N SER A 758 20.21 -14.17 24.03
CA SER A 758 20.69 -14.85 25.22
C SER A 758 20.22 -16.30 25.24
N PRO A 759 21.10 -17.24 25.58
CA PRO A 759 20.75 -18.66 25.52
C PRO A 759 19.85 -19.14 26.65
N TYR A 760 19.63 -18.36 27.71
CA TYR A 760 19.07 -18.92 28.93
C TYR A 760 17.85 -18.18 29.47
N ARG A 761 16.99 -17.62 28.59
CA ARG A 761 16.00 -16.62 29.00
C ARG A 761 14.96 -17.21 29.94
N ASP A 762 14.65 -18.51 29.79
CA ASP A 762 13.87 -19.21 30.81
C ASP A 762 14.55 -19.11 32.16
N LEU A 763 15.83 -19.49 32.22
CA LEU A 763 16.53 -19.59 33.49
C LEU A 763 16.67 -18.24 34.18
N PHE A 764 16.68 -17.15 33.42
CA PHE A 764 16.54 -15.83 34.01
C PHE A 764 15.15 -15.62 34.59
N SER A 765 14.11 -15.85 33.79
CA SER A 765 12.76 -15.49 34.25
C SER A 765 12.08 -16.55 35.12
N GLN A 766 12.68 -17.74 35.25
CA GLN A 766 12.20 -18.71 36.20
C GLN A 766 12.25 -18.16 37.60
N ARG A 767 13.34 -17.48 37.95
CA ARG A 767 13.46 -16.90 39.27
C ARG A 767 12.50 -15.75 39.48
N ILE A 768 12.14 -15.04 38.39
CA ILE A 768 11.14 -13.99 38.47
C ILE A 768 9.81 -14.58 38.88
N LEU A 769 9.42 -15.66 38.20
CA LEU A 769 8.17 -16.28 38.58
C LEU A 769 8.28 -17.02 39.92
N GLU A 770 9.47 -17.46 40.32
CA GLU A 770 9.66 -17.99 41.66
C GLU A 770 9.38 -16.94 42.72
N LEU A 771 9.89 -15.72 42.52
CA LEU A 771 9.59 -14.63 43.43
C LEU A 771 8.14 -14.18 43.34
N GLN A 772 7.47 -14.45 42.23
CA GLN A 772 6.01 -14.32 42.21
C GLN A 772 5.33 -15.43 43.02
N ASP A 773 5.81 -16.67 42.89
CA ASP A 773 5.21 -17.80 43.58
C ASP A 773 5.43 -17.74 45.09
N THR A 774 6.60 -17.27 45.50
CA THR A 774 6.92 -17.08 46.90
C THR A 774 6.34 -15.78 47.44
N GLY A 775 6.48 -14.69 46.69
CA GLY A 775 6.31 -13.40 47.32
C GLY A 775 7.53 -12.94 48.08
N ASP A 776 8.64 -13.68 47.98
CA ASP A 776 9.88 -13.22 48.60
C ASP A 776 10.44 -12.00 47.88
N LEU A 777 9.99 -11.76 46.66
CA LEU A 777 9.98 -10.43 46.05
C LEU A 777 9.57 -9.36 47.06
N ASP A 778 8.42 -9.56 47.69
CA ASP A 778 7.95 -8.60 48.68
C ASP A 778 8.78 -8.64 49.95
N VAL A 779 9.35 -9.79 50.30
CA VAL A 779 10.29 -9.84 51.43
C VAL A 779 11.52 -9.01 51.14
N LEU A 780 12.02 -9.07 49.90
CA LEU A 780 13.08 -8.18 49.46
C LEU A 780 12.63 -6.72 49.42
N LYS A 781 11.35 -6.48 49.15
CA LYS A 781 10.83 -5.13 49.25
C LYS A 781 10.84 -4.67 50.70
N GLN A 782 10.55 -5.58 51.63
CA GLN A 782 10.59 -5.29 53.06
C GLN A 782 12.00 -5.04 53.55
N LYS A 783 13.01 -5.52 52.83
CA LYS A 783 14.37 -5.41 53.37
C LYS A 783 14.90 -3.99 53.22
N TRP A 784 14.77 -3.40 52.03
CA TRP A 784 15.10 -1.99 51.91
C TRP A 784 14.01 -1.09 52.46
N TRP A 785 12.75 -1.56 52.53
CA TRP A 785 11.64 -0.75 53.03
C TRP A 785 10.54 -1.63 53.63
N PRO A 786 10.48 -1.74 54.95
CA PRO A 786 9.31 -2.39 55.57
C PRO A 786 8.05 -1.57 55.38
N HIS A 787 6.95 -2.26 55.04
CA HIS A 787 5.69 -1.59 54.74
C HIS A 787 4.94 -1.19 56.00
N THR A 788 5.46 -1.53 57.19
CA THR A 788 4.78 -1.27 58.44
C THR A 788 4.68 0.22 58.74
N GLY A 789 5.56 1.03 58.18
CA GLY A 789 5.46 2.46 58.31
C GLY A 789 5.82 3.11 59.62
N ARG A 790 6.31 4.34 59.49
CA ARG A 790 6.56 5.28 60.57
C ARG A 790 5.50 6.35 60.63
N CYS A 791 5.26 7.03 59.52
CA CYS A 791 4.11 7.92 59.35
C CYS A 791 3.46 7.51 58.03
N ASP A 792 2.63 6.47 58.10
CA ASP A 792 2.02 5.84 56.93
C ASP A 792 0.51 6.01 56.93
N LEU A 793 -0.07 6.15 55.75
CA LEU A 793 -1.51 6.27 55.59
C LEU A 793 -1.93 5.79 54.21
N SER A 810 -19.77 22.99 67.99
CA SER A 810 -20.52 21.77 67.80
C SER A 810 -20.10 20.75 68.85
N PHE A 811 -18.88 20.24 68.72
CA PHE A 811 -18.26 19.56 69.86
C PHE A 811 -18.01 20.54 71.00
N ALA A 812 -17.62 21.77 70.66
CA ALA A 812 -17.29 22.80 71.64
C ALA A 812 -18.13 24.06 71.47
N GLY A 813 -19.32 23.95 70.88
CA GLY A 813 -20.17 25.11 70.73
C GLY A 813 -20.68 25.64 72.05
N VAL A 814 -21.08 24.74 72.96
CA VAL A 814 -21.47 25.14 74.29
C VAL A 814 -20.24 25.47 75.14
N PHE A 815 -19.07 24.96 74.76
CA PHE A 815 -17.87 25.16 75.55
C PHE A 815 -17.38 26.60 75.47
N CYS A 816 -17.33 27.15 74.25
CA CYS A 816 -16.83 28.51 74.10
C CYS A 816 -17.78 29.52 74.72
N ILE A 817 -19.09 29.23 74.70
CA ILE A 817 -20.06 30.17 75.23
C ILE A 817 -20.18 30.02 76.74
N LEU A 818 -19.67 28.90 77.30
CA LEU A 818 -19.87 28.60 78.71
C LEU A 818 -19.10 29.57 79.59
N ALA A 819 -17.81 29.78 79.29
CA ALA A 819 -17.02 30.68 80.10
C ALA A 819 -17.48 32.11 79.97
N ILE A 820 -18.02 32.47 78.79
CA ILE A 820 -18.69 33.76 78.60
C ILE A 820 -19.88 33.90 79.54
N GLY A 821 -20.65 32.82 79.68
CA GLY A 821 -21.76 32.87 80.61
C GLY A 821 -21.34 32.88 82.06
N LEU A 822 -20.23 32.24 82.39
CA LEU A 822 -19.74 32.30 83.77
C LEU A 822 -19.13 33.68 84.09
N LEU A 823 -18.54 34.34 83.09
CA LEU A 823 -18.20 35.75 83.23
C LEU A 823 -19.42 36.62 83.45
N LEU A 824 -20.51 36.33 82.74
CA LEU A 824 -21.73 37.09 82.98
C LEU A 824 -22.35 36.73 84.32
N ALA A 825 -22.08 35.51 84.80
CA ALA A 825 -22.53 35.06 86.11
C ALA A 825 -21.84 35.82 87.22
N CYS A 826 -20.56 36.16 87.04
CA CYS A 826 -19.82 36.77 88.13
C CYS A 826 -20.17 38.25 88.33
N LEU A 827 -20.76 38.91 87.32
CA LEU A 827 -21.07 40.33 87.45
C LEU A 827 -22.22 40.53 88.43
N VAL A 828 -23.11 39.55 88.50
CA VAL A 828 -24.29 39.63 89.37
C VAL A 828 -23.84 39.57 90.81
N ALA A 829 -22.99 38.58 91.14
CA ALA A 829 -22.50 38.44 92.50
C ALA A 829 -21.54 39.57 92.84
N ALA A 830 -20.91 40.18 91.82
CA ALA A 830 -20.08 41.36 92.07
C ALA A 830 -20.93 42.54 92.50
N LEU A 831 -22.09 42.72 91.87
CA LEU A 831 -23.04 43.74 92.34
C LEU A 831 -23.66 43.35 93.68
N GLU A 832 -23.73 42.05 93.99
CA GLU A 832 -24.22 41.67 95.31
C GLU A 832 -23.17 41.88 96.39
N LEU A 833 -21.89 41.81 96.03
CA LEU A 833 -20.84 42.21 96.97
C LEU A 833 -20.77 43.73 97.10
N TRP A 834 -21.07 44.47 96.02
CA TRP A 834 -21.34 45.90 96.12
C TRP A 834 -22.51 46.21 97.07
N TRP A 835 -23.50 45.33 97.14
CA TRP A 835 -24.53 45.44 98.15
C TRP A 835 -24.08 44.98 99.54
N ASN A 836 -23.18 43.99 99.61
CA ASN A 836 -22.64 43.57 100.89
C ASN A 836 -21.65 44.58 101.46
N SER A 837 -21.12 45.47 100.64
CA SER A 837 -20.32 46.59 101.12
C SER A 837 -21.17 47.79 101.51
N ASN A 838 -22.09 48.18 100.63
CA ASN A 838 -22.96 49.31 100.89
C ASN A 838 -24.27 48.85 101.52
N SER B 2 62.90 -36.34 -37.16
CA SER B 2 62.26 -35.03 -36.98
C SER B 2 60.78 -35.18 -36.65
N ILE B 3 60.36 -34.61 -35.53
CA ILE B 3 58.96 -34.66 -35.12
C ILE B 3 58.62 -33.39 -34.33
N ILE B 4 57.52 -32.75 -34.72
CA ILE B 4 56.88 -31.72 -33.91
C ILE B 4 55.52 -32.29 -33.52
N HIS B 5 55.34 -32.58 -32.23
CA HIS B 5 54.20 -33.37 -31.81
C HIS B 5 53.43 -32.62 -30.74
N ILE B 6 52.10 -32.57 -30.89
CA ILE B 6 51.20 -32.23 -29.80
C ILE B 6 50.42 -33.50 -29.42
N GLY B 7 50.25 -33.72 -28.13
CA GLY B 7 49.80 -35.00 -27.62
C GLY B 7 48.49 -34.89 -26.86
N ALA B 8 47.72 -35.98 -26.88
CA ALA B 8 46.38 -35.99 -26.27
C ALA B 8 45.97 -37.43 -26.01
N ILE B 9 45.92 -37.83 -24.74
CA ILE B 9 45.38 -39.12 -24.34
C ILE B 9 43.98 -38.84 -23.78
N PHE B 10 42.96 -39.03 -24.61
CA PHE B 10 41.61 -38.62 -24.23
C PHE B 10 41.00 -39.56 -23.21
N GLU B 11 40.08 -39.02 -22.43
CA GLU B 11 39.12 -39.78 -21.64
C GLU B 11 37.72 -39.35 -22.07
N GLU B 12 36.70 -39.82 -21.35
CA GLU B 12 35.33 -39.46 -21.68
C GLU B 12 35.03 -38.05 -21.16
N ASN B 13 34.45 -37.20 -22.01
CA ASN B 13 34.02 -37.52 -23.37
C ASN B 13 35.10 -37.16 -24.38
N ALA B 14 35.59 -38.18 -25.08
CA ALA B 14 36.60 -37.98 -26.11
C ALA B 14 36.07 -37.17 -27.28
N ALA B 15 34.77 -37.27 -27.58
CA ALA B 15 34.18 -36.41 -28.60
C ALA B 15 34.17 -34.95 -28.15
N LYS B 16 33.83 -34.70 -26.88
CA LYS B 16 33.99 -33.38 -26.31
C LYS B 16 35.45 -32.96 -26.23
N ASP B 17 36.36 -33.91 -26.07
CA ASP B 17 37.77 -33.56 -26.05
C ASP B 17 38.29 -33.25 -27.44
N ASP B 18 37.74 -33.89 -28.47
CA ASP B 18 38.10 -33.62 -29.85
C ASP B 18 37.21 -32.54 -30.47
N ARG B 19 36.38 -31.90 -29.65
CA ARG B 19 35.48 -30.87 -30.14
C ARG B 19 36.24 -29.61 -30.52
N VAL B 20 37.04 -29.09 -29.60
CA VAL B 20 37.69 -27.79 -29.77
C VAL B 20 39.21 -27.94 -29.94
N PHE B 21 39.79 -29.08 -29.56
CA PHE B 21 41.24 -29.28 -29.63
C PHE B 21 41.74 -29.30 -31.07
N GLN B 22 41.01 -29.94 -31.98
CA GLN B 22 41.43 -29.98 -33.37
C GLN B 22 41.01 -28.74 -34.17
N LEU B 23 40.31 -27.79 -33.56
CA LEU B 23 39.97 -26.55 -34.27
C LEU B 23 41.21 -25.74 -34.59
N ALA B 24 42.12 -25.61 -33.63
CA ALA B 24 43.40 -24.96 -33.87
C ALA B 24 44.29 -25.80 -34.79
N VAL B 25 44.13 -27.13 -34.77
CA VAL B 25 44.84 -27.97 -35.73
C VAL B 25 44.33 -27.71 -37.14
N SER B 26 43.03 -27.53 -37.30
CA SER B 26 42.49 -27.17 -38.61
C SER B 26 42.81 -25.71 -38.95
N ASP B 27 42.50 -24.80 -38.04
CA ASP B 27 42.67 -23.38 -38.34
C ASP B 27 44.10 -22.90 -38.09
N LEU B 28 44.52 -22.92 -36.82
CA LEU B 28 45.67 -22.12 -36.41
C LEU B 28 47.01 -22.77 -36.73
N SER B 29 47.03 -24.10 -36.92
CA SER B 29 48.27 -24.76 -37.34
C SER B 29 48.63 -24.41 -38.79
N LEU B 30 47.68 -23.91 -39.56
CA LEU B 30 47.89 -23.58 -40.96
C LEU B 30 47.82 -22.08 -41.25
N ASN B 31 47.27 -21.29 -40.32
CA ASN B 31 47.35 -19.84 -40.47
C ASN B 31 48.79 -19.35 -40.42
N ASP B 32 49.59 -19.92 -39.53
CA ASP B 32 50.98 -19.53 -39.41
C ASP B 32 51.81 -20.28 -40.45
N ASP B 33 52.64 -19.55 -41.18
CA ASP B 33 53.50 -20.16 -42.19
C ASP B 33 54.71 -20.86 -41.59
N ILE B 34 55.00 -20.63 -40.31
CA ILE B 34 56.13 -21.30 -39.67
C ILE B 34 55.83 -22.79 -39.48
N LEU B 35 54.59 -23.11 -39.09
CA LEU B 35 54.22 -24.48 -38.72
C LEU B 35 53.42 -25.17 -39.83
N GLN B 36 53.82 -25.00 -41.08
CA GLN B 36 53.36 -25.82 -42.19
C GLN B 36 54.50 -26.61 -42.80
N SER B 37 55.71 -26.06 -42.80
CA SER B 37 56.91 -26.82 -43.12
C SER B 37 57.49 -27.44 -41.86
N GLU B 38 57.05 -26.94 -40.71
CA GLU B 38 57.27 -27.53 -39.40
C GLU B 38 55.92 -27.97 -38.84
N LYS B 39 55.12 -28.58 -39.71
CA LYS B 39 53.74 -28.95 -39.41
C LYS B 39 53.67 -30.01 -38.30
N ILE B 40 52.73 -29.83 -37.39
CA ILE B 40 52.60 -30.70 -36.23
C ILE B 40 52.11 -32.08 -36.63
N THR B 41 53.04 -33.03 -36.70
CA THR B 41 52.69 -34.44 -36.84
C THR B 41 52.28 -34.96 -35.46
N TYR B 42 51.07 -35.47 -35.35
CA TYR B 42 50.50 -35.74 -34.03
C TYR B 42 49.65 -36.99 -34.08
N SER B 43 49.33 -37.49 -32.89
CA SER B 43 48.39 -38.58 -32.72
C SER B 43 47.65 -38.36 -31.42
N ILE B 44 46.37 -38.71 -31.40
CA ILE B 44 45.50 -38.50 -30.25
C ILE B 44 45.04 -39.85 -29.73
N LYS B 45 45.47 -40.20 -28.52
CA LYS B 45 45.03 -41.42 -27.87
C LYS B 45 43.71 -41.19 -27.14
N VAL B 46 42.98 -42.28 -26.92
CA VAL B 46 41.77 -42.28 -26.09
C VAL B 46 41.86 -43.45 -25.11
N ILE B 47 41.71 -43.16 -23.83
CA ILE B 47 41.54 -44.19 -22.80
C ILE B 47 40.21 -43.95 -22.11
N GLU B 48 39.82 -44.86 -21.20
CA GLU B 48 38.59 -44.64 -20.48
C GLU B 48 38.83 -43.66 -19.32
N ALA B 49 37.76 -43.34 -18.61
CA ALA B 49 37.84 -42.40 -17.50
C ALA B 49 38.57 -43.01 -16.31
N ASN B 50 39.36 -42.17 -15.63
CA ASN B 50 39.82 -42.39 -14.26
C ASN B 50 40.80 -43.56 -14.16
N ASN B 51 41.77 -43.59 -15.06
CA ASN B 51 42.84 -44.58 -15.04
C ASN B 51 44.13 -43.90 -15.50
N PRO B 52 44.97 -43.43 -14.57
CA PRO B 52 46.24 -42.84 -14.97
C PRO B 52 47.24 -43.84 -15.52
N PHE B 53 47.22 -45.09 -15.05
CA PHE B 53 48.10 -46.11 -15.63
C PHE B 53 47.71 -46.45 -17.06
N GLN B 54 46.45 -46.30 -17.41
CA GLN B 54 46.10 -46.52 -18.81
C GLN B 54 46.48 -45.32 -19.66
N ALA B 55 46.70 -44.16 -19.03
CA ALA B 55 47.40 -43.08 -19.73
C ALA B 55 48.89 -43.32 -19.77
N VAL B 56 49.45 -44.06 -18.81
CA VAL B 56 50.86 -44.42 -18.84
C VAL B 56 51.14 -45.34 -20.02
N GLN B 57 50.20 -46.25 -20.30
CA GLN B 57 50.34 -47.19 -21.42
C GLN B 57 50.15 -46.52 -22.80
N GLU B 58 50.01 -45.19 -22.88
CA GLU B 58 49.95 -44.49 -24.15
C GLU B 58 51.00 -43.38 -24.14
N ALA B 59 51.29 -42.82 -22.96
CA ALA B 59 52.31 -41.80 -22.86
C ALA B 59 53.71 -42.37 -22.96
N CYS B 60 53.89 -43.65 -22.61
CA CYS B 60 55.15 -44.30 -22.91
C CYS B 60 55.33 -44.50 -24.40
N ASP B 61 54.23 -44.78 -25.12
CA ASP B 61 54.27 -44.72 -26.58
C ASP B 61 54.54 -43.31 -27.10
N LEU B 62 54.04 -42.29 -26.39
CA LEU B 62 54.35 -40.91 -26.76
C LEU B 62 55.82 -40.58 -26.58
N MET B 63 56.47 -41.13 -25.57
CA MET B 63 57.91 -40.93 -25.45
C MET B 63 58.71 -41.92 -26.29
N THR B 64 58.08 -43.02 -26.73
CA THR B 64 58.65 -43.83 -27.79
C THR B 64 58.67 -43.04 -29.10
N GLN B 65 57.65 -42.21 -29.30
CA GLN B 65 57.67 -41.27 -30.40
C GLN B 65 58.60 -40.10 -30.08
N GLY B 66 58.48 -39.56 -28.88
CA GLY B 66 59.01 -38.25 -28.59
C GLY B 66 58.01 -37.17 -28.93
N ILE B 67 57.60 -36.38 -27.94
CA ILE B 67 56.51 -35.43 -28.09
C ILE B 67 56.97 -34.05 -27.65
N LEU B 68 56.50 -33.02 -28.34
CA LEU B 68 56.84 -31.64 -28.02
C LEU B 68 55.72 -30.88 -27.32
N ALA B 69 54.62 -31.56 -26.99
CA ALA B 69 53.57 -30.94 -26.18
C ALA B 69 52.82 -32.02 -25.42
N LEU B 70 52.25 -31.62 -24.27
CA LEU B 70 51.38 -32.52 -23.51
C LEU B 70 50.34 -31.64 -22.80
N VAL B 71 49.18 -31.49 -23.43
CA VAL B 71 48.10 -30.64 -22.94
C VAL B 71 46.91 -31.54 -22.65
N THR B 72 46.51 -31.62 -21.39
CA THR B 72 45.39 -32.43 -20.96
C THR B 72 44.30 -31.60 -20.31
N SER B 73 43.06 -32.07 -20.45
CA SER B 73 41.95 -31.56 -19.64
C SER B 73 41.17 -32.78 -19.16
N THR B 74 41.64 -33.38 -18.08
CA THR B 74 41.01 -34.58 -17.57
C THR B 74 40.62 -34.43 -16.11
N GLY B 75 40.24 -35.56 -15.50
CA GLY B 75 40.13 -35.60 -14.06
C GLY B 75 41.47 -35.41 -13.39
N CYS B 76 41.43 -34.86 -12.17
CA CYS B 76 42.60 -34.81 -11.32
C CYS B 76 43.01 -36.20 -10.84
N ALA B 77 42.10 -37.17 -10.86
CA ALA B 77 42.38 -38.54 -10.47
C ALA B 77 43.09 -39.32 -11.55
N SER B 78 43.20 -38.77 -12.76
CA SER B 78 43.95 -39.39 -13.83
C SER B 78 45.32 -38.78 -14.03
N ALA B 79 45.77 -37.91 -13.13
CA ALA B 79 47.04 -37.20 -13.29
C ALA B 79 47.93 -37.33 -12.06
N ASN B 80 47.84 -38.46 -11.36
CA ASN B 80 48.59 -38.61 -10.12
C ASN B 80 50.07 -38.80 -10.41
N ALA B 81 50.40 -39.78 -11.25
CA ALA B 81 51.77 -39.94 -11.70
C ALA B 81 52.17 -38.92 -12.74
N LEU B 82 51.21 -38.25 -13.37
CA LEU B 82 51.53 -37.34 -14.46
C LEU B 82 52.22 -36.07 -13.98
N GLN B 83 51.71 -35.47 -12.91
CA GLN B 83 52.41 -34.37 -12.28
C GLN B 83 53.74 -34.80 -11.67
N SER B 84 53.84 -36.07 -11.27
CA SER B 84 55.08 -36.55 -10.66
C SER B 84 56.15 -36.81 -11.70
N LEU B 85 55.77 -37.35 -12.84
CA LEU B 85 56.68 -37.80 -13.87
C LEU B 85 57.02 -36.72 -14.89
N THR B 86 56.03 -35.90 -15.30
CA THR B 86 56.28 -34.91 -16.35
C THR B 86 57.22 -33.82 -15.89
N ASP B 87 57.30 -33.56 -14.59
CA ASP B 87 58.29 -32.61 -14.12
C ASP B 87 59.68 -33.23 -13.96
N ALA B 88 59.82 -34.52 -14.29
CA ALA B 88 61.09 -35.23 -14.18
C ALA B 88 61.71 -35.61 -15.52
N MET B 89 60.96 -35.46 -16.62
CA MET B 89 61.51 -35.52 -17.97
C MET B 89 61.43 -34.17 -18.67
N HIS B 90 61.28 -33.10 -17.87
CA HIS B 90 61.15 -31.70 -18.33
C HIS B 90 59.97 -31.53 -19.28
N ILE B 91 58.87 -32.19 -18.98
CA ILE B 91 57.68 -32.19 -19.83
C ILE B 91 56.66 -31.22 -19.23
N PRO B 92 56.41 -30.07 -19.84
CA PRO B 92 55.35 -29.21 -19.33
C PRO B 92 53.97 -29.78 -19.59
N HIS B 93 53.38 -30.33 -18.54
CA HIS B 93 52.08 -30.99 -18.63
C HIS B 93 51.00 -29.95 -18.39
N LEU B 94 50.43 -29.43 -19.47
CA LEU B 94 49.30 -28.51 -19.34
C LEU B 94 48.07 -29.32 -18.92
N PHE B 95 47.76 -29.32 -17.63
CA PHE B 95 46.57 -30.00 -17.15
C PHE B 95 45.45 -29.02 -16.84
N VAL B 96 44.24 -29.38 -17.23
CA VAL B 96 43.03 -28.68 -16.83
C VAL B 96 42.15 -29.66 -16.07
N GLN B 97 41.57 -29.19 -14.97
CA GLN B 97 40.74 -30.03 -14.11
C GLN B 97 39.45 -30.44 -14.83
N ARG B 98 38.80 -31.46 -14.30
CA ARG B 98 37.57 -31.97 -14.88
C ARG B 98 36.39 -31.07 -14.52
N ASN B 99 35.57 -30.74 -15.52
CA ASN B 99 34.24 -30.17 -15.33
C ASN B 99 33.20 -31.23 -15.69
N PRO B 100 32.74 -32.03 -14.73
CA PRO B 100 31.84 -33.16 -15.06
C PRO B 100 30.40 -32.75 -15.38
N GLY B 101 30.18 -32.39 -16.64
CA GLY B 101 28.83 -32.10 -17.09
C GLY B 101 28.34 -30.71 -16.81
N GLY B 102 29.21 -29.69 -16.96
CA GLY B 102 28.82 -28.34 -16.64
C GLY B 102 28.66 -28.08 -15.16
N SER B 103 29.28 -28.91 -14.33
CA SER B 103 29.21 -28.78 -12.88
C SER B 103 30.12 -27.66 -12.41
N PRO B 104 29.92 -27.15 -11.19
CA PRO B 104 30.88 -26.21 -10.61
C PRO B 104 32.22 -26.86 -10.35
N ARG B 105 33.19 -26.01 -10.03
CA ARG B 105 34.60 -26.40 -10.05
C ARG B 105 35.17 -26.35 -8.65
N THR B 106 35.74 -27.48 -8.23
CA THR B 106 36.48 -27.63 -6.98
C THR B 106 37.97 -27.47 -7.23
N ALA B 107 38.73 -27.47 -6.15
CA ALA B 107 40.18 -27.29 -6.25
C ALA B 107 40.89 -28.63 -6.28
N CYS B 108 42.03 -28.65 -6.95
CA CYS B 108 42.96 -29.77 -6.92
C CYS B 108 44.30 -29.30 -6.38
N HIS B 109 44.96 -30.16 -5.63
CA HIS B 109 46.06 -29.75 -4.77
C HIS B 109 47.39 -30.18 -5.37
N LEU B 110 48.46 -29.97 -4.60
CA LEU B 110 49.79 -30.44 -4.93
C LEU B 110 50.28 -31.34 -3.80
N ASN B 111 50.54 -32.60 -4.13
CA ASN B 111 51.18 -33.51 -3.19
C ASN B 111 52.61 -33.04 -2.91
N PRO B 112 53.17 -33.35 -1.73
CA PRO B 112 54.49 -32.81 -1.39
C PRO B 112 55.61 -33.37 -2.25
N SER B 113 56.51 -32.48 -2.66
CA SER B 113 57.53 -32.75 -3.65
C SER B 113 58.75 -31.91 -3.32
N PRO B 114 59.94 -32.33 -3.73
CA PRO B 114 61.13 -31.48 -3.57
C PRO B 114 61.05 -30.23 -4.43
N ASP B 115 61.95 -29.30 -4.13
CA ASP B 115 61.86 -27.97 -4.69
C ASP B 115 62.64 -27.90 -6.01
N GLY B 116 62.39 -26.83 -6.76
CA GLY B 116 63.05 -26.66 -8.04
C GLY B 116 62.46 -27.52 -9.12
N GLU B 117 61.23 -27.98 -8.94
CA GLU B 117 60.62 -29.02 -9.75
C GLU B 117 59.26 -28.50 -10.19
N ALA B 118 59.19 -27.94 -11.40
CA ALA B 118 57.93 -27.39 -11.89
C ALA B 118 57.93 -27.37 -13.42
N TYR B 119 57.16 -28.27 -14.03
CA TYR B 119 56.85 -28.21 -15.44
C TYR B 119 55.35 -28.34 -15.71
N THR B 120 54.65 -29.20 -14.96
CA THR B 120 53.23 -29.49 -15.17
C THR B 120 52.36 -28.25 -15.02
N LEU B 121 51.75 -27.81 -16.13
CA LEU B 121 51.10 -26.52 -16.23
C LEU B 121 49.60 -26.61 -15.97
N ALA B 122 49.04 -25.47 -15.55
CA ALA B 122 47.59 -25.34 -15.37
C ALA B 122 47.19 -24.00 -15.96
N SER B 123 46.41 -24.03 -17.03
CA SER B 123 45.90 -22.81 -17.66
C SER B 123 44.63 -22.30 -17.00
N ARG B 124 44.19 -22.91 -15.91
CA ARG B 124 42.91 -22.64 -15.27
C ARG B 124 43.11 -21.70 -14.08
N PRO B 125 42.26 -20.70 -13.91
CA PRO B 125 42.27 -19.90 -12.68
C PRO B 125 41.76 -20.71 -11.50
N PRO B 126 42.10 -20.32 -10.27
CA PRO B 126 41.61 -21.07 -9.09
C PRO B 126 40.15 -20.82 -8.78
N VAL B 127 39.70 -21.35 -7.65
CA VAL B 127 38.37 -21.02 -7.15
C VAL B 127 38.48 -19.64 -6.50
N ARG B 128 38.16 -18.62 -7.28
CA ARG B 128 38.43 -17.23 -6.93
C ARG B 128 37.24 -16.57 -6.23
N LEU B 129 36.23 -17.34 -5.87
CA LEU B 129 35.00 -16.79 -5.33
C LEU B 129 34.81 -17.08 -3.85
N ASN B 130 35.76 -17.76 -3.20
CA ASN B 130 35.67 -17.99 -1.77
C ASN B 130 35.74 -16.69 -0.99
N ASP B 131 36.65 -15.81 -1.37
CA ASP B 131 36.72 -14.48 -0.78
C ASP B 131 35.55 -13.62 -1.23
N VAL B 132 35.07 -13.84 -2.46
CA VAL B 132 33.85 -13.20 -2.91
C VAL B 132 32.66 -13.63 -2.05
N MET B 133 32.61 -14.91 -1.69
CA MET B 133 31.60 -15.36 -0.75
C MET B 133 31.80 -14.79 0.65
N LEU B 134 33.07 -14.59 1.06
CA LEU B 134 33.37 -13.92 2.32
C LEU B 134 32.85 -12.50 2.34
N ARG B 135 32.88 -11.84 1.19
CA ARG B 135 32.22 -10.55 1.07
C ARG B 135 30.71 -10.73 1.11
N LEU B 136 30.18 -11.61 0.27
CA LEU B 136 28.79 -11.55 -0.15
C LEU B 136 27.82 -12.08 0.89
N VAL B 137 28.27 -12.98 1.78
CA VAL B 137 27.38 -13.42 2.87
C VAL B 137 27.20 -12.36 3.95
N THR B 138 27.97 -11.29 3.89
CA THR B 138 27.73 -10.11 4.72
C THR B 138 27.29 -8.90 3.92
N GLU B 139 27.60 -8.85 2.63
CA GLU B 139 27.03 -7.84 1.74
C GLU B 139 25.55 -8.11 1.48
N LEU B 140 25.12 -9.36 1.57
CA LEU B 140 23.71 -9.67 1.65
C LEU B 140 23.22 -9.71 3.08
N ARG B 141 24.13 -9.51 4.04
CA ARG B 141 23.85 -9.34 5.46
C ARG B 141 23.23 -10.62 6.04
N TRP B 142 23.86 -11.75 5.71
CA TRP B 142 23.34 -13.03 6.15
C TRP B 142 24.01 -13.46 7.44
N GLN B 143 23.22 -14.05 8.31
CA GLN B 143 23.67 -14.62 9.57
C GLN B 143 23.66 -16.15 9.51
N LYS B 144 22.54 -16.72 9.06
CA LYS B 144 22.34 -18.17 9.01
C LYS B 144 21.70 -18.50 7.68
N PHE B 145 22.23 -19.52 7.00
CA PHE B 145 21.78 -19.85 5.65
C PHE B 145 22.24 -21.25 5.28
N VAL B 146 21.71 -21.75 4.17
CA VAL B 146 21.91 -23.12 3.70
C VAL B 146 22.49 -23.05 2.29
N MET B 147 23.46 -23.93 2.01
CA MET B 147 24.12 -23.99 0.73
C MET B 147 23.95 -25.39 0.14
N PHE B 148 24.17 -25.50 -1.17
CA PHE B 148 23.97 -26.77 -1.85
C PHE B 148 25.00 -26.96 -2.95
N TYR B 149 25.17 -28.23 -3.33
CA TYR B 149 26.06 -28.63 -4.41
C TYR B 149 25.58 -29.97 -4.93
N ASP B 150 25.80 -30.21 -6.22
CA ASP B 150 25.22 -31.36 -6.91
C ASP B 150 25.97 -32.66 -6.57
N SER B 151 25.63 -33.72 -7.31
CA SER B 151 26.08 -35.07 -6.97
C SER B 151 27.58 -35.26 -7.20
N GLU B 152 28.08 -34.79 -8.34
CA GLU B 152 29.45 -35.06 -8.77
C GLU B 152 30.46 -34.07 -8.22
N TYR B 153 30.16 -33.44 -7.08
CA TYR B 153 30.96 -32.36 -6.54
C TYR B 153 31.37 -32.68 -5.11
N ASP B 154 32.51 -32.14 -4.71
CA ASP B 154 33.02 -32.31 -3.34
C ASP B 154 33.44 -30.95 -2.78
N ILE B 155 33.66 -30.91 -1.47
CA ILE B 155 33.69 -29.63 -0.75
C ILE B 155 35.09 -29.05 -0.67
N ARG B 156 36.04 -29.63 -1.42
CA ARG B 156 37.45 -29.26 -1.27
C ARG B 156 37.74 -27.84 -1.75
N GLY B 157 37.13 -27.43 -2.86
CA GLY B 157 37.38 -26.09 -3.39
C GLY B 157 36.74 -24.97 -2.59
N LEU B 158 35.88 -25.29 -1.65
CA LEU B 158 35.20 -24.28 -0.86
C LEU B 158 35.77 -24.16 0.53
N GLN B 159 36.74 -25.03 0.87
CA GLN B 159 37.54 -24.92 2.09
C GLN B 159 38.10 -23.53 2.30
N SER B 160 38.47 -22.86 1.21
CA SER B 160 38.90 -21.47 1.25
C SER B 160 37.78 -20.50 1.60
N PHE B 161 36.53 -20.96 1.65
CA PHE B 161 35.46 -20.17 2.25
C PHE B 161 34.90 -20.79 3.53
N LEU B 162 35.22 -22.05 3.83
CA LEU B 162 34.55 -22.76 4.92
C LEU B 162 34.91 -22.27 6.31
N ASP B 163 35.86 -21.34 6.46
CA ASP B 163 36.42 -21.13 7.79
C ASP B 163 36.43 -19.69 8.29
N GLN B 164 36.71 -18.71 7.43
CA GLN B 164 36.89 -17.34 7.90
C GLN B 164 35.57 -16.58 8.06
N ALA B 165 34.52 -16.99 7.35
CA ALA B 165 33.21 -16.41 7.61
C ALA B 165 32.67 -16.86 8.96
N SER B 166 33.10 -18.04 9.43
CA SER B 166 32.87 -18.45 10.82
C SER B 166 33.61 -17.56 11.81
N ARG B 167 34.69 -16.91 11.37
CA ARG B 167 35.39 -15.91 12.15
C ARG B 167 34.84 -14.51 11.91
N LEU B 168 33.59 -14.41 11.47
CA LEU B 168 32.89 -13.14 11.36
C LEU B 168 31.63 -13.08 12.20
N GLY B 169 31.21 -14.19 12.81
CA GLY B 169 30.08 -14.21 13.72
C GLY B 169 28.80 -14.83 13.20
N LEU B 170 28.92 -15.93 12.44
CA LEU B 170 27.80 -16.51 11.72
C LEU B 170 27.77 -18.02 11.95
N ASP B 171 26.58 -18.61 11.79
CA ASP B 171 26.39 -20.06 11.88
C ASP B 171 25.64 -20.54 10.64
N VAL B 172 26.29 -21.39 9.85
CA VAL B 172 25.82 -21.73 8.51
C VAL B 172 25.46 -23.21 8.44
N SER B 173 24.32 -23.51 7.81
CA SER B 173 23.96 -24.88 7.46
C SER B 173 24.48 -25.22 6.06
N LEU B 174 24.89 -26.48 5.89
CA LEU B 174 25.53 -26.93 4.65
C LEU B 174 24.96 -28.28 4.26
N GLN B 175 24.39 -28.36 3.05
CA GLN B 175 23.65 -29.55 2.66
C GLN B 175 24.02 -29.99 1.25
N LYS B 176 24.29 -31.28 1.07
CA LYS B 176 24.45 -31.85 -0.25
C LYS B 176 23.07 -31.93 -0.92
N VAL B 177 23.09 -32.04 -2.25
CA VAL B 177 21.91 -32.37 -3.02
C VAL B 177 22.40 -33.13 -4.24
N ASP B 178 21.51 -33.81 -4.94
CA ASP B 178 21.85 -34.44 -6.21
C ASP B 178 21.07 -33.80 -7.36
N LYS B 179 21.31 -34.33 -8.55
CA LYS B 179 20.65 -33.89 -9.76
C LYS B 179 19.30 -34.60 -9.88
N ASN B 180 18.45 -34.10 -10.79
CA ASN B 180 17.10 -34.63 -11.05
C ASN B 180 16.25 -34.57 -9.78
N ILE B 181 15.89 -33.33 -9.44
CA ILE B 181 15.21 -32.89 -8.22
C ILE B 181 13.89 -33.63 -7.94
N SER B 182 13.34 -34.31 -8.95
CA SER B 182 12.28 -35.29 -8.70
C SER B 182 12.73 -36.36 -7.71
N HIS B 183 14.01 -36.76 -7.78
CA HIS B 183 14.57 -37.63 -6.74
C HIS B 183 14.68 -36.91 -5.42
N VAL B 184 14.87 -35.59 -5.45
CA VAL B 184 15.03 -34.85 -4.20
C VAL B 184 13.69 -34.74 -3.50
N PHE B 185 12.66 -34.30 -4.23
CA PHE B 185 11.33 -34.22 -3.63
C PHE B 185 10.64 -35.57 -3.49
N THR B 186 11.27 -36.67 -3.92
CA THR B 186 10.70 -38.00 -3.73
C THR B 186 10.59 -38.34 -2.26
N SER B 187 11.72 -38.47 -1.57
CA SER B 187 11.70 -38.90 -0.18
C SER B 187 11.38 -37.78 0.79
N LEU B 188 11.44 -36.51 0.37
CA LEU B 188 11.15 -35.41 1.29
C LEU B 188 9.69 -35.37 1.66
N PHE B 189 8.81 -35.31 0.66
CA PHE B 189 7.38 -35.16 0.92
C PHE B 189 6.78 -36.42 1.55
N THR B 190 7.46 -37.55 1.44
CA THR B 190 7.04 -38.75 2.15
C THR B 190 7.55 -38.76 3.58
N THR B 191 8.79 -38.30 3.81
CA THR B 191 9.43 -38.47 5.10
C THR B 191 9.62 -37.19 5.91
N MET B 192 9.31 -36.01 5.37
CA MET B 192 9.38 -34.84 6.22
C MET B 192 8.16 -34.73 7.11
N LYS B 193 8.36 -34.16 8.28
CA LYS B 193 7.25 -33.58 9.02
C LYS B 193 6.94 -32.20 8.46
N THR B 194 5.73 -31.71 8.76
CA THR B 194 5.37 -30.38 8.31
C THR B 194 6.17 -29.31 9.04
N GLU B 195 6.49 -29.56 10.31
CA GLU B 195 7.45 -28.72 11.03
C GLU B 195 8.82 -28.71 10.37
N GLU B 196 9.26 -29.85 9.84
CA GLU B 196 10.52 -29.90 9.11
C GLU B 196 10.43 -29.19 7.77
N LEU B 197 9.26 -29.27 7.13
CA LEU B 197 9.03 -28.48 5.92
C LEU B 197 8.99 -26.99 6.25
N ASN B 198 8.57 -26.63 7.45
CA ASN B 198 8.62 -25.25 7.86
C ASN B 198 10.03 -24.85 8.29
N ARG B 199 10.85 -25.83 8.70
CA ARG B 199 12.26 -25.55 8.94
C ARG B 199 12.94 -25.25 7.62
N TYR B 200 12.46 -25.88 6.55
CA TYR B 200 13.16 -25.79 5.28
C TYR B 200 12.74 -24.53 4.54
N ARG B 201 11.46 -24.15 4.65
CA ARG B 201 10.86 -23.20 3.73
C ARG B 201 11.41 -21.79 3.92
N ASP B 202 11.76 -21.42 5.14
CA ASP B 202 12.28 -20.08 5.38
C ASP B 202 13.79 -20.04 5.41
N THR B 203 14.43 -21.20 5.54
CA THR B 203 15.84 -21.26 5.18
C THR B 203 16.01 -21.22 3.66
N LEU B 204 14.96 -21.53 2.90
CA LEU B 204 14.98 -21.31 1.46
C LEU B 204 15.00 -19.85 1.07
N ARG B 205 14.75 -18.93 2.00
CA ARG B 205 14.88 -17.51 1.71
C ARG B 205 16.32 -17.12 1.43
N ARG B 206 17.27 -17.92 1.89
CA ARG B 206 18.70 -17.71 1.64
C ARG B 206 19.20 -19.05 1.10
N ALA B 207 19.40 -19.12 -0.22
CA ALA B 207 19.70 -20.39 -0.88
C ALA B 207 20.90 -20.23 -1.81
N ILE B 208 21.89 -21.09 -1.64
CA ILE B 208 23.10 -21.07 -2.45
C ILE B 208 23.26 -22.43 -3.09
N LEU B 209 23.44 -22.45 -4.41
CA LEU B 209 23.37 -23.67 -5.19
C LEU B 209 24.63 -23.80 -6.04
N LEU B 210 25.29 -24.95 -5.93
CA LEU B 210 26.38 -25.30 -6.83
C LEU B 210 25.90 -26.44 -7.73
N LEU B 211 25.21 -26.09 -8.81
CA LEU B 211 24.47 -27.08 -9.57
C LEU B 211 24.84 -27.04 -11.04
N SER B 212 24.76 -28.21 -11.67
CA SER B 212 24.64 -28.27 -13.11
C SER B 212 23.30 -27.67 -13.52
N PRO B 213 23.24 -27.00 -14.68
CA PRO B 213 22.00 -26.29 -15.06
C PRO B 213 20.82 -27.20 -15.32
N GLN B 214 21.06 -28.50 -15.58
CA GLN B 214 19.96 -29.45 -15.68
C GLN B 214 19.30 -29.66 -14.33
N GLY B 215 20.10 -29.95 -13.31
CA GLY B 215 19.54 -30.07 -11.97
C GLY B 215 19.12 -28.75 -11.39
N ALA B 216 19.74 -27.65 -11.85
CA ALA B 216 19.40 -26.34 -11.33
C ALA B 216 18.02 -25.91 -11.85
N HIS B 217 17.79 -26.08 -13.15
CA HIS B 217 16.47 -25.73 -13.64
C HIS B 217 15.44 -26.77 -13.26
N SER B 218 15.86 -28.02 -13.00
CA SER B 218 14.95 -28.98 -12.40
C SER B 218 14.53 -28.56 -11.01
N PHE B 219 15.42 -27.86 -10.28
CA PHE B 219 15.06 -27.37 -8.96
C PHE B 219 14.11 -26.19 -9.06
N ILE B 220 14.39 -25.24 -9.96
CA ILE B 220 13.58 -24.03 -9.99
C ILE B 220 12.24 -24.32 -10.64
N ASN B 221 12.15 -25.35 -11.47
CA ASN B 221 10.86 -25.76 -12.00
C ASN B 221 10.09 -26.54 -10.94
N GLU B 222 10.71 -27.58 -10.36
CA GLU B 222 10.03 -28.50 -9.46
C GLU B 222 9.60 -27.83 -8.15
N ALA B 223 10.34 -26.82 -7.68
CA ALA B 223 9.93 -26.10 -6.47
C ALA B 223 8.67 -25.27 -6.70
N VAL B 224 8.56 -24.61 -7.85
CA VAL B 224 7.36 -23.86 -8.17
C VAL B 224 6.22 -24.80 -8.59
N GLU B 225 6.54 -25.98 -9.13
CA GLU B 225 5.53 -27.01 -9.35
C GLU B 225 4.96 -27.52 -8.04
N THR B 226 5.72 -27.44 -6.96
CA THR B 226 5.22 -27.64 -5.61
C THR B 226 4.88 -26.33 -4.94
N ASN B 227 5.15 -25.19 -5.61
CA ASN B 227 4.80 -23.83 -5.18
C ASN B 227 5.44 -23.49 -3.83
N LEU B 228 6.62 -24.05 -3.58
CA LEU B 228 7.38 -23.74 -2.39
C LEU B 228 8.14 -22.43 -2.52
N ALA B 229 8.21 -21.86 -3.72
CA ALA B 229 8.95 -20.64 -3.97
C ALA B 229 8.02 -19.42 -3.99
N SER B 230 8.52 -18.32 -3.46
CA SER B 230 7.78 -17.07 -3.36
C SER B 230 8.65 -15.93 -3.88
N LYS B 231 8.25 -14.69 -3.61
CA LYS B 231 8.99 -13.54 -4.10
C LYS B 231 10.10 -13.09 -3.15
N ASP B 232 9.95 -13.33 -1.85
CA ASP B 232 11.02 -12.98 -0.93
C ASP B 232 12.18 -13.99 -0.98
N SER B 233 12.00 -15.10 -1.69
CA SER B 233 13.04 -16.11 -1.82
C SER B 233 14.20 -15.59 -2.67
N HIS B 234 15.41 -16.05 -2.34
CA HIS B 234 16.62 -15.60 -3.02
C HIS B 234 17.41 -16.81 -3.51
N TRP B 235 17.53 -16.94 -4.83
CA TRP B 235 18.44 -17.89 -5.45
C TRP B 235 19.81 -17.26 -5.59
N VAL B 236 20.84 -17.94 -5.08
CA VAL B 236 22.22 -17.52 -5.30
C VAL B 236 22.92 -18.67 -6.00
N PHE B 237 23.11 -18.54 -7.31
CA PHE B 237 23.63 -19.63 -8.12
C PHE B 237 25.15 -19.51 -8.21
N VAL B 238 25.84 -20.64 -8.04
CA VAL B 238 27.29 -20.70 -8.06
C VAL B 238 27.71 -21.77 -9.05
N ASN B 239 28.05 -21.35 -10.27
CA ASN B 239 28.76 -22.10 -11.30
C ASN B 239 29.21 -21.09 -12.35
N GLU B 240 30.41 -21.32 -12.90
CA GLU B 240 31.04 -20.32 -13.76
C GLU B 240 30.34 -20.20 -15.11
N GLU B 241 29.79 -21.31 -15.61
CA GLU B 241 29.21 -21.35 -16.94
C GLU B 241 27.70 -21.18 -16.89
N ILE B 242 27.19 -20.11 -17.50
CA ILE B 242 25.76 -19.91 -17.66
C ILE B 242 25.57 -19.05 -18.90
N SER B 243 24.42 -19.20 -19.55
CA SER B 243 24.11 -18.46 -20.77
C SER B 243 22.81 -17.68 -20.58
N ASP B 244 22.71 -16.56 -21.32
CA ASP B 244 21.59 -15.64 -21.14
C ASP B 244 20.20 -16.22 -21.43
N PRO B 245 20.00 -17.10 -22.43
CA PRO B 245 18.72 -17.83 -22.44
C PRO B 245 18.58 -18.77 -21.27
N GLU B 246 19.63 -19.48 -20.90
CA GLU B 246 19.49 -20.37 -19.76
C GLU B 246 19.59 -19.63 -18.44
N ILE B 247 20.01 -18.35 -18.43
CA ILE B 247 19.69 -17.47 -17.32
C ILE B 247 18.19 -17.22 -17.24
N LEU B 248 17.58 -16.86 -18.39
CA LEU B 248 16.20 -16.46 -18.34
C LEU B 248 15.25 -17.63 -18.17
N ASP B 249 15.71 -18.86 -18.46
CA ASP B 249 14.92 -20.05 -18.13
C ASP B 249 14.80 -20.21 -16.62
N LEU B 250 15.88 -19.86 -15.91
CA LEU B 250 15.87 -19.97 -14.45
C LEU B 250 15.02 -18.86 -13.88
N VAL B 251 15.25 -17.62 -14.33
CA VAL B 251 14.62 -16.48 -13.66
C VAL B 251 13.14 -16.43 -14.02
N HIS B 252 12.73 -17.03 -15.14
CA HIS B 252 11.32 -17.16 -15.46
C HIS B 252 10.70 -18.38 -14.80
N SER B 253 11.52 -19.38 -14.46
CA SER B 253 11.05 -20.37 -13.50
C SER B 253 11.10 -19.85 -12.07
N ALA B 254 11.83 -18.77 -11.82
CA ALA B 254 11.96 -18.20 -10.49
C ALA B 254 10.84 -17.20 -10.21
N LEU B 255 10.48 -17.10 -8.93
CA LEU B 255 9.48 -16.15 -8.49
C LEU B 255 10.06 -15.03 -7.64
N GLY B 256 11.30 -15.16 -7.17
CA GLY B 256 11.91 -14.25 -6.24
C GLY B 256 13.28 -13.78 -6.68
N ARG B 257 14.12 -13.53 -5.67
CA ARG B 257 15.39 -12.83 -5.86
C ARG B 257 16.43 -13.76 -6.49
N MET B 258 17.28 -13.18 -7.31
CA MET B 258 18.31 -13.90 -8.04
C MET B 258 19.69 -13.38 -7.70
N THR B 259 20.69 -14.25 -7.88
CA THR B 259 22.09 -13.84 -7.89
C THR B 259 22.82 -14.77 -8.84
N VAL B 260 23.25 -14.23 -9.98
CA VAL B 260 23.90 -15.00 -11.03
C VAL B 260 25.36 -14.59 -11.07
N VAL B 261 26.25 -15.59 -11.04
CA VAL B 261 27.70 -15.37 -11.11
C VAL B 261 28.21 -16.06 -12.36
N ARG B 262 28.80 -15.28 -13.27
CA ARG B 262 29.39 -15.85 -14.47
C ARG B 262 30.57 -14.99 -14.89
N GLN B 263 31.17 -15.34 -16.03
CA GLN B 263 32.38 -14.72 -16.50
C GLN B 263 32.13 -14.03 -17.83
N ILE B 264 32.73 -12.85 -18.02
CA ILE B 264 32.79 -12.20 -19.32
C ILE B 264 34.25 -12.04 -19.72
N PHE B 265 34.46 -11.83 -21.03
CA PHE B 265 35.78 -11.69 -21.61
C PHE B 265 35.71 -10.67 -22.74
N PRO B 266 36.84 -10.06 -23.10
CA PRO B 266 36.87 -9.25 -24.33
C PRO B 266 36.65 -10.12 -25.57
N SER B 267 35.73 -9.68 -26.43
CA SER B 267 35.26 -10.47 -27.56
C SER B 267 36.33 -10.51 -28.66
N ALA B 268 36.04 -11.27 -29.71
CA ALA B 268 36.99 -11.48 -30.79
C ALA B 268 36.30 -11.42 -32.15
N LYS B 269 35.45 -10.42 -32.36
CA LYS B 269 34.82 -10.20 -33.65
C LYS B 269 35.59 -9.21 -34.50
N ASP B 270 36.73 -8.72 -34.00
CA ASP B 270 37.62 -7.86 -34.74
C ASP B 270 39.02 -8.47 -34.69
N ASN B 271 39.85 -8.11 -35.66
CA ASN B 271 41.09 -8.84 -35.93
C ASN B 271 42.26 -8.11 -35.27
N GLN B 272 42.35 -8.25 -33.96
CA GLN B 272 43.52 -7.85 -33.20
C GLN B 272 44.16 -9.00 -32.43
N LYS B 273 43.38 -10.02 -32.06
CA LYS B 273 43.90 -11.26 -31.54
C LYS B 273 44.25 -12.25 -32.63
N CYS B 274 44.01 -11.89 -33.90
CA CYS B 274 44.30 -12.72 -35.06
C CYS B 274 45.68 -12.46 -35.65
N MET B 275 46.66 -12.05 -34.84
CA MET B 275 48.01 -11.81 -35.33
C MET B 275 49.02 -12.58 -34.49
N ARG B 276 49.62 -13.60 -35.09
CA ARG B 276 50.65 -14.42 -34.46
C ARG B 276 51.88 -14.45 -35.36
N ASN B 277 52.89 -13.64 -35.00
CA ASN B 277 54.16 -13.48 -35.75
C ASN B 277 53.93 -13.04 -37.19
N ASN B 278 53.11 -11.99 -37.35
CA ASN B 278 52.78 -11.35 -38.63
C ASN B 278 52.21 -12.34 -39.64
N HIS B 279 51.45 -13.32 -39.15
CA HIS B 279 50.75 -14.27 -40.00
C HIS B 279 49.27 -13.94 -39.95
N ARG B 280 48.69 -13.59 -41.11
CA ARG B 280 47.31 -13.14 -41.19
C ARG B 280 46.37 -14.31 -40.94
N ILE B 281 45.71 -14.30 -39.79
CA ILE B 281 44.77 -15.34 -39.41
C ILE B 281 43.38 -14.92 -39.86
N SER B 282 42.63 -15.87 -40.44
CA SER B 282 41.20 -15.73 -40.68
C SER B 282 40.57 -17.04 -40.24
N SER B 283 39.93 -17.06 -39.07
CA SER B 283 39.53 -18.33 -38.49
C SER B 283 38.34 -18.12 -37.55
N LEU B 284 38.07 -19.12 -36.71
CA LEU B 284 37.02 -19.02 -35.69
C LEU B 284 37.37 -17.99 -34.63
N LEU B 285 38.65 -17.81 -34.33
CA LEU B 285 39.07 -16.70 -33.47
C LEU B 285 38.80 -15.36 -34.13
N CYS B 286 38.87 -15.31 -35.46
CA CYS B 286 38.53 -14.10 -36.18
C CYS B 286 37.03 -13.97 -36.43
N ASP B 287 36.33 -15.11 -36.56
CA ASP B 287 34.90 -15.12 -36.84
C ASP B 287 34.24 -16.22 -36.00
N PRO B 288 33.76 -15.88 -34.81
CA PRO B 288 33.17 -16.90 -33.94
C PRO B 288 31.78 -17.32 -34.40
N GLN B 289 31.47 -18.60 -34.20
CA GLN B 289 30.16 -19.13 -34.49
C GLN B 289 29.14 -18.67 -33.44
N GLU B 290 27.89 -18.52 -33.88
CA GLU B 290 26.80 -18.20 -32.98
C GLU B 290 26.02 -19.46 -32.65
N GLY B 291 25.52 -19.52 -31.42
CA GLY B 291 24.90 -20.73 -30.90
C GLY B 291 25.90 -21.82 -30.59
N TYR B 292 27.15 -21.44 -30.36
CA TYR B 292 28.25 -22.35 -30.10
C TYR B 292 29.13 -21.90 -28.95
N LEU B 293 29.02 -20.64 -28.53
CA LEU B 293 29.90 -20.07 -27.51
C LEU B 293 29.63 -20.66 -26.13
N GLN B 294 28.43 -20.45 -25.60
CA GLN B 294 28.12 -20.82 -24.23
C GLN B 294 27.33 -22.12 -24.13
N MET B 295 27.09 -22.79 -25.26
CA MET B 295 26.57 -24.15 -25.23
C MET B 295 27.64 -25.19 -24.92
N LEU B 296 28.91 -24.80 -24.88
CA LEU B 296 29.97 -25.67 -24.39
C LEU B 296 30.75 -24.94 -23.28
N GLN B 297 31.64 -25.70 -22.64
CA GLN B 297 32.32 -25.27 -21.42
C GLN B 297 33.42 -24.26 -21.68
N ILE B 298 33.88 -23.64 -20.60
CA ILE B 298 34.85 -22.55 -20.67
C ILE B 298 36.26 -23.12 -20.80
N SER B 299 36.48 -24.33 -20.27
CA SER B 299 37.77 -24.96 -20.42
C SER B 299 38.04 -25.39 -21.85
N ASN B 300 37.00 -25.49 -22.68
CA ASN B 300 37.20 -25.61 -24.13
C ASN B 300 37.81 -24.35 -24.72
N LEU B 301 37.42 -23.18 -24.21
CA LEU B 301 38.07 -21.93 -24.59
C LEU B 301 39.52 -21.90 -24.12
N TYR B 302 39.78 -22.41 -22.91
CA TYR B 302 41.18 -22.56 -22.48
C TYR B 302 41.94 -23.60 -23.31
N LEU B 303 41.24 -24.63 -23.78
CA LEU B 303 41.83 -25.63 -24.67
C LEU B 303 42.24 -25.01 -26.00
N TYR B 304 41.41 -24.12 -26.52
CA TYR B 304 41.74 -23.44 -27.76
C TYR B 304 42.80 -22.36 -27.54
N ASP B 305 42.89 -21.82 -26.32
CA ASP B 305 43.92 -20.82 -26.02
C ASP B 305 45.27 -21.43 -25.66
N SER B 306 45.32 -22.72 -25.31
CA SER B 306 46.60 -23.34 -24.94
C SER B 306 47.48 -23.59 -26.14
N VAL B 307 46.86 -23.82 -27.30
CA VAL B 307 47.64 -24.13 -28.50
C VAL B 307 48.29 -22.85 -29.03
N LEU B 308 47.75 -21.68 -28.69
CA LEU B 308 48.42 -20.43 -29.05
C LEU B 308 49.75 -20.27 -28.32
N MET B 309 49.86 -20.78 -27.09
CA MET B 309 51.15 -20.76 -26.41
C MET B 309 52.05 -21.89 -26.88
N LEU B 310 51.44 -22.98 -27.35
CA LEU B 310 52.23 -24.07 -27.93
C LEU B 310 52.91 -23.60 -29.22
N ALA B 311 52.11 -23.00 -30.10
CA ALA B 311 52.60 -22.59 -31.42
C ALA B 311 53.52 -21.38 -31.29
N ASN B 312 53.26 -20.48 -30.34
CA ASN B 312 54.16 -19.34 -30.20
C ASN B 312 55.46 -19.71 -29.50
N ALA B 313 55.48 -20.79 -28.71
CA ALA B 313 56.79 -21.22 -28.22
C ALA B 313 57.54 -22.02 -29.27
N PHE B 314 56.81 -22.69 -30.18
CA PHE B 314 57.48 -23.32 -31.32
C PHE B 314 58.02 -22.26 -32.27
N HIS B 315 57.34 -21.11 -32.33
CA HIS B 315 57.82 -20.02 -33.16
C HIS B 315 59.06 -19.39 -32.56
N ARG B 316 59.08 -19.19 -31.23
CA ARG B 316 60.21 -18.50 -30.63
C ARG B 316 61.45 -19.39 -30.66
N LYS B 317 61.26 -20.70 -30.53
CA LYS B 317 62.38 -21.61 -30.62
C LYS B 317 62.89 -21.73 -32.06
N LEU B 318 62.01 -21.56 -33.04
CA LEU B 318 62.51 -21.61 -34.42
C LEU B 318 63.14 -20.29 -34.85
N GLU B 319 62.60 -19.15 -34.40
CA GLU B 319 63.13 -17.85 -34.81
C GLU B 319 64.31 -17.41 -33.98
N ASP B 320 64.64 -18.10 -32.90
CA ASP B 320 65.80 -17.73 -32.09
C ASP B 320 66.86 -18.82 -32.07
N ARG B 321 66.58 -19.97 -32.67
CA ARG B 321 67.41 -21.18 -32.66
C ARG B 321 67.73 -21.58 -31.22
N LYS B 322 66.66 -21.95 -30.53
CA LYS B 322 66.75 -22.66 -29.26
C LYS B 322 66.13 -24.04 -29.37
N TRP B 323 66.05 -24.56 -30.60
CA TRP B 323 65.17 -25.67 -30.90
C TRP B 323 65.73 -26.97 -30.38
N HIS B 324 64.84 -27.78 -29.79
CA HIS B 324 65.18 -29.13 -29.36
C HIS B 324 63.96 -30.01 -29.62
N SER B 325 64.19 -31.32 -29.54
CA SER B 325 63.12 -32.27 -29.81
C SER B 325 63.23 -33.43 -28.83
N MET B 326 62.10 -34.11 -28.64
CA MET B 326 62.02 -35.28 -27.78
C MET B 326 62.22 -36.52 -28.63
N ALA B 327 63.00 -37.47 -28.12
CA ALA B 327 63.43 -38.62 -28.89
C ALA B 327 62.73 -39.89 -28.44
N SER B 328 63.13 -41.01 -29.04
CA SER B 328 62.67 -42.33 -28.67
C SER B 328 63.47 -42.83 -27.47
N LEU B 329 62.79 -43.22 -26.39
CA LEU B 329 63.50 -43.66 -25.20
C LEU B 329 62.68 -44.70 -24.43
N ASN B 330 63.38 -45.67 -23.84
CA ASN B 330 62.79 -46.58 -22.86
C ASN B 330 62.60 -45.81 -21.57
N CYS B 331 61.34 -45.53 -21.24
CA CYS B 331 61.02 -44.82 -20.00
C CYS B 331 61.39 -45.65 -18.78
N ILE B 332 61.11 -46.94 -18.83
CA ILE B 332 61.30 -47.80 -17.65
C ILE B 332 62.70 -48.38 -17.75
N ARG B 333 63.67 -47.59 -17.31
CA ARG B 333 65.07 -47.99 -17.10
C ARG B 333 65.63 -47.19 -15.95
N LYS B 334 66.96 -47.19 -15.81
CA LYS B 334 67.69 -46.15 -15.08
C LYS B 334 68.85 -45.60 -15.91
N SER B 335 68.84 -45.83 -17.22
CA SER B 335 69.79 -45.21 -18.13
C SER B 335 69.13 -44.14 -18.99
N THR B 336 67.86 -43.86 -18.77
CA THR B 336 67.12 -42.87 -19.54
C THR B 336 67.28 -41.50 -18.90
N LYS B 337 67.57 -40.51 -19.71
CA LYS B 337 67.91 -39.20 -19.19
C LYS B 337 66.71 -38.25 -19.28
N PRO B 338 66.53 -37.36 -18.30
CA PRO B 338 65.60 -36.24 -18.51
C PRO B 338 66.05 -35.38 -19.68
N TRP B 339 65.08 -34.95 -20.48
CA TRP B 339 65.38 -34.23 -21.71
C TRP B 339 65.80 -32.80 -21.41
N ASN B 340 66.93 -32.39 -21.98
CA ASN B 340 67.52 -31.09 -21.66
C ASN B 340 66.76 -29.95 -22.31
N GLY B 341 66.19 -30.19 -23.49
CA GLY B 341 65.46 -29.17 -24.23
C GLY B 341 64.14 -28.78 -23.60
N GLY B 342 63.62 -29.58 -22.67
CA GLY B 342 62.37 -29.22 -22.02
C GLY B 342 62.50 -28.09 -21.02
N ARG B 343 63.69 -27.92 -20.43
CA ARG B 343 63.97 -26.71 -19.66
C ARG B 343 63.94 -25.48 -20.55
N SER B 344 64.49 -25.59 -21.76
CA SER B 344 64.42 -24.48 -22.71
C SER B 344 63.01 -24.27 -23.24
N MET B 345 62.22 -25.34 -23.37
CA MET B 345 60.84 -25.20 -23.79
C MET B 345 60.00 -24.56 -22.70
N LEU B 346 60.31 -24.85 -21.43
CA LEU B 346 59.66 -24.21 -20.30
C LEU B 346 59.99 -22.72 -20.27
N ASP B 347 61.23 -22.38 -20.60
CA ASP B 347 61.62 -20.98 -20.51
C ASP B 347 61.11 -20.20 -21.71
N THR B 348 60.98 -20.87 -22.86
CA THR B 348 60.38 -20.27 -24.04
C THR B 348 58.91 -19.96 -23.81
N ILE B 349 58.19 -20.89 -23.17
CA ILE B 349 56.78 -20.68 -22.82
C ILE B 349 56.65 -19.53 -21.83
N LYS B 350 57.52 -19.50 -20.81
CA LYS B 350 57.43 -18.45 -19.79
C LYS B 350 57.81 -17.09 -20.34
N LYS B 351 58.68 -17.04 -21.35
CA LYS B 351 58.90 -15.79 -22.07
C LYS B 351 57.67 -15.39 -22.89
N GLY B 352 56.87 -16.37 -23.31
CA GLY B 352 55.65 -16.06 -24.02
C GLY B 352 54.51 -15.61 -23.14
N HIS B 353 53.70 -14.72 -23.72
CA HIS B 353 52.46 -14.25 -23.11
C HIS B 353 51.45 -14.06 -24.23
N ILE B 354 50.46 -14.94 -24.30
CA ILE B 354 49.56 -14.99 -25.43
C ILE B 354 48.24 -14.34 -25.05
N THR B 355 47.49 -13.93 -26.07
CA THR B 355 46.14 -13.41 -25.91
C THR B 355 45.19 -14.23 -26.77
N GLY B 356 44.02 -14.54 -26.23
CA GLY B 356 43.06 -15.37 -26.94
C GLY B 356 41.63 -15.18 -26.48
N LEU B 357 40.90 -16.29 -26.36
CA LEU B 357 39.49 -16.25 -25.99
C LEU B 357 39.33 -15.83 -24.53
N THR B 358 39.94 -16.58 -23.62
CA THR B 358 39.85 -16.29 -22.21
C THR B 358 40.73 -15.11 -21.79
N GLY B 359 41.65 -14.67 -22.65
CA GLY B 359 42.46 -13.51 -22.37
C GLY B 359 43.88 -13.82 -21.95
N VAL B 360 44.20 -13.50 -20.70
CA VAL B 360 45.57 -13.53 -20.21
C VAL B 360 45.98 -14.98 -19.92
N MET B 361 47.08 -15.42 -20.54
CA MET B 361 47.66 -16.72 -20.25
C MET B 361 49.15 -16.56 -20.01
N GLU B 362 49.57 -16.75 -18.75
CA GLU B 362 50.97 -16.77 -18.37
C GLU B 362 51.05 -17.57 -17.08
N PHE B 363 52.21 -18.17 -16.83
CA PHE B 363 52.37 -19.17 -15.78
C PHE B 363 53.46 -18.75 -14.81
N ARG B 364 53.25 -19.10 -13.54
CA ARG B 364 54.13 -18.64 -12.47
C ARG B 364 55.23 -19.67 -12.20
N GLU B 365 55.97 -19.48 -11.11
CA GLU B 365 57.02 -20.43 -10.73
C GLU B 365 56.43 -21.74 -10.26
N ASP B 366 55.27 -21.70 -9.60
CA ASP B 366 54.51 -22.90 -9.30
C ASP B 366 53.53 -23.27 -10.40
N SER B 367 53.76 -22.76 -11.63
CA SER B 367 53.06 -23.14 -12.85
C SER B 367 51.55 -22.88 -12.76
N SER B 368 51.19 -21.60 -12.60
CA SER B 368 49.80 -21.24 -12.39
C SER B 368 49.40 -20.09 -13.29
N ASN B 369 48.21 -20.23 -13.91
CA ASN B 369 47.58 -19.19 -14.72
C ASN B 369 46.31 -18.73 -14.00
N PRO B 370 46.38 -17.73 -13.14
CA PRO B 370 45.25 -17.41 -12.26
C PRO B 370 44.23 -16.45 -12.85
N TYR B 371 44.33 -16.08 -14.13
CA TYR B 371 43.52 -14.99 -14.65
C TYR B 371 42.06 -15.40 -14.82
N VAL B 372 41.16 -14.55 -14.35
CA VAL B 372 39.73 -14.74 -14.53
C VAL B 372 39.07 -13.36 -14.46
N GLN B 373 37.92 -13.23 -15.11
CA GLN B 373 37.10 -12.02 -15.02
C GLN B 373 35.66 -12.49 -14.79
N PHE B 374 35.25 -12.52 -13.52
CA PHE B 374 33.89 -12.90 -13.16
C PHE B 374 32.94 -11.70 -13.32
N GLU B 375 31.70 -11.93 -12.89
CA GLU B 375 30.76 -10.87 -12.54
C GLU B 375 29.76 -11.49 -11.56
N ILE B 376 29.60 -10.84 -10.42
CA ILE B 376 28.73 -11.30 -9.35
C ILE B 376 27.59 -10.30 -9.25
N LEU B 377 26.40 -10.74 -9.63
CA LEU B 377 25.29 -9.83 -9.88
C LEU B 377 24.14 -10.25 -8.97
N GLY B 378 24.02 -9.59 -7.82
CA GLY B 378 22.91 -9.87 -6.92
C GLY B 378 21.94 -8.72 -6.84
N THR B 379 20.77 -8.92 -7.46
CA THR B 379 19.75 -7.88 -7.52
C THR B 379 19.05 -7.72 -6.18
N THR B 380 19.03 -6.50 -5.65
CA THR B 380 18.26 -6.23 -4.43
C THR B 380 16.78 -6.31 -4.81
N TYR B 381 16.04 -7.19 -4.16
CA TYR B 381 14.71 -7.51 -4.64
C TYR B 381 13.68 -6.52 -4.12
N SER B 382 12.64 -6.31 -4.92
CA SER B 382 11.42 -5.65 -4.48
C SER B 382 10.24 -6.39 -5.10
N GLU B 383 9.22 -6.65 -4.29
CA GLU B 383 8.06 -7.43 -4.70
C GLU B 383 7.05 -6.64 -5.52
N THR B 384 7.31 -5.36 -5.81
CA THR B 384 6.39 -4.53 -6.55
C THR B 384 6.81 -4.29 -8.00
N PHE B 385 7.92 -4.87 -8.45
CA PHE B 385 8.43 -4.55 -9.78
C PHE B 385 8.42 -5.72 -10.75
N GLY B 386 8.63 -6.94 -10.28
CA GLY B 386 8.54 -8.09 -11.16
C GLY B 386 9.81 -8.28 -11.97
N LYS B 387 9.64 -8.45 -13.28
CA LYS B 387 10.77 -8.77 -14.15
C LYS B 387 11.67 -7.56 -14.35
N ASP B 388 12.96 -7.84 -14.52
CA ASP B 388 13.96 -6.79 -14.63
C ASP B 388 15.20 -7.34 -15.31
N MET B 389 15.90 -6.47 -16.02
CA MET B 389 17.19 -6.80 -16.64
C MET B 389 18.24 -5.90 -16.00
N ARG B 390 19.03 -6.45 -15.07
CA ARG B 390 19.98 -5.69 -14.29
C ARG B 390 21.39 -6.22 -14.50
N LYS B 391 22.34 -5.30 -14.70
CA LYS B 391 23.75 -5.64 -14.82
C LYS B 391 24.49 -4.80 -13.79
N LEU B 392 25.07 -5.48 -12.79
CA LEU B 392 25.88 -4.81 -11.78
C LEU B 392 27.34 -4.81 -12.24
N ALA B 393 28.25 -4.50 -11.32
CA ALA B 393 29.66 -4.41 -11.67
C ALA B 393 30.24 -5.79 -11.96
N THR B 394 31.34 -5.80 -12.73
CA THR B 394 32.05 -7.00 -13.09
C THR B 394 33.33 -7.14 -12.27
N TRP B 395 33.67 -8.38 -11.93
CA TRP B 395 34.76 -8.67 -11.02
C TRP B 395 35.99 -9.09 -11.80
N ASP B 396 37.16 -8.61 -11.38
CA ASP B 396 38.40 -8.96 -12.05
C ASP B 396 39.36 -9.62 -11.08
N SER B 397 40.30 -10.37 -11.65
CA SER B 397 41.37 -10.96 -10.86
C SER B 397 42.42 -9.93 -10.47
N GLU B 398 42.55 -8.86 -11.24
CA GLU B 398 43.69 -7.96 -11.09
C GLU B 398 43.45 -6.80 -10.14
N LYS B 399 42.20 -6.49 -9.79
CA LYS B 399 41.93 -5.59 -8.68
C LYS B 399 41.42 -6.30 -7.44
N GLY B 400 41.31 -7.62 -7.48
CA GLY B 400 40.66 -8.33 -6.39
C GLY B 400 39.19 -7.97 -6.39
N LEU B 401 38.72 -7.42 -5.28
CA LEU B 401 37.37 -6.88 -5.22
C LEU B 401 37.27 -5.65 -6.11
N ASN B 402 36.15 -5.53 -6.81
CA ASN B 402 35.89 -4.40 -7.69
C ASN B 402 34.56 -3.77 -7.27
N GLY B 403 34.64 -2.72 -6.46
CA GLY B 403 33.43 -2.10 -5.93
C GLY B 403 32.80 -2.97 -4.86
N SER B 404 31.49 -3.19 -5.00
CA SER B 404 30.76 -4.13 -4.17
C SER B 404 30.00 -5.09 -5.07
N LEU B 405 29.98 -6.36 -4.69
CA LEU B 405 29.43 -7.40 -5.57
C LEU B 405 28.01 -7.78 -5.21
N LEU B 417 4.75 -18.20 6.25
CA LEU B 417 3.36 -18.45 5.87
C LEU B 417 2.36 -18.41 7.02
N THR B 418 1.46 -19.37 7.00
CA THR B 418 0.38 -19.51 7.96
C THR B 418 0.85 -20.08 9.29
N LEU B 419 0.02 -19.85 10.29
CA LEU B 419 0.34 -20.02 11.71
C LEU B 419 -0.68 -20.97 12.34
N LYS B 420 -0.21 -22.16 12.73
CA LYS B 420 -1.08 -23.17 13.35
C LYS B 420 -1.50 -22.80 14.76
N VAL B 421 -2.64 -22.10 14.89
CA VAL B 421 -3.08 -21.56 16.17
C VAL B 421 -4.17 -22.48 16.71
N VAL B 422 -3.75 -23.50 17.47
CA VAL B 422 -4.70 -24.33 18.21
C VAL B 422 -5.29 -23.52 19.34
N THR B 423 -6.62 -23.49 19.43
CA THR B 423 -7.31 -22.58 20.33
C THR B 423 -8.12 -23.31 21.40
N VAL B 424 -8.52 -22.52 22.39
CA VAL B 424 -9.14 -22.96 23.64
C VAL B 424 -10.53 -22.33 23.73
N LEU B 425 -11.48 -23.07 24.32
CA LEU B 425 -12.86 -22.63 24.43
C LEU B 425 -13.04 -21.50 25.46
N GLU B 426 -12.58 -20.29 25.14
CA GLU B 426 -12.65 -19.15 26.05
C GLU B 426 -13.33 -17.99 25.35
N GLU B 427 -14.60 -17.76 25.72
CA GLU B 427 -15.49 -16.95 24.91
C GLU B 427 -15.14 -15.46 24.82
N PRO B 428 -14.81 -14.72 25.90
CA PRO B 428 -14.60 -13.27 25.71
C PRO B 428 -13.35 -12.92 24.91
N PHE B 429 -12.39 -13.84 24.82
CA PHE B 429 -11.28 -13.66 23.90
C PHE B 429 -11.59 -14.25 22.53
N VAL B 430 -12.12 -15.46 22.51
CA VAL B 430 -12.51 -16.14 21.27
C VAL B 430 -13.92 -16.67 21.48
N MET B 431 -14.93 -15.91 21.04
CA MET B 431 -16.26 -16.47 20.91
C MET B 431 -16.47 -16.91 19.47
N VAL B 432 -17.47 -17.75 19.26
CA VAL B 432 -17.84 -18.16 17.91
C VAL B 432 -18.82 -17.15 17.34
N ALA B 433 -18.38 -16.39 16.34
CA ALA B 433 -19.25 -15.43 15.69
C ALA B 433 -20.32 -16.12 14.86
N GLU B 434 -19.90 -17.04 13.99
CA GLU B 434 -20.79 -17.75 13.10
C GLU B 434 -20.65 -19.23 13.33
N ASN B 435 -21.77 -19.88 13.61
CA ASN B 435 -21.84 -21.32 13.83
C ASN B 435 -23.03 -21.92 13.08
N ILE B 436 -22.79 -23.00 12.38
CA ILE B 436 -23.85 -23.73 11.69
C ILE B 436 -23.89 -25.12 12.29
N LEU B 437 -24.78 -25.98 11.79
CA LEU B 437 -24.81 -27.36 12.25
C LEU B 437 -23.61 -28.12 11.71
N GLY B 438 -22.54 -28.19 12.50
CA GLY B 438 -21.34 -28.90 12.12
C GLY B 438 -20.12 -28.05 11.83
N GLN B 439 -20.23 -26.72 11.91
CA GLN B 439 -19.08 -25.85 11.68
C GLN B 439 -19.21 -24.52 12.41
N PRO B 440 -18.34 -24.26 13.38
CA PRO B 440 -18.17 -22.87 13.85
C PRO B 440 -17.33 -22.10 12.86
N LYS B 441 -17.98 -21.22 12.11
CA LYS B 441 -17.41 -20.68 10.88
C LYS B 441 -16.42 -19.57 11.18
N ARG B 442 -16.88 -18.46 11.76
CA ARG B 442 -16.00 -17.34 12.04
C ARG B 442 -16.19 -16.95 13.49
N TYR B 443 -15.29 -16.10 13.99
CA TYR B 443 -15.12 -15.95 15.42
C TYR B 443 -14.94 -14.48 15.79
N LYS B 444 -15.35 -14.13 17.01
CA LYS B 444 -15.21 -12.80 17.58
C LYS B 444 -14.65 -12.90 18.99
N GLY B 445 -14.51 -11.74 19.64
CA GLY B 445 -13.91 -11.65 20.95
C GLY B 445 -12.73 -10.70 20.95
N PHE B 446 -11.82 -10.93 21.88
CA PHE B 446 -10.68 -10.04 22.06
C PHE B 446 -9.42 -10.57 21.40
N SER B 447 -9.10 -11.85 21.61
CA SER B 447 -7.89 -12.42 21.00
C SER B 447 -8.02 -12.56 19.49
N ILE B 448 -9.24 -12.50 18.95
CA ILE B 448 -9.44 -12.38 17.51
C ILE B 448 -8.82 -11.09 16.99
N ASP B 449 -8.94 -10.01 17.79
CA ASP B 449 -8.43 -8.70 17.40
C ASP B 449 -6.92 -8.71 17.37
N VAL B 450 -6.29 -9.65 18.08
CA VAL B 450 -4.84 -9.67 18.21
C VAL B 450 -4.25 -10.12 16.89
N LEU B 451 -4.68 -11.29 16.43
CA LEU B 451 -4.19 -11.85 15.18
C LEU B 451 -4.68 -11.02 14.00
N ASP B 452 -5.84 -10.37 14.16
CA ASP B 452 -6.27 -9.34 13.23
C ASP B 452 -5.24 -8.21 13.13
N ALA B 453 -4.81 -7.69 14.27
CA ALA B 453 -3.83 -6.61 14.27
C ALA B 453 -2.48 -7.07 13.76
N LEU B 454 -2.15 -8.35 13.95
CA LEU B 454 -0.88 -8.88 13.47
C LEU B 454 -0.90 -9.01 11.96
N ALA B 455 -2.03 -9.47 11.42
CA ALA B 455 -2.17 -9.59 9.97
C ALA B 455 -2.16 -8.22 9.32
N LYS B 456 -2.88 -7.25 9.91
CA LYS B 456 -2.98 -5.98 9.24
C LYS B 456 -1.70 -5.16 9.41
N ALA B 457 -0.96 -5.38 10.51
CA ALA B 457 0.27 -4.63 10.72
C ALA B 457 1.48 -5.30 10.10
N LEU B 458 1.35 -6.53 9.58
CA LEU B 458 2.58 -7.12 9.09
C LEU B 458 2.50 -7.60 7.65
N GLY B 459 1.36 -8.11 7.22
CA GLY B 459 1.28 -8.61 5.86
C GLY B 459 1.69 -10.07 5.85
N PHE B 460 1.25 -10.85 6.84
CA PHE B 460 1.62 -12.26 6.91
C PHE B 460 0.43 -13.08 7.38
N LYS B 461 0.57 -14.40 7.22
CA LYS B 461 -0.56 -15.32 7.15
C LYS B 461 -0.80 -15.97 8.52
N TYR B 462 -1.85 -16.80 8.58
CA TYR B 462 -2.27 -17.41 9.83
C TYR B 462 -3.26 -18.54 9.55
N GLU B 463 -3.60 -19.28 10.60
CA GLU B 463 -4.62 -20.33 10.57
C GLU B 463 -5.37 -20.31 11.90
N ILE B 464 -6.47 -21.05 11.94
CA ILE B 464 -7.36 -21.11 13.10
C ILE B 464 -7.65 -22.56 13.40
N TYR B 465 -7.08 -23.08 14.49
CA TYR B 465 -7.25 -24.47 14.88
C TYR B 465 -7.87 -24.51 16.26
N GLN B 466 -7.95 -25.70 16.85
CA GLN B 466 -8.65 -25.86 18.11
C GLN B 466 -8.03 -26.99 18.90
N ALA B 467 -7.96 -26.83 20.22
CA ALA B 467 -7.69 -27.97 21.07
C ALA B 467 -8.99 -28.72 21.30
N PRO B 468 -9.00 -30.05 21.17
CA PRO B 468 -10.22 -30.81 21.50
C PRO B 468 -10.57 -30.77 22.97
N ASP B 469 -9.60 -30.53 23.85
CA ASP B 469 -9.91 -30.32 25.26
C ASP B 469 -10.39 -28.90 25.51
N GLY B 470 -9.56 -27.91 25.16
CA GLY B 470 -9.84 -26.54 25.55
C GLY B 470 -9.80 -26.37 27.04
N ARG B 471 -8.78 -26.91 27.72
CA ARG B 471 -8.77 -27.00 29.17
C ARG B 471 -7.45 -26.54 29.79
N TYR B 472 -6.71 -25.65 29.11
CA TYR B 472 -5.35 -25.21 29.44
C TYR B 472 -4.32 -26.34 29.47
N GLY B 473 -4.68 -27.54 29.04
CA GLY B 473 -3.89 -28.73 29.27
C GLY B 473 -4.08 -29.26 30.68
N HIS B 474 -3.60 -30.48 30.88
CA HIS B 474 -3.49 -31.07 32.22
C HIS B 474 -2.10 -31.67 32.38
N GLN B 475 -1.35 -31.17 33.38
CA GLN B 475 -0.05 -31.76 33.67
C GLN B 475 -0.23 -33.20 34.15
N LEU B 476 0.40 -34.14 33.47
CA LEU B 476 0.17 -35.54 33.76
C LEU B 476 1.17 -36.07 34.78
N HIS B 477 0.84 -37.24 35.34
CA HIS B 477 1.82 -38.06 36.03
C HIS B 477 2.69 -38.85 35.05
N ASN B 478 2.44 -38.71 33.75
CA ASN B 478 3.37 -39.01 32.68
C ASN B 478 4.43 -37.91 32.51
N THR B 479 4.40 -36.88 33.37
CA THR B 479 5.16 -35.63 33.23
C THR B 479 4.97 -35.00 31.86
N SER B 480 3.72 -34.98 31.41
CA SER B 480 3.39 -34.46 30.09
C SER B 480 2.01 -33.83 30.19
N TRP B 481 1.37 -33.62 29.05
CA TRP B 481 0.25 -32.70 28.95
C TRP B 481 -0.71 -33.17 27.88
N ASN B 482 -1.97 -32.85 28.06
CA ASN B 482 -2.91 -32.75 26.97
C ASN B 482 -3.14 -31.27 26.62
N GLY B 483 -4.17 -31.01 25.82
CA GLY B 483 -4.71 -29.67 25.67
C GLY B 483 -3.77 -28.78 24.88
N MET B 484 -3.73 -27.50 25.26
CA MET B 484 -2.94 -26.52 24.53
C MET B 484 -1.44 -26.75 24.72
N ILE B 485 -1.06 -27.48 25.77
CA ILE B 485 0.32 -27.71 26.09
C ILE B 485 0.81 -29.03 25.50
N GLY B 486 -0.03 -30.05 25.54
CA GLY B 486 0.29 -31.31 24.88
C GLY B 486 0.33 -31.19 23.37
N GLU B 487 -0.44 -30.23 22.81
CA GLU B 487 -0.31 -29.90 21.39
C GLU B 487 1.06 -29.34 21.05
N LEU B 488 1.74 -28.70 21.99
CA LEU B 488 3.08 -28.21 21.75
C LEU B 488 4.18 -29.04 22.37
N ILE B 489 3.85 -30.03 23.20
CA ILE B 489 4.78 -31.11 23.45
C ILE B 489 5.00 -31.90 22.17
N SER B 490 3.90 -32.20 21.49
CA SER B 490 3.96 -32.82 20.17
C SER B 490 4.30 -31.82 19.09
N LYS B 491 4.17 -30.51 19.37
CA LYS B 491 4.34 -29.42 18.41
C LYS B 491 3.47 -29.62 17.17
N ARG B 492 2.25 -30.09 17.39
CA ARG B 492 1.22 -30.02 16.36
C ARG B 492 0.80 -28.59 16.05
N ALA B 493 0.99 -27.67 17.00
CA ALA B 493 0.53 -26.30 16.85
C ALA B 493 1.70 -25.34 16.68
N ASP B 494 1.38 -24.06 16.68
CA ASP B 494 2.36 -22.98 16.75
C ASP B 494 2.15 -22.04 17.94
N LEU B 495 0.90 -21.69 18.24
CA LEU B 495 0.60 -20.69 19.27
C LEU B 495 -0.67 -21.08 20.02
N ALA B 496 -1.05 -20.23 20.96
CA ALA B 496 -2.34 -20.31 21.62
C ALA B 496 -2.64 -18.91 22.14
N ILE B 497 -3.59 -18.24 21.50
CA ILE B 497 -3.88 -16.83 21.75
C ILE B 497 -5.29 -16.75 22.32
N SER B 498 -5.40 -16.71 23.64
CA SER B 498 -6.69 -16.72 24.32
C SER B 498 -6.48 -16.22 25.76
N ALA B 499 -7.45 -16.52 26.63
CA ALA B 499 -7.23 -16.42 28.06
C ALA B 499 -6.08 -17.33 28.50
N ILE B 500 -5.21 -16.81 29.36
CA ILE B 500 -3.97 -17.48 29.69
C ILE B 500 -3.84 -17.53 31.21
N THR B 501 -3.50 -18.70 31.73
CA THR B 501 -2.99 -18.87 33.07
C THR B 501 -1.48 -19.03 33.03
N ILE B 502 -0.81 -18.56 34.07
CA ILE B 502 0.64 -18.39 34.08
C ILE B 502 1.23 -19.41 35.03
N THR B 503 2.23 -20.15 34.55
CA THR B 503 2.82 -21.30 35.23
C THR B 503 4.30 -21.36 34.93
N PRO B 504 5.15 -21.66 35.92
CA PRO B 504 6.58 -21.85 35.62
C PRO B 504 6.88 -23.17 34.96
N GLU B 505 5.93 -24.10 34.94
CA GLU B 505 6.07 -25.28 34.13
C GLU B 505 5.56 -25.03 32.72
N ARG B 506 4.77 -23.98 32.53
CA ARG B 506 4.66 -23.40 31.20
C ARG B 506 5.86 -22.53 30.84
N GLU B 507 6.79 -22.34 31.75
CA GLU B 507 8.06 -21.74 31.42
C GLU B 507 9.24 -22.69 31.50
N SER B 508 9.05 -23.86 32.12
CA SER B 508 10.13 -24.79 32.36
C SER B 508 10.75 -25.33 31.08
N VAL B 509 9.92 -25.65 30.09
CA VAL B 509 10.46 -26.08 28.81
C VAL B 509 9.90 -25.29 27.64
N VAL B 510 8.92 -24.43 27.89
CA VAL B 510 8.26 -23.67 26.84
C VAL B 510 8.27 -22.20 27.21
N ASP B 511 7.75 -21.36 26.31
CA ASP B 511 7.85 -19.93 26.47
C ASP B 511 6.50 -19.25 26.28
N PHE B 512 6.33 -18.11 26.94
CA PHE B 512 5.31 -17.12 26.62
C PHE B 512 5.94 -16.03 25.76
N SER B 513 5.09 -15.28 25.07
CA SER B 513 5.44 -13.96 24.60
C SER B 513 5.05 -12.93 25.65
N LYS B 514 5.12 -11.65 25.31
CA LYS B 514 5.02 -10.61 26.31
C LYS B 514 3.58 -10.21 26.55
N ARG B 515 3.40 -9.28 27.50
CA ARG B 515 2.15 -9.13 28.22
C ARG B 515 1.04 -8.58 27.36
N TYR B 516 -0.10 -9.28 27.32
CA TYR B 516 -1.31 -8.67 26.82
C TYR B 516 -2.12 -8.04 27.94
N MET B 517 -2.19 -8.70 29.10
CA MET B 517 -2.85 -8.14 30.26
C MET B 517 -1.98 -8.36 31.48
N ASP B 518 -2.52 -7.97 32.64
CA ASP B 518 -1.84 -8.02 33.92
C ASP B 518 -2.77 -8.64 34.95
N TYR B 519 -2.21 -8.96 36.13
CA TYR B 519 -2.86 -9.87 37.07
C TYR B 519 -4.03 -9.21 37.79
N SER B 520 -5.12 -9.95 37.89
CA SER B 520 -6.29 -9.52 38.65
C SER B 520 -7.18 -10.73 38.88
N VAL B 521 -8.23 -10.49 39.64
CA VAL B 521 -9.31 -11.45 39.79
C VAL B 521 -10.56 -10.62 40.10
N GLY B 522 -11.70 -11.07 39.61
CA GLY B 522 -12.93 -10.32 39.75
C GLY B 522 -13.85 -10.93 40.79
N ILE B 523 -14.83 -10.11 41.19
CA ILE B 523 -15.78 -10.43 42.24
C ILE B 523 -17.16 -10.01 41.77
N LEU B 524 -18.06 -10.96 41.61
CA LEU B 524 -19.41 -10.65 41.14
C LEU B 524 -20.31 -10.54 42.36
N ILE B 525 -20.82 -9.35 42.59
CA ILE B 525 -21.96 -9.14 43.47
C ILE B 525 -23.13 -8.78 42.57
N LYS B 526 -24.31 -9.31 42.89
CA LYS B 526 -25.52 -8.87 42.23
C LYS B 526 -26.16 -7.71 43.00
N LYS B 527 -27.06 -7.00 42.34
CA LYS B 527 -27.87 -6.01 43.03
C LYS B 527 -29.31 -6.51 43.20
N ILE B 532 -35.18 4.11 58.49
CA ILE B 532 -34.25 5.13 58.95
C ILE B 532 -33.86 4.93 60.40
N SER B 533 -32.58 4.65 60.59
CA SER B 533 -32.04 4.36 61.90
C SER B 533 -31.98 5.62 62.75
N ILE B 534 -31.79 5.41 64.05
CA ILE B 534 -31.72 6.53 64.97
C ILE B 534 -30.31 7.12 65.00
N PHE B 535 -29.30 6.34 64.61
CA PHE B 535 -27.92 6.82 64.61
C PHE B 535 -27.67 7.84 63.50
N SER B 536 -28.58 7.93 62.52
CA SER B 536 -28.44 8.86 61.40
C SER B 536 -28.36 10.31 61.85
N LEU B 537 -29.05 10.64 62.95
CA LEU B 537 -28.84 11.94 63.56
C LEU B 537 -27.63 11.93 64.47
N PHE B 538 -27.32 10.78 65.04
CA PHE B 538 -26.26 10.65 66.02
C PHE B 538 -24.91 10.44 65.36
N ALA B 539 -24.82 10.66 64.06
CA ALA B 539 -23.60 10.49 63.28
C ALA B 539 -22.56 11.59 63.49
N PRO B 540 -22.88 12.90 63.61
CA PRO B 540 -21.79 13.85 63.88
C PRO B 540 -21.36 13.90 65.34
N PHE B 541 -22.14 13.35 66.26
CA PHE B 541 -21.97 13.68 67.67
C PHE B 541 -22.26 12.44 68.51
N ASP B 542 -21.50 12.29 69.59
CA ASP B 542 -21.58 11.08 70.42
C ASP B 542 -22.84 11.07 71.27
N PHE B 543 -23.52 9.92 71.30
CA PHE B 543 -24.81 9.84 72.00
C PHE B 543 -24.64 9.81 73.52
N ALA B 544 -23.48 9.35 74.00
CA ALA B 544 -23.14 9.54 75.41
C ALA B 544 -23.08 11.02 75.76
N VAL B 545 -22.72 11.87 74.80
CA VAL B 545 -22.65 13.31 75.00
C VAL B 545 -23.91 14.02 74.49
N TRP B 546 -24.73 13.34 73.67
CA TRP B 546 -26.02 13.90 73.23
C TRP B 546 -26.94 14.24 74.39
N ALA B 547 -26.89 13.47 75.48
CA ALA B 547 -27.80 13.66 76.60
C ALA B 547 -27.20 14.44 77.76
N CYS B 548 -25.97 14.95 77.64
CA CYS B 548 -25.25 15.46 78.80
C CYS B 548 -25.80 16.79 79.30
N ILE B 549 -26.45 17.57 78.44
CA ILE B 549 -26.81 18.93 78.82
C ILE B 549 -27.95 18.96 79.83
N ALA B 550 -28.75 17.89 79.90
CA ALA B 550 -29.81 17.79 80.90
C ALA B 550 -29.27 17.74 82.32
N ALA B 551 -28.04 17.27 82.50
CA ALA B 551 -27.38 17.33 83.80
C ALA B 551 -26.28 18.36 83.88
N ALA B 552 -25.79 18.87 82.74
CA ALA B 552 -24.76 19.89 82.79
C ALA B 552 -25.31 21.22 83.28
N ILE B 553 -26.56 21.52 82.95
CA ILE B 553 -27.23 22.76 83.32
C ILE B 553 -27.56 22.92 84.81
N PRO B 554 -28.41 22.06 85.43
CA PRO B 554 -29.33 22.53 86.48
C PRO B 554 -28.71 23.04 87.76
N VAL B 555 -27.41 22.82 88.02
CA VAL B 555 -26.84 23.23 89.29
C VAL B 555 -26.70 24.74 89.37
N VAL B 556 -26.38 25.39 88.24
CA VAL B 556 -26.18 26.83 88.24
C VAL B 556 -27.50 27.54 88.48
N GLY B 557 -28.56 27.07 87.82
CA GLY B 557 -29.86 27.64 88.03
C GLY B 557 -30.42 27.31 89.41
N VAL B 558 -30.12 26.11 89.92
CA VAL B 558 -30.71 25.73 91.20
C VAL B 558 -29.96 26.36 92.37
N LEU B 559 -28.85 27.08 92.11
CA LEU B 559 -28.23 27.80 93.22
C LEU B 559 -29.13 28.92 93.74
N ILE B 560 -29.74 29.69 92.84
CA ILE B 560 -30.68 30.72 93.29
C ILE B 560 -31.98 30.10 93.76
N PHE B 561 -32.43 29.02 93.09
CA PHE B 561 -33.57 28.20 93.52
C PHE B 561 -33.39 27.60 94.91
N ALA B 609 -34.51 35.67 87.73
CA ALA B 609 -33.24 35.63 87.04
C ALA B 609 -33.40 36.11 85.60
N MET B 610 -32.32 36.64 85.05
CA MET B 610 -32.35 37.24 83.73
C MET B 610 -31.06 36.94 82.97
N ARG B 611 -30.24 36.05 83.47
CA ARG B 611 -28.81 35.99 83.23
C ARG B 611 -28.34 34.58 82.94
N ILE B 612 -29.02 33.57 83.47
CA ILE B 612 -28.90 32.19 83.05
C ILE B 612 -30.01 31.89 82.07
N VAL B 613 -30.98 32.81 81.99
CA VAL B 613 -31.96 32.87 80.92
C VAL B 613 -31.24 33.02 79.59
N MET B 614 -30.14 33.78 79.59
CA MET B 614 -29.20 33.80 78.47
C MET B 614 -28.77 32.39 78.08
N GLY B 615 -28.49 31.54 79.06
CA GLY B 615 -28.14 30.17 78.71
C GLY B 615 -29.30 29.33 78.23
N SER B 616 -30.53 29.80 78.39
CA SER B 616 -31.70 29.02 78.01
C SER B 616 -32.01 29.15 76.52
N TRP B 617 -32.37 30.37 76.08
CA TRP B 617 -32.77 30.59 74.69
C TRP B 617 -31.59 30.37 73.74
N TRP B 618 -30.36 30.50 74.24
CA TRP B 618 -29.23 30.15 73.40
C TRP B 618 -29.16 28.67 73.12
N LEU B 619 -29.44 27.82 74.11
CA LEU B 619 -29.55 26.40 73.80
C LEU B 619 -30.77 26.09 72.95
N PHE B 620 -31.85 26.88 73.11
CA PHE B 620 -33.03 26.78 72.24
C PHE B 620 -32.75 27.23 70.81
N THR B 621 -31.66 27.96 70.59
CA THR B 621 -31.21 28.37 69.27
C THR B 621 -30.19 27.38 68.73
N LEU B 622 -29.18 27.13 69.55
CA LEU B 622 -27.99 26.38 69.18
C LEU B 622 -28.34 24.95 68.84
N ILE B 623 -29.07 24.26 69.72
CA ILE B 623 -29.14 22.81 69.61
C ILE B 623 -30.01 22.43 68.42
N VAL B 624 -31.06 23.22 68.17
CA VAL B 624 -31.90 23.03 67.00
C VAL B 624 -31.15 23.35 65.72
N CYS B 625 -30.37 24.43 65.71
CA CYS B 625 -29.51 24.67 64.56
C CYS B 625 -28.41 23.62 64.46
N SER B 626 -28.02 23.05 65.58
CA SER B 626 -27.09 21.95 65.65
C SER B 626 -27.74 20.64 65.26
N SER B 627 -29.06 20.57 65.30
CA SER B 627 -29.76 19.36 64.92
C SER B 627 -29.93 19.22 63.42
N TYR B 628 -29.37 20.16 62.66
CA TYR B 628 -29.81 20.43 61.30
C TYR B 628 -29.23 19.46 60.27
N THR B 629 -27.91 19.47 60.09
CA THR B 629 -27.30 18.82 58.94
C THR B 629 -27.26 17.30 59.06
N ALA B 630 -27.54 16.76 60.25
CA ALA B 630 -27.59 15.31 60.40
C ALA B 630 -28.76 14.68 59.65
N ASN B 631 -29.73 15.51 59.24
CA ASN B 631 -30.74 15.03 58.31
C ASN B 631 -30.12 14.72 56.96
N LEU B 632 -29.08 15.45 56.55
CA LEU B 632 -28.45 15.13 55.27
C LEU B 632 -27.65 13.83 55.36
N ALA B 633 -27.11 13.55 56.55
CA ALA B 633 -26.53 12.25 56.84
C ALA B 633 -27.55 11.15 56.69
N ALA B 634 -28.78 11.41 57.13
CA ALA B 634 -29.86 10.49 56.83
C ALA B 634 -30.31 10.54 55.38
N PHE B 635 -30.07 11.63 54.68
CA PHE B 635 -30.67 11.90 53.39
C PHE B 635 -29.80 11.51 52.20
N LEU B 636 -28.53 11.87 52.22
CA LEU B 636 -27.74 11.85 50.99
C LEU B 636 -27.21 10.45 50.67
N THR B 637 -26.35 9.93 51.52
CA THR B 637 -25.61 8.72 51.20
C THR B 637 -26.49 7.48 51.38
N PRO B 644 -28.16 -3.01 45.28
CA PRO B 644 -27.24 -1.87 45.34
C PRO B 644 -26.03 -2.14 46.23
N VAL B 645 -25.12 -1.18 46.34
CA VAL B 645 -23.85 -1.36 47.04
C VAL B 645 -23.69 -0.23 48.05
N ARG B 646 -22.97 -0.51 49.15
CA ARG B 646 -22.49 0.54 50.04
C ARG B 646 -21.00 0.42 50.35
N THR B 647 -20.45 -0.79 50.49
CA THR B 647 -19.07 -0.92 50.95
C THR B 647 -18.25 -1.72 49.94
N PHE B 648 -17.01 -1.29 49.75
CA PHE B 648 -16.20 -1.71 48.60
C PHE B 648 -14.93 -2.48 48.92
N GLN B 649 -14.61 -2.77 50.17
CA GLN B 649 -13.35 -3.45 50.43
C GLN B 649 -13.51 -4.96 50.29
N ASP B 650 -12.46 -5.59 49.75
CA ASP B 650 -12.36 -7.05 49.72
C ASP B 650 -12.44 -7.67 51.11
N LEU B 651 -11.82 -7.02 52.09
CA LEU B 651 -11.90 -7.50 53.47
C LEU B 651 -13.22 -7.17 54.14
N SER B 652 -13.86 -6.05 53.78
CA SER B 652 -15.10 -5.66 54.42
C SER B 652 -16.25 -6.59 54.07
N LYS B 653 -16.18 -7.23 52.92
CA LYS B 653 -17.23 -8.13 52.49
C LYS B 653 -16.98 -9.58 52.92
N GLN B 654 -15.89 -9.83 53.65
CA GLN B 654 -15.60 -11.16 54.18
C GLN B 654 -16.53 -11.53 55.31
N LEU B 655 -17.10 -10.55 55.97
CA LEU B 655 -17.80 -10.68 57.25
C LEU B 655 -19.27 -11.03 57.11
N GLU B 656 -19.82 -11.16 55.90
CA GLU B 656 -21.26 -11.22 55.76
C GLU B 656 -21.78 -12.58 55.32
N MET B 657 -21.44 -13.07 54.13
CA MET B 657 -22.00 -14.33 53.65
C MET B 657 -21.00 -15.03 52.74
N SER B 658 -21.51 -15.99 51.96
CA SER B 658 -20.72 -16.98 51.24
C SER B 658 -19.91 -16.35 50.10
N TYR B 659 -19.02 -17.15 49.54
CA TYR B 659 -18.18 -16.74 48.41
C TYR B 659 -18.06 -17.92 47.45
N GLY B 660 -18.67 -17.79 46.27
CA GLY B 660 -18.51 -18.82 45.27
C GLY B 660 -17.14 -18.80 44.63
N THR B 661 -16.67 -19.96 44.17
CA THR B 661 -15.37 -20.04 43.55
C THR B 661 -15.34 -21.14 42.50
N VAL B 662 -14.19 -21.29 41.85
CA VAL B 662 -13.98 -22.25 40.79
C VAL B 662 -13.11 -23.40 41.29
N ARG B 663 -13.58 -24.63 41.05
CA ARG B 663 -12.77 -25.81 41.28
C ARG B 663 -11.55 -25.82 40.36
N ASP B 664 -10.37 -25.97 40.97
CA ASP B 664 -9.11 -26.21 40.26
C ASP B 664 -8.75 -25.08 39.30
N SER B 665 -9.11 -23.86 39.66
CA SER B 665 -8.59 -22.69 38.97
C SER B 665 -7.24 -22.29 39.53
N ALA B 666 -6.65 -21.29 38.89
CA ALA B 666 -5.29 -20.88 39.23
C ALA B 666 -5.26 -20.14 40.55
N VAL B 667 -6.15 -19.15 40.72
CA VAL B 667 -6.28 -18.37 41.94
C VAL B 667 -6.70 -19.25 43.12
N TYR B 668 -7.44 -20.34 42.84
CA TYR B 668 -7.69 -21.40 43.80
C TYR B 668 -6.40 -21.98 44.38
N GLU B 669 -5.45 -22.37 43.51
CA GLU B 669 -4.18 -22.88 44.01
C GLU B 669 -3.36 -21.77 44.65
N TYR B 670 -3.47 -20.57 44.09
CA TYR B 670 -2.54 -19.49 44.39
C TYR B 670 -2.79 -18.93 45.76
N PHE B 671 -4.01 -18.50 46.04
CA PHE B 671 -4.21 -17.87 47.32
C PHE B 671 -4.41 -18.87 48.44
N ARG B 672 -4.58 -20.14 48.10
CA ARG B 672 -4.37 -21.18 49.09
C ARG B 672 -2.91 -21.27 49.47
N ALA B 673 -2.02 -21.09 48.50
CA ALA B 673 -0.61 -20.97 48.85
C ALA B 673 -0.29 -19.63 49.54
N LYS B 674 -1.07 -18.59 49.27
CA LYS B 674 -1.02 -17.36 50.05
C LYS B 674 -1.67 -17.46 51.41
N GLY B 675 -2.56 -18.43 51.62
CA GLY B 675 -3.09 -18.65 52.96
C GLY B 675 -2.11 -19.24 53.94
N THR B 676 -0.99 -19.78 53.47
CA THR B 676 0.04 -20.33 54.35
C THR B 676 1.15 -19.34 54.67
N ASN B 677 0.96 -18.05 54.41
CA ASN B 677 1.98 -17.05 54.72
C ASN B 677 1.74 -16.49 56.11
N PRO B 678 2.66 -16.68 57.07
CA PRO B 678 2.43 -16.15 58.42
C PRO B 678 2.84 -14.69 58.58
N LEU B 679 3.77 -14.20 57.77
CA LEU B 679 4.33 -12.87 57.99
C LEU B 679 3.65 -11.77 57.19
N GLU B 680 3.62 -11.91 55.86
CA GLU B 680 3.09 -10.86 54.99
C GLU B 680 1.67 -11.20 54.59
N GLN B 681 0.74 -10.39 55.07
CA GLN B 681 -0.68 -10.68 54.93
C GLN B 681 -1.40 -9.37 54.68
N ASP B 682 -2.26 -9.34 53.66
CA ASP B 682 -3.11 -8.20 53.40
C ASP B 682 -4.48 -8.33 54.06
N SER B 683 -4.62 -9.37 54.89
CA SER B 683 -5.74 -9.74 55.76
C SER B 683 -6.96 -10.23 55.01
N THR B 684 -7.00 -10.10 53.69
CA THR B 684 -8.14 -10.61 52.93
C THR B 684 -7.89 -12.06 52.54
N PHE B 685 -6.63 -12.35 52.21
CA PHE B 685 -6.23 -13.54 51.47
C PHE B 685 -6.56 -14.81 52.23
N ALA B 686 -5.94 -14.95 53.41
CA ALA B 686 -6.21 -16.07 54.29
C ALA B 686 -7.62 -16.02 54.86
N GLU B 687 -8.19 -14.82 55.03
CA GLU B 687 -9.57 -14.71 55.46
C GLU B 687 -10.54 -15.26 54.42
N LEU B 688 -10.33 -14.96 53.14
CA LEU B 688 -11.17 -15.56 52.11
C LEU B 688 -10.84 -17.03 51.87
N TRP B 689 -9.60 -17.43 52.16
CA TRP B 689 -9.27 -18.84 52.16
C TRP B 689 -10.00 -19.59 53.27
N ARG B 690 -10.09 -18.99 54.45
CA ARG B 690 -10.88 -19.57 55.52
C ARG B 690 -12.37 -19.47 55.26
N THR B 691 -12.79 -18.52 54.41
CA THR B 691 -14.16 -18.50 53.96
C THR B 691 -14.45 -19.72 53.09
N ILE B 692 -13.48 -20.12 52.25
CA ILE B 692 -13.67 -21.34 51.46
C ILE B 692 -13.12 -22.58 52.14
N SER B 693 -12.44 -22.44 53.28
CA SER B 693 -11.95 -23.58 54.05
C SER B 693 -13.09 -24.21 54.84
N LYS B 694 -14.00 -24.84 54.10
CA LYS B 694 -15.16 -25.45 54.72
C LYS B 694 -15.72 -26.54 53.79
N ASN B 695 -16.12 -27.65 54.42
CA ASN B 695 -16.71 -28.83 53.77
C ASN B 695 -15.77 -29.40 52.71
N GLY B 696 -14.48 -29.47 53.05
CA GLY B 696 -13.48 -29.90 52.10
C GLY B 696 -13.28 -28.96 50.93
N GLY B 697 -13.72 -27.70 51.06
CA GLY B 697 -13.72 -26.78 49.94
C GLY B 697 -14.90 -26.90 48.99
N ALA B 698 -15.66 -27.99 49.04
CA ALA B 698 -16.67 -28.30 48.04
C ALA B 698 -18.01 -27.63 48.30
N ASP B 699 -18.09 -26.76 49.29
CA ASP B 699 -19.27 -25.94 49.52
C ASP B 699 -19.18 -24.60 48.78
N ASN B 700 -18.11 -24.38 48.03
CA ASN B 700 -17.95 -23.15 47.27
C ASN B 700 -17.48 -23.34 45.83
N CYS B 701 -16.88 -24.47 45.47
CA CYS B 701 -16.33 -24.68 44.13
C CYS B 701 -17.43 -25.15 43.18
N VAL B 702 -17.56 -24.45 42.06
CA VAL B 702 -18.58 -24.77 41.07
C VAL B 702 -18.01 -25.76 40.06
N SER B 703 -18.92 -26.44 39.35
CA SER B 703 -18.53 -27.20 38.17
C SER B 703 -18.37 -26.32 36.95
N ASN B 704 -19.10 -25.21 36.86
CA ASN B 704 -18.92 -24.27 35.76
C ASN B 704 -19.43 -22.90 36.18
N PRO B 705 -18.89 -21.80 35.61
CA PRO B 705 -19.44 -20.48 35.91
C PRO B 705 -20.79 -20.21 35.28
N SER B 706 -21.29 -21.10 34.41
CA SER B 706 -22.69 -21.09 34.01
C SER B 706 -23.61 -21.27 35.21
N GLU B 707 -23.22 -22.13 36.15
CA GLU B 707 -23.89 -22.17 37.45
C GLU B 707 -23.67 -20.89 38.23
N GLY B 708 -22.47 -20.31 38.14
CA GLY B 708 -22.16 -19.07 38.80
C GLY B 708 -22.87 -17.85 38.22
N ILE B 709 -23.56 -18.01 37.09
CA ILE B 709 -24.40 -16.94 36.58
C ILE B 709 -25.58 -16.73 37.53
N ARG B 710 -26.42 -17.74 37.64
CA ARG B 710 -27.65 -17.57 38.39
C ARG B 710 -27.47 -17.78 39.87
N LYS B 711 -26.45 -18.55 40.30
CA LYS B 711 -26.26 -18.71 41.73
C LYS B 711 -25.76 -17.41 42.35
N ALA B 712 -24.95 -16.65 41.62
CA ALA B 712 -24.65 -15.29 42.02
C ALA B 712 -25.85 -14.37 41.83
N LYS B 713 -26.71 -14.65 40.84
CA LYS B 713 -27.95 -13.89 40.76
C LYS B 713 -28.90 -14.26 41.89
N LYS B 714 -28.99 -15.55 42.21
CA LYS B 714 -29.95 -16.04 43.20
C LYS B 714 -29.16 -16.69 44.33
N GLY B 715 -28.81 -15.89 45.34
CA GLY B 715 -27.90 -16.37 46.38
C GLY B 715 -26.69 -15.48 46.51
N ASN B 716 -26.35 -15.14 47.76
CA ASN B 716 -25.25 -14.21 48.05
C ASN B 716 -23.94 -14.94 47.84
N TYR B 717 -23.54 -15.04 46.58
CA TYR B 717 -22.29 -15.68 46.20
C TYR B 717 -21.49 -14.68 45.37
N ALA B 718 -20.42 -14.16 45.97
CA ALA B 718 -19.40 -13.45 45.23
C ALA B 718 -18.36 -14.41 44.67
N PHE B 719 -17.90 -14.13 43.46
CA PHE B 719 -17.23 -15.16 42.66
C PHE B 719 -15.75 -14.84 42.53
N LEU B 720 -14.99 -15.83 42.05
CA LEU B 720 -13.53 -15.74 41.93
C LEU B 720 -13.12 -16.06 40.49
N TRP B 721 -12.86 -15.03 39.69
CA TRP B 721 -12.70 -15.23 38.26
C TRP B 721 -12.01 -14.01 37.69
N ASP B 722 -11.67 -14.08 36.40
CA ASP B 722 -11.28 -12.90 35.63
C ASP B 722 -12.37 -11.83 35.73
N VAL B 723 -11.92 -10.59 35.94
CA VAL B 723 -12.83 -9.45 35.93
C VAL B 723 -13.40 -9.18 34.55
N ALA B 724 -12.65 -9.44 33.46
CA ALA B 724 -13.11 -9.04 32.13
C ALA B 724 -14.28 -9.90 31.68
N VAL B 725 -14.31 -11.15 32.16
CA VAL B 725 -15.46 -12.01 31.98
C VAL B 725 -16.66 -11.46 32.72
N VAL B 726 -16.45 -11.00 33.96
CA VAL B 726 -17.53 -10.38 34.74
C VAL B 726 -17.98 -9.07 34.10
N GLU B 727 -17.07 -8.34 33.46
CA GLU B 727 -17.39 -7.17 32.66
C GLU B 727 -18.33 -7.54 31.52
N TYR B 728 -18.05 -8.65 30.87
CA TYR B 728 -18.94 -9.10 29.82
C TYR B 728 -20.23 -9.71 30.36
N ALA B 729 -20.19 -10.31 31.54
CA ALA B 729 -21.41 -10.78 32.19
C ALA B 729 -22.32 -9.64 32.63
N ALA B 730 -21.72 -8.50 32.99
CA ALA B 730 -22.49 -7.27 33.18
C ALA B 730 -22.97 -6.73 31.85
N LEU B 731 -22.23 -7.01 30.78
CA LEU B 731 -22.58 -6.55 29.46
C LEU B 731 -23.70 -7.39 28.85
N THR B 732 -24.05 -8.51 29.46
CA THR B 732 -25.03 -9.44 28.92
C THR B 732 -26.36 -9.42 29.67
N ASP B 733 -26.35 -9.06 30.95
CA ASP B 733 -27.56 -9.08 31.75
C ASP B 733 -28.52 -8.00 31.29
N ASP B 734 -29.78 -8.38 31.07
CA ASP B 734 -30.81 -7.45 30.59
C ASP B 734 -31.21 -6.40 31.62
N ASP B 735 -30.84 -6.55 32.88
CA ASP B 735 -31.02 -5.49 33.86
C ASP B 735 -29.68 -5.19 34.53
N CYS B 736 -29.42 -3.89 34.73
CA CYS B 736 -28.19 -3.48 35.40
C CYS B 736 -28.33 -3.83 36.87
N SER B 737 -27.96 -5.04 37.24
CA SER B 737 -28.32 -5.59 38.52
C SER B 737 -27.16 -6.31 39.17
N VAL B 738 -25.94 -5.85 38.94
CA VAL B 738 -24.77 -6.45 39.54
C VAL B 738 -23.81 -5.38 40.04
N THR B 739 -22.74 -5.82 40.70
CA THR B 739 -21.74 -4.95 41.29
C THR B 739 -20.38 -5.64 41.20
N VAL B 740 -19.35 -4.88 40.78
CA VAL B 740 -17.99 -5.39 40.71
C VAL B 740 -17.09 -4.44 41.49
N ILE B 741 -15.96 -4.96 41.95
CA ILE B 741 -14.96 -4.20 42.68
C ILE B 741 -13.60 -4.41 42.03
N GLY B 742 -12.86 -3.33 41.83
CA GLY B 742 -11.62 -3.33 41.07
C GLY B 742 -10.51 -4.14 41.73
N ASN B 743 -9.45 -4.35 40.95
CA ASN B 743 -8.30 -5.15 41.32
C ASN B 743 -7.10 -4.57 40.58
N SER B 744 -5.97 -4.49 41.28
CA SER B 744 -4.77 -3.88 40.69
C SER B 744 -3.55 -4.63 41.21
N ILE B 745 -3.08 -5.60 40.44
CA ILE B 745 -1.85 -6.35 40.72
C ILE B 745 -1.11 -6.34 39.38
N SER B 746 -0.17 -5.41 39.22
CA SER B 746 0.51 -5.22 37.95
C SER B 746 1.93 -5.74 37.92
N SER B 747 2.42 -6.27 39.03
CA SER B 747 3.73 -6.93 39.02
C SER B 747 3.69 -8.24 38.24
N LYS B 748 2.59 -8.99 38.31
CA LYS B 748 2.37 -10.18 37.50
C LYS B 748 1.50 -9.87 36.28
N GLY B 749 1.87 -10.42 35.12
CA GLY B 749 1.20 -10.12 33.87
C GLY B 749 0.73 -11.39 33.18
N TYR B 750 0.08 -11.19 32.03
CA TYR B 750 -0.38 -12.28 31.18
C TYR B 750 0.22 -12.16 29.78
N GLY B 751 1.10 -13.09 29.41
CA GLY B 751 1.59 -13.19 28.06
C GLY B 751 0.91 -14.32 27.28
N ILE B 752 1.44 -14.58 26.09
CA ILE B 752 0.88 -15.55 25.15
C ILE B 752 1.96 -16.58 24.81
N ALA B 753 1.64 -17.86 24.99
CA ALA B 753 2.60 -18.93 24.72
C ALA B 753 2.90 -19.07 23.23
N LEU B 754 4.00 -19.77 22.94
CA LEU B 754 4.51 -19.96 21.59
C LEU B 754 5.34 -21.23 21.56
N GLN B 755 5.78 -21.60 20.35
CA GLN B 755 6.74 -22.68 20.19
C GLN B 755 8.09 -22.31 20.76
N HIS B 756 8.67 -23.24 21.51
CA HIS B 756 9.93 -23.01 22.21
C HIS B 756 11.08 -23.02 21.22
N GLY B 757 11.52 -21.83 20.84
CA GLY B 757 12.40 -21.66 19.72
C GLY B 757 11.60 -21.16 18.55
N SER B 758 11.64 -19.85 18.32
CA SER B 758 10.89 -19.25 17.24
C SER B 758 11.55 -17.93 16.90
N PRO B 759 11.71 -17.62 15.61
CA PRO B 759 12.55 -16.47 15.23
C PRO B 759 11.89 -15.14 15.50
N TYR B 760 10.56 -15.08 15.58
CA TYR B 760 9.85 -13.82 15.48
C TYR B 760 9.18 -13.43 16.79
N ARG B 761 9.68 -13.97 17.91
CA ARG B 761 9.02 -13.82 19.21
C ARG B 761 9.03 -12.36 19.66
N ASP B 762 10.21 -11.73 19.59
CA ASP B 762 10.31 -10.29 19.84
C ASP B 762 9.56 -9.50 18.79
N LEU B 763 9.46 -9.99 17.56
CA LEU B 763 8.69 -9.28 16.56
C LEU B 763 7.19 -9.39 16.79
N PHE B 764 6.73 -10.54 17.31
CA PHE B 764 5.36 -10.65 17.81
C PHE B 764 5.12 -9.65 18.93
N SER B 765 6.03 -9.67 19.90
CA SER B 765 5.89 -8.88 21.11
C SER B 765 6.09 -7.41 20.81
N GLN B 766 6.76 -7.09 19.70
CA GLN B 766 6.91 -5.71 19.27
C GLN B 766 5.58 -5.08 18.93
N ARG B 767 4.72 -5.81 18.21
CA ARG B 767 3.37 -5.30 18.00
C ARG B 767 2.51 -5.38 19.26
N ILE B 768 2.74 -6.40 20.11
CA ILE B 768 2.03 -6.47 21.40
C ILE B 768 2.35 -5.26 22.28
N LEU B 769 3.62 -4.87 22.32
CA LEU B 769 4.05 -3.67 23.01
C LEU B 769 3.43 -2.42 22.38
N GLU B 770 3.67 -2.21 21.08
CA GLU B 770 3.44 -0.92 20.47
C GLU B 770 1.97 -0.60 20.28
N LEU B 771 1.12 -1.60 20.07
CA LEU B 771 -0.31 -1.33 20.01
C LEU B 771 -0.86 -0.92 21.37
N GLN B 772 -0.20 -1.34 22.44
CA GLN B 772 -0.48 -0.77 23.75
C GLN B 772 0.17 0.60 23.91
N ASP B 773 1.31 0.82 23.27
CA ASP B 773 1.96 2.13 23.32
C ASP B 773 1.14 3.16 22.58
N THR B 774 0.47 2.77 21.51
CA THR B 774 -0.53 3.62 20.91
C THR B 774 -1.83 3.59 21.69
N GLY B 775 -2.01 2.58 22.53
CA GLY B 775 -3.23 2.41 23.29
C GLY B 775 -4.37 1.89 22.46
N ASP B 776 -4.11 1.54 21.21
CA ASP B 776 -5.12 0.97 20.34
C ASP B 776 -5.45 -0.45 20.75
N LEU B 777 -4.55 -1.10 21.47
CA LEU B 777 -4.88 -2.35 22.16
C LEU B 777 -6.02 -2.14 23.13
N ASP B 778 -6.03 -0.99 23.81
CA ASP B 778 -7.16 -0.68 24.66
C ASP B 778 -8.38 -0.24 23.87
N VAL B 779 -8.19 0.28 22.65
CA VAL B 779 -9.34 0.50 21.78
C VAL B 779 -9.93 -0.84 21.34
N LEU B 780 -9.08 -1.85 21.16
CA LEU B 780 -9.58 -3.20 20.90
C LEU B 780 -10.25 -3.77 22.14
N LYS B 781 -9.84 -3.32 23.33
CA LYS B 781 -10.60 -3.72 24.51
C LYS B 781 -11.95 -3.02 24.51
N GLN B 782 -11.99 -1.77 24.03
CA GLN B 782 -13.20 -0.97 24.05
C GLN B 782 -14.14 -1.35 22.93
N LYS B 783 -13.68 -2.21 22.02
CA LYS B 783 -14.56 -2.72 20.97
C LYS B 783 -15.63 -3.59 21.58
N TRP B 784 -15.21 -4.71 22.16
CA TRP B 784 -16.14 -5.73 22.63
C TRP B 784 -16.62 -5.41 24.03
N TRP B 785 -15.89 -4.59 24.78
CA TRP B 785 -16.32 -4.09 26.07
C TRP B 785 -15.91 -2.62 26.21
N PRO B 786 -16.82 -1.69 25.98
CA PRO B 786 -16.54 -0.28 26.30
C PRO B 786 -16.64 -0.01 27.80
N HIS B 787 -16.37 1.23 28.15
CA HIS B 787 -16.30 1.65 29.55
C HIS B 787 -17.67 1.79 30.19
N THR B 788 -18.71 2.04 29.39
CA THR B 788 -20.05 2.21 29.95
C THR B 788 -20.71 0.85 30.09
N GLY B 789 -20.83 0.12 28.98
CA GLY B 789 -21.40 -1.21 29.01
C GLY B 789 -22.90 -1.22 29.19
N ARG B 790 -23.44 -2.43 29.32
CA ARG B 790 -24.88 -2.58 29.47
C ARG B 790 -25.30 -2.16 30.87
N CYS B 791 -24.54 -2.56 31.89
CA CYS B 791 -24.81 -2.08 33.24
C CYS B 791 -23.84 -0.94 33.49
N ASP B 792 -24.36 0.24 33.87
CA ASP B 792 -23.51 1.38 34.20
C ASP B 792 -23.10 1.41 35.67
N LEU B 793 -23.15 0.27 36.36
CA LEU B 793 -22.81 0.11 37.79
C LEU B 793 -23.62 1.03 38.70
N SER B 810 -37.93 3.38 55.71
CA SER B 810 -37.84 4.80 56.03
C SER B 810 -38.03 5.04 57.51
N PHE B 811 -38.25 3.96 58.26
CA PHE B 811 -38.62 4.04 59.68
C PHE B 811 -37.97 2.86 60.41
N ALA B 812 -36.75 3.07 60.91
CA ALA B 812 -36.06 2.02 61.65
C ALA B 812 -35.75 2.41 63.08
N GLY B 813 -34.99 3.47 63.29
CA GLY B 813 -34.84 4.05 64.61
C GLY B 813 -35.86 5.12 64.91
N VAL B 814 -36.79 5.31 63.96
CA VAL B 814 -37.86 6.30 64.10
C VAL B 814 -38.78 5.95 65.27
N PHE B 815 -39.30 4.73 65.28
CA PHE B 815 -40.24 4.31 66.32
C PHE B 815 -39.57 3.84 67.61
N CYS B 816 -38.24 3.92 67.70
CA CYS B 816 -37.53 3.54 68.92
C CYS B 816 -37.97 4.41 70.10
N ILE B 817 -37.92 5.73 69.91
CA ILE B 817 -38.33 6.67 70.94
C ILE B 817 -39.81 6.55 71.26
N LEU B 818 -40.61 6.09 70.28
CA LEU B 818 -42.04 5.88 70.49
C LEU B 818 -42.28 4.81 71.53
N ALA B 819 -41.45 3.77 71.53
CA ALA B 819 -41.54 2.77 72.59
C ALA B 819 -40.84 3.25 73.86
N ILE B 820 -39.83 4.13 73.74
CA ILE B 820 -39.10 4.60 74.92
C ILE B 820 -40.02 5.44 75.81
N GLY B 821 -40.94 6.18 75.18
CA GLY B 821 -41.93 6.91 75.95
C GLY B 821 -42.89 5.98 76.65
N LEU B 822 -43.20 4.82 76.04
CA LEU B 822 -44.05 3.86 76.73
C LEU B 822 -43.29 3.20 77.87
N LEU B 823 -41.96 3.17 77.79
CA LEU B 823 -41.13 2.60 78.83
C LEU B 823 -41.21 3.46 80.07
N LEU B 824 -40.84 4.73 79.93
CA LEU B 824 -40.92 5.69 81.03
C LEU B 824 -42.35 5.87 81.53
N ALA B 825 -43.32 5.74 80.62
CA ALA B 825 -44.74 5.67 80.98
C ALA B 825 -45.03 4.57 81.98
N CYS B 826 -44.78 3.32 81.62
CA CYS B 826 -45.11 2.23 82.53
C CYS B 826 -44.18 2.18 83.74
N LEU B 827 -43.00 2.79 83.62
CA LEU B 827 -42.08 2.93 84.74
C LEU B 827 -42.68 3.80 85.83
N VAL B 828 -43.00 5.05 85.48
CA VAL B 828 -43.51 5.94 86.51
C VAL B 828 -44.95 5.55 86.87
N ALA B 829 -45.62 4.82 85.96
CA ALA B 829 -46.96 4.33 86.17
C ALA B 829 -47.00 3.36 87.34
N ALA B 830 -46.01 2.47 87.42
CA ALA B 830 -45.96 1.65 88.62
C ALA B 830 -45.29 2.38 89.78
N LEU B 831 -44.41 3.33 89.48
CA LEU B 831 -43.52 3.89 90.50
C LEU B 831 -44.28 4.81 91.44
N GLU B 832 -44.92 5.83 90.88
CA GLU B 832 -45.67 6.75 91.73
C GLU B 832 -46.92 6.10 92.28
N LEU B 833 -47.46 5.08 91.60
CA LEU B 833 -48.61 4.36 92.15
C LEU B 833 -48.23 3.63 93.42
N TRP B 834 -47.07 2.98 93.43
CA TRP B 834 -46.63 2.33 94.67
C TRP B 834 -46.23 3.35 95.73
N TRP B 835 -45.66 4.48 95.31
CA TRP B 835 -45.38 5.55 96.27
C TRP B 835 -46.63 6.19 96.87
N ASN B 836 -47.75 6.18 96.14
CA ASN B 836 -48.92 6.90 96.63
C ASN B 836 -50.02 6.01 97.20
N SER B 837 -50.10 4.75 96.78
CA SER B 837 -51.06 3.83 97.38
C SER B 837 -50.67 3.44 98.80
N ASN B 838 -49.40 3.55 99.15
CA ASN B 838 -48.95 3.33 100.51
C ASN B 838 -49.41 4.47 101.40
N SER C 2 -1.04 33.33 -89.88
CA SER C 2 -0.81 32.75 -88.57
C SER C 2 -2.07 32.08 -88.05
N ILE C 3 -1.95 30.83 -87.61
CA ILE C 3 -3.09 30.09 -87.10
C ILE C 3 -3.46 30.58 -85.71
N ILE C 4 -4.48 31.43 -85.62
CA ILE C 4 -4.94 32.00 -84.37
C ILE C 4 -6.03 31.07 -83.85
N HIS C 5 -5.62 30.04 -83.11
CA HIS C 5 -6.55 29.12 -82.47
C HIS C 5 -6.26 29.04 -80.98
N ILE C 6 -7.30 28.85 -80.18
CA ILE C 6 -7.16 28.50 -78.77
C ILE C 6 -8.04 27.28 -78.49
N GLY C 7 -7.62 26.48 -77.52
CA GLY C 7 -8.46 25.46 -76.94
C GLY C 7 -9.15 25.89 -75.65
N ALA C 8 -10.24 25.18 -75.34
CA ALA C 8 -10.96 25.37 -74.08
C ALA C 8 -11.76 24.09 -73.83
N ILE C 9 -11.30 23.27 -72.89
CA ILE C 9 -11.95 22.00 -72.54
C ILE C 9 -12.67 22.15 -71.21
N PHE C 10 -13.98 21.90 -71.21
CA PHE C 10 -14.79 21.95 -70.00
C PHE C 10 -15.55 20.63 -69.85
N GLU C 11 -15.35 19.95 -68.72
CA GLU C 11 -15.98 18.66 -68.48
C GLU C 11 -17.39 18.87 -67.91
N GLU C 12 -18.04 17.76 -67.58
CA GLU C 12 -19.36 17.81 -66.94
C GLU C 12 -19.28 18.46 -65.57
N ASN C 13 -20.15 19.45 -65.33
CA ASN C 13 -21.16 19.90 -66.28
C ASN C 13 -20.65 21.10 -67.07
N ALA C 14 -20.51 20.92 -68.37
CA ALA C 14 -20.25 22.04 -69.26
C ALA C 14 -21.57 22.43 -69.91
N ALA C 15 -22.38 23.14 -69.14
CA ALA C 15 -23.70 23.59 -69.57
C ALA C 15 -23.74 25.10 -69.65
N LYS C 16 -23.42 25.79 -68.55
CA LYS C 16 -23.14 27.21 -68.63
C LYS C 16 -21.77 27.47 -69.21
N ASP C 17 -20.88 26.47 -69.18
CA ASP C 17 -19.65 26.55 -69.97
C ASP C 17 -19.96 26.58 -71.46
N ASP C 18 -21.02 25.92 -71.88
CA ASP C 18 -21.49 25.99 -73.25
C ASP C 18 -22.64 26.99 -73.41
N ARG C 19 -22.86 27.85 -72.41
CA ARG C 19 -23.83 28.93 -72.55
C ARG C 19 -23.22 30.31 -72.33
N VAL C 20 -22.50 30.51 -71.22
CA VAL C 20 -22.04 31.84 -70.83
C VAL C 20 -20.77 32.25 -71.59
N PHE C 21 -20.08 31.28 -72.22
CA PHE C 21 -18.70 31.47 -72.68
C PHE C 21 -18.55 32.55 -73.74
N GLN C 22 -19.42 32.57 -74.75
CA GLN C 22 -19.22 33.57 -75.81
C GLN C 22 -19.95 34.88 -75.56
N LEU C 23 -20.42 35.11 -74.33
CA LEU C 23 -20.94 36.42 -73.94
C LEU C 23 -19.83 37.46 -73.87
N ALA C 24 -18.59 37.01 -73.74
CA ALA C 24 -17.42 37.86 -73.89
C ALA C 24 -16.71 37.65 -75.21
N VAL C 25 -16.76 36.45 -75.79
CA VAL C 25 -16.00 36.13 -77.00
C VAL C 25 -16.57 36.89 -78.20
N SER C 26 -17.91 36.98 -78.28
CA SER C 26 -18.54 37.86 -79.27
C SER C 26 -18.13 39.30 -79.08
N ASP C 27 -18.19 39.83 -77.85
CA ASP C 27 -17.75 41.20 -77.62
C ASP C 27 -16.25 41.41 -77.77
N LEU C 28 -15.45 40.35 -77.69
CA LEU C 28 -14.07 40.38 -78.15
C LEU C 28 -13.96 40.65 -79.64
N SER C 29 -14.64 39.82 -80.44
CA SER C 29 -14.60 40.02 -81.88
C SER C 29 -15.33 41.28 -82.34
N LEU C 30 -16.24 41.81 -81.54
CA LEU C 30 -16.95 43.05 -81.87
C LEU C 30 -16.23 44.32 -81.39
N ASN C 31 -16.03 44.45 -80.08
CA ASN C 31 -15.84 45.73 -79.41
C ASN C 31 -14.40 46.04 -79.05
N ASP C 32 -13.43 45.33 -79.62
CA ASP C 32 -12.03 45.56 -79.28
C ASP C 32 -11.30 46.17 -80.47
N ASP C 33 -10.65 47.32 -80.23
CA ASP C 33 -9.99 48.09 -81.28
C ASP C 33 -8.55 47.69 -81.53
N ILE C 34 -7.85 47.16 -80.51
CA ILE C 34 -6.50 46.67 -80.76
C ILE C 34 -6.55 45.32 -81.46
N LEU C 35 -7.49 44.46 -81.08
CA LEU C 35 -7.77 43.24 -81.83
C LEU C 35 -8.68 43.49 -83.04
N GLN C 36 -8.98 44.74 -83.34
CA GLN C 36 -9.45 45.10 -84.67
C GLN C 36 -8.24 45.15 -85.60
N SER C 37 -8.48 44.77 -86.86
CA SER C 37 -7.47 44.31 -87.83
C SER C 37 -6.77 43.04 -87.35
N GLU C 38 -7.46 42.28 -86.49
CA GLU C 38 -7.03 40.96 -86.04
C GLU C 38 -8.25 40.06 -85.99
N LYS C 39 -8.02 38.74 -85.99
CA LYS C 39 -9.10 37.77 -86.03
C LYS C 39 -9.14 36.95 -84.74
N ILE C 40 -10.35 36.70 -84.25
CA ILE C 40 -10.59 36.18 -82.90
C ILE C 40 -11.39 34.89 -83.01
N THR C 41 -10.84 33.81 -82.45
CA THR C 41 -11.48 32.51 -82.37
C THR C 41 -11.61 32.08 -80.91
N TYR C 42 -11.92 30.80 -80.71
CA TYR C 42 -12.41 30.28 -79.43
C TYR C 42 -12.35 28.75 -79.47
N SER C 43 -12.92 28.12 -78.45
CA SER C 43 -13.22 26.69 -78.41
C SER C 43 -14.26 26.46 -77.34
N ILE C 44 -15.15 25.47 -77.56
CA ILE C 44 -16.03 24.97 -76.52
C ILE C 44 -16.05 23.45 -76.58
N LYS C 45 -15.64 22.80 -75.49
CA LYS C 45 -15.78 21.36 -75.36
C LYS C 45 -16.75 21.06 -74.22
N VAL C 46 -17.51 19.97 -74.40
CA VAL C 46 -18.41 19.43 -73.37
C VAL C 46 -18.16 17.92 -73.34
N ILE C 47 -17.30 17.46 -72.43
CA ILE C 47 -17.02 16.03 -72.30
C ILE C 47 -17.37 15.55 -70.90
N GLU C 48 -17.22 14.24 -70.65
CA GLU C 48 -17.67 13.65 -69.40
C GLU C 48 -16.65 13.88 -68.29
N ALA C 49 -17.14 13.88 -67.05
CA ALA C 49 -16.37 14.29 -65.89
C ALA C 49 -15.44 13.18 -65.40
N ASN C 50 -14.39 13.61 -64.68
CA ASN C 50 -13.28 12.76 -64.17
C ASN C 50 -12.64 11.90 -65.26
N ASN C 51 -12.54 12.46 -66.46
CA ASN C 51 -11.95 11.75 -67.61
C ASN C 51 -10.73 12.53 -68.09
N PRO C 52 -9.56 12.32 -67.50
CA PRO C 52 -8.37 13.00 -68.01
C PRO C 52 -7.91 12.50 -69.37
N PHE C 53 -7.86 11.18 -69.57
CA PHE C 53 -7.33 10.69 -70.84
C PHE C 53 -8.32 10.83 -71.98
N GLN C 54 -9.62 10.98 -71.68
CA GLN C 54 -10.57 11.39 -72.70
C GLN C 54 -10.29 12.82 -73.13
N ALA C 55 -9.89 13.67 -72.18
CA ALA C 55 -9.47 15.02 -72.50
C ALA C 55 -8.08 15.08 -73.10
N VAL C 56 -7.29 14.00 -73.00
CA VAL C 56 -5.94 13.98 -73.58
C VAL C 56 -6.01 14.00 -75.10
N GLN C 57 -6.84 13.14 -75.69
CA GLN C 57 -7.11 13.20 -77.12
C GLN C 57 -7.90 14.43 -77.53
N GLU C 58 -8.47 15.16 -76.59
CA GLU C 58 -9.00 16.48 -76.89
C GLU C 58 -7.95 17.57 -76.73
N ALA C 59 -6.87 17.30 -76.00
CA ALA C 59 -5.76 18.21 -75.82
C ALA C 59 -4.61 17.93 -76.79
N CYS C 60 -4.34 16.66 -77.11
CA CYS C 60 -3.30 16.36 -78.08
C CYS C 60 -3.75 16.66 -79.50
N ASP C 61 -5.07 16.78 -79.73
CA ASP C 61 -5.60 17.16 -81.03
C ASP C 61 -5.63 18.68 -81.20
N LEU C 62 -5.87 19.43 -80.12
CA LEU C 62 -5.91 20.88 -80.22
C LEU C 62 -4.51 21.49 -80.11
N MET C 63 -3.55 20.75 -79.55
CA MET C 63 -2.16 21.20 -79.56
C MET C 63 -1.62 21.25 -80.98
N THR C 64 -2.14 20.39 -81.86
CA THR C 64 -1.77 20.41 -83.27
C THR C 64 -2.24 21.67 -83.96
N GLN C 65 -3.28 22.32 -83.44
CA GLN C 65 -3.86 23.52 -84.04
C GLN C 65 -3.29 24.82 -83.47
N GLY C 66 -2.44 24.74 -82.45
CA GLY C 66 -2.01 25.97 -81.82
C GLY C 66 -2.98 26.45 -80.76
N ILE C 67 -2.51 26.65 -79.54
CA ILE C 67 -3.33 27.17 -78.44
C ILE C 67 -2.55 28.28 -77.77
N LEU C 68 -3.18 29.45 -77.60
CA LEU C 68 -2.54 30.58 -76.96
C LEU C 68 -2.90 30.74 -75.48
N ALA C 69 -4.09 30.29 -75.08
CA ALA C 69 -4.49 30.29 -73.67
C ALA C 69 -5.58 29.25 -73.48
N LEU C 70 -5.48 28.49 -72.40
CA LEU C 70 -6.39 27.39 -72.10
C LEU C 70 -7.16 27.70 -70.82
N VAL C 71 -8.49 27.71 -70.91
CA VAL C 71 -9.36 27.96 -69.77
C VAL C 71 -10.05 26.63 -69.43
N THR C 72 -9.87 26.16 -68.21
CA THR C 72 -10.43 24.88 -67.80
C THR C 72 -11.33 25.03 -66.58
N SER C 73 -12.13 24.00 -66.34
CA SER C 73 -12.88 23.83 -65.10
C SER C 73 -12.88 22.34 -64.78
N THR C 74 -11.91 21.92 -63.97
CA THR C 74 -11.73 20.50 -63.62
C THR C 74 -11.42 20.41 -62.12
N GLY C 75 -10.89 19.26 -61.70
CA GLY C 75 -10.58 19.00 -60.29
C GLY C 75 -9.13 18.69 -60.00
N CYS C 76 -8.85 18.16 -58.81
CA CYS C 76 -7.48 17.96 -58.35
C CYS C 76 -6.82 16.78 -59.03
N ALA C 77 -7.40 15.59 -58.90
CA ALA C 77 -6.76 14.37 -59.39
C ALA C 77 -6.78 14.29 -60.91
N SER C 78 -7.64 15.05 -61.57
CA SER C 78 -7.82 14.95 -63.01
C SER C 78 -7.05 16.02 -63.78
N ALA C 79 -6.23 16.84 -63.11
CA ALA C 79 -5.57 17.94 -63.80
C ALA C 79 -4.09 18.10 -63.48
N ASN C 80 -3.47 17.12 -62.81
CA ASN C 80 -2.01 17.15 -62.67
C ASN C 80 -1.35 16.88 -64.01
N ALA C 81 -2.02 16.13 -64.88
CA ALA C 81 -1.54 15.94 -66.25
C ALA C 81 -1.57 17.25 -67.02
N LEU C 82 -2.70 17.96 -66.98
CA LEU C 82 -2.79 19.27 -67.62
C LEU C 82 -1.93 20.32 -66.92
N GLN C 83 -1.63 20.13 -65.64
CA GLN C 83 -0.58 20.91 -64.98
C GLN C 83 0.78 20.69 -65.64
N SER C 84 1.21 19.44 -65.72
CA SER C 84 2.53 19.15 -66.27
C SER C 84 2.58 19.20 -67.79
N LEU C 85 1.44 19.35 -68.46
CA LEU C 85 1.42 19.57 -69.89
C LEU C 85 1.89 20.97 -70.25
N THR C 86 1.62 21.93 -69.38
CA THR C 86 1.86 23.33 -69.68
C THR C 86 3.24 23.80 -69.22
N ASP C 87 4.12 22.89 -68.82
CA ASP C 87 5.44 23.26 -68.32
C ASP C 87 6.49 23.29 -69.42
N ALA C 88 6.43 22.32 -70.34
CA ALA C 88 7.47 22.17 -71.35
C ALA C 88 7.23 23.07 -72.56
N MET C 89 6.00 23.11 -73.06
CA MET C 89 5.66 24.03 -74.12
C MET C 89 5.43 25.45 -73.65
N HIS C 90 5.40 25.68 -72.32
CA HIS C 90 5.27 26.99 -71.70
C HIS C 90 3.96 27.68 -72.10
N ILE C 91 2.86 27.05 -71.74
CA ILE C 91 1.52 27.49 -72.13
C ILE C 91 0.79 27.94 -70.87
N PRO C 92 -0.03 28.99 -70.93
CA PRO C 92 -0.90 29.30 -69.80
C PRO C 92 -1.96 28.23 -69.60
N HIS C 93 -2.48 28.18 -68.38
CA HIS C 93 -3.48 27.16 -68.03
C HIS C 93 -4.44 27.77 -67.01
N LEU C 94 -5.55 28.31 -67.50
CA LEU C 94 -6.55 28.90 -66.61
C LEU C 94 -7.50 27.82 -66.13
N PHE C 95 -7.93 27.94 -64.88
CA PHE C 95 -8.53 26.82 -64.19
C PHE C 95 -9.62 27.28 -63.23
N VAL C 96 -10.68 26.47 -63.15
CA VAL C 96 -11.73 26.60 -62.14
C VAL C 96 -11.85 25.24 -61.44
N GLN C 97 -11.95 25.25 -60.12
CA GLN C 97 -12.20 24.00 -59.42
C GLN C 97 -13.68 23.65 -59.51
N ARG C 98 -13.98 22.46 -60.01
CA ARG C 98 -15.36 21.99 -60.04
C ARG C 98 -15.88 21.68 -58.64
N ASN C 99 -17.13 22.06 -58.41
CA ASN C 99 -17.94 21.66 -57.27
C ASN C 99 -19.34 21.36 -57.80
N PRO C 100 -20.07 20.44 -57.15
CA PRO C 100 -21.41 20.09 -57.66
C PRO C 100 -22.46 21.19 -57.60
N GLY C 101 -22.71 21.77 -56.43
CA GLY C 101 -23.88 22.60 -56.27
C GLY C 101 -23.69 23.88 -55.48
N GLY C 102 -22.45 24.27 -55.27
CA GLY C 102 -22.15 25.40 -54.41
C GLY C 102 -21.68 25.04 -53.03
N SER C 103 -21.26 23.80 -52.82
CA SER C 103 -20.59 23.41 -51.59
C SER C 103 -19.20 24.03 -51.54
N PRO C 104 -18.53 24.03 -50.37
CA PRO C 104 -17.14 24.53 -50.31
C PRO C 104 -16.13 23.75 -51.16
N ARG C 105 -14.89 24.23 -51.18
CA ARG C 105 -13.87 23.77 -52.10
C ARG C 105 -12.65 23.27 -51.34
N THR C 106 -11.71 22.67 -52.08
CA THR C 106 -10.49 22.12 -51.51
C THR C 106 -9.36 22.24 -52.53
N ALA C 107 -8.24 22.83 -52.11
CA ALA C 107 -7.06 22.97 -52.94
C ALA C 107 -6.38 21.62 -53.18
N CYS C 108 -5.40 21.63 -54.07
CA CYS C 108 -4.77 20.41 -54.57
C CYS C 108 -3.35 20.28 -54.02
N HIS C 109 -2.67 19.22 -54.47
CA HIS C 109 -1.31 18.92 -54.04
C HIS C 109 -0.62 18.25 -55.22
N LEU C 110 0.59 18.67 -55.56
CA LEU C 110 1.14 18.41 -56.90
C LEU C 110 2.62 17.99 -56.79
N ASN C 111 3.32 18.07 -57.92
CA ASN C 111 4.65 17.49 -58.12
C ASN C 111 5.72 18.23 -57.31
N PRO C 112 6.85 17.54 -56.97
CA PRO C 112 7.93 18.21 -56.21
C PRO C 112 8.85 19.04 -57.10
N SER C 113 8.27 20.01 -57.77
CA SER C 113 8.90 21.03 -58.60
C SER C 113 9.07 22.31 -57.81
N PRO C 114 10.06 23.15 -58.15
CA PRO C 114 10.24 24.41 -57.41
C PRO C 114 9.13 25.42 -57.65
N ASP C 115 8.94 26.29 -56.67
CA ASP C 115 7.96 27.37 -56.75
C ASP C 115 8.43 28.44 -57.74
N GLY C 116 7.47 29.05 -58.41
CA GLY C 116 7.74 30.06 -59.41
C GLY C 116 7.02 29.80 -60.72
N GLU C 117 7.00 28.53 -61.12
CA GLU C 117 6.24 28.11 -62.28
C GLU C 117 4.78 27.98 -61.88
N ALA C 118 3.94 28.91 -62.34
CA ALA C 118 2.49 28.76 -62.23
C ALA C 118 1.92 28.98 -63.62
N TYR C 119 1.99 27.94 -64.45
CA TYR C 119 1.23 27.92 -65.68
C TYR C 119 -0.23 27.61 -65.41
N THR C 120 -0.47 26.66 -64.52
CA THR C 120 -1.80 26.44 -63.97
C THR C 120 -2.10 27.56 -62.99
N LEU C 121 -3.27 28.16 -63.12
CA LEU C 121 -3.69 29.21 -62.21
C LEU C 121 -5.13 28.97 -61.81
N ALA C 122 -5.38 28.91 -60.50
CA ALA C 122 -6.72 28.74 -59.98
C ALA C 122 -7.43 30.09 -59.91
N SER C 123 -8.51 30.23 -60.68
CA SER C 123 -9.24 31.50 -60.72
C SER C 123 -10.03 31.72 -59.44
N ARG C 124 -10.48 30.64 -58.81
CA ARG C 124 -11.38 30.72 -57.68
C ARG C 124 -10.71 31.33 -56.45
N PRO C 125 -11.47 32.01 -55.59
CA PRO C 125 -10.88 32.59 -54.39
C PRO C 125 -10.47 31.53 -53.39
N PRO C 126 -9.47 31.80 -52.55
CA PRO C 126 -8.93 30.75 -51.69
C PRO C 126 -9.79 30.48 -50.45
N VAL C 127 -9.50 29.36 -49.81
CA VAL C 127 -10.10 28.98 -48.53
C VAL C 127 -9.32 29.68 -47.42
N ARG C 128 -9.83 30.85 -47.01
CA ARG C 128 -9.23 31.61 -45.92
C ARG C 128 -9.94 31.33 -44.60
N LEU C 129 -10.40 30.10 -44.39
CA LEU C 129 -11.57 29.89 -43.56
C LEU C 129 -11.27 29.21 -42.24
N ASN C 130 -10.05 28.71 -42.04
CA ASN C 130 -9.56 28.45 -40.70
C ASN C 130 -9.50 29.75 -39.90
N ASP C 131 -9.24 30.86 -40.59
CA ASP C 131 -9.18 32.17 -39.97
C ASP C 131 -10.55 32.59 -39.47
N VAL C 132 -11.56 32.52 -40.36
CA VAL C 132 -12.88 32.98 -40.00
C VAL C 132 -13.52 32.02 -38.99
N MET C 133 -13.10 30.75 -39.03
CA MET C 133 -13.47 29.85 -37.93
C MET C 133 -12.84 30.30 -36.63
N LEU C 134 -11.59 30.80 -36.66
CA LEU C 134 -10.98 31.20 -35.41
C LEU C 134 -11.56 32.52 -34.94
N ARG C 135 -12.15 33.30 -35.86
CA ARG C 135 -12.97 34.44 -35.48
C ARG C 135 -14.13 33.97 -34.64
N LEU C 136 -14.98 33.12 -35.22
CA LEU C 136 -16.29 32.92 -34.62
C LEU C 136 -16.27 31.95 -33.46
N VAL C 137 -15.25 31.10 -33.31
CA VAL C 137 -15.12 30.31 -32.08
C VAL C 137 -14.77 31.18 -30.88
N THR C 138 -14.30 32.40 -31.12
CA THR C 138 -14.02 33.35 -30.07
C THR C 138 -15.07 34.45 -29.94
N GLU C 139 -15.48 35.06 -31.05
CA GLU C 139 -16.33 36.23 -31.00
C GLU C 139 -17.81 35.91 -30.83
N LEU C 140 -18.21 34.65 -30.71
CA LEU C 140 -19.64 34.38 -30.59
C LEU C 140 -19.94 33.34 -29.52
N ARG C 141 -19.17 33.37 -28.42
CA ARG C 141 -19.41 32.68 -27.14
C ARG C 141 -19.66 31.17 -27.29
N TRP C 142 -18.66 30.47 -27.81
CA TRP C 142 -18.78 29.04 -28.08
C TRP C 142 -17.91 28.22 -27.15
N GLN C 143 -18.48 27.13 -26.65
CA GLN C 143 -17.78 26.08 -25.91
C GLN C 143 -18.12 24.69 -26.42
N LYS C 144 -19.38 24.44 -26.75
CA LYS C 144 -19.88 23.10 -27.08
C LYS C 144 -20.79 23.27 -28.28
N PHE C 145 -20.42 22.67 -29.42
CA PHE C 145 -21.22 22.93 -30.63
C PHE C 145 -21.05 21.78 -31.62
N VAL C 146 -21.64 21.98 -32.80
CA VAL C 146 -21.72 20.96 -33.85
C VAL C 146 -21.27 21.60 -35.15
N MET C 147 -20.66 20.79 -36.02
CA MET C 147 -20.44 21.15 -37.41
C MET C 147 -20.85 19.98 -38.29
N PHE C 148 -21.02 20.25 -39.59
CA PHE C 148 -21.44 19.22 -40.53
C PHE C 148 -20.77 19.37 -41.87
N TYR C 149 -21.15 18.47 -42.77
CA TYR C 149 -20.57 18.26 -44.10
C TYR C 149 -21.37 17.19 -44.80
N ASP C 150 -21.40 17.19 -46.12
CA ASP C 150 -22.24 16.23 -46.82
C ASP C 150 -21.45 14.96 -47.15
N SER C 151 -22.04 14.14 -48.00
CA SER C 151 -21.35 13.01 -48.59
C SER C 151 -20.47 13.41 -49.77
N GLU C 152 -20.73 14.56 -50.39
CA GLU C 152 -20.21 14.84 -51.73
C GLU C 152 -19.14 15.92 -51.75
N TYR C 153 -18.53 16.26 -50.61
CA TYR C 153 -17.42 17.20 -50.58
C TYR C 153 -16.20 16.54 -49.96
N ASP C 154 -15.03 16.89 -50.52
CA ASP C 154 -13.74 16.51 -49.97
C ASP C 154 -13.54 17.19 -48.62
N ILE C 155 -13.67 16.43 -47.54
CA ILE C 155 -13.92 16.98 -46.21
C ILE C 155 -12.71 17.67 -45.61
N ARG C 156 -11.58 17.67 -46.31
CA ARG C 156 -10.31 18.08 -45.75
C ARG C 156 -10.08 19.59 -45.86
N GLY C 157 -11.15 20.37 -45.97
CA GLY C 157 -11.01 21.80 -46.20
C GLY C 157 -10.45 22.54 -45.00
N LEU C 158 -11.06 22.35 -43.83
CA LEU C 158 -10.58 22.96 -42.60
C LEU C 158 -10.24 21.87 -41.59
N GLN C 159 -9.62 20.79 -42.08
CA GLN C 159 -9.01 19.79 -41.23
C GLN C 159 -7.89 20.37 -40.38
N SER C 160 -7.27 21.45 -40.87
CA SER C 160 -6.43 22.29 -40.03
C SER C 160 -7.18 22.81 -38.82
N PHE C 161 -8.44 23.23 -38.99
CA PHE C 161 -9.13 23.82 -37.84
C PHE C 161 -9.54 22.78 -36.80
N LEU C 162 -9.41 21.50 -37.11
CA LEU C 162 -9.60 20.44 -36.14
C LEU C 162 -8.49 20.38 -35.10
N ASP C 163 -7.45 21.20 -35.23
CA ASP C 163 -6.23 21.04 -34.47
C ASP C 163 -6.04 22.12 -33.42
N GLN C 164 -6.40 23.36 -33.75
CA GLN C 164 -6.56 24.41 -32.77
C GLN C 164 -7.72 24.12 -31.81
N ALA C 165 -8.67 23.27 -32.23
CA ALA C 165 -9.78 22.86 -31.38
C ALA C 165 -9.31 22.14 -30.12
N SER C 166 -8.22 21.40 -30.20
CA SER C 166 -7.63 20.84 -28.99
C SER C 166 -6.93 21.91 -28.17
N ARG C 167 -6.45 22.95 -28.82
CA ARG C 167 -5.61 23.93 -28.15
C ARG C 167 -6.42 24.97 -27.39
N LEU C 168 -7.58 25.35 -27.92
CA LEU C 168 -8.48 26.24 -27.18
C LEU C 168 -9.14 25.51 -26.02
N GLY C 169 -9.75 24.37 -26.28
CA GLY C 169 -10.45 23.61 -25.27
C GLY C 169 -11.95 23.51 -25.45
N LEU C 170 -12.47 23.88 -26.62
CA LEU C 170 -13.91 23.82 -26.86
C LEU C 170 -14.27 22.41 -27.33
N ASP C 171 -15.55 22.18 -27.59
CA ASP C 171 -15.98 20.89 -28.13
C ASP C 171 -16.81 21.09 -29.38
N VAL C 172 -16.50 20.30 -30.40
CA VAL C 172 -17.15 20.34 -31.71
C VAL C 172 -17.87 19.01 -31.87
N SER C 173 -18.98 19.03 -32.60
CA SER C 173 -19.56 17.79 -33.10
C SER C 173 -19.53 17.80 -34.62
N LEU C 174 -19.41 16.61 -35.21
CA LEU C 174 -19.06 16.45 -36.61
C LEU C 174 -19.83 15.26 -37.17
N GLN C 175 -20.79 15.50 -38.07
CA GLN C 175 -21.44 14.39 -38.74
C GLN C 175 -21.59 14.66 -40.23
N LYS C 176 -21.71 13.58 -40.97
CA LYS C 176 -21.93 13.65 -42.40
C LYS C 176 -23.41 13.86 -42.70
N VAL C 177 -23.68 14.64 -43.74
CA VAL C 177 -25.04 14.86 -44.22
C VAL C 177 -25.28 13.91 -45.39
N ASP C 178 -26.47 13.32 -45.43
CA ASP C 178 -26.84 12.37 -46.48
C ASP C 178 -27.05 13.09 -47.82
N LYS C 179 -27.50 12.32 -48.81
CA LYS C 179 -28.14 12.89 -49.99
C LYS C 179 -29.64 12.62 -49.99
N ASN C 180 -30.20 12.30 -48.82
CA ASN C 180 -31.65 12.29 -48.63
C ASN C 180 -31.94 12.85 -47.26
N ILE C 181 -32.72 13.94 -47.23
CA ILE C 181 -33.08 14.62 -46.00
C ILE C 181 -33.96 13.71 -45.14
N SER C 182 -34.82 12.94 -45.80
CA SER C 182 -35.68 12.00 -45.10
C SER C 182 -34.87 10.90 -44.44
N HIS C 183 -33.73 10.53 -45.03
CA HIS C 183 -32.89 9.53 -44.38
C HIS C 183 -32.17 10.13 -43.19
N VAL C 184 -31.95 11.45 -43.20
CA VAL C 184 -31.38 12.13 -42.06
C VAL C 184 -32.35 12.09 -40.89
N PHE C 185 -33.60 12.53 -41.12
CA PHE C 185 -34.57 12.45 -40.02
C PHE C 185 -34.95 11.02 -39.67
N THR C 186 -34.76 10.09 -40.60
CA THR C 186 -34.96 8.67 -40.33
C THR C 186 -33.98 8.19 -39.28
N SER C 187 -32.68 8.38 -39.55
CA SER C 187 -31.67 7.96 -38.59
C SER C 187 -31.71 8.78 -37.30
N LEU C 188 -32.22 10.00 -37.35
CA LEU C 188 -32.31 10.80 -36.12
C LEU C 188 -33.62 10.60 -35.37
N PHE C 189 -34.55 9.79 -35.87
CA PHE C 189 -35.70 9.40 -35.08
C PHE C 189 -35.81 7.92 -34.81
N THR C 190 -35.02 7.08 -35.48
CA THR C 190 -35.15 5.64 -35.35
C THR C 190 -33.91 4.97 -34.79
N THR C 191 -32.74 5.24 -35.37
CA THR C 191 -31.53 4.46 -35.12
C THR C 191 -30.85 4.77 -33.79
N MET C 192 -31.35 5.73 -33.02
CA MET C 192 -30.62 6.20 -31.84
C MET C 192 -31.46 6.04 -30.56
N LYS C 193 -30.91 6.56 -29.46
CA LYS C 193 -31.60 6.68 -28.19
C LYS C 193 -32.24 8.05 -28.06
N THR C 194 -33.53 8.07 -27.66
CA THR C 194 -34.29 9.31 -27.52
C THR C 194 -33.68 10.26 -26.48
N GLU C 195 -33.16 9.71 -25.38
CA GLU C 195 -32.43 10.54 -24.43
C GLU C 195 -31.13 11.05 -25.03
N GLU C 196 -30.41 10.19 -25.76
CA GLU C 196 -29.23 10.63 -26.48
C GLU C 196 -29.62 11.56 -27.62
N LEU C 197 -30.84 11.41 -28.15
CA LEU C 197 -31.33 12.29 -29.20
C LEU C 197 -31.51 13.69 -28.65
N ASN C 198 -32.17 13.81 -27.50
CA ASN C 198 -32.49 15.13 -26.97
C ASN C 198 -31.24 15.82 -26.45
N ARG C 199 -30.29 15.03 -25.90
CA ARG C 199 -28.92 15.50 -25.68
C ARG C 199 -28.30 16.09 -26.94
N TYR C 200 -28.27 15.30 -28.01
CA TYR C 200 -27.69 15.73 -29.27
C TYR C 200 -28.44 16.90 -29.89
N ARG C 201 -29.76 16.92 -29.73
CA ARG C 201 -30.61 18.03 -30.17
C ARG C 201 -30.29 19.32 -29.44
N ASP C 202 -30.09 19.24 -28.13
CA ASP C 202 -29.72 20.45 -27.42
C ASP C 202 -28.28 20.82 -27.71
N THR C 203 -27.44 19.85 -28.07
CA THR C 203 -26.14 20.15 -28.63
C THR C 203 -26.28 20.77 -30.01
N LEU C 204 -27.31 20.36 -30.76
CA LEU C 204 -27.56 20.82 -32.12
C LEU C 204 -28.08 22.26 -32.16
N ARG C 205 -28.42 22.84 -31.01
CA ARG C 205 -28.80 24.25 -30.97
C ARG C 205 -27.64 25.16 -31.36
N ARG C 206 -26.41 24.70 -31.21
CA ARG C 206 -25.24 25.29 -31.84
C ARG C 206 -24.72 24.29 -32.87
N ALA C 207 -25.00 24.54 -34.14
CA ALA C 207 -24.63 23.61 -35.20
C ALA C 207 -24.25 24.38 -36.46
N ILE C 208 -23.48 23.70 -37.33
CA ILE C 208 -22.96 24.30 -38.56
C ILE C 208 -23.09 23.30 -39.70
N LEU C 209 -23.80 23.67 -40.75
CA LEU C 209 -23.69 22.93 -41.99
C LEU C 209 -22.63 23.58 -42.87
N LEU C 210 -21.95 22.76 -43.67
CA LEU C 210 -20.94 23.25 -44.61
C LEU C 210 -21.25 22.66 -45.98
N LEU C 211 -22.17 23.28 -46.71
CA LEU C 211 -22.87 22.55 -47.77
C LEU C 211 -23.08 23.45 -48.98
N SER C 212 -23.72 22.87 -49.99
CA SER C 212 -24.26 23.64 -51.10
C SER C 212 -25.44 24.46 -50.62
N PRO C 213 -25.76 25.57 -51.28
CA PRO C 213 -26.92 26.37 -50.90
C PRO C 213 -28.27 25.79 -51.30
N GLN C 214 -28.31 24.54 -51.75
CA GLN C 214 -29.48 23.97 -52.38
C GLN C 214 -30.10 22.87 -51.54
N GLY C 215 -29.33 21.82 -51.25
CA GLY C 215 -29.81 20.78 -50.36
C GLY C 215 -29.86 21.24 -48.92
N ALA C 216 -28.97 22.15 -48.54
CA ALA C 216 -29.06 22.80 -47.24
C ALA C 216 -30.31 23.64 -47.12
N HIS C 217 -30.65 24.40 -48.17
CA HIS C 217 -31.92 25.12 -48.20
C HIS C 217 -33.09 24.15 -48.06
N SER C 218 -32.99 22.97 -48.68
CA SER C 218 -33.99 21.92 -48.47
C SER C 218 -34.02 21.42 -47.04
N PHE C 219 -32.87 21.39 -46.37
CA PHE C 219 -32.82 20.80 -45.03
C PHE C 219 -33.26 21.78 -43.94
N ILE C 220 -32.74 23.00 -43.99
CA ILE C 220 -32.73 23.90 -42.84
C ILE C 220 -34.13 24.34 -42.46
N ASN C 221 -34.94 24.72 -43.45
CA ASN C 221 -36.31 25.12 -43.15
C ASN C 221 -37.15 23.96 -42.62
N GLU C 222 -36.83 22.72 -43.01
CA GLU C 222 -37.45 21.57 -42.36
C GLU C 222 -36.90 21.33 -40.96
N ALA C 223 -35.59 21.57 -40.75
CA ALA C 223 -35.01 21.50 -39.42
C ALA C 223 -35.60 22.56 -38.50
N VAL C 224 -36.00 23.69 -39.06
CA VAL C 224 -36.86 24.63 -38.37
C VAL C 224 -38.22 24.00 -38.10
N GLU C 225 -38.82 23.41 -39.14
CA GLU C 225 -40.15 22.82 -39.05
C GLU C 225 -40.19 21.55 -38.21
N THR C 226 -39.05 21.00 -37.84
CA THR C 226 -38.99 19.96 -36.81
C THR C 226 -38.73 20.54 -35.42
N ASN C 227 -38.95 21.85 -35.25
CA ASN C 227 -38.98 22.54 -33.96
C ASN C 227 -37.64 22.42 -33.24
N LEU C 228 -36.55 22.47 -34.01
CA LEU C 228 -35.22 22.50 -33.42
C LEU C 228 -34.85 23.89 -32.97
N ALA C 229 -35.59 24.90 -33.40
CA ALA C 229 -35.50 26.25 -32.87
C ALA C 229 -36.88 26.62 -32.33
N SER C 230 -36.92 26.94 -31.05
CA SER C 230 -38.13 27.46 -30.42
C SER C 230 -38.10 28.98 -30.30
N LYS C 231 -37.05 29.52 -29.71
CA LYS C 231 -36.90 30.97 -29.58
C LYS C 231 -35.72 31.49 -30.38
N ASP C 232 -34.49 31.06 -30.07
CA ASP C 232 -33.31 31.51 -30.78
C ASP C 232 -32.13 30.62 -30.38
N SER C 233 -31.27 30.34 -31.37
CA SER C 233 -29.83 30.22 -31.17
C SER C 233 -29.19 30.39 -32.55
N HIS C 234 -27.87 30.39 -32.58
CA HIS C 234 -27.17 30.69 -33.81
C HIS C 234 -26.88 29.42 -34.58
N TRP C 235 -27.02 29.49 -35.90
CA TRP C 235 -26.45 28.50 -36.80
C TRP C 235 -25.79 29.22 -37.96
N VAL C 236 -24.68 28.66 -38.44
CA VAL C 236 -23.67 29.42 -39.17
C VAL C 236 -23.39 28.75 -40.52
N PHE C 237 -23.36 29.55 -41.58
CA PHE C 237 -22.58 29.22 -42.77
C PHE C 237 -22.23 30.50 -43.52
N VAL C 238 -21.01 30.55 -44.03
CA VAL C 238 -20.49 31.66 -44.82
C VAL C 238 -20.13 31.10 -46.19
N ASN C 239 -20.56 31.77 -47.25
CA ASN C 239 -20.29 31.26 -48.59
C ASN C 239 -19.98 32.44 -49.50
N GLU C 240 -20.02 32.20 -50.80
CA GLU C 240 -19.72 33.18 -51.82
C GLU C 240 -20.90 33.43 -52.75
N GLU C 241 -22.00 32.72 -52.59
CA GLU C 241 -23.11 32.78 -53.55
C GLU C 241 -24.39 32.34 -52.88
N ILE C 242 -25.38 33.22 -52.83
CA ILE C 242 -26.76 32.85 -52.52
C ILE C 242 -27.70 33.87 -53.14
N SER C 243 -28.74 33.39 -53.80
CA SER C 243 -29.79 34.27 -54.32
C SER C 243 -30.61 34.86 -53.19
N ASP C 244 -31.05 36.10 -53.40
CA ASP C 244 -31.81 36.83 -52.38
C ASP C 244 -33.15 36.18 -52.00
N PRO C 245 -33.93 35.56 -52.91
CA PRO C 245 -35.08 34.80 -52.41
C PRO C 245 -34.70 33.61 -51.56
N GLU C 246 -33.67 32.84 -51.92
CA GLU C 246 -33.37 31.70 -51.06
C GLU C 246 -32.63 32.10 -49.78
N ILE C 247 -32.03 33.30 -49.75
CA ILE C 247 -31.74 33.98 -48.48
C ILE C 247 -32.99 34.11 -47.65
N LEU C 248 -34.01 34.77 -48.19
CA LEU C 248 -35.18 35.10 -47.38
C LEU C 248 -35.97 33.84 -47.03
N ASP C 249 -36.04 32.89 -47.97
CA ASP C 249 -36.68 31.60 -47.73
C ASP C 249 -35.91 30.75 -46.72
N LEU C 250 -34.65 31.07 -46.43
CA LEU C 250 -34.09 30.59 -45.17
C LEU C 250 -34.42 31.51 -43.99
N VAL C 251 -33.97 32.77 -44.03
CA VAL C 251 -33.89 33.59 -42.82
C VAL C 251 -35.07 34.51 -42.57
N HIS C 252 -36.04 34.60 -43.48
CA HIS C 252 -37.36 35.11 -43.10
C HIS C 252 -38.32 33.97 -42.79
N SER C 253 -37.98 32.74 -43.18
CA SER C 253 -38.54 31.53 -42.61
C SER C 253 -37.82 31.10 -41.34
N ALA C 254 -37.09 32.03 -40.72
CA ALA C 254 -36.35 31.83 -39.49
C ALA C 254 -36.46 33.11 -38.68
N LEU C 255 -36.75 32.99 -37.39
CA LEU C 255 -36.59 34.13 -36.51
C LEU C 255 -35.27 34.12 -35.76
N GLY C 256 -34.54 33.01 -35.79
CA GLY C 256 -33.40 32.84 -34.93
C GLY C 256 -32.15 33.47 -35.50
N ARG C 257 -31.05 33.28 -34.80
CA ARG C 257 -29.79 33.85 -35.22
C ARG C 257 -29.16 32.96 -36.30
N MET C 258 -28.66 33.60 -37.35
CA MET C 258 -28.35 32.93 -38.61
C MET C 258 -26.96 33.35 -39.05
N THR C 259 -26.47 32.71 -40.12
CA THR C 259 -25.37 33.28 -40.90
C THR C 259 -25.60 32.96 -42.37
N VAL C 260 -25.76 34.01 -43.17
CA VAL C 260 -25.91 33.90 -44.61
C VAL C 260 -24.98 34.94 -45.22
N VAL C 261 -23.83 34.50 -45.70
CA VAL C 261 -22.80 35.39 -46.22
C VAL C 261 -22.46 34.95 -47.63
N ARG C 262 -22.38 35.91 -48.55
CA ARG C 262 -21.97 35.65 -49.93
C ARG C 262 -20.91 36.67 -50.36
N GLN C 263 -20.65 36.77 -51.66
CA GLN C 263 -19.56 37.57 -52.20
C GLN C 263 -20.12 38.75 -52.98
N ILE C 264 -19.60 39.95 -52.71
CA ILE C 264 -20.09 41.17 -53.34
C ILE C 264 -18.94 41.87 -54.06
N PHE C 265 -19.28 42.54 -55.17
CA PHE C 265 -18.37 43.44 -55.85
C PHE C 265 -19.13 44.58 -56.48
N PRO C 266 -18.57 45.78 -56.47
CA PRO C 266 -19.21 46.90 -57.19
C PRO C 266 -19.05 46.72 -58.69
N SER C 267 -20.17 46.79 -59.40
CA SER C 267 -20.20 46.71 -60.85
C SER C 267 -20.72 48.04 -61.40
N ALA C 268 -20.67 48.18 -62.72
CA ALA C 268 -20.92 49.46 -63.38
C ALA C 268 -22.20 49.39 -64.19
N LYS C 269 -23.07 50.38 -63.98
CA LYS C 269 -24.37 50.41 -64.64
C LYS C 269 -24.29 50.77 -66.12
N ASP C 270 -23.19 51.36 -66.58
CA ASP C 270 -23.19 52.12 -67.82
C ASP C 270 -22.37 51.44 -68.91
N ASN C 271 -22.81 51.64 -70.16
CA ASN C 271 -21.94 51.43 -71.30
C ASN C 271 -20.78 52.42 -71.24
N GLN C 272 -19.62 51.98 -71.73
CA GLN C 272 -18.31 52.63 -71.53
C GLN C 272 -17.97 52.85 -70.04
N LYS C 273 -18.53 52.01 -69.16
CA LYS C 273 -18.02 51.83 -67.81
C LYS C 273 -17.85 50.37 -67.43
N CYS C 274 -18.29 49.43 -68.26
CA CYS C 274 -17.93 48.02 -68.15
C CYS C 274 -16.76 47.69 -69.06
N MET C 275 -15.79 48.60 -69.18
CA MET C 275 -14.76 48.51 -70.20
C MET C 275 -13.38 48.42 -69.55
N ARG C 276 -12.69 47.30 -69.76
CA ARG C 276 -11.26 47.20 -69.51
C ARG C 276 -10.56 46.73 -70.76
N ASN C 277 -9.40 47.33 -71.04
CA ASN C 277 -8.58 47.06 -72.23
C ASN C 277 -9.38 47.22 -73.52
N ASN C 278 -10.27 48.21 -73.52
CA ASN C 278 -11.25 48.47 -74.59
C ASN C 278 -12.07 47.22 -74.90
N HIS C 279 -12.65 46.62 -73.85
CA HIS C 279 -13.47 45.42 -74.00
C HIS C 279 -14.57 45.38 -72.94
N ARG C 280 -15.76 44.92 -73.35
CA ARG C 280 -16.96 44.98 -72.53
C ARG C 280 -16.99 43.90 -71.46
N ILE C 281 -17.44 44.28 -70.26
CA ILE C 281 -17.79 43.33 -69.21
C ILE C 281 -19.28 43.04 -69.31
N SER C 282 -19.63 41.81 -69.71
CA SER C 282 -21.03 41.43 -69.75
C SER C 282 -21.49 41.10 -68.34
N SER C 283 -22.50 41.82 -67.86
CA SER C 283 -23.03 41.64 -66.52
C SER C 283 -24.55 41.77 -66.58
N LEU C 284 -25.20 41.89 -65.43
CA LEU C 284 -26.60 42.30 -65.41
C LEU C 284 -26.73 43.77 -65.77
N LEU C 285 -25.79 44.59 -65.27
CA LEU C 285 -25.83 46.03 -65.52
C LEU C 285 -25.22 46.42 -66.87
N CYS C 286 -24.72 45.46 -67.64
CA CYS C 286 -24.26 45.75 -69.00
C CYS C 286 -24.72 44.71 -70.01
N ASP C 287 -25.60 43.76 -69.61
CA ASP C 287 -26.30 42.83 -70.50
C ASP C 287 -27.49 42.23 -69.76
N PRO C 288 -28.57 42.99 -69.52
CA PRO C 288 -29.63 42.52 -68.61
C PRO C 288 -30.49 41.44 -69.27
N GLN C 289 -30.64 40.31 -68.59
CA GLN C 289 -31.41 39.20 -69.11
C GLN C 289 -32.40 38.73 -68.04
N GLU C 290 -33.22 37.74 -68.41
CA GLU C 290 -34.24 37.19 -67.52
C GLU C 290 -33.67 35.99 -66.78
N GLY C 291 -34.09 35.84 -65.53
CA GLY C 291 -33.46 34.87 -64.65
C GLY C 291 -32.02 35.19 -64.33
N TYR C 292 -31.65 36.47 -64.46
CA TYR C 292 -30.28 36.92 -64.52
C TYR C 292 -30.08 38.10 -63.59
N LEU C 293 -31.16 38.56 -62.94
CA LEU C 293 -31.03 39.39 -61.76
C LEU C 293 -30.23 38.67 -60.68
N GLN C 294 -30.50 37.38 -60.48
CA GLN C 294 -29.76 36.56 -59.53
C GLN C 294 -29.18 35.37 -60.30
N MET C 295 -28.05 35.60 -60.96
CA MET C 295 -27.23 34.54 -61.55
C MET C 295 -25.83 34.75 -60.98
N LEU C 296 -25.57 34.08 -59.86
CA LEU C 296 -24.56 34.54 -58.91
C LEU C 296 -23.36 33.62 -58.81
N GLN C 297 -23.16 32.74 -59.79
CA GLN C 297 -22.03 31.82 -59.74
C GLN C 297 -20.71 32.58 -59.81
N ILE C 298 -19.72 32.06 -59.06
CA ILE C 298 -18.44 32.73 -58.87
C ILE C 298 -17.67 32.77 -60.19
N SER C 299 -17.94 31.80 -61.07
CA SER C 299 -17.27 31.67 -62.36
C SER C 299 -17.60 32.80 -63.34
N ASN C 300 -18.58 33.66 -63.06
CA ASN C 300 -18.87 34.78 -63.95
C ASN C 300 -17.69 35.74 -64.02
N LEU C 301 -17.38 36.40 -62.89
CA LEU C 301 -16.34 37.43 -62.89
C LEU C 301 -14.96 36.83 -63.11
N TYR C 302 -14.76 35.58 -62.74
CA TYR C 302 -13.47 34.96 -63.01
C TYR C 302 -13.37 34.41 -64.42
N LEU C 303 -14.40 34.55 -65.24
CA LEU C 303 -14.27 34.30 -66.66
C LEU C 303 -14.27 35.58 -67.47
N TYR C 304 -15.09 36.58 -67.11
CA TYR C 304 -15.06 37.85 -67.83
C TYR C 304 -13.77 38.61 -67.51
N ASP C 305 -13.22 38.40 -66.32
CA ASP C 305 -11.95 39.03 -66.03
C ASP C 305 -10.79 38.18 -66.51
N SER C 306 -10.98 36.87 -66.70
CA SER C 306 -9.93 36.11 -67.38
C SER C 306 -9.86 36.51 -68.85
N VAL C 307 -11.01 36.88 -69.43
CA VAL C 307 -11.06 37.50 -70.76
C VAL C 307 -10.30 38.81 -70.76
N LEU C 308 -10.53 39.66 -69.75
CA LEU C 308 -9.88 40.97 -69.77
C LEU C 308 -8.40 40.87 -69.42
N MET C 309 -8.02 39.86 -68.63
CA MET C 309 -6.63 39.60 -68.32
C MET C 309 -5.88 39.08 -69.54
N LEU C 310 -6.57 38.34 -70.41
CA LEU C 310 -5.98 38.01 -71.70
C LEU C 310 -5.98 39.20 -72.64
N ALA C 311 -7.06 39.99 -72.67
CA ALA C 311 -7.13 41.14 -73.56
C ALA C 311 -6.11 42.23 -73.22
N ASN C 312 -5.64 42.30 -71.98
CA ASN C 312 -4.49 43.16 -71.69
C ASN C 312 -3.21 42.57 -72.26
N ALA C 313 -3.06 41.25 -72.15
CA ALA C 313 -1.78 40.62 -72.41
C ALA C 313 -1.57 40.39 -73.90
N PHE C 314 -2.62 40.05 -74.64
CA PHE C 314 -2.44 39.82 -76.07
C PHE C 314 -2.24 41.12 -76.81
N HIS C 315 -2.81 42.23 -76.32
CA HIS C 315 -2.43 43.55 -76.85
C HIS C 315 -0.98 43.87 -76.55
N ARG C 316 -0.53 43.51 -75.34
CA ARG C 316 0.90 43.62 -75.04
C ARG C 316 1.76 42.68 -75.88
N LYS C 317 1.23 41.52 -76.25
CA LYS C 317 1.98 40.57 -77.08
C LYS C 317 1.99 40.99 -78.54
N LEU C 318 0.92 41.64 -79.01
CA LEU C 318 0.94 42.35 -80.28
C LEU C 318 1.97 43.46 -80.27
N GLU C 319 2.21 44.05 -79.09
CA GLU C 319 3.31 44.99 -79.00
C GLU C 319 4.65 44.29 -78.83
N ASP C 320 4.65 43.03 -78.37
CA ASP C 320 5.89 42.28 -78.17
C ASP C 320 6.54 41.88 -79.49
N ARG C 321 5.78 41.88 -80.58
CA ARG C 321 6.24 41.58 -81.94
C ARG C 321 6.84 40.17 -82.01
N LYS C 322 6.06 39.19 -81.54
CA LYS C 322 6.48 37.80 -81.53
C LYS C 322 5.32 36.88 -81.89
N TRP C 323 5.63 35.83 -82.65
CA TRP C 323 4.67 34.80 -83.01
C TRP C 323 5.40 33.48 -83.26
N HIS C 324 4.78 32.39 -82.78
CA HIS C 324 5.23 31.04 -83.05
C HIS C 324 4.04 30.10 -82.98
N SER C 325 3.83 29.33 -84.04
CA SER C 325 2.69 28.44 -84.17
C SER C 325 3.09 27.03 -83.76
N MET C 326 2.33 26.46 -82.83
CA MET C 326 2.57 25.07 -82.45
C MET C 326 2.07 24.16 -83.56
N ALA C 327 2.92 23.21 -83.96
CA ALA C 327 2.66 22.39 -85.14
C ALA C 327 1.92 21.11 -84.77
N SER C 328 1.60 20.32 -85.79
CA SER C 328 0.98 19.02 -85.54
C SER C 328 2.02 18.07 -84.95
N LEU C 329 1.60 17.33 -83.92
CA LEU C 329 2.58 16.59 -83.13
C LEU C 329 1.88 15.43 -82.42
N ASN C 330 2.68 14.42 -82.12
CA ASN C 330 2.29 13.40 -81.16
C ASN C 330 2.75 13.83 -79.78
N CYS C 331 1.89 13.63 -78.79
CA CYS C 331 2.23 13.90 -77.40
C CYS C 331 2.93 12.72 -76.72
N ILE C 332 3.58 11.87 -77.51
CA ILE C 332 4.48 10.84 -76.99
C ILE C 332 5.85 11.42 -76.66
N ARG C 333 6.18 12.59 -77.20
CA ARG C 333 7.53 13.14 -77.08
C ARG C 333 7.81 13.63 -75.67
N LYS C 334 9.06 13.46 -75.24
CA LYS C 334 9.55 14.03 -73.99
C LYS C 334 10.30 15.33 -74.21
N SER C 335 11.19 15.36 -75.20
CA SER C 335 11.88 16.58 -75.60
C SER C 335 11.11 17.23 -76.74
N THR C 336 9.96 17.81 -76.38
CA THR C 336 9.01 18.32 -77.34
C THR C 336 9.50 19.64 -77.95
N LYS C 337 8.73 20.14 -78.91
CA LYS C 337 8.94 21.48 -79.43
C LYS C 337 8.27 22.49 -78.51
N PRO C 338 9.01 23.41 -77.90
CA PRO C 338 8.39 24.39 -77.03
C PRO C 338 7.85 25.60 -77.78
N TRP C 339 7.27 26.53 -77.03
CA TRP C 339 6.84 27.82 -77.56
C TRP C 339 7.66 28.92 -76.92
N ASN C 340 8.37 29.68 -77.75
CA ASN C 340 9.31 30.69 -77.27
C ASN C 340 8.58 31.90 -76.68
N GLY C 341 7.41 32.22 -77.21
CA GLY C 341 6.61 33.33 -76.72
C GLY C 341 5.97 33.08 -75.37
N GLY C 342 6.09 31.88 -74.83
CA GLY C 342 5.52 31.58 -73.54
C GLY C 342 6.18 32.26 -72.38
N ARG C 343 7.45 32.65 -72.50
CA ARG C 343 8.12 33.35 -71.41
C ARG C 343 7.51 34.73 -71.20
N SER C 344 7.37 35.48 -72.30
CA SER C 344 6.63 36.73 -72.27
C SER C 344 5.15 36.52 -71.95
N MET C 345 4.54 35.45 -72.43
CA MET C 345 3.16 35.18 -72.05
C MET C 345 3.01 34.81 -70.57
N LEU C 346 4.04 34.21 -69.98
CA LEU C 346 4.12 34.01 -68.53
C LEU C 346 4.24 35.33 -67.79
N ASP C 347 4.88 36.32 -68.41
CA ASP C 347 5.20 37.53 -67.68
C ASP C 347 4.23 38.67 -67.94
N THR C 348 3.55 38.67 -69.08
CA THR C 348 2.51 39.65 -69.33
C THR C 348 1.19 39.25 -68.68
N ILE C 349 1.14 38.11 -68.00
CA ILE C 349 -0.07 37.62 -67.35
C ILE C 349 0.12 37.48 -65.84
N LYS C 350 1.24 36.85 -65.43
CA LYS C 350 1.50 36.77 -63.98
C LYS C 350 1.80 38.13 -63.39
N LYS C 351 2.58 38.94 -64.10
CA LYS C 351 2.73 40.35 -63.78
C LYS C 351 1.70 41.21 -64.48
N GLY C 352 0.79 40.62 -65.24
CA GLY C 352 -0.33 41.35 -65.80
C GLY C 352 -1.50 41.44 -64.85
N HIS C 353 -2.20 42.57 -64.91
CA HIS C 353 -3.27 42.90 -63.97
C HIS C 353 -4.08 44.06 -64.53
N ILE C 354 -5.38 44.04 -64.24
CA ILE C 354 -6.28 45.16 -64.52
C ILE C 354 -7.16 45.39 -63.30
N THR C 355 -7.58 46.63 -63.11
CA THR C 355 -8.48 47.02 -62.03
C THR C 355 -9.86 47.26 -62.62
N GLY C 356 -10.82 46.41 -62.24
CA GLY C 356 -12.14 46.46 -62.82
C GLY C 356 -13.26 46.35 -61.80
N LEU C 357 -14.36 45.70 -62.18
CA LEU C 357 -15.55 45.59 -61.34
C LEU C 357 -15.47 44.45 -60.33
N THR C 358 -14.31 43.83 -60.20
CA THR C 358 -14.04 42.84 -59.17
C THR C 358 -12.86 43.30 -58.32
N GLY C 359 -12.48 44.56 -58.45
CA GLY C 359 -11.30 45.07 -57.77
C GLY C 359 -10.05 44.91 -58.61
N VAL C 360 -8.96 44.47 -57.99
CA VAL C 360 -7.66 44.35 -58.63
C VAL C 360 -7.30 42.87 -58.67
N MET C 361 -6.84 42.39 -59.82
CA MET C 361 -6.55 40.98 -60.03
C MET C 361 -5.04 40.82 -60.23
N GLU C 362 -4.32 40.72 -59.13
CA GLU C 362 -2.89 40.45 -59.17
C GLU C 362 -2.69 38.95 -59.18
N PHE C 363 -1.44 38.51 -59.30
CA PHE C 363 -1.17 37.09 -59.36
C PHE C 363 0.13 36.78 -58.62
N ARG C 364 0.18 35.59 -58.04
CA ARG C 364 1.38 35.07 -57.42
C ARG C 364 1.98 34.00 -58.32
N GLU C 365 3.00 33.29 -57.82
CA GLU C 365 3.74 32.35 -58.64
C GLU C 365 3.43 30.89 -58.31
N ASP C 366 2.35 30.65 -57.59
CA ASP C 366 1.99 29.28 -57.20
C ASP C 366 0.48 29.08 -57.24
N SER C 367 -0.14 29.53 -58.33
CA SER C 367 -1.54 29.25 -58.69
C SER C 367 -2.53 29.81 -57.65
N SER C 368 -2.51 31.13 -57.47
CA SER C 368 -3.38 31.75 -56.47
C SER C 368 -3.55 33.24 -56.74
N ASN C 369 -4.78 33.72 -56.52
CA ASN C 369 -5.06 35.14 -56.34
C ASN C 369 -5.69 35.29 -54.96
N PRO C 370 -4.92 35.64 -53.94
CA PRO C 370 -5.45 35.60 -52.57
C PRO C 370 -6.40 36.73 -52.21
N TYR C 371 -6.50 37.77 -53.02
CA TYR C 371 -7.30 38.93 -52.64
C TYR C 371 -8.78 38.67 -52.83
N VAL C 372 -9.57 39.02 -51.81
CA VAL C 372 -10.99 38.74 -51.75
C VAL C 372 -11.57 39.60 -50.64
N GLN C 373 -12.79 40.10 -50.85
CA GLN C 373 -13.48 40.90 -49.84
C GLN C 373 -14.98 40.70 -49.91
N PHE C 374 -15.61 40.43 -48.77
CA PHE C 374 -17.05 40.35 -48.62
C PHE C 374 -17.60 41.64 -48.00
N GLU C 375 -18.89 41.63 -47.72
CA GLU C 375 -19.51 42.44 -46.69
C GLU C 375 -20.49 41.55 -45.96
N ILE C 376 -20.91 41.95 -44.75
CA ILE C 376 -21.79 41.13 -43.94
C ILE C 376 -22.90 42.00 -43.36
N LEU C 377 -24.14 41.69 -43.76
CA LEU C 377 -25.35 42.23 -43.16
C LEU C 377 -25.91 41.18 -42.21
N GLY C 378 -26.30 41.59 -41.00
CA GLY C 378 -26.68 40.64 -39.98
C GLY C 378 -27.84 41.11 -39.12
N THR C 379 -28.47 40.13 -38.45
CA THR C 379 -29.57 40.40 -37.54
C THR C 379 -29.63 39.30 -36.49
N THR C 380 -30.21 39.65 -35.33
CA THR C 380 -30.50 38.69 -34.27
C THR C 380 -31.98 38.34 -34.25
N TYR C 381 -32.39 37.64 -33.19
CA TYR C 381 -33.81 37.35 -32.96
C TYR C 381 -34.56 38.59 -32.49
N SER C 382 -35.62 38.93 -33.22
CA SER C 382 -36.49 40.05 -32.88
C SER C 382 -37.81 39.84 -33.61
N GLU C 383 -38.81 40.64 -33.23
CA GLU C 383 -40.11 40.61 -33.90
C GLU C 383 -40.64 42.01 -34.20
N THR C 384 -39.96 43.07 -33.79
CA THR C 384 -40.46 44.43 -33.94
C THR C 384 -40.01 45.08 -35.24
N PHE C 385 -39.13 44.44 -36.02
CA PHE C 385 -38.68 44.99 -37.29
C PHE C 385 -38.59 43.95 -38.38
N GLY C 386 -39.00 42.71 -38.14
CA GLY C 386 -38.70 41.63 -39.05
C GLY C 386 -37.24 41.19 -38.93
N LYS C 387 -36.89 40.22 -39.76
CA LYS C 387 -35.51 39.75 -39.87
C LYS C 387 -34.74 40.45 -40.98
N ASP C 388 -35.05 41.73 -41.23
CA ASP C 388 -34.33 42.52 -42.20
C ASP C 388 -32.91 42.81 -41.73
N MET C 389 -32.01 43.00 -42.69
CA MET C 389 -30.59 42.94 -42.47
C MET C 389 -29.95 44.27 -42.11
N ARG C 390 -28.88 44.19 -41.31
CA ARG C 390 -28.12 45.33 -40.82
C ARG C 390 -26.66 44.95 -40.90
N LYS C 391 -25.80 45.85 -41.38
CA LYS C 391 -24.38 45.52 -41.46
C LYS C 391 -23.81 45.37 -40.06
N LEU C 392 -23.12 44.26 -39.83
CA LEU C 392 -22.43 44.04 -38.57
C LEU C 392 -20.95 43.74 -38.73
N ALA C 393 -20.49 43.47 -39.95
CA ALA C 393 -19.10 43.14 -40.21
C ALA C 393 -18.81 43.26 -41.70
N THR C 394 -17.51 43.29 -42.03
CA THR C 394 -17.01 43.16 -43.39
C THR C 394 -15.71 42.38 -43.29
N TRP C 395 -15.56 41.32 -44.08
CA TRP C 395 -14.28 40.66 -44.13
C TRP C 395 -13.55 41.04 -45.41
N ASP C 396 -12.23 41.14 -45.32
CA ASP C 396 -11.37 41.12 -46.48
C ASP C 396 -10.13 40.31 -46.17
N SER C 397 -9.41 39.94 -47.23
CA SER C 397 -8.11 39.32 -47.06
C SER C 397 -7.07 40.31 -46.55
N GLU C 398 -7.33 41.61 -46.72
CA GLU C 398 -6.39 42.64 -46.25
C GLU C 398 -6.46 42.81 -44.75
N LYS C 399 -7.64 43.08 -44.21
CA LYS C 399 -7.78 43.60 -42.85
C LYS C 399 -8.40 42.60 -41.88
N GLY C 400 -8.90 41.46 -42.36
CA GLY C 400 -9.68 40.60 -41.50
C GLY C 400 -11.11 41.10 -41.40
N LEU C 401 -11.83 40.55 -40.43
CA LEU C 401 -13.25 40.84 -40.30
C LEU C 401 -13.41 42.21 -39.65
N ASN C 402 -13.45 43.24 -40.50
CA ASN C 402 -13.73 44.60 -40.05
C ASN C 402 -15.19 44.67 -39.63
N GLY C 403 -15.43 45.04 -38.37
CA GLY C 403 -16.72 44.81 -37.75
C GLY C 403 -16.76 43.41 -37.19
N SER C 404 -17.43 43.22 -36.07
CA SER C 404 -17.26 41.99 -35.32
C SER C 404 -18.60 41.55 -34.75
N LEU C 405 -18.55 40.45 -33.99
CA LEU C 405 -19.74 39.78 -33.57
C LEU C 405 -19.69 39.50 -32.07
N LEU C 417 -38.73 22.88 -22.21
CA LEU C 417 -37.95 21.65 -22.21
C LEU C 417 -38.50 20.65 -21.23
N THR C 418 -39.45 19.82 -21.66
CA THR C 418 -39.94 18.71 -20.85
C THR C 418 -38.82 17.70 -20.62
N LEU C 419 -38.62 17.34 -19.35
CA LEU C 419 -37.50 16.49 -18.96
C LEU C 419 -38.01 15.16 -18.42
N LYS C 420 -37.08 14.24 -18.19
CA LYS C 420 -37.39 12.84 -17.88
C LYS C 420 -37.28 12.62 -16.37
N VAL C 421 -38.41 12.74 -15.67
CA VAL C 421 -38.42 12.63 -14.22
C VAL C 421 -39.29 11.46 -13.81
N VAL C 422 -38.68 10.43 -13.26
CA VAL C 422 -39.41 9.37 -12.60
C VAL C 422 -39.39 9.68 -11.10
N THR C 423 -40.40 9.17 -10.39
CA THR C 423 -40.70 9.60 -9.05
C THR C 423 -40.87 8.39 -8.14
N VAL C 424 -41.12 8.67 -6.86
CA VAL C 424 -41.12 7.68 -5.79
C VAL C 424 -42.55 7.62 -5.24
N LEU C 425 -42.88 6.58 -4.48
CA LEU C 425 -44.15 6.50 -3.78
C LEU C 425 -44.17 7.33 -2.50
N GLU C 426 -45.13 7.05 -1.62
CA GLU C 426 -45.25 7.64 -0.29
C GLU C 426 -45.47 9.14 -0.31
N GLU C 427 -46.71 9.54 -0.59
CA GLU C 427 -47.28 10.88 -0.53
C GLU C 427 -46.80 11.83 0.58
N PRO C 428 -46.50 11.41 1.83
CA PRO C 428 -45.88 12.34 2.79
C PRO C 428 -44.55 12.98 2.35
N PHE C 429 -43.90 12.52 1.30
CA PHE C 429 -42.84 13.31 0.67
C PHE C 429 -43.45 14.22 -0.38
N VAL C 430 -44.07 13.61 -1.38
CA VAL C 430 -44.63 14.26 -2.56
C VAL C 430 -45.85 13.42 -2.91
N MET C 431 -47.00 14.06 -3.04
CA MET C 431 -48.23 13.32 -3.25
C MET C 431 -48.75 13.42 -4.67
N VAL C 432 -49.54 12.42 -5.03
CA VAL C 432 -50.53 12.59 -6.08
C VAL C 432 -51.57 13.50 -5.45
N ALA C 433 -51.55 14.77 -5.81
CA ALA C 433 -52.47 15.69 -5.17
C ALA C 433 -53.83 15.64 -5.82
N GLU C 434 -53.88 15.47 -7.14
CA GLU C 434 -55.13 15.48 -7.87
C GLU C 434 -55.30 14.17 -8.64
N ASN C 435 -56.52 13.65 -8.60
CA ASN C 435 -56.90 12.44 -9.33
C ASN C 435 -58.29 12.65 -9.91
N ILE C 436 -58.34 12.93 -11.21
CA ILE C 436 -59.59 13.33 -11.87
C ILE C 436 -60.02 12.19 -12.78
N LEU C 437 -61.15 12.39 -13.46
CA LEU C 437 -61.67 11.42 -14.42
C LEU C 437 -60.67 11.17 -15.54
N GLY C 438 -60.12 9.94 -15.56
CA GLY C 438 -59.12 9.56 -16.52
C GLY C 438 -57.69 9.81 -16.09
N GLN C 439 -57.45 10.82 -15.26
CA GLN C 439 -56.09 11.26 -14.95
C GLN C 439 -55.87 11.41 -13.46
N PRO C 440 -54.88 10.75 -12.89
CA PRO C 440 -54.25 11.32 -11.69
C PRO C 440 -53.53 12.59 -12.12
N LYS C 441 -54.09 13.73 -11.75
CA LYS C 441 -53.92 14.94 -12.56
C LYS C 441 -52.67 15.74 -12.17
N ARG C 442 -52.63 16.27 -10.95
CA ARG C 442 -51.53 17.10 -10.52
C ARG C 442 -50.88 16.48 -9.30
N TYR C 443 -49.56 16.47 -9.30
CA TYR C 443 -48.76 15.79 -8.30
C TYR C 443 -47.98 16.85 -7.55
N LYS C 444 -48.32 17.08 -6.30
CA LYS C 444 -47.69 18.16 -5.55
C LYS C 444 -46.82 17.59 -4.45
N GLY C 445 -46.17 18.48 -3.70
CA GLY C 445 -45.21 18.09 -2.68
C GLY C 445 -43.99 18.99 -2.71
N PHE C 446 -42.93 18.54 -2.05
CA PHE C 446 -41.73 19.35 -1.85
C PHE C 446 -40.98 19.59 -3.15
N SER C 447 -40.55 18.52 -3.79
CA SER C 447 -39.69 18.69 -4.95
C SER C 447 -40.47 19.16 -6.16
N ILE C 448 -41.79 19.09 -6.09
CA ILE C 448 -42.63 19.78 -7.05
C ILE C 448 -42.44 21.29 -6.93
N ASP C 449 -42.35 21.80 -5.69
CA ASP C 449 -42.09 23.22 -5.50
C ASP C 449 -40.70 23.59 -5.96
N VAL C 450 -39.77 22.64 -5.80
CA VAL C 450 -38.43 22.82 -6.34
C VAL C 450 -38.47 22.92 -7.86
N LEU C 451 -39.22 22.00 -8.49
CA LEU C 451 -39.46 22.04 -9.93
C LEU C 451 -40.13 23.33 -10.38
N ASP C 452 -41.04 23.86 -9.56
CA ASP C 452 -41.64 25.18 -9.81
C ASP C 452 -40.57 26.26 -9.85
N ALA C 453 -39.64 26.21 -8.89
CA ALA C 453 -38.52 27.14 -8.89
C ALA C 453 -37.59 26.92 -10.08
N LEU C 454 -37.54 25.70 -10.59
CA LEU C 454 -36.75 25.45 -11.78
C LEU C 454 -37.45 25.98 -13.01
N ALA C 455 -38.74 25.72 -13.13
CA ALA C 455 -39.54 26.01 -14.29
C ALA C 455 -39.93 27.48 -14.39
N LYS C 456 -39.69 28.26 -13.34
CA LYS C 456 -40.37 29.56 -13.25
C LYS C 456 -39.71 30.60 -14.17
N ALA C 457 -38.39 30.75 -14.12
CA ALA C 457 -37.75 31.87 -14.79
C ALA C 457 -37.25 31.51 -16.18
N LEU C 458 -37.67 30.38 -16.72
CA LEU C 458 -37.18 29.93 -18.02
C LEU C 458 -38.30 29.57 -18.99
N GLY C 459 -39.39 29.00 -18.51
CA GLY C 459 -40.34 28.39 -19.42
C GLY C 459 -39.95 26.99 -19.84
N PHE C 460 -39.13 26.31 -19.06
CA PHE C 460 -38.68 24.96 -19.37
C PHE C 460 -39.31 23.97 -18.39
N LYS C 461 -39.54 22.75 -18.86
CA LYS C 461 -40.61 21.91 -18.33
C LYS C 461 -40.13 20.55 -17.82
N TYR C 462 -41.08 19.63 -17.71
CA TYR C 462 -40.88 18.38 -17.01
C TYR C 462 -41.84 17.35 -17.57
N GLU C 463 -41.59 16.08 -17.22
CA GLU C 463 -42.54 14.99 -17.43
C GLU C 463 -42.39 14.01 -16.27
N ILE C 464 -43.36 14.02 -15.36
CA ILE C 464 -43.31 13.23 -14.14
C ILE C 464 -43.69 11.79 -14.44
N TYR C 465 -42.88 10.85 -13.99
CA TYR C 465 -43.14 9.44 -14.25
C TYR C 465 -43.29 8.70 -12.93
N GLN C 466 -44.14 7.67 -12.95
CA GLN C 466 -44.38 6.85 -11.77
C GLN C 466 -43.38 5.70 -11.72
N ALA C 467 -42.73 5.54 -10.57
CA ALA C 467 -42.27 4.22 -10.19
C ALA C 467 -43.18 3.70 -9.09
N PRO C 468 -44.04 2.71 -9.38
CA PRO C 468 -44.86 2.10 -8.32
C PRO C 468 -44.08 1.22 -7.36
N ASP C 469 -42.79 0.97 -7.60
CA ASP C 469 -41.95 0.43 -6.55
C ASP C 469 -41.82 1.41 -5.39
N GLY C 470 -41.43 2.65 -5.69
CA GLY C 470 -40.95 3.58 -4.69
C GLY C 470 -39.77 3.04 -3.92
N ARG C 471 -38.71 2.66 -4.64
CA ARG C 471 -37.79 1.67 -4.11
C ARG C 471 -36.76 2.24 -3.13
N TYR C 472 -36.30 3.47 -3.35
CA TYR C 472 -34.99 3.95 -2.88
C TYR C 472 -33.90 2.94 -3.23
N GLY C 473 -33.68 2.80 -4.54
CA GLY C 473 -33.10 1.62 -5.14
C GLY C 473 -31.75 1.20 -4.62
N HIS C 474 -31.60 -0.08 -4.33
CA HIS C 474 -30.52 -0.57 -3.49
C HIS C 474 -29.56 -1.43 -4.30
N GLN C 475 -28.28 -1.35 -3.96
CA GLN C 475 -27.29 -2.25 -4.55
C GLN C 475 -27.54 -3.65 -4.02
N LEU C 476 -27.94 -4.54 -4.91
CA LEU C 476 -28.42 -5.86 -4.51
C LEU C 476 -27.23 -6.81 -4.35
N HIS C 477 -27.54 -8.08 -4.10
CA HIS C 477 -26.58 -9.17 -4.32
C HIS C 477 -26.76 -9.69 -5.74
N ASN C 478 -26.70 -8.76 -6.68
CA ASN C 478 -27.01 -9.03 -8.07
C ASN C 478 -26.13 -8.19 -8.99
N THR C 479 -25.17 -7.44 -8.43
CA THR C 479 -24.38 -6.40 -9.12
C THR C 479 -25.28 -5.42 -9.86
N SER C 480 -26.39 -5.04 -9.23
CA SER C 480 -27.39 -4.23 -9.89
C SER C 480 -28.16 -3.44 -8.83
N TRP C 481 -29.21 -2.76 -9.27
CA TRP C 481 -29.93 -1.79 -8.47
C TRP C 481 -31.43 -2.01 -8.64
N ASN C 482 -32.10 -2.43 -7.57
CA ASN C 482 -33.52 -2.72 -7.67
C ASN C 482 -34.34 -1.46 -7.86
N GLY C 483 -35.55 -1.63 -8.38
CA GLY C 483 -36.48 -0.53 -8.51
C GLY C 483 -36.02 0.54 -9.46
N MET C 484 -35.54 1.65 -8.91
CA MET C 484 -35.46 2.90 -9.65
C MET C 484 -34.06 3.22 -10.14
N ILE C 485 -33.02 2.79 -9.43
CA ILE C 485 -31.68 3.29 -9.72
C ILE C 485 -31.15 2.64 -10.99
N GLY C 486 -31.32 1.33 -11.12
CA GLY C 486 -30.74 0.60 -12.23
C GLY C 486 -31.39 0.86 -13.56
N GLU C 487 -32.54 1.53 -13.57
CA GLU C 487 -33.19 1.90 -14.82
C GLU C 487 -33.04 3.37 -15.14
N LEU C 488 -32.60 4.18 -14.18
CA LEU C 488 -31.84 5.37 -14.54
C LEU C 488 -30.54 4.96 -15.20
N ILE C 489 -29.91 3.92 -14.65
CA ILE C 489 -28.73 3.35 -15.25
C ILE C 489 -29.06 2.69 -16.57
N SER C 490 -30.20 1.98 -16.64
CA SER C 490 -30.62 1.45 -17.93
C SER C 490 -31.33 2.48 -18.78
N LYS C 491 -31.50 3.70 -18.24
CA LYS C 491 -31.77 4.92 -19.02
C LYS C 491 -33.13 4.87 -19.70
N ARG C 492 -34.13 4.31 -19.04
CA ARG C 492 -35.49 4.57 -19.46
C ARG C 492 -36.02 5.85 -18.83
N ALA C 493 -35.34 6.35 -17.80
CA ALA C 493 -35.34 7.75 -17.43
C ALA C 493 -33.91 8.12 -17.08
N ASP C 494 -33.65 9.42 -16.91
CA ASP C 494 -32.34 9.86 -16.48
C ASP C 494 -32.33 10.70 -15.22
N LEU C 495 -33.47 11.25 -14.81
CA LEU C 495 -33.56 12.02 -13.58
C LEU C 495 -34.60 11.37 -12.68
N ALA C 496 -34.22 11.12 -11.44
CA ALA C 496 -35.18 10.84 -10.36
C ALA C 496 -34.82 11.82 -9.27
N ILE C 497 -35.35 13.02 -9.42
CA ILE C 497 -35.00 14.13 -8.56
C ILE C 497 -36.13 14.24 -7.54
N SER C 498 -35.86 13.81 -6.32
CA SER C 498 -36.91 13.70 -5.32
C SER C 498 -36.26 13.66 -3.93
N ALA C 499 -37.08 13.36 -2.92
CA ALA C 499 -36.57 12.88 -1.65
C ALA C 499 -35.94 11.51 -1.88
N ILE C 500 -34.60 11.47 -1.84
CA ILE C 500 -33.84 10.28 -2.20
C ILE C 500 -32.89 9.99 -1.05
N THR C 501 -32.98 8.76 -0.51
CA THR C 501 -32.23 8.40 0.69
C THR C 501 -30.73 8.40 0.43
N ILE C 502 -30.02 9.26 1.15
CA ILE C 502 -28.60 9.54 0.91
C ILE C 502 -27.78 8.34 1.37
N THR C 503 -27.25 7.58 0.40
CA THR C 503 -26.29 6.52 0.67
C THR C 503 -25.15 6.68 -0.33
N PRO C 504 -23.90 6.46 0.08
CA PRO C 504 -22.76 6.70 -0.83
C PRO C 504 -22.68 5.73 -2.00
N GLU C 505 -23.22 4.52 -1.88
CA GLU C 505 -23.17 3.54 -2.98
C GLU C 505 -23.87 4.06 -4.22
N ARG C 506 -25.00 4.74 -4.03
CA ARG C 506 -25.67 5.43 -5.12
C ARG C 506 -24.80 6.53 -5.70
N GLU C 507 -24.16 7.30 -4.83
CA GLU C 507 -23.50 8.52 -5.30
C GLU C 507 -22.15 8.24 -5.92
N SER C 508 -21.62 7.04 -5.70
CA SER C 508 -20.47 6.57 -6.47
C SER C 508 -20.83 6.42 -7.93
N VAL C 509 -22.00 5.85 -8.21
CA VAL C 509 -22.34 5.42 -9.57
C VAL C 509 -23.25 6.42 -10.27
N VAL C 510 -24.17 7.07 -9.54
CA VAL C 510 -25.03 8.09 -10.13
C VAL C 510 -24.90 9.35 -9.28
N ASP C 511 -24.65 10.48 -9.94
CA ASP C 511 -24.26 11.70 -9.24
C ASP C 511 -25.45 12.29 -8.48
N PHE C 512 -25.16 13.04 -7.42
CA PHE C 512 -26.25 13.71 -6.71
C PHE C 512 -26.15 15.21 -6.85
N SER C 513 -27.07 15.89 -6.19
CA SER C 513 -26.97 17.29 -5.80
C SER C 513 -27.14 17.39 -4.28
N LYS C 514 -27.10 18.63 -3.79
CA LYS C 514 -26.97 18.94 -2.37
C LYS C 514 -28.13 18.42 -1.52
N ARG C 515 -27.86 18.35 -0.21
CA ARG C 515 -28.87 18.06 0.78
C ARG C 515 -29.86 19.21 0.90
N TYR C 516 -30.94 18.96 1.61
CA TYR C 516 -31.74 20.05 2.15
C TYR C 516 -32.24 19.83 3.56
N MET C 517 -32.24 18.61 4.09
CA MET C 517 -32.74 18.32 5.43
C MET C 517 -31.97 17.14 6.02
N ASP C 518 -32.43 16.68 7.18
CA ASP C 518 -31.92 15.53 7.92
C ASP C 518 -33.04 14.48 8.05
N TYR C 519 -32.79 13.42 8.82
CA TYR C 519 -33.70 12.28 8.77
C TYR C 519 -33.80 11.55 10.11
N SER C 520 -34.98 11.01 10.37
CA SER C 520 -35.20 9.87 11.26
C SER C 520 -36.45 9.16 10.76
N VAL C 521 -36.86 8.07 11.44
CA VAL C 521 -38.14 7.44 11.12
C VAL C 521 -38.80 6.72 12.31
N GLY C 522 -40.00 7.14 12.71
CA GLY C 522 -40.61 6.67 13.95
C GLY C 522 -42.07 6.23 13.98
N ILE C 523 -42.85 6.78 14.93
CA ILE C 523 -44.24 6.40 15.20
C ILE C 523 -45.15 7.58 14.85
N LEU C 524 -46.14 7.36 13.96
CA LEU C 524 -47.14 8.40 13.66
C LEU C 524 -48.45 7.76 13.18
N ILE C 525 -49.34 7.45 14.13
CA ILE C 525 -50.77 7.19 13.92
C ILE C 525 -51.48 7.58 15.21
N LYS C 526 -52.62 8.30 15.08
CA LYS C 526 -53.44 8.68 16.24
C LYS C 526 -53.88 7.48 17.07
N LYS C 527 -54.20 6.37 16.41
CA LYS C 527 -54.63 5.16 17.10
C LYS C 527 -53.44 4.40 17.70
N ILE C 532 -51.03 16.58 41.95
CA ILE C 532 -50.93 16.73 43.40
C ILE C 532 -50.07 17.95 43.72
N SER C 533 -50.15 18.42 44.97
CA SER C 533 -49.35 19.58 45.34
C SER C 533 -48.49 19.37 46.58
N ILE C 534 -48.98 18.61 47.56
CA ILE C 534 -48.29 18.47 48.84
C ILE C 534 -48.02 17.03 49.22
N PHE C 535 -48.46 16.07 48.42
CA PHE C 535 -48.50 14.69 48.86
C PHE C 535 -47.15 13.99 48.74
N SER C 536 -46.13 14.69 48.25
CA SER C 536 -44.75 14.23 48.25
C SER C 536 -44.17 14.08 49.64
N LEU C 537 -44.82 14.63 50.67
CA LEU C 537 -44.45 14.40 52.05
C LEU C 537 -44.76 12.98 52.51
N PHE C 538 -45.52 12.23 51.72
CA PHE C 538 -46.06 10.94 52.11
C PHE C 538 -45.49 9.81 51.29
N ALA C 539 -44.70 10.11 50.27
CA ALA C 539 -43.97 9.11 49.49
C ALA C 539 -42.82 8.48 50.28
N PRO C 540 -42.14 9.17 51.21
CA PRO C 540 -41.33 8.43 52.19
C PRO C 540 -42.07 8.05 53.46
N PHE C 541 -43.29 8.52 53.67
CA PHE C 541 -43.93 8.49 54.97
C PHE C 541 -45.06 7.49 55.03
N ASP C 542 -45.03 6.63 56.04
CA ASP C 542 -46.12 5.70 56.30
C ASP C 542 -47.22 6.45 57.04
N PHE C 543 -48.39 6.56 56.41
CA PHE C 543 -49.40 7.56 56.75
C PHE C 543 -50.00 7.38 58.14
N ALA C 544 -49.86 6.21 58.76
CA ALA C 544 -50.57 5.88 59.99
C ALA C 544 -50.05 6.64 61.21
N VAL C 545 -48.91 7.32 61.11
CA VAL C 545 -48.33 7.90 62.31
C VAL C 545 -49.12 9.12 62.76
N TRP C 546 -49.91 9.72 61.85
CA TRP C 546 -50.92 10.70 62.25
C TRP C 546 -51.88 10.11 63.28
N ALA C 547 -52.35 8.88 63.02
CA ALA C 547 -53.22 8.22 63.96
C ALA C 547 -52.46 7.78 65.19
N CYS C 548 -51.17 7.49 65.06
CA CYS C 548 -50.34 7.21 66.22
C CYS C 548 -50.25 8.40 67.16
N ILE C 549 -50.24 9.61 66.61
CA ILE C 549 -50.44 10.81 67.43
C ILE C 549 -51.85 10.88 68.01
N ALA C 550 -52.85 10.68 67.16
CA ALA C 550 -54.24 10.87 67.57
C ALA C 550 -54.70 9.84 68.59
N ALA C 551 -54.01 8.72 68.67
CA ALA C 551 -54.28 7.74 69.69
C ALA C 551 -53.25 7.78 70.79
N ALA C 552 -52.16 8.53 70.61
CA ALA C 552 -51.29 8.79 71.74
C ALA C 552 -51.85 9.89 72.62
N ILE C 553 -52.85 10.61 72.12
CA ILE C 553 -53.52 11.67 72.88
C ILE C 553 -54.17 11.17 74.18
N PRO C 554 -55.15 10.25 74.18
CA PRO C 554 -55.95 10.04 75.40
C PRO C 554 -55.24 9.27 76.51
N VAL C 555 -54.02 8.81 76.30
CA VAL C 555 -53.24 8.20 77.36
C VAL C 555 -53.00 9.16 78.51
N VAL C 556 -52.22 10.20 78.26
CA VAL C 556 -51.37 10.77 79.29
C VAL C 556 -52.18 11.58 80.29
N GLY C 557 -53.14 12.37 79.80
CA GLY C 557 -53.94 13.18 80.70
C GLY C 557 -54.86 12.33 81.54
N VAL C 558 -55.32 11.21 80.99
CA VAL C 558 -56.23 10.33 81.71
C VAL C 558 -55.44 9.42 82.65
N LEU C 559 -54.12 9.37 82.49
CA LEU C 559 -53.29 8.68 83.47
C LEU C 559 -53.31 9.39 84.82
N ILE C 560 -53.50 10.71 84.81
CA ILE C 560 -53.34 11.52 86.02
C ILE C 560 -54.53 11.39 86.96
N PHE C 561 -55.61 10.72 86.52
CA PHE C 561 -56.52 10.05 87.43
C PHE C 561 -55.75 9.09 88.33
N ALA C 609 -47.39 18.65 88.73
CA ALA C 609 -46.14 19.04 89.37
C ALA C 609 -44.98 18.27 88.78
N MET C 610 -44.70 17.10 89.34
CA MET C 610 -43.70 16.22 88.78
C MET C 610 -44.31 15.02 88.08
N ARG C 611 -45.59 14.74 88.31
CA ARG C 611 -46.30 13.70 87.60
C ARG C 611 -46.69 14.13 86.19
N ILE C 612 -46.59 15.41 85.88
CA ILE C 612 -47.07 15.97 84.63
C ILE C 612 -45.97 16.03 83.59
N VAL C 613 -44.86 15.34 83.83
CA VAL C 613 -43.59 15.73 83.22
C VAL C 613 -43.27 14.79 82.07
N MET C 614 -43.77 13.56 82.13
CA MET C 614 -43.23 12.41 81.41
C MET C 614 -43.27 12.57 79.89
N GLY C 615 -44.46 12.63 79.31
CA GLY C 615 -44.50 12.76 77.87
C GLY C 615 -44.27 14.16 77.34
N SER C 616 -44.03 15.12 78.22
CA SER C 616 -44.00 16.52 77.83
C SER C 616 -42.69 16.87 77.14
N TRP C 617 -41.58 16.79 77.88
CA TRP C 617 -40.34 17.10 77.19
C TRP C 617 -39.89 15.93 76.33
N TRP C 618 -40.53 14.77 76.46
CA TRP C 618 -40.55 13.78 75.38
C TRP C 618 -41.06 14.36 74.06
N LEU C 619 -42.17 15.10 74.12
CA LEU C 619 -42.64 15.75 72.89
C LEU C 619 -41.81 16.97 72.54
N PHE C 620 -40.92 17.41 73.43
CA PHE C 620 -40.07 18.55 73.12
C PHE C 620 -38.97 18.17 72.15
N THR C 621 -38.83 16.87 71.83
CA THR C 621 -37.87 16.39 70.85
C THR C 621 -38.47 15.44 69.82
N LEU C 622 -39.51 14.67 70.18
CA LEU C 622 -40.01 13.67 69.24
C LEU C 622 -40.70 14.32 68.04
N ILE C 623 -41.47 15.37 68.31
CA ILE C 623 -42.13 16.10 67.23
C ILE C 623 -41.08 16.82 66.39
N VAL C 624 -39.94 17.17 67.00
CA VAL C 624 -38.87 17.84 66.27
C VAL C 624 -38.21 16.88 65.30
N CYS C 625 -37.94 15.67 65.78
CA CYS C 625 -37.57 14.55 64.92
C CYS C 625 -38.56 14.37 63.78
N SER C 626 -39.84 14.41 64.11
CA SER C 626 -40.88 14.27 63.10
C SER C 626 -40.90 15.43 62.11
N SER C 627 -40.57 16.63 62.57
CA SER C 627 -40.50 17.79 61.70
C SER C 627 -39.36 17.68 60.72
N TYR C 628 -38.19 17.27 61.21
CA TYR C 628 -37.08 16.98 60.33
C TYR C 628 -37.38 15.80 59.42
N THR C 629 -38.23 14.89 59.89
CA THR C 629 -38.54 13.69 59.15
C THR C 629 -39.35 14.04 57.92
N ALA C 630 -40.47 14.73 58.14
CA ALA C 630 -41.31 15.16 57.04
C ALA C 630 -40.69 16.29 56.24
N ASN C 631 -39.63 16.90 56.75
CA ASN C 631 -38.97 18.00 56.08
C ASN C 631 -38.31 17.56 54.78
N LEU C 632 -37.50 16.50 54.84
CA LEU C 632 -36.62 16.13 53.73
C LEU C 632 -37.33 15.53 52.53
N ALA C 633 -38.65 15.27 52.63
CA ALA C 633 -39.32 14.28 51.78
C ALA C 633 -39.34 14.62 50.30
N ALA C 634 -39.11 15.89 49.91
CA ALA C 634 -39.16 16.23 48.50
C ALA C 634 -38.06 17.20 48.09
N PHE C 635 -36.91 17.14 48.74
CA PHE C 635 -35.90 18.15 48.53
C PHE C 635 -34.97 17.86 47.37
N LEU C 636 -35.13 16.72 46.69
CA LEU C 636 -34.46 16.49 45.42
C LEU C 636 -35.39 16.69 44.23
N THR C 637 -36.31 17.64 44.34
CA THR C 637 -37.37 17.76 43.35
C THR C 637 -37.45 19.18 42.79
N PRO C 644 -44.87 10.61 21.49
CA PRO C 644 -45.40 10.72 22.86
C PRO C 644 -44.54 11.61 23.74
N VAL C 645 -45.15 12.23 24.75
CA VAL C 645 -44.44 13.10 25.67
C VAL C 645 -44.32 12.41 27.04
N ARG C 646 -43.09 12.28 27.54
CA ARG C 646 -42.85 11.92 28.94
C ARG C 646 -41.90 12.89 29.65
N THR C 647 -40.82 13.30 29.01
CA THR C 647 -39.87 14.28 29.57
C THR C 647 -39.47 15.21 28.43
N PHE C 648 -38.35 15.94 28.62
CA PHE C 648 -38.02 17.04 27.74
C PHE C 648 -36.65 16.98 27.10
N GLN C 649 -35.77 16.08 27.52
CA GLN C 649 -34.41 16.02 27.02
C GLN C 649 -34.12 14.64 26.45
N ASP C 650 -33.38 14.62 25.33
CA ASP C 650 -33.16 13.39 24.58
C ASP C 650 -32.26 12.40 25.31
N LEU C 651 -31.30 12.90 26.07
CA LEU C 651 -30.48 12.00 26.88
C LEU C 651 -31.23 11.51 28.11
N SER C 652 -32.22 12.27 28.60
CA SER C 652 -33.10 11.78 29.64
C SER C 652 -34.02 10.68 29.12
N LYS C 653 -34.27 10.64 27.81
CA LYS C 653 -34.99 9.53 27.22
C LYS C 653 -34.17 8.25 27.20
N GLN C 654 -32.84 8.36 27.27
CA GLN C 654 -31.97 7.21 27.06
C GLN C 654 -31.98 6.21 28.21
N LEU C 655 -32.65 6.50 29.32
CA LEU C 655 -32.86 5.53 30.39
C LEU C 655 -34.33 5.18 30.56
N GLU C 656 -35.17 5.53 29.61
CA GLU C 656 -36.60 5.27 29.63
C GLU C 656 -36.93 4.08 28.75
N MET C 657 -38.23 3.89 28.48
CA MET C 657 -38.73 2.79 27.66
C MET C 657 -38.17 2.84 26.24
N SER C 658 -38.32 1.73 25.52
CA SER C 658 -37.65 1.57 24.24
C SER C 658 -38.35 2.38 23.16
N TYR C 659 -37.89 2.25 21.93
CA TYR C 659 -38.13 3.24 20.88
C TYR C 659 -38.79 2.58 19.68
N GLY C 660 -39.82 3.23 19.17
CA GLY C 660 -40.54 2.76 18.01
C GLY C 660 -40.06 3.29 16.68
N THR C 661 -38.92 2.80 16.18
CA THR C 661 -38.53 3.18 14.83
C THR C 661 -39.15 2.20 13.83
N VAL C 662 -38.94 2.48 12.55
CA VAL C 662 -39.16 1.47 11.52
C VAL C 662 -37.95 0.55 11.43
N ARG C 663 -38.17 -0.73 11.67
CA ARG C 663 -37.10 -1.71 11.67
C ARG C 663 -36.71 -2.00 10.23
N ASP C 664 -35.44 -2.40 10.03
CA ASP C 664 -34.83 -2.67 8.74
C ASP C 664 -34.81 -1.42 7.85
N SER C 665 -34.80 -0.25 8.48
CA SER C 665 -34.60 1.00 7.78
C SER C 665 -33.11 1.34 7.74
N ALA C 666 -32.80 2.43 7.05
CA ALA C 666 -31.46 2.97 7.09
C ALA C 666 -31.13 3.56 8.45
N VAL C 667 -32.12 4.11 9.16
CA VAL C 667 -31.95 4.43 10.57
C VAL C 667 -31.58 3.19 11.37
N TYR C 668 -32.30 2.10 11.11
CA TYR C 668 -32.01 0.80 11.70
C TYR C 668 -30.67 0.25 11.23
N GLU C 669 -30.22 0.64 10.04
CA GLU C 669 -28.95 0.12 9.56
C GLU C 669 -27.81 0.95 10.15
N TYR C 670 -27.78 2.23 9.80
CA TYR C 670 -26.63 3.06 10.03
C TYR C 670 -26.46 3.37 11.52
N PHE C 671 -27.54 3.30 12.32
CA PHE C 671 -27.35 3.40 13.76
C PHE C 671 -26.68 2.17 14.34
N ARG C 672 -26.95 0.99 13.80
CA ARG C 672 -26.18 -0.17 14.21
C ARG C 672 -24.75 -0.06 13.71
N ALA C 673 -24.55 0.66 12.61
CA ALA C 673 -23.19 0.85 12.12
C ALA C 673 -22.41 1.85 12.96
N LYS C 674 -23.10 2.84 13.55
CA LYS C 674 -22.41 3.94 14.22
C LYS C 674 -22.71 4.09 15.70
N GLY C 675 -23.85 3.58 16.20
CA GLY C 675 -24.02 3.46 17.63
C GLY C 675 -23.09 2.41 18.22
N THR C 676 -22.70 1.43 17.42
CA THR C 676 -21.65 0.50 17.80
C THR C 676 -20.26 1.04 17.50
N ASN C 677 -20.15 2.22 16.90
CA ASN C 677 -18.87 2.91 16.77
C ASN C 677 -18.65 3.72 18.03
N PRO C 678 -17.72 3.33 18.91
CA PRO C 678 -17.60 3.99 20.22
C PRO C 678 -16.91 5.35 20.17
N LEU C 679 -15.95 5.52 19.26
CA LEU C 679 -15.36 6.85 19.04
C LEU C 679 -16.38 7.81 18.47
N GLU C 680 -17.37 7.30 17.75
CA GLU C 680 -18.45 8.10 17.19
C GLU C 680 -19.76 7.87 17.94
N GLN C 681 -19.63 7.52 19.21
CA GLN C 681 -20.75 7.38 20.13
C GLN C 681 -20.86 8.66 20.95
N ASP C 682 -22.06 9.23 21.03
CA ASP C 682 -22.32 10.42 21.83
C ASP C 682 -23.47 10.18 22.80
N SER C 683 -23.37 9.09 23.57
CA SER C 683 -24.14 8.78 24.77
C SER C 683 -25.62 8.47 24.56
N THR C 684 -26.14 8.65 23.35
CA THR C 684 -27.52 8.25 23.10
C THR C 684 -27.63 7.02 22.21
N PHE C 685 -26.69 6.87 21.26
CA PHE C 685 -26.86 5.96 20.14
C PHE C 685 -26.71 4.51 20.56
N ALA C 686 -25.86 4.25 21.54
CA ALA C 686 -25.76 2.93 22.11
C ALA C 686 -26.94 2.65 23.03
N GLU C 687 -27.36 3.66 23.80
CA GLU C 687 -28.58 3.53 24.60
C GLU C 687 -29.81 3.37 23.71
N LEU C 688 -29.81 4.06 22.56
CA LEU C 688 -30.74 3.78 21.47
C LEU C 688 -30.67 2.33 21.05
N TRP C 689 -29.46 1.80 20.84
CA TRP C 689 -29.32 0.49 20.22
C TRP C 689 -29.76 -0.60 21.19
N ARG C 690 -29.42 -0.46 22.47
CA ARG C 690 -29.79 -1.46 23.46
C ARG C 690 -31.28 -1.40 23.77
N THR C 691 -31.93 -0.25 23.56
CA THR C 691 -33.38 -0.23 23.71
C THR C 691 -34.08 -0.87 22.53
N ILE C 692 -33.66 -0.54 21.30
CA ILE C 692 -34.38 -1.01 20.13
C ILE C 692 -34.14 -2.48 19.80
N SER C 693 -33.05 -3.08 20.27
CA SER C 693 -32.66 -4.43 19.86
C SER C 693 -33.25 -5.51 20.74
N LYS C 694 -34.42 -5.28 21.34
CA LYS C 694 -34.93 -6.17 22.38
C LYS C 694 -35.51 -7.43 21.74
N ASN C 695 -34.97 -8.59 22.17
CA ASN C 695 -35.33 -9.93 21.68
C ASN C 695 -35.19 -10.04 20.17
N GLY C 696 -34.08 -9.53 19.64
CA GLY C 696 -33.90 -9.43 18.20
C GLY C 696 -34.79 -8.40 17.53
N GLY C 697 -35.28 -7.42 18.28
CA GLY C 697 -36.16 -6.42 17.72
C GLY C 697 -37.63 -6.65 17.95
N ALA C 698 -38.00 -7.55 18.86
CA ALA C 698 -39.40 -7.85 19.12
C ALA C 698 -40.07 -6.65 19.77
N ASP C 699 -41.33 -6.43 19.40
CA ASP C 699 -42.22 -5.30 19.70
C ASP C 699 -41.75 -4.02 19.02
N ASN C 700 -40.64 -4.06 18.28
CA ASN C 700 -40.25 -3.03 17.33
C ASN C 700 -40.55 -3.51 15.91
N CYS C 701 -41.65 -4.26 15.78
CA CYS C 701 -41.88 -5.08 14.61
C CYS C 701 -42.34 -4.22 13.45
N VAL C 702 -41.65 -4.34 12.31
CA VAL C 702 -42.02 -3.66 11.07
C VAL C 702 -41.88 -4.65 9.91
N SER C 703 -42.99 -4.96 9.26
CA SER C 703 -43.01 -5.76 8.05
C SER C 703 -43.42 -4.93 6.85
N ASN C 704 -44.52 -4.29 6.95
CA ASN C 704 -45.02 -3.15 6.20
C ASN C 704 -44.65 -1.88 6.97
N PRO C 705 -44.42 -0.75 6.27
CA PRO C 705 -43.80 0.41 6.96
C PRO C 705 -44.68 1.07 8.01
N SER C 706 -45.99 1.12 7.82
CA SER C 706 -46.87 1.79 8.77
C SER C 706 -47.14 0.97 10.03
N GLU C 707 -46.54 -0.22 10.16
CA GLU C 707 -46.72 -1.03 11.37
C GLU C 707 -46.09 -0.37 12.59
N GLY C 708 -44.77 -0.15 12.54
CA GLY C 708 -44.10 0.59 13.59
C GLY C 708 -44.45 2.06 13.62
N ILE C 709 -44.97 2.59 12.52
CA ILE C 709 -45.49 3.95 12.52
C ILE C 709 -46.78 4.01 13.35
N ARG C 710 -47.58 2.95 13.32
CA ARG C 710 -48.79 2.96 14.12
C ARG C 710 -48.55 2.70 15.60
N LYS C 711 -47.71 1.70 15.91
CA LYS C 711 -47.91 0.75 16.99
C LYS C 711 -48.14 1.40 18.36
N ALA C 712 -47.17 2.15 18.86
CA ALA C 712 -47.04 2.39 20.29
C ALA C 712 -47.52 3.77 20.70
N LYS C 713 -48.63 4.23 20.11
CA LYS C 713 -49.41 5.33 20.66
C LYS C 713 -49.76 5.07 22.12
N LYS C 714 -50.48 3.98 22.36
CA LYS C 714 -50.77 3.52 23.70
C LYS C 714 -49.89 2.36 24.10
N GLY C 715 -48.92 1.99 23.27
CA GLY C 715 -47.86 1.10 23.68
C GLY C 715 -46.72 1.82 24.36
N ASN C 716 -46.70 3.15 24.23
CA ASN C 716 -45.84 4.07 24.96
C ASN C 716 -44.35 3.80 24.69
N TYR C 717 -44.03 3.51 23.45
CA TYR C 717 -42.67 3.71 22.95
C TYR C 717 -42.65 5.02 22.18
N ALA C 718 -41.45 5.50 21.85
CA ALA C 718 -41.36 6.79 21.19
C ALA C 718 -40.11 6.83 20.32
N PHE C 719 -40.32 6.97 19.02
CA PHE C 719 -39.28 7.48 18.14
C PHE C 719 -39.98 8.25 17.04
N LEU C 720 -39.23 9.11 16.36
CA LEU C 720 -39.78 10.13 15.49
C LEU C 720 -39.10 10.09 14.12
N TRP C 721 -39.63 10.88 13.19
CA TRP C 721 -39.02 11.16 11.90
C TRP C 721 -38.13 12.40 12.08
N ASP C 722 -37.61 12.94 11.00
CA ASP C 722 -37.40 14.38 10.91
C ASP C 722 -38.71 15.09 11.19
N VAL C 723 -38.63 16.20 11.93
CA VAL C 723 -39.80 16.78 12.58
C VAL C 723 -40.83 17.34 11.60
N ALA C 724 -40.47 17.45 10.32
CA ALA C 724 -41.40 17.90 9.29
C ALA C 724 -42.56 16.92 9.12
N VAL C 725 -42.24 15.67 8.75
CA VAL C 725 -43.28 14.67 8.54
C VAL C 725 -43.92 14.26 9.86
N VAL C 726 -43.17 14.42 10.96
CA VAL C 726 -43.73 14.32 12.31
C VAL C 726 -44.92 15.26 12.48
N GLU C 727 -44.70 16.57 12.38
CA GLU C 727 -45.83 17.45 12.62
C GLU C 727 -46.77 17.55 11.43
N TYR C 728 -46.37 17.04 10.28
CA TYR C 728 -47.30 16.73 9.21
C TYR C 728 -48.36 15.71 9.63
N ALA C 729 -47.96 14.70 10.39
CA ALA C 729 -49.01 13.80 10.86
C ALA C 729 -49.57 14.16 12.24
N ALA C 730 -48.71 14.63 13.14
CA ALA C 730 -49.05 14.83 14.54
C ALA C 730 -49.97 16.03 14.72
N LEU C 731 -49.71 17.12 14.01
CA LEU C 731 -50.60 18.26 14.10
C LEU C 731 -51.86 18.11 13.25
N THR C 732 -51.95 17.04 12.46
CA THR C 732 -53.21 16.62 11.86
C THR C 732 -53.87 15.52 12.67
N ASP C 733 -53.59 15.48 13.98
CA ASP C 733 -54.19 14.57 14.94
C ASP C 733 -54.95 15.38 15.98
N ASP C 734 -55.74 14.68 16.79
CA ASP C 734 -56.47 15.32 17.86
C ASP C 734 -55.85 15.07 19.23
N ASP C 735 -54.63 14.57 19.27
CA ASP C 735 -54.03 14.13 20.54
C ASP C 735 -53.17 15.21 21.16
N CYS C 736 -52.07 15.60 20.49
CA CYS C 736 -51.03 16.53 20.96
C CYS C 736 -50.37 16.12 22.28
N SER C 737 -50.60 14.91 22.78
CA SER C 737 -49.72 14.26 23.74
C SER C 737 -48.78 13.29 23.04
N VAL C 738 -48.86 13.23 21.71
CA VAL C 738 -47.98 12.46 20.86
C VAL C 738 -46.69 13.26 20.59
N THR C 739 -46.55 14.41 21.25
CA THR C 739 -45.42 15.29 21.01
C THR C 739 -44.13 14.73 21.58
N VAL C 740 -43.39 14.04 20.74
CA VAL C 740 -42.05 13.58 21.07
C VAL C 740 -41.06 14.65 20.59
N ILE C 741 -40.00 14.86 21.38
CA ILE C 741 -39.07 15.96 21.13
C ILE C 741 -38.17 15.58 19.96
N GLY C 742 -37.46 16.57 19.42
CA GLY C 742 -36.77 16.39 18.15
C GLY C 742 -35.38 15.79 18.29
N ASN C 743 -35.09 14.84 17.41
CA ASN C 743 -33.74 14.31 17.23
C ASN C 743 -33.63 13.74 15.83
N SER C 744 -32.62 14.20 15.09
CA SER C 744 -32.45 13.79 13.70
C SER C 744 -30.96 13.76 13.38
N ILE C 745 -30.61 12.98 12.37
CA ILE C 745 -29.22 12.67 12.08
C ILE C 745 -28.57 13.90 11.44
N SER C 746 -27.63 14.51 12.15
CA SER C 746 -27.00 15.75 11.71
C SER C 746 -26.12 15.60 10.47
N SER C 747 -25.90 14.38 9.99
CA SER C 747 -25.12 14.16 8.79
C SER C 747 -25.85 13.39 7.70
N LYS C 748 -26.97 12.75 8.01
CA LYS C 748 -27.69 11.95 7.02
C LYS C 748 -29.11 12.48 6.86
N GLY C 749 -29.59 12.52 5.62
CA GLY C 749 -30.90 13.02 5.31
C GLY C 749 -31.35 12.69 3.91
N TYR C 750 -32.12 13.60 3.30
CA TYR C 750 -32.57 13.46 1.92
C TYR C 750 -31.93 14.54 1.06
N GLY C 751 -31.34 14.13 -0.05
CA GLY C 751 -30.74 15.05 -1.00
C GLY C 751 -31.46 15.03 -2.34
N ILE C 752 -30.72 15.18 -3.43
CA ILE C 752 -31.27 15.35 -4.77
C ILE C 752 -30.45 14.52 -5.74
N ALA C 753 -31.10 13.63 -6.46
CA ALA C 753 -30.43 12.57 -7.21
C ALA C 753 -30.52 12.75 -8.71
N LEU C 754 -29.39 12.55 -9.37
CA LEU C 754 -29.25 12.64 -10.83
C LEU C 754 -28.34 11.46 -11.22
N GLN C 755 -27.72 11.52 -12.40
CA GLN C 755 -26.66 10.56 -12.69
C GLN C 755 -25.47 11.26 -13.33
N HIS C 756 -24.29 10.63 -13.18
CA HIS C 756 -23.03 11.17 -13.66
C HIS C 756 -23.03 11.37 -15.17
N GLY C 757 -22.62 12.55 -15.63
CA GLY C 757 -22.40 12.80 -17.03
C GLY C 757 -23.42 13.71 -17.69
N SER C 758 -24.53 14.01 -17.01
CA SER C 758 -25.51 14.93 -17.57
C SER C 758 -25.12 16.34 -17.18
N PRO C 759 -24.79 17.21 -18.11
CA PRO C 759 -24.21 18.52 -17.74
C PRO C 759 -25.26 19.53 -17.27
N TYR C 760 -25.86 19.22 -16.13
CA TYR C 760 -27.00 19.94 -15.60
C TYR C 760 -26.86 20.39 -14.16
N ARG C 761 -25.82 19.95 -13.45
CA ARG C 761 -25.82 20.04 -11.99
C ARG C 761 -25.63 21.46 -11.51
N ASP C 762 -24.69 22.21 -12.09
CA ASP C 762 -24.46 23.57 -11.62
C ASP C 762 -25.60 24.50 -12.00
N LEU C 763 -26.32 24.17 -13.07
CA LEU C 763 -27.57 24.84 -13.44
C LEU C 763 -28.60 24.73 -12.34
N PHE C 764 -28.63 23.59 -11.68
CA PHE C 764 -29.75 23.26 -10.83
C PHE C 764 -29.40 23.53 -9.37
N SER C 765 -28.14 23.30 -9.03
CA SER C 765 -27.65 23.64 -7.71
C SER C 765 -27.53 25.14 -7.53
N GLN C 766 -27.42 25.89 -8.64
CA GLN C 766 -27.73 27.31 -8.63
C GLN C 766 -29.09 27.57 -7.99
N ARG C 767 -30.14 26.94 -8.52
CA ARG C 767 -31.47 27.13 -7.99
C ARG C 767 -31.63 26.49 -6.63
N ILE C 768 -30.78 25.53 -6.28
CA ILE C 768 -30.82 24.93 -4.95
C ILE C 768 -30.40 25.97 -3.92
N LEU C 769 -29.22 26.56 -4.13
CA LEU C 769 -28.67 27.48 -3.14
C LEU C 769 -29.48 28.76 -3.08
N GLU C 770 -29.98 29.22 -4.23
CA GLU C 770 -30.63 30.52 -4.32
C GLU C 770 -31.94 30.59 -3.53
N LEU C 771 -32.65 29.47 -3.42
CA LEU C 771 -33.92 29.48 -2.69
C LEU C 771 -33.74 29.72 -1.20
N GLN C 772 -32.59 29.35 -0.65
CA GLN C 772 -32.34 29.72 0.72
C GLN C 772 -31.53 31.01 0.80
N ASP C 773 -30.81 31.37 -0.27
CA ASP C 773 -30.26 32.71 -0.37
C ASP C 773 -31.36 33.75 -0.36
N THR C 774 -32.45 33.47 -1.07
CA THR C 774 -33.66 34.26 -0.90
C THR C 774 -34.37 33.93 0.40
N GLY C 775 -34.19 32.72 0.91
CA GLY C 775 -35.05 32.27 1.97
C GLY C 775 -36.42 31.85 1.50
N ASP C 776 -36.63 31.77 0.20
CA ASP C 776 -37.90 31.30 -0.33
C ASP C 776 -38.00 29.80 -0.26
N LEU C 777 -36.88 29.11 -0.03
CA LEU C 777 -36.91 27.74 0.47
C LEU C 777 -37.71 27.65 1.76
N ASP C 778 -37.57 28.64 2.63
CA ASP C 778 -38.36 28.66 3.86
C ASP C 778 -39.80 29.01 3.56
N VAL C 779 -40.02 29.84 2.54
CA VAL C 779 -41.38 30.26 2.21
C VAL C 779 -42.16 29.07 1.67
N LEU C 780 -41.53 28.28 0.81
CA LEU C 780 -42.21 27.14 0.23
C LEU C 780 -42.35 26.00 1.23
N LYS C 781 -41.42 25.86 2.18
CA LYS C 781 -41.66 24.95 3.29
C LYS C 781 -42.85 25.39 4.12
N GLN C 782 -42.92 26.66 4.49
CA GLN C 782 -44.06 27.17 5.24
C GLN C 782 -45.37 27.23 4.47
N LYS C 783 -45.34 27.07 3.14
CA LYS C 783 -46.58 27.11 2.38
C LYS C 783 -47.48 25.91 2.67
N TRP C 784 -47.01 24.73 2.31
CA TRP C 784 -47.72 23.49 2.56
C TRP C 784 -47.40 22.90 3.91
N TRP C 785 -46.54 23.56 4.68
CA TRP C 785 -46.17 23.10 6.03
C TRP C 785 -45.85 24.32 6.89
N PRO C 786 -46.89 25.01 7.38
CA PRO C 786 -46.64 26.03 8.40
C PRO C 786 -46.20 25.41 9.72
N HIS C 787 -45.31 26.12 10.41
CA HIS C 787 -44.79 25.62 11.68
C HIS C 787 -45.75 25.88 12.84
N THR C 788 -46.81 26.64 12.62
CA THR C 788 -47.67 27.09 13.71
C THR C 788 -48.65 26.02 14.14
N GLY C 789 -49.57 25.65 13.23
CA GLY C 789 -50.59 24.65 13.48
C GLY C 789 -51.57 24.93 14.60
N ARG C 790 -52.47 23.97 14.84
CA ARG C 790 -53.40 24.08 15.98
C ARG C 790 -52.69 23.90 17.32
N CYS C 791 -51.67 23.05 17.37
CA CYS C 791 -50.81 22.95 18.55
C CYS C 791 -49.55 23.74 18.26
N ASP C 792 -49.41 24.89 18.92
CA ASP C 792 -48.30 25.80 18.66
C ASP C 792 -46.96 25.23 19.11
N LEU C 793 -46.94 24.54 20.25
CA LEU C 793 -45.70 23.98 20.79
C LEU C 793 -45.25 22.77 19.99
N SER C 810 -47.69 21.59 43.22
CA SER C 810 -46.62 22.16 44.04
C SER C 810 -47.06 23.46 44.69
N PHE C 811 -48.25 23.94 44.30
CA PHE C 811 -48.66 25.27 44.71
C PHE C 811 -50.14 25.36 45.06
N ALA C 812 -50.80 24.23 45.37
CA ALA C 812 -52.23 24.30 45.65
C ALA C 812 -52.65 23.41 46.82
N GLY C 813 -51.72 22.95 47.65
CA GLY C 813 -52.04 21.91 48.60
C GLY C 813 -52.79 22.37 49.83
N VAL C 814 -52.73 23.67 50.14
CA VAL C 814 -53.53 24.23 51.22
C VAL C 814 -55.01 24.09 50.92
N PHE C 815 -55.41 24.53 49.73
CA PHE C 815 -56.79 24.56 49.30
C PHE C 815 -57.36 23.16 49.07
N CYS C 816 -56.50 22.15 48.99
CA CYS C 816 -56.93 20.76 49.06
C CYS C 816 -57.64 20.43 50.36
N ILE C 817 -57.26 21.07 51.46
CA ILE C 817 -57.84 20.70 52.75
C ILE C 817 -58.33 21.95 53.48
N LEU C 818 -58.36 23.08 52.78
CA LEU C 818 -58.68 24.36 53.42
C LEU C 818 -60.16 24.43 53.82
N ALA C 819 -61.07 24.35 52.86
CA ALA C 819 -62.49 24.52 53.18
C ALA C 819 -63.08 23.28 53.85
N ILE C 820 -62.29 22.21 53.95
CA ILE C 820 -62.64 21.08 54.81
C ILE C 820 -62.76 21.56 56.25
N GLY C 821 -61.89 22.47 56.65
CA GLY C 821 -62.04 23.12 57.96
C GLY C 821 -63.29 23.97 58.07
N LEU C 822 -63.71 24.62 56.97
CA LEU C 822 -64.97 25.35 57.00
C LEU C 822 -66.17 24.40 57.11
N LEU C 823 -66.00 23.19 56.59
CA LEU C 823 -67.01 22.17 56.78
C LEU C 823 -67.01 21.64 58.21
N LEU C 824 -65.83 21.47 58.80
CA LEU C 824 -65.77 21.02 60.19
C LEU C 824 -66.27 22.11 61.14
N ALA C 825 -66.13 23.38 60.73
CA ALA C 825 -66.75 24.48 61.45
C ALA C 825 -68.26 24.38 61.42
N CYS C 826 -68.79 23.98 60.25
CA CYS C 826 -70.24 23.79 60.16
C CYS C 826 -70.65 22.54 60.92
N LEU C 827 -69.74 21.58 61.07
CA LEU C 827 -70.06 20.35 61.78
C LEU C 827 -70.18 20.64 63.26
N VAL C 828 -69.32 21.52 63.77
CA VAL C 828 -69.21 21.71 65.20
C VAL C 828 -70.22 22.77 65.64
N ALA C 829 -70.06 24.01 65.15
CA ALA C 829 -70.80 25.12 65.75
C ALA C 829 -72.29 25.11 65.42
N ALA C 830 -72.68 24.61 64.25
CA ALA C 830 -74.10 24.47 63.94
C ALA C 830 -74.75 23.37 64.78
N LEU C 831 -74.02 22.27 65.01
CA LEU C 831 -74.54 21.24 65.92
C LEU C 831 -74.60 21.73 67.36
N GLU C 832 -73.67 22.61 67.76
CA GLU C 832 -73.79 23.29 69.04
C GLU C 832 -75.04 24.16 69.10
N LEU C 833 -75.35 24.84 68.00
CA LEU C 833 -76.47 25.77 68.01
C LEU C 833 -77.79 25.02 68.04
N TRP C 834 -77.92 23.96 67.23
CA TRP C 834 -79.15 23.17 67.22
C TRP C 834 -79.31 22.35 68.49
N TRP C 835 -78.22 21.80 69.03
CA TRP C 835 -78.28 21.09 70.29
C TRP C 835 -78.64 21.99 71.46
N ASN C 836 -78.24 23.26 71.41
CA ASN C 836 -78.75 24.23 72.36
C ASN C 836 -80.20 24.58 72.07
N SER C 837 -80.58 24.62 70.80
CA SER C 837 -81.97 24.85 70.42
C SER C 837 -82.87 23.67 70.74
N ASN C 838 -82.30 22.48 70.89
CA ASN C 838 -83.07 21.33 71.35
C ASN C 838 -83.41 21.48 72.82
N SER D 2 4.17 -15.60 -80.77
CA SER D 2 4.16 -14.28 -80.14
C SER D 2 5.23 -14.22 -79.06
N ILE D 3 5.03 -13.29 -78.13
CA ILE D 3 5.90 -13.14 -76.98
C ILE D 3 5.09 -12.40 -75.91
N ILE D 4 5.50 -12.52 -74.66
CA ILE D 4 4.93 -11.73 -73.59
C ILE D 4 5.71 -10.43 -73.49
N HIS D 5 5.01 -9.30 -73.52
CA HIS D 5 5.62 -8.01 -73.27
C HIS D 5 4.69 -7.18 -72.41
N ILE D 6 5.18 -6.76 -71.25
CA ILE D 6 4.39 -6.05 -70.26
C ILE D 6 5.08 -4.72 -69.95
N GLY D 7 4.35 -3.85 -69.26
CA GLY D 7 4.85 -2.55 -68.89
C GLY D 7 5.15 -2.49 -67.40
N ALA D 8 6.11 -1.63 -67.04
CA ALA D 8 6.54 -1.51 -65.65
C ALA D 8 6.94 -0.05 -65.41
N ILE D 9 6.05 0.72 -64.81
CA ILE D 9 6.28 2.13 -64.52
C ILE D 9 6.16 2.34 -63.02
N PHE D 10 7.14 2.99 -62.41
CA PHE D 10 7.19 3.08 -60.96
C PHE D 10 7.54 4.50 -60.53
N GLU D 11 6.88 4.95 -59.46
CA GLU D 11 7.16 6.27 -58.89
C GLU D 11 8.50 6.26 -58.17
N GLU D 12 9.14 7.43 -58.11
CA GLU D 12 10.28 7.62 -57.23
C GLU D 12 9.89 7.37 -55.77
N ASN D 13 10.68 6.55 -55.07
CA ASN D 13 11.92 5.96 -55.58
C ASN D 13 11.65 4.59 -56.21
N ALA D 14 11.98 4.47 -57.50
CA ALA D 14 11.73 3.29 -58.29
C ALA D 14 12.88 2.28 -58.23
N ALA D 15 13.83 2.47 -57.32
CA ALA D 15 14.97 1.56 -57.23
C ALA D 15 14.57 0.22 -56.63
N LYS D 16 13.96 0.23 -55.46
CA LYS D 16 13.48 -1.01 -54.86
C LYS D 16 12.12 -1.47 -55.41
N ASP D 17 11.48 -0.69 -56.28
CA ASP D 17 10.48 -1.30 -57.15
C ASP D 17 11.13 -2.20 -58.19
N ASP D 18 12.34 -1.85 -58.62
CA ASP D 18 13.03 -2.62 -59.64
C ASP D 18 13.82 -3.76 -59.03
N ARG D 19 14.21 -3.62 -57.75
CA ARG D 19 14.85 -4.69 -56.98
C ARG D 19 13.91 -5.86 -56.81
N VAL D 20 12.61 -5.59 -56.77
CA VAL D 20 11.62 -6.64 -56.62
C VAL D 20 11.20 -7.16 -57.98
N PHE D 21 10.96 -6.25 -58.93
CA PHE D 21 10.35 -6.65 -60.20
C PHE D 21 11.34 -7.40 -61.09
N GLN D 22 12.53 -6.83 -61.33
CA GLN D 22 13.38 -7.40 -62.38
C GLN D 22 13.97 -8.73 -61.93
N LEU D 23 14.28 -8.84 -60.64
CA LEU D 23 14.77 -10.10 -60.13
C LEU D 23 13.62 -11.10 -59.97
N ALA D 24 12.36 -10.63 -59.83
CA ALA D 24 11.27 -11.58 -59.75
C ALA D 24 10.98 -12.17 -61.12
N VAL D 25 11.10 -11.35 -62.18
CA VAL D 25 10.85 -11.83 -63.53
C VAL D 25 12.03 -12.69 -64.00
N SER D 26 13.22 -12.49 -63.39
CA SER D 26 14.41 -13.23 -63.83
C SER D 26 14.34 -14.70 -63.45
N ASP D 27 13.85 -15.02 -62.25
CA ASP D 27 13.82 -16.39 -61.76
C ASP D 27 12.68 -17.22 -62.35
N LEU D 28 11.79 -16.62 -63.14
CA LEU D 28 10.65 -17.33 -63.71
C LEU D 28 11.06 -18.34 -64.77
N SER D 29 11.80 -17.88 -65.78
CA SER D 29 12.20 -18.74 -66.89
C SER D 29 13.24 -19.78 -66.51
N LEU D 30 13.85 -19.68 -65.33
CA LEU D 30 14.81 -20.68 -64.89
C LEU D 30 14.13 -22.00 -64.54
N ASN D 31 12.87 -21.96 -64.13
CA ASN D 31 12.23 -23.08 -63.47
C ASN D 31 10.88 -23.49 -64.04
N ASP D 32 10.22 -22.66 -64.84
CA ASP D 32 8.86 -22.94 -65.28
C ASP D 32 8.87 -23.71 -66.60
N ASP D 33 7.86 -24.57 -66.75
CA ASP D 33 7.66 -25.38 -67.94
C ASP D 33 6.53 -24.88 -68.82
N ILE D 34 5.74 -23.90 -68.36
CA ILE D 34 4.59 -23.41 -69.08
C ILE D 34 4.93 -22.17 -69.90
N LEU D 35 5.72 -21.26 -69.34
CA LEU D 35 6.18 -20.06 -70.03
C LEU D 35 7.56 -20.24 -70.64
N GLN D 36 7.86 -21.45 -71.11
CA GLN D 36 9.11 -21.75 -71.79
C GLN D 36 8.97 -21.64 -73.30
N SER D 37 7.75 -21.76 -73.83
CA SER D 37 7.53 -21.55 -75.25
C SER D 37 7.68 -20.09 -75.66
N GLU D 38 7.58 -19.16 -74.72
CA GLU D 38 7.83 -17.75 -74.97
C GLU D 38 8.69 -17.23 -73.83
N LYS D 39 8.78 -15.91 -73.70
CA LYS D 39 9.58 -15.29 -72.65
C LYS D 39 8.96 -13.93 -72.30
N ILE D 40 8.93 -13.61 -71.02
CA ILE D 40 8.39 -12.33 -70.56
C ILE D 40 9.41 -11.22 -70.84
N THR D 41 9.04 -10.28 -71.70
CA THR D 41 9.91 -9.16 -72.08
C THR D 41 9.47 -7.91 -71.35
N TYR D 42 10.40 -7.23 -70.70
CA TYR D 42 10.10 -6.05 -69.89
C TYR D 42 10.97 -4.88 -70.32
N SER D 43 10.44 -3.69 -70.10
CA SER D 43 11.17 -2.45 -70.36
C SER D 43 10.72 -1.41 -69.34
N ILE D 44 11.62 -0.99 -68.47
CA ILE D 44 11.26 -0.15 -67.33
C ILE D 44 11.21 1.31 -67.78
N LYS D 45 10.10 1.98 -67.48
CA LYS D 45 9.92 3.40 -67.80
C LYS D 45 9.67 4.15 -66.49
N VAL D 46 10.63 4.97 -66.08
CA VAL D 46 10.58 5.65 -64.79
C VAL D 46 10.05 7.06 -64.99
N ILE D 47 9.11 7.46 -64.14
CA ILE D 47 8.44 8.76 -64.26
C ILE D 47 8.73 9.62 -63.03
N GLU D 48 8.10 10.80 -62.99
CA GLU D 48 8.23 11.72 -61.87
C GLU D 48 7.46 11.22 -60.65
N ALA D 49 7.41 12.05 -59.61
CA ALA D 49 6.70 11.76 -58.38
C ALA D 49 5.30 12.35 -58.44
N ASN D 50 4.29 11.46 -58.47
CA ASN D 50 2.86 11.80 -58.56
C ASN D 50 2.53 12.67 -59.77
N ASN D 51 3.20 12.42 -60.89
CA ASN D 51 2.88 13.09 -62.15
C ASN D 51 2.33 12.07 -63.13
N PRO D 52 1.04 12.11 -63.46
CA PRO D 52 0.50 11.16 -64.43
C PRO D 52 0.84 11.51 -65.88
N PHE D 53 1.30 12.74 -66.12
CA PHE D 53 1.63 13.17 -67.48
C PHE D 53 2.88 12.46 -67.98
N GLN D 54 3.86 12.28 -67.09
CA GLN D 54 5.01 11.48 -67.43
C GLN D 54 4.64 10.01 -67.57
N ALA D 55 3.61 9.56 -66.84
CA ALA D 55 3.17 8.17 -67.02
C ALA D 55 2.51 7.99 -68.38
N VAL D 56 1.87 9.04 -68.91
CA VAL D 56 1.29 8.98 -70.24
C VAL D 56 2.39 8.95 -71.28
N GLN D 57 3.39 9.83 -71.14
CA GLN D 57 4.45 9.88 -72.15
C GLN D 57 5.33 8.63 -72.09
N GLU D 58 5.57 8.09 -70.90
CA GLU D 58 6.35 6.87 -70.77
C GLU D 58 5.55 5.60 -71.04
N ALA D 59 4.23 5.72 -71.23
CA ALA D 59 3.42 4.55 -71.56
C ALA D 59 2.93 4.54 -73.00
N CYS D 60 2.96 5.68 -73.71
CA CYS D 60 2.58 5.66 -75.12
C CYS D 60 3.62 4.94 -75.96
N ASP D 61 4.89 4.97 -75.55
CA ASP D 61 5.90 4.13 -76.19
C ASP D 61 5.68 2.66 -75.84
N LEU D 62 5.19 2.37 -74.64
CA LEU D 62 4.91 0.99 -74.25
C LEU D 62 3.71 0.42 -75.00
N MET D 63 2.76 1.25 -75.38
CA MET D 63 1.72 0.79 -76.30
C MET D 63 2.17 0.87 -77.76
N THR D 64 3.17 1.71 -78.07
CA THR D 64 3.90 1.56 -79.31
C THR D 64 4.78 0.32 -79.26
N GLN D 65 5.16 -0.12 -78.07
CA GLN D 65 5.67 -1.47 -77.89
C GLN D 65 4.55 -2.50 -77.78
N GLY D 66 3.34 -2.05 -77.43
CA GLY D 66 2.20 -2.93 -77.32
C GLY D 66 2.25 -3.86 -76.13
N ILE D 67 2.18 -3.29 -74.93
CA ILE D 67 2.24 -4.10 -73.72
C ILE D 67 0.89 -4.78 -73.49
N LEU D 68 0.93 -5.99 -72.94
CA LEU D 68 -0.29 -6.74 -72.64
C LEU D 68 -0.87 -6.38 -71.29
N ALA D 69 -0.01 -6.12 -70.29
CA ALA D 69 -0.46 -5.71 -68.97
C ALA D 69 0.50 -4.64 -68.46
N LEU D 70 0.34 -4.25 -67.21
CA LEU D 70 1.08 -3.11 -66.68
C LEU D 70 1.31 -3.32 -65.19
N VAL D 71 2.52 -2.96 -64.75
CA VAL D 71 2.93 -3.08 -63.36
C VAL D 71 3.24 -1.69 -62.85
N THR D 72 2.41 -1.19 -61.93
CA THR D 72 2.54 0.17 -61.41
C THR D 72 2.65 0.15 -59.90
N SER D 73 3.61 0.94 -59.37
CA SER D 73 3.68 1.28 -57.95
C SER D 73 3.82 2.80 -57.88
N THR D 74 2.69 3.50 -57.96
CA THR D 74 2.65 4.95 -57.91
C THR D 74 1.55 5.41 -56.96
N GLY D 75 1.59 6.71 -56.64
CA GLY D 75 0.61 7.31 -55.77
C GLY D 75 -0.73 7.51 -56.45
N CYS D 76 -1.69 7.98 -55.64
CA CYS D 76 -3.04 8.25 -56.12
C CYS D 76 -3.09 9.36 -57.16
N ALA D 77 -2.10 10.26 -57.17
CA ALA D 77 -2.04 11.31 -58.18
C ALA D 77 -1.29 10.87 -59.43
N SER D 78 -1.25 9.56 -59.71
CA SER D 78 -0.73 9.03 -60.96
C SER D 78 -1.62 7.93 -61.51
N ALA D 79 -2.94 8.02 -61.32
CA ALA D 79 -3.82 7.00 -61.86
C ALA D 79 -5.07 7.49 -62.54
N ASN D 80 -5.44 8.78 -62.44
CA ASN D 80 -6.72 9.22 -62.98
C ASN D 80 -6.69 9.28 -64.50
N ALA D 81 -5.58 9.74 -65.08
CA ALA D 81 -5.39 9.63 -66.52
C ALA D 81 -5.14 8.18 -66.90
N LEU D 82 -4.58 7.39 -65.99
CA LEU D 82 -4.29 6.01 -66.34
C LEU D 82 -5.55 5.16 -66.20
N GLN D 83 -6.41 5.45 -65.22
CA GLN D 83 -7.71 4.80 -65.20
C GLN D 83 -8.57 5.22 -66.39
N SER D 84 -8.46 6.48 -66.82
CA SER D 84 -9.12 6.89 -68.05
C SER D 84 -8.45 6.39 -69.32
N LEU D 85 -7.26 5.79 -69.21
CA LEU D 85 -6.57 5.16 -70.33
C LEU D 85 -6.78 3.66 -70.41
N THR D 86 -6.72 2.96 -69.27
CA THR D 86 -6.84 1.50 -69.23
C THR D 86 -8.27 1.02 -69.39
N ASP D 87 -9.25 1.91 -69.22
CA ASP D 87 -10.61 1.58 -69.60
C ASP D 87 -10.81 1.63 -71.11
N ALA D 88 -9.89 2.28 -71.84
CA ALA D 88 -9.96 2.31 -73.29
C ALA D 88 -9.26 1.12 -73.94
N MET D 89 -8.10 0.71 -73.40
CA MET D 89 -7.33 -0.37 -73.98
C MET D 89 -7.60 -1.73 -73.32
N HIS D 90 -8.55 -1.81 -72.39
CA HIS D 90 -9.01 -3.02 -71.70
C HIS D 90 -7.89 -3.69 -70.90
N ILE D 91 -6.83 -2.97 -70.58
CA ILE D 91 -5.64 -3.56 -69.98
C ILE D 91 -5.90 -3.79 -68.49
N PRO D 92 -5.57 -4.96 -67.95
CA PRO D 92 -5.63 -5.16 -66.50
C PRO D 92 -4.66 -4.25 -65.78
N HIS D 93 -5.19 -3.28 -65.06
CA HIS D 93 -4.39 -2.22 -64.43
C HIS D 93 -4.38 -2.50 -62.93
N LEU D 94 -3.44 -3.34 -62.51
CA LEU D 94 -3.29 -3.74 -61.12
C LEU D 94 -2.60 -2.61 -60.35
N PHE D 95 -3.35 -1.55 -60.11
CA PHE D 95 -2.82 -0.36 -59.48
C PHE D 95 -2.62 -0.58 -57.98
N VAL D 96 -1.46 -0.15 -57.50
CA VAL D 96 -1.11 -0.24 -56.09
C VAL D 96 -0.65 1.14 -55.65
N GLN D 97 -1.24 1.67 -54.58
CA GLN D 97 -0.98 3.03 -54.14
C GLN D 97 0.38 3.14 -53.45
N ARG D 98 1.10 4.22 -53.75
CA ARG D 98 2.36 4.50 -53.08
C ARG D 98 2.11 4.98 -51.67
N ASN D 99 2.85 4.42 -50.71
CA ASN D 99 2.83 4.94 -49.34
C ASN D 99 3.54 6.28 -49.31
N PRO D 100 2.89 7.35 -48.84
CA PRO D 100 3.52 8.68 -48.89
C PRO D 100 4.50 8.92 -47.75
N GLY D 101 5.64 8.21 -47.82
CA GLY D 101 6.74 8.48 -46.90
C GLY D 101 6.62 7.86 -45.53
N GLY D 102 6.12 6.62 -45.44
CA GLY D 102 5.94 5.97 -44.16
C GLY D 102 4.73 6.44 -43.38
N SER D 103 3.94 7.35 -43.94
CA SER D 103 2.73 7.83 -43.32
C SER D 103 1.61 6.81 -43.49
N PRO D 104 0.52 6.94 -42.73
CA PRO D 104 -0.69 6.17 -43.06
C PRO D 104 -1.23 6.57 -44.42
N ARG D 105 -1.85 5.61 -45.10
CA ARG D 105 -2.32 5.79 -46.45
C ARG D 105 -3.84 5.88 -46.47
N THR D 106 -4.34 6.95 -47.10
CA THR D 106 -5.76 7.03 -47.41
C THR D 106 -6.07 6.18 -48.62
N ALA D 107 -6.92 5.17 -48.43
CA ALA D 107 -7.36 4.33 -49.54
C ALA D 107 -8.22 5.18 -50.46
N CYS D 108 -7.64 5.60 -51.57
CA CYS D 108 -8.33 6.51 -52.47
C CYS D 108 -9.49 5.83 -53.18
N HIS D 109 -10.59 6.56 -53.32
CA HIS D 109 -11.76 6.05 -54.00
C HIS D 109 -11.50 5.93 -55.50
N LEU D 110 -12.37 5.19 -56.17
CA LEU D 110 -12.40 5.16 -57.62
C LEU D 110 -13.32 6.26 -58.15
N ASN D 111 -13.00 6.75 -59.35
CA ASN D 111 -13.91 7.64 -60.05
C ASN D 111 -15.14 6.85 -60.50
N PRO D 112 -16.33 7.49 -60.64
CA PRO D 112 -17.55 6.71 -60.89
C PRO D 112 -17.62 6.07 -62.27
N SER D 113 -17.39 4.76 -62.28
CA SER D 113 -17.52 3.87 -63.43
C SER D 113 -17.74 2.46 -62.90
N PRO D 114 -18.69 1.72 -63.44
CA PRO D 114 -18.92 0.34 -62.98
C PRO D 114 -17.81 -0.60 -63.41
N ASP D 115 -17.70 -1.71 -62.69
CA ASP D 115 -16.72 -2.73 -63.00
C ASP D 115 -17.12 -3.41 -64.31
N GLY D 116 -16.17 -3.58 -65.22
CA GLY D 116 -16.46 -3.89 -66.59
C GLY D 116 -16.49 -2.66 -67.48
N GLU D 117 -16.54 -1.48 -66.87
CA GLU D 117 -16.28 -0.22 -67.54
C GLU D 117 -15.12 0.51 -66.86
N ALA D 118 -14.82 0.15 -65.61
CA ALA D 118 -13.63 0.55 -64.89
C ALA D 118 -12.68 -0.64 -64.87
N TYR D 119 -11.40 -0.41 -65.17
CA TYR D 119 -10.42 -1.49 -65.28
C TYR D 119 -9.16 -1.24 -64.47
N THR D 120 -9.20 -0.29 -63.54
CA THR D 120 -8.13 -0.13 -62.55
C THR D 120 -8.41 -1.07 -61.38
N LEU D 121 -7.50 -2.01 -61.17
CA LEU D 121 -7.58 -2.98 -60.08
C LEU D 121 -6.71 -2.54 -58.91
N ALA D 122 -7.18 -2.82 -57.70
CA ALA D 122 -6.53 -2.37 -56.48
C ALA D 122 -6.11 -3.58 -55.65
N SER D 123 -4.86 -3.58 -55.20
CA SER D 123 -4.33 -4.59 -54.28
C SER D 123 -4.17 -4.03 -52.87
N ARG D 124 -5.11 -3.20 -52.41
CA ARG D 124 -4.89 -2.56 -51.12
C ARG D 124 -5.94 -2.98 -50.11
N PRO D 125 -5.60 -3.07 -48.82
CA PRO D 125 -6.60 -3.40 -47.81
C PRO D 125 -7.55 -2.23 -47.59
N PRO D 126 -8.82 -2.50 -47.31
CA PRO D 126 -9.77 -1.41 -47.03
C PRO D 126 -9.55 -0.83 -45.64
N VAL D 127 -9.79 0.46 -45.53
CA VAL D 127 -9.64 1.16 -44.25
C VAL D 127 -10.96 1.03 -43.51
N ARG D 128 -10.97 0.17 -42.49
CA ARG D 128 -12.12 0.02 -41.62
C ARG D 128 -11.82 0.48 -40.20
N LEU D 129 -10.81 1.34 -40.05
CA LEU D 129 -10.22 1.68 -38.77
C LEU D 129 -11.17 2.48 -37.91
N ASN D 130 -12.15 3.14 -38.54
CA ASN D 130 -13.30 3.71 -37.85
C ASN D 130 -13.92 2.72 -36.88
N ASP D 131 -14.27 1.54 -37.39
CA ASP D 131 -14.95 0.54 -36.56
C ASP D 131 -13.98 -0.11 -35.58
N VAL D 132 -12.69 -0.15 -35.91
CA VAL D 132 -11.69 -0.63 -34.97
C VAL D 132 -11.60 0.31 -33.77
N MET D 133 -11.60 1.61 -34.04
CA MET D 133 -11.63 2.57 -32.95
C MET D 133 -12.98 2.59 -32.24
N LEU D 134 -14.04 2.15 -32.91
CA LEU D 134 -15.31 1.98 -32.21
C LEU D 134 -15.25 0.83 -31.22
N ARG D 135 -14.61 -0.27 -31.62
CA ARG D 135 -14.49 -1.41 -30.72
C ARG D 135 -13.41 -1.21 -29.67
N LEU D 136 -12.60 -0.16 -29.82
CA LEU D 136 -11.66 0.23 -28.77
C LEU D 136 -12.39 0.66 -27.51
N VAL D 137 -13.26 1.68 -27.64
CA VAL D 137 -13.87 2.29 -26.46
C VAL D 137 -15.09 1.54 -25.94
N THR D 138 -15.51 0.50 -26.66
CA THR D 138 -16.40 -0.50 -26.07
C THR D 138 -15.64 -1.48 -25.19
N GLU D 139 -14.31 -1.40 -25.22
CA GLU D 139 -13.44 -2.23 -24.42
C GLU D 139 -12.42 -1.43 -23.62
N LEU D 140 -12.26 -0.14 -23.90
CA LEU D 140 -11.35 0.72 -23.14
C LEU D 140 -12.03 1.91 -22.47
N ARG D 141 -13.15 2.39 -23.02
CA ARG D 141 -13.94 3.52 -22.49
C ARG D 141 -13.08 4.78 -22.35
N TRP D 142 -12.73 5.33 -23.51
CA TRP D 142 -12.12 6.64 -23.58
C TRP D 142 -13.21 7.67 -23.77
N GLN D 143 -13.06 8.83 -23.14
CA GLN D 143 -14.01 9.91 -23.37
C GLN D 143 -13.35 11.08 -24.10
N LYS D 144 -12.30 11.64 -23.52
CA LYS D 144 -11.40 12.53 -24.24
C LYS D 144 -10.37 11.69 -24.96
N PHE D 145 -10.11 12.05 -26.22
CA PHE D 145 -9.13 11.32 -27.00
C PHE D 145 -8.49 12.27 -28.00
N VAL D 146 -7.22 12.01 -28.29
CA VAL D 146 -6.46 12.74 -29.29
C VAL D 146 -5.93 11.73 -30.30
N MET D 147 -6.24 11.95 -31.57
CA MET D 147 -5.82 11.04 -32.62
C MET D 147 -4.72 11.78 -33.38
N PHE D 148 -3.48 11.57 -32.95
CA PHE D 148 -2.33 12.21 -33.56
C PHE D 148 -2.16 11.72 -34.99
N TYR D 149 -2.04 12.66 -35.92
CA TYR D 149 -2.02 12.31 -37.33
C TYR D 149 -0.99 13.17 -38.04
N ASP D 150 -0.14 12.51 -38.82
CA ASP D 150 1.02 13.16 -39.43
C ASP D 150 0.62 13.92 -40.68
N SER D 151 1.61 14.32 -41.48
CA SER D 151 1.37 15.20 -42.61
C SER D 151 0.65 14.47 -43.75
N GLU D 152 1.16 13.32 -44.17
CA GLU D 152 0.63 12.65 -45.35
C GLU D 152 -0.40 11.58 -45.01
N TYR D 153 -1.41 11.95 -44.23
CA TYR D 153 -2.63 11.17 -44.07
C TYR D 153 -3.73 12.13 -43.66
N ASP D 154 -4.94 11.91 -44.18
CA ASP D 154 -5.96 12.94 -44.14
C ASP D 154 -7.11 12.58 -43.22
N ILE D 155 -8.01 13.54 -43.04
CA ILE D 155 -9.20 13.28 -42.25
C ILE D 155 -10.26 12.60 -43.11
N ARG D 156 -10.10 12.65 -44.43
CA ARG D 156 -11.03 11.95 -45.30
C ARG D 156 -10.81 10.45 -45.28
N GLY D 157 -9.64 10.00 -44.84
CA GLY D 157 -9.41 8.58 -44.61
C GLY D 157 -10.21 7.98 -43.47
N LEU D 158 -10.68 8.81 -42.53
CA LEU D 158 -11.48 8.33 -41.39
C LEU D 158 -12.69 9.23 -41.15
N GLN D 159 -13.49 9.42 -42.20
CA GLN D 159 -14.55 10.44 -42.22
C GLN D 159 -15.69 10.14 -41.24
N SER D 160 -16.13 8.89 -41.16
CA SER D 160 -17.36 8.59 -40.41
C SER D 160 -17.13 8.42 -38.91
N PHE D 161 -15.88 8.25 -38.48
CA PHE D 161 -15.65 8.11 -37.04
C PHE D 161 -15.90 9.43 -36.32
N LEU D 162 -15.79 10.55 -37.05
CA LEU D 162 -16.29 11.82 -36.57
C LEU D 162 -17.76 11.70 -36.21
N ASP D 163 -18.51 10.99 -37.05
CA ASP D 163 -19.95 10.92 -36.97
C ASP D 163 -20.41 9.88 -35.96
N GLN D 164 -19.51 9.01 -35.53
CA GLN D 164 -19.89 7.99 -34.56
C GLN D 164 -19.30 8.21 -33.18
N ALA D 165 -18.13 8.86 -33.09
CA ALA D 165 -17.72 9.49 -31.85
C ALA D 165 -18.69 10.60 -31.46
N SER D 166 -19.32 11.22 -32.47
CA SER D 166 -20.50 12.06 -32.25
C SER D 166 -21.60 11.29 -31.51
N ARG D 167 -21.97 10.12 -32.02
CA ARG D 167 -23.18 9.45 -31.57
C ARG D 167 -23.05 8.85 -30.18
N LEU D 168 -21.85 8.42 -29.79
CA LEU D 168 -21.65 7.93 -28.43
C LEU D 168 -21.27 9.05 -27.47
N GLY D 169 -21.35 10.30 -27.90
CA GLY D 169 -20.96 11.41 -27.05
C GLY D 169 -19.49 11.46 -26.73
N LEU D 170 -18.64 11.00 -27.64
CA LEU D 170 -17.23 10.85 -27.38
C LEU D 170 -16.48 12.10 -27.83
N ASP D 171 -15.66 12.64 -26.94
CA ASP D 171 -15.16 14.01 -27.07
C ASP D 171 -13.98 14.04 -28.04
N VAL D 172 -14.23 14.55 -29.23
CA VAL D 172 -13.23 14.57 -30.29
C VAL D 172 -12.31 15.76 -30.09
N SER D 173 -11.01 15.55 -30.28
CA SER D 173 -10.03 16.64 -30.23
C SER D 173 -8.79 16.21 -31.01
N LEU D 174 -8.55 16.85 -32.16
CA LEU D 174 -7.43 16.53 -33.04
C LEU D 174 -6.32 17.56 -32.89
N GLN D 175 -5.11 17.14 -33.26
CA GLN D 175 -3.98 18.00 -33.59
C GLN D 175 -3.16 17.30 -34.67
N LYS D 176 -2.87 18.02 -35.75
CA LYS D 176 -2.04 17.49 -36.82
C LYS D 176 -0.59 17.48 -36.39
N VAL D 177 0.14 16.42 -36.76
CA VAL D 177 1.52 16.25 -36.37
C VAL D 177 2.43 16.61 -37.55
N ASP D 178 3.39 17.48 -37.29
CA ASP D 178 4.37 17.91 -38.28
C ASP D 178 5.60 17.00 -38.20
N LYS D 179 6.73 17.44 -38.76
CA LYS D 179 7.90 16.61 -39.01
C LYS D 179 8.55 16.04 -37.74
N ASN D 180 9.14 16.92 -36.92
CA ASN D 180 9.89 16.53 -35.74
C ASN D 180 9.17 17.06 -34.51
N ILE D 181 9.05 16.21 -33.48
CA ILE D 181 8.45 16.65 -32.23
C ILE D 181 9.39 17.56 -31.46
N SER D 182 10.68 17.52 -31.83
CA SER D 182 11.64 18.52 -31.37
C SER D 182 11.26 19.92 -31.85
N HIS D 183 10.64 20.03 -33.03
CA HIS D 183 10.11 21.33 -33.41
C HIS D 183 8.77 21.59 -32.76
N VAL D 184 8.10 20.54 -32.25
CA VAL D 184 6.72 20.71 -31.80
C VAL D 184 6.70 21.32 -30.41
N PHE D 185 7.41 20.70 -29.46
CA PHE D 185 7.22 21.11 -28.07
C PHE D 185 7.91 22.43 -27.77
N THR D 186 8.86 22.82 -28.63
CA THR D 186 9.48 24.14 -28.51
C THR D 186 8.47 25.22 -28.86
N SER D 187 7.77 25.05 -29.99
CA SER D 187 6.71 25.98 -30.36
C SER D 187 5.53 25.94 -29.39
N LEU D 188 5.32 24.80 -28.73
CA LEU D 188 4.33 24.76 -27.65
C LEU D 188 4.78 25.56 -26.44
N PHE D 189 6.08 25.70 -26.23
CA PHE D 189 6.50 26.50 -25.09
C PHE D 189 6.59 27.98 -25.45
N THR D 190 7.04 28.28 -26.67
CA THR D 190 7.22 29.68 -27.07
C THR D 190 5.87 30.36 -27.32
N THR D 191 4.90 29.64 -27.87
CA THR D 191 3.66 30.30 -28.26
C THR D 191 2.62 30.30 -27.15
N MET D 192 2.47 29.18 -26.44
CA MET D 192 1.39 29.06 -25.47
C MET D 192 1.79 29.68 -24.13
N LYS D 193 0.80 29.85 -23.26
CA LYS D 193 1.06 30.09 -21.86
C LYS D 193 1.07 28.75 -21.14
N THR D 194 1.29 28.79 -19.83
CA THR D 194 1.40 27.56 -19.06
C THR D 194 0.05 26.98 -18.65
N GLU D 195 -1.02 27.77 -18.63
CA GLU D 195 -2.34 27.24 -18.27
C GLU D 195 -2.86 26.29 -19.34
N GLU D 196 -2.84 26.72 -20.60
CA GLU D 196 -3.27 25.86 -21.70
C GLU D 196 -2.25 24.75 -21.95
N LEU D 197 -1.03 24.92 -21.47
CA LEU D 197 -0.01 23.89 -21.60
C LEU D 197 -0.31 22.76 -20.64
N ASN D 198 -0.27 23.05 -19.35
CA ASN D 198 -0.24 21.99 -18.36
C ASN D 198 -1.62 21.54 -17.91
N ARG D 199 -2.67 22.37 -18.06
CA ARG D 199 -4.02 21.88 -17.82
C ARG D 199 -4.41 20.87 -18.90
N TYR D 200 -4.14 21.20 -20.16
CA TYR D 200 -4.47 20.31 -21.25
C TYR D 200 -3.50 19.14 -21.33
N ARG D 201 -2.33 19.24 -20.68
CA ARG D 201 -1.40 18.12 -20.61
C ARG D 201 -1.99 16.92 -19.91
N ASP D 202 -2.68 17.13 -18.79
CA ASP D 202 -3.29 16.02 -18.10
C ASP D 202 -4.54 15.53 -18.80
N THR D 203 -5.16 16.36 -19.64
CA THR D 203 -6.15 15.84 -20.57
C THR D 203 -5.48 14.95 -21.62
N LEU D 204 -4.28 15.33 -22.04
CA LEU D 204 -3.51 14.57 -23.03
C LEU D 204 -2.97 13.33 -22.34
N ARG D 205 -3.82 12.32 -22.23
CA ARG D 205 -3.40 11.00 -21.78
C ARG D 205 -3.72 9.90 -22.79
N ARG D 206 -4.96 9.79 -23.24
CA ARG D 206 -5.29 8.79 -24.24
C ARG D 206 -4.97 9.31 -25.63
N ALA D 207 -4.30 8.49 -26.44
CA ALA D 207 -3.75 8.93 -27.71
C ALA D 207 -3.96 7.87 -28.78
N ILE D 208 -4.08 8.33 -30.03
CA ILE D 208 -4.10 7.47 -31.20
C ILE D 208 -3.10 8.01 -32.21
N LEU D 209 -2.16 7.17 -32.62
CA LEU D 209 -0.98 7.64 -33.32
C LEU D 209 -1.11 7.19 -34.77
N LEU D 210 -1.61 8.09 -35.61
CA LEU D 210 -1.72 7.83 -37.05
C LEU D 210 -0.54 8.49 -37.74
N LEU D 211 0.65 7.96 -37.47
CA LEU D 211 1.88 8.67 -37.73
C LEU D 211 2.84 7.83 -38.57
N SER D 212 3.90 8.50 -39.01
CA SER D 212 5.09 7.89 -39.55
C SER D 212 5.93 7.37 -38.39
N PRO D 213 6.65 6.26 -38.57
CA PRO D 213 7.48 5.73 -37.47
C PRO D 213 8.64 6.64 -37.09
N GLN D 214 9.09 7.50 -38.01
CA GLN D 214 10.14 8.46 -37.68
C GLN D 214 9.63 9.49 -36.68
N GLY D 215 8.47 10.10 -36.95
CA GLY D 215 7.92 10.99 -35.95
C GLY D 215 7.35 10.26 -34.76
N ALA D 216 7.07 8.96 -34.91
CA ALA D 216 6.54 8.18 -33.80
C ALA D 216 7.62 7.99 -32.75
N HIS D 217 8.85 7.69 -33.19
CA HIS D 217 9.90 7.62 -32.20
C HIS D 217 10.41 9.00 -31.83
N SER D 218 10.26 10.00 -32.72
CA SER D 218 10.66 11.37 -32.40
C SER D 218 9.83 11.94 -31.25
N PHE D 219 8.59 11.48 -31.12
CA PHE D 219 7.79 11.79 -29.95
C PHE D 219 8.37 11.17 -28.68
N ILE D 220 8.72 9.88 -28.72
CA ILE D 220 9.27 9.26 -27.53
C ILE D 220 10.67 9.79 -27.21
N ASN D 221 11.38 10.31 -28.21
CA ASN D 221 12.54 11.17 -27.97
C ASN D 221 12.16 12.44 -27.20
N GLU D 222 11.11 13.12 -27.62
CA GLU D 222 10.92 14.49 -27.14
C GLU D 222 10.04 14.59 -25.89
N ALA D 223 9.16 13.61 -25.67
CA ALA D 223 8.10 13.73 -24.67
C ALA D 223 8.62 13.56 -23.24
N VAL D 224 9.58 12.66 -23.04
CA VAL D 224 10.13 12.44 -21.70
C VAL D 224 10.96 13.64 -21.25
N GLU D 225 11.43 14.44 -22.21
CA GLU D 225 12.35 15.53 -21.94
C GLU D 225 11.65 16.69 -21.24
N THR D 226 10.71 17.33 -21.93
CA THR D 226 10.27 18.68 -21.61
C THR D 226 9.11 18.74 -20.62
N ASN D 227 8.91 17.68 -19.83
CA ASN D 227 7.81 17.55 -18.85
C ASN D 227 6.46 17.76 -19.52
N LEU D 228 6.24 17.05 -20.61
CA LEU D 228 4.96 17.09 -21.31
C LEU D 228 4.33 15.72 -21.50
N ALA D 229 5.08 14.63 -21.28
CA ALA D 229 4.49 13.30 -21.30
C ALA D 229 3.74 13.06 -20.00
N SER D 230 2.46 12.71 -20.11
CA SER D 230 1.63 12.44 -18.96
C SER D 230 2.03 11.11 -18.33
N LYS D 231 1.70 10.95 -17.05
CA LYS D 231 2.12 9.78 -16.28
C LYS D 231 0.95 8.84 -16.01
N ASP D 232 -0.20 9.11 -16.62
CA ASP D 232 -1.38 8.25 -16.60
C ASP D 232 -1.89 8.11 -18.03
N SER D 233 -0.97 8.14 -18.99
CA SER D 233 -1.32 8.22 -20.40
C SER D 233 -1.56 6.85 -21.01
N HIS D 234 -2.25 6.86 -22.16
CA HIS D 234 -2.56 5.65 -22.92
C HIS D 234 -2.31 5.94 -24.40
N TRP D 235 -1.07 5.73 -24.83
CA TRP D 235 -0.65 6.03 -26.20
C TRP D 235 -0.84 4.78 -27.06
N VAL D 236 -1.48 4.93 -28.22
CA VAL D 236 -1.83 3.79 -29.06
C VAL D 236 -1.38 4.06 -30.48
N PHE D 237 -0.50 3.19 -30.99
CA PHE D 237 -0.03 3.30 -32.37
C PHE D 237 -0.54 2.12 -33.20
N VAL D 238 -0.92 2.40 -34.43
CA VAL D 238 -1.44 1.42 -35.38
C VAL D 238 -0.77 1.67 -36.72
N ASN D 239 -0.28 0.62 -37.37
CA ASN D 239 0.22 0.74 -38.74
C ASN D 239 -0.01 -0.59 -39.45
N GLU D 240 0.29 -0.60 -40.75
CA GLU D 240 0.37 -1.84 -41.50
C GLU D 240 1.79 -2.36 -41.56
N GLU D 241 2.78 -1.47 -41.60
CA GLU D 241 4.19 -1.87 -41.55
C GLU D 241 4.90 -1.10 -40.44
N ILE D 242 5.36 -1.84 -39.43
CA ILE D 242 6.38 -1.40 -38.49
C ILE D 242 7.06 -2.66 -37.97
N SER D 243 8.38 -2.65 -37.95
CA SER D 243 9.10 -3.86 -37.57
C SER D 243 9.09 -4.03 -36.06
N ASP D 244 9.11 -5.28 -35.62
CA ASP D 244 9.23 -5.68 -34.22
C ASP D 244 10.44 -5.09 -33.48
N PRO D 245 11.63 -4.88 -34.09
CA PRO D 245 12.62 -4.07 -33.38
C PRO D 245 12.22 -2.61 -33.21
N GLU D 246 11.53 -2.02 -34.19
CA GLU D 246 11.00 -0.67 -33.99
C GLU D 246 9.88 -0.65 -32.96
N ILE D 247 9.09 -1.74 -32.92
CA ILE D 247 8.01 -1.85 -31.94
C ILE D 247 8.59 -1.94 -30.54
N LEU D 248 9.59 -2.79 -30.33
CA LEU D 248 10.18 -2.94 -29.01
C LEU D 248 11.09 -1.77 -28.67
N ASP D 249 11.45 -0.93 -29.65
CA ASP D 249 12.11 0.33 -29.31
C ASP D 249 11.09 1.37 -28.88
N LEU D 250 9.83 1.25 -29.33
CA LEU D 250 8.84 2.22 -28.90
C LEU D 250 8.24 1.84 -27.55
N VAL D 251 7.81 0.58 -27.40
CA VAL D 251 7.13 0.15 -26.18
C VAL D 251 8.05 -0.05 -24.98
N HIS D 252 9.36 0.05 -25.17
CA HIS D 252 10.31 -0.03 -24.06
C HIS D 252 11.01 1.30 -23.81
N SER D 253 10.53 2.38 -24.40
CA SER D 253 11.08 3.70 -24.16
C SER D 253 10.02 4.74 -23.83
N ALA D 254 8.74 4.42 -23.99
CA ALA D 254 7.64 5.34 -23.74
C ALA D 254 7.31 5.39 -22.24
N LEU D 255 6.30 6.18 -21.90
CA LEU D 255 5.94 6.39 -20.51
C LEU D 255 4.48 6.11 -20.20
N GLY D 256 3.74 5.49 -21.12
CA GLY D 256 2.33 5.31 -20.89
C GLY D 256 1.78 3.94 -21.26
N ARG D 257 0.46 3.80 -21.23
CA ARG D 257 -0.17 2.54 -21.62
C ARG D 257 -0.12 2.40 -23.14
N MET D 258 0.36 1.26 -23.61
CA MET D 258 0.64 1.10 -25.03
C MET D 258 -0.28 0.08 -25.67
N THR D 259 -0.59 0.29 -26.94
CA THR D 259 -1.31 -0.68 -27.74
C THR D 259 -0.83 -0.60 -29.17
N VAL D 260 -0.29 -1.71 -29.67
CA VAL D 260 0.31 -1.77 -31.00
C VAL D 260 -0.56 -2.66 -31.87
N VAL D 261 -0.88 -2.18 -33.07
CA VAL D 261 -1.59 -2.98 -34.05
C VAL D 261 -0.73 -3.03 -35.30
N ARG D 262 -0.22 -4.23 -35.61
CA ARG D 262 0.53 -4.49 -36.83
C ARG D 262 -0.21 -5.53 -37.66
N GLN D 263 0.43 -5.98 -38.74
CA GLN D 263 -0.07 -7.05 -39.57
C GLN D 263 0.94 -8.20 -39.58
N ILE D 264 0.43 -9.43 -39.69
CA ILE D 264 1.33 -10.57 -39.82
C ILE D 264 1.97 -10.55 -41.21
N PHE D 265 3.21 -11.02 -41.28
CA PHE D 265 3.94 -11.09 -42.55
C PHE D 265 4.61 -12.44 -42.67
N PRO D 266 4.16 -13.29 -43.58
CA PRO D 266 4.93 -14.50 -43.91
C PRO D 266 6.26 -14.15 -44.54
N SER D 267 7.32 -14.82 -44.10
CA SER D 267 8.63 -14.64 -44.71
C SER D 267 8.71 -15.50 -45.97
N ALA D 268 9.91 -15.66 -46.53
CA ALA D 268 10.09 -16.36 -47.78
C ALA D 268 10.61 -17.78 -47.61
N LYS D 269 10.67 -18.29 -46.37
CA LYS D 269 11.24 -19.60 -46.11
C LYS D 269 10.37 -20.76 -46.59
N ASP D 270 9.10 -20.52 -46.91
CA ASP D 270 8.25 -21.58 -47.44
C ASP D 270 8.62 -21.91 -48.88
N ASN D 271 8.28 -23.13 -49.29
CA ASN D 271 8.42 -23.56 -50.67
C ASN D 271 7.12 -24.09 -51.26
N GLN D 272 6.08 -24.31 -50.46
CA GLN D 272 4.77 -24.70 -50.97
C GLN D 272 3.90 -23.51 -51.34
N LYS D 273 4.23 -22.31 -50.87
CA LYS D 273 3.59 -21.10 -51.37
C LYS D 273 4.14 -20.69 -52.72
N CYS D 274 5.28 -21.27 -53.14
CA CYS D 274 5.81 -21.06 -54.47
C CYS D 274 4.96 -21.71 -55.56
N MET D 275 4.08 -22.63 -55.19
CA MET D 275 3.32 -23.41 -56.16
C MET D 275 2.29 -22.56 -56.89
N ARG D 276 2.26 -22.71 -58.22
CA ARG D 276 1.20 -22.14 -59.05
C ARG D 276 0.70 -23.28 -59.94
N ASN D 277 -0.55 -23.69 -59.71
CA ASN D 277 -1.14 -24.92 -60.25
C ASN D 277 -0.27 -26.14 -59.94
N ASN D 278 0.26 -26.16 -58.71
CA ASN D 278 1.14 -27.21 -58.17
C ASN D 278 2.36 -27.45 -59.06
N HIS D 279 3.19 -26.41 -59.17
CA HIS D 279 4.44 -26.51 -59.94
C HIS D 279 5.41 -25.47 -59.39
N ARG D 280 6.45 -25.93 -58.69
CA ARG D 280 7.36 -25.03 -57.99
C ARG D 280 8.29 -24.31 -58.95
N ILE D 281 8.36 -22.99 -58.82
CA ILE D 281 9.26 -22.14 -59.59
C ILE D 281 10.16 -21.44 -58.59
N SER D 282 11.44 -21.83 -58.55
CA SER D 282 12.39 -21.27 -57.60
C SER D 282 12.58 -19.78 -57.82
N SER D 283 12.40 -19.00 -56.77
CA SER D 283 12.30 -17.55 -56.88
C SER D 283 12.56 -16.95 -55.50
N LEU D 284 12.25 -15.65 -55.37
CA LEU D 284 12.43 -14.94 -54.10
C LEU D 284 11.40 -15.34 -53.06
N LEU D 285 10.34 -16.05 -53.45
CA LEU D 285 9.42 -16.66 -52.49
C LEU D 285 9.90 -18.03 -52.03
N CYS D 286 10.95 -18.57 -52.64
CA CYS D 286 11.36 -19.94 -52.38
C CYS D 286 12.67 -20.04 -51.60
N ASP D 287 13.42 -18.96 -51.49
CA ASP D 287 14.68 -18.95 -50.75
C ASP D 287 14.46 -18.37 -49.35
N PRO D 288 15.22 -18.79 -48.34
CA PRO D 288 15.00 -18.25 -46.99
C PRO D 288 15.40 -16.80 -46.86
N GLN D 289 14.39 -15.93 -46.79
CA GLN D 289 14.58 -14.49 -46.63
C GLN D 289 13.68 -14.02 -45.51
N GLU D 290 14.29 -13.65 -44.38
CA GLU D 290 13.55 -13.16 -43.22
C GLU D 290 14.27 -11.92 -42.71
N GLY D 291 13.66 -10.76 -42.90
CA GLY D 291 14.34 -9.50 -42.67
C GLY D 291 14.57 -8.73 -43.95
N TYR D 292 13.63 -8.85 -44.89
CA TYR D 292 13.73 -8.21 -46.19
C TYR D 292 12.41 -7.53 -46.57
N LEU D 293 11.34 -7.73 -45.81
CA LEU D 293 10.03 -7.18 -46.15
C LEU D 293 9.90 -5.73 -45.69
N GLN D 294 10.49 -5.39 -44.55
CA GLN D 294 10.42 -4.02 -44.03
C GLN D 294 11.49 -3.11 -44.59
N MET D 295 12.42 -3.64 -45.39
CA MET D 295 13.22 -2.82 -46.27
C MET D 295 12.50 -2.53 -47.58
N LEU D 296 11.23 -2.90 -47.67
CA LEU D 296 10.38 -2.69 -48.84
C LEU D 296 9.04 -2.15 -48.36
N GLN D 297 8.30 -1.57 -49.30
CA GLN D 297 7.04 -0.91 -48.97
C GLN D 297 5.91 -1.93 -48.86
N ILE D 298 4.72 -1.44 -48.52
CA ILE D 298 3.51 -2.22 -48.71
C ILE D 298 3.26 -2.39 -50.21
N SER D 299 3.62 -1.37 -50.98
CA SER D 299 3.45 -1.42 -52.43
C SER D 299 4.40 -2.41 -53.08
N ASN D 300 5.62 -2.59 -52.54
CA ASN D 300 6.47 -3.65 -53.09
C ASN D 300 5.96 -5.04 -52.72
N LEU D 301 5.23 -5.14 -51.60
CA LEU D 301 4.68 -6.43 -51.21
C LEU D 301 3.44 -6.79 -52.02
N TYR D 302 2.70 -5.79 -52.51
CA TYR D 302 1.69 -6.14 -53.49
C TYR D 302 2.22 -6.10 -54.92
N LEU D 303 3.43 -5.55 -55.12
CA LEU D 303 4.07 -5.60 -56.44
C LEU D 303 4.52 -7.01 -56.76
N TYR D 304 5.12 -7.70 -55.79
CA TYR D 304 5.52 -9.07 -56.04
C TYR D 304 4.32 -10.00 -56.10
N ASP D 305 3.27 -9.71 -55.33
CA ASP D 305 2.05 -10.51 -55.45
C ASP D 305 1.33 -10.22 -56.76
N SER D 306 1.51 -9.02 -57.32
CA SER D 306 1.02 -8.74 -58.67
C SER D 306 1.87 -9.41 -59.74
N VAL D 307 3.11 -9.76 -59.42
CA VAL D 307 3.87 -10.57 -60.37
C VAL D 307 3.43 -12.02 -60.27
N LEU D 308 3.11 -12.48 -59.05
CA LEU D 308 2.73 -13.87 -58.83
C LEU D 308 1.36 -14.17 -59.43
N MET D 309 0.41 -13.23 -59.28
CA MET D 309 -0.94 -13.44 -59.79
C MET D 309 -0.97 -13.42 -61.31
N LEU D 310 -0.20 -12.51 -61.92
CA LEU D 310 -0.20 -12.41 -63.37
C LEU D 310 0.58 -13.56 -64.01
N ALA D 311 1.67 -14.02 -63.39
CA ALA D 311 2.33 -15.22 -63.91
C ALA D 311 1.49 -16.48 -63.69
N ASN D 312 0.65 -16.50 -62.66
CA ASN D 312 -0.35 -17.55 -62.52
C ASN D 312 -1.42 -17.45 -63.61
N ALA D 313 -1.80 -16.22 -63.97
CA ALA D 313 -2.75 -16.06 -65.05
C ALA D 313 -2.13 -16.34 -66.41
N PHE D 314 -0.81 -16.21 -66.52
CA PHE D 314 -0.09 -16.64 -67.72
C PHE D 314 -0.16 -18.15 -67.85
N HIS D 315 -0.01 -18.84 -66.71
CA HIS D 315 0.01 -20.29 -66.73
C HIS D 315 -1.39 -20.84 -66.99
N ARG D 316 -2.40 -20.20 -66.40
CA ARG D 316 -3.79 -20.59 -66.63
C ARG D 316 -4.24 -20.28 -68.05
N LYS D 317 -3.76 -19.18 -68.64
CA LYS D 317 -4.08 -18.87 -70.04
C LYS D 317 -3.44 -19.86 -71.00
N LEU D 318 -2.21 -20.31 -70.71
CA LEU D 318 -1.65 -21.38 -71.54
C LEU D 318 -2.21 -22.75 -71.15
N GLU D 319 -2.80 -22.86 -69.96
CA GLU D 319 -3.57 -24.05 -69.59
C GLU D 319 -4.89 -24.08 -70.33
N ASP D 320 -5.41 -22.91 -70.72
CA ASP D 320 -6.57 -22.85 -71.59
C ASP D 320 -6.21 -23.15 -73.04
N ARG D 321 -4.92 -23.12 -73.38
CA ARG D 321 -4.36 -23.38 -74.70
C ARG D 321 -4.87 -22.40 -75.75
N LYS D 322 -5.19 -21.18 -75.33
CA LYS D 322 -5.45 -20.08 -76.25
C LYS D 322 -4.56 -18.90 -75.85
N TRP D 323 -4.17 -18.10 -76.85
CA TRP D 323 -3.30 -16.97 -76.62
C TRP D 323 -3.68 -15.81 -77.52
N HIS D 324 -3.58 -14.61 -76.97
CA HIS D 324 -3.62 -13.39 -77.77
C HIS D 324 -2.63 -12.41 -77.15
N SER D 325 -2.10 -11.52 -77.98
CA SER D 325 -1.16 -10.50 -77.52
C SER D 325 -1.63 -9.14 -77.99
N MET D 326 -1.39 -8.12 -77.16
CA MET D 326 -1.84 -6.77 -77.46
C MET D 326 -1.00 -6.17 -78.58
N ALA D 327 -1.69 -5.49 -79.51
CA ALA D 327 -1.02 -4.93 -80.68
C ALA D 327 -0.28 -3.64 -80.34
N SER D 328 0.74 -3.35 -81.15
CA SER D 328 1.45 -2.09 -81.06
C SER D 328 0.61 -0.98 -81.68
N LEU D 329 0.46 0.13 -80.97
CA LEU D 329 -0.42 1.19 -81.43
C LEU D 329 -0.02 2.52 -80.82
N ASN D 330 -0.30 3.59 -81.54
CA ASN D 330 -0.20 4.95 -81.01
C ASN D 330 -1.62 5.42 -80.72
N CYS D 331 -2.01 5.40 -79.43
CA CYS D 331 -3.38 5.66 -79.02
C CYS D 331 -3.71 7.14 -78.92
N ILE D 332 -2.79 8.03 -79.35
CA ILE D 332 -3.12 9.44 -79.48
C ILE D 332 -4.19 9.62 -80.54
N ARG D 333 -4.16 8.79 -81.58
CA ARG D 333 -5.24 8.71 -82.55
C ARG D 333 -6.55 8.32 -81.86
N LYS D 334 -7.66 8.84 -82.41
CA LYS D 334 -8.97 8.29 -82.06
C LYS D 334 -9.11 6.86 -82.56
N SER D 335 -8.47 6.52 -83.67
CA SER D 335 -8.50 5.17 -84.21
C SER D 335 -7.69 4.25 -83.32
N THR D 336 -8.35 3.61 -82.36
CA THR D 336 -7.74 2.62 -81.49
C THR D 336 -8.54 1.33 -81.55
N LYS D 337 -7.85 0.20 -81.48
CA LYS D 337 -8.51 -1.10 -81.40
C LYS D 337 -8.65 -1.51 -79.94
N PRO D 338 -9.85 -1.60 -79.39
CA PRO D 338 -10.01 -2.12 -78.03
C PRO D 338 -9.71 -3.61 -77.96
N TRP D 339 -9.08 -4.00 -76.84
CA TRP D 339 -8.68 -5.40 -76.63
C TRP D 339 -9.93 -6.22 -76.39
N ASN D 340 -10.41 -6.88 -77.44
CA ASN D 340 -11.70 -7.58 -77.43
C ASN D 340 -11.73 -8.83 -76.58
N GLY D 341 -10.59 -9.36 -76.15
CA GLY D 341 -10.58 -10.48 -75.22
C GLY D 341 -10.48 -10.08 -73.78
N GLY D 342 -11.07 -8.93 -73.44
CA GLY D 342 -11.03 -8.38 -72.10
C GLY D 342 -12.01 -8.94 -71.09
N ARG D 343 -12.72 -10.04 -71.38
CA ARG D 343 -13.67 -10.55 -70.39
C ARG D 343 -13.36 -11.97 -69.91
N SER D 344 -13.12 -12.92 -70.82
CA SER D 344 -12.92 -14.29 -70.39
C SER D 344 -11.56 -14.48 -69.72
N MET D 345 -10.56 -13.73 -70.18
CA MET D 345 -9.29 -13.68 -69.48
C MET D 345 -9.46 -12.91 -68.17
N LEU D 346 -10.36 -11.93 -68.16
CA LEU D 346 -10.66 -11.24 -66.91
C LEU D 346 -11.39 -12.17 -65.95
N ASP D 347 -12.15 -13.14 -66.49
CA ASP D 347 -12.73 -14.17 -65.63
C ASP D 347 -11.65 -15.09 -65.11
N THR D 348 -10.58 -15.29 -65.88
CA THR D 348 -9.47 -16.11 -65.40
C THR D 348 -8.72 -15.40 -64.27
N ILE D 349 -8.60 -14.08 -64.35
CA ILE D 349 -7.75 -13.34 -63.41
C ILE D 349 -8.52 -12.95 -62.13
N LYS D 350 -9.81 -12.63 -62.23
CA LYS D 350 -10.59 -12.26 -61.05
C LYS D 350 -10.74 -13.43 -60.07
N LYS D 351 -10.93 -14.63 -60.57
CA LYS D 351 -11.14 -15.79 -59.71
C LYS D 351 -9.83 -16.40 -59.20
N GLY D 352 -8.68 -15.80 -59.51
CA GLY D 352 -7.42 -16.32 -59.01
C GLY D 352 -7.21 -16.09 -57.52
N HIS D 353 -6.28 -16.86 -56.97
CA HIS D 353 -5.93 -16.79 -55.56
C HIS D 353 -4.50 -17.27 -55.37
N ILE D 354 -3.70 -16.47 -54.66
CA ILE D 354 -2.32 -16.79 -54.32
C ILE D 354 -2.13 -16.61 -52.82
N THR D 355 -0.93 -16.97 -52.35
CA THR D 355 -0.55 -16.74 -50.96
C THR D 355 0.96 -16.51 -50.92
N GLY D 356 1.37 -15.38 -50.36
CA GLY D 356 2.77 -15.00 -50.44
C GLY D 356 3.34 -14.37 -49.18
N LEU D 357 4.02 -13.23 -49.34
CA LEU D 357 4.83 -12.63 -48.30
C LEU D 357 4.04 -11.75 -47.33
N THR D 358 2.73 -11.62 -47.53
CA THR D 358 1.94 -10.69 -46.73
C THR D 358 0.68 -11.37 -46.24
N GLY D 359 0.19 -12.37 -46.98
CA GLY D 359 -1.10 -12.95 -46.68
C GLY D 359 -1.93 -13.28 -47.91
N VAL D 360 -3.11 -12.67 -48.02
CA VAL D 360 -4.05 -12.94 -49.10
C VAL D 360 -4.29 -11.66 -49.89
N MET D 361 -3.90 -11.68 -51.17
CA MET D 361 -4.27 -10.64 -52.12
C MET D 361 -5.08 -11.30 -53.23
N GLU D 362 -6.29 -10.80 -53.46
CA GLU D 362 -7.10 -11.23 -54.59
C GLU D 362 -7.84 -10.03 -55.15
N PHE D 363 -8.59 -10.27 -56.21
CA PHE D 363 -9.43 -9.25 -56.82
C PHE D 363 -10.86 -9.75 -56.88
N ARG D 364 -11.80 -8.82 -56.78
CA ARG D 364 -13.21 -9.16 -56.84
C ARG D 364 -13.82 -8.56 -58.11
N GLU D 365 -15.12 -8.78 -58.27
CA GLU D 365 -15.86 -8.32 -59.44
C GLU D 365 -16.32 -6.87 -59.31
N ASP D 366 -15.80 -6.12 -58.34
CA ASP D 366 -15.98 -4.68 -58.29
C ASP D 366 -14.65 -3.94 -58.14
N SER D 367 -13.56 -4.59 -58.56
CA SER D 367 -12.17 -4.10 -58.44
C SER D 367 -11.82 -3.81 -56.97
N SER D 368 -11.78 -4.88 -56.18
CA SER D 368 -11.56 -4.72 -54.75
C SER D 368 -10.84 -5.94 -54.17
N ASN D 369 -10.08 -5.68 -53.10
CA ASN D 369 -9.43 -6.70 -52.28
C ASN D 369 -9.91 -6.54 -50.84
N PRO D 370 -10.83 -7.39 -50.37
CA PRO D 370 -11.40 -7.18 -49.03
C PRO D 370 -10.59 -7.76 -47.88
N TYR D 371 -9.41 -8.32 -48.11
CA TYR D 371 -8.67 -9.01 -47.06
C TYR D 371 -7.79 -8.04 -46.28
N VAL D 372 -7.83 -8.17 -44.95
CA VAL D 372 -6.85 -7.59 -44.04
C VAL D 372 -6.96 -8.37 -42.75
N GLN D 373 -5.84 -8.51 -42.03
CA GLN D 373 -5.86 -9.28 -40.79
C GLN D 373 -4.74 -8.79 -39.89
N PHE D 374 -5.11 -8.16 -38.77
CA PHE D 374 -4.18 -7.53 -37.86
C PHE D 374 -4.04 -8.32 -36.56
N GLU D 375 -3.25 -7.77 -35.63
CA GLU D 375 -3.10 -8.30 -34.28
C GLU D 375 -2.86 -7.13 -33.35
N ILE D 376 -3.41 -7.23 -32.14
CA ILE D 376 -3.50 -6.09 -31.22
C ILE D 376 -2.61 -6.35 -30.02
N LEU D 377 -1.52 -5.61 -29.93
CA LEU D 377 -0.50 -5.81 -28.89
C LEU D 377 -0.68 -4.71 -27.87
N GLY D 378 -1.56 -4.94 -26.88
CA GLY D 378 -1.84 -3.90 -25.90
C GLY D 378 -1.06 -3.99 -24.61
N THR D 379 -0.02 -3.17 -24.47
CA THR D 379 0.83 -3.20 -23.28
C THR D 379 0.18 -2.41 -22.15
N THR D 380 -0.19 -3.09 -21.08
CA THR D 380 -0.84 -2.45 -19.95
C THR D 380 0.18 -1.69 -19.10
N TYR D 381 -0.06 -0.41 -18.87
CA TYR D 381 0.76 0.39 -17.97
C TYR D 381 -0.14 1.07 -16.96
N SER D 382 0.33 1.11 -15.71
CA SER D 382 -0.37 1.76 -14.60
C SER D 382 0.55 2.78 -13.96
N GLU D 383 -0.01 3.55 -13.03
CA GLU D 383 0.76 4.57 -12.33
C GLU D 383 1.80 3.93 -11.40
N THR D 384 1.52 2.73 -10.91
CA THR D 384 2.39 2.02 -9.99
C THR D 384 2.87 0.67 -10.48
N PHE D 385 2.23 0.07 -11.47
CA PHE D 385 2.54 -1.31 -11.85
C PHE D 385 3.58 -1.42 -12.96
N GLY D 386 3.50 -0.59 -13.99
CA GLY D 386 4.51 -0.55 -15.03
C GLY D 386 4.02 -1.18 -16.32
N LYS D 387 4.93 -1.24 -17.28
CA LYS D 387 4.64 -1.70 -18.64
C LYS D 387 4.46 -3.22 -18.63
N ASP D 388 3.21 -3.68 -18.57
CA ASP D 388 2.92 -5.10 -18.67
C ASP D 388 2.83 -5.47 -20.15
N MET D 389 3.88 -6.11 -20.67
CA MET D 389 3.94 -6.53 -22.06
C MET D 389 2.87 -7.60 -22.32
N ARG D 390 1.95 -7.30 -23.24
CA ARG D 390 0.77 -8.14 -23.38
C ARG D 390 0.15 -7.94 -24.76
N LYS D 391 -0.26 -9.04 -25.37
CA LYS D 391 -1.11 -9.02 -26.56
C LYS D 391 -2.55 -9.19 -26.09
N LEU D 392 -3.35 -8.14 -26.25
CA LEU D 392 -4.71 -8.23 -25.75
C LEU D 392 -5.61 -9.00 -26.70
N ALA D 393 -5.52 -8.74 -28.01
CA ALA D 393 -6.42 -9.39 -28.95
C ALA D 393 -5.75 -9.52 -30.31
N THR D 394 -6.52 -10.02 -31.27
CA THR D 394 -6.20 -9.98 -32.68
C THR D 394 -7.47 -9.69 -33.45
N TRP D 395 -7.32 -9.27 -34.71
CA TRP D 395 -8.49 -8.86 -35.48
C TRP D 395 -8.33 -9.51 -36.85
N ASP D 396 -9.37 -10.15 -37.34
CA ASP D 396 -9.37 -10.67 -38.70
C ASP D 396 -10.58 -10.19 -39.48
N SER D 397 -10.49 -10.32 -40.80
CA SER D 397 -11.60 -10.01 -41.69
C SER D 397 -12.64 -11.11 -41.74
N GLU D 398 -12.40 -12.24 -41.07
CA GLU D 398 -13.29 -13.39 -41.09
C GLU D 398 -14.17 -13.47 -39.86
N LYS D 399 -13.71 -12.95 -38.72
CA LYS D 399 -14.45 -13.02 -37.46
C LYS D 399 -14.58 -11.67 -36.79
N GLY D 400 -14.02 -10.61 -37.37
CA GLY D 400 -13.97 -9.33 -36.69
C GLY D 400 -12.98 -9.38 -35.55
N LEU D 401 -13.43 -8.98 -34.37
CA LEU D 401 -12.54 -8.94 -33.21
C LEU D 401 -12.38 -10.34 -32.63
N ASN D 402 -11.14 -10.69 -32.28
CA ASN D 402 -10.83 -11.98 -31.66
C ASN D 402 -9.95 -11.72 -30.44
N GLY D 403 -10.57 -11.65 -29.27
CA GLY D 403 -9.90 -11.45 -28.01
C GLY D 403 -10.59 -10.40 -27.16
N SER D 404 -9.97 -10.08 -26.03
CA SER D 404 -10.51 -9.12 -25.08
C SER D 404 -9.47 -8.05 -24.79
N LEU D 405 -9.93 -6.81 -24.64
CA LEU D 405 -9.02 -5.70 -24.42
C LEU D 405 -9.10 -5.22 -22.97
N LEU D 417 -2.54 14.34 -10.58
CA LEU D 417 -1.17 14.63 -10.18
C LEU D 417 -1.17 15.64 -9.03
N THR D 418 -0.25 16.60 -9.08
CA THR D 418 -0.16 17.58 -8.01
C THR D 418 -1.25 18.64 -8.17
N LEU D 419 -1.53 19.32 -7.07
CA LEU D 419 -2.72 20.16 -6.94
C LEU D 419 -2.30 21.56 -6.55
N LYS D 420 -2.45 22.51 -7.47
CA LYS D 420 -2.10 23.89 -7.16
C LYS D 420 -3.12 24.49 -6.22
N VAL D 421 -2.89 24.37 -4.92
CA VAL D 421 -3.88 24.78 -3.92
C VAL D 421 -3.43 26.12 -3.38
N VAL D 422 -3.88 27.19 -4.04
CA VAL D 422 -3.71 28.54 -3.53
C VAL D 422 -4.61 28.71 -2.32
N THR D 423 -4.04 29.19 -1.23
CA THR D 423 -4.73 29.20 0.06
C THR D 423 -4.94 30.63 0.56
N VAL D 424 -5.79 30.71 1.58
CA VAL D 424 -6.34 31.95 2.12
C VAL D 424 -5.90 32.04 3.58
N LEU D 425 -5.67 33.27 4.06
CA LEU D 425 -5.19 33.49 5.42
C LEU D 425 -6.28 33.21 6.46
N GLU D 426 -6.59 31.94 6.66
CA GLU D 426 -7.65 31.51 7.58
C GLU D 426 -7.05 30.48 8.53
N GLU D 427 -6.77 30.91 9.75
CA GLU D 427 -5.89 30.15 10.64
C GLU D 427 -6.41 28.79 11.12
N PRO D 428 -7.67 28.63 11.60
CA PRO D 428 -8.03 27.31 12.16
C PRO D 428 -8.14 26.19 11.14
N PHE D 429 -8.31 26.50 9.86
CA PHE D 429 -8.22 25.48 8.83
C PHE D 429 -6.80 25.34 8.32
N VAL D 430 -6.14 26.45 8.03
CA VAL D 430 -4.76 26.46 7.57
C VAL D 430 -4.01 27.48 8.43
N MET D 431 -3.35 26.99 9.48
CA MET D 431 -2.36 27.77 10.19
C MET D 431 -0.99 27.38 9.67
N VAL D 432 0.00 28.22 9.93
CA VAL D 432 1.38 27.91 9.59
C VAL D 432 1.97 27.12 10.76
N ALA D 433 2.25 25.84 10.53
CA ALA D 433 2.85 25.01 11.58
C ALA D 433 4.29 25.43 11.84
N GLU D 434 5.10 25.51 10.80
CA GLU D 434 6.51 25.84 10.93
C GLU D 434 6.81 27.06 10.08
N ASN D 435 7.39 28.08 10.71
CA ASN D 435 7.78 29.30 10.02
C ASN D 435 9.17 29.73 10.46
N ILE D 436 10.02 30.04 9.49
CA ILE D 436 11.35 30.56 9.76
C ILE D 436 11.44 31.94 9.15
N LEU D 437 12.60 32.58 9.26
CA LEU D 437 12.77 33.87 8.60
C LEU D 437 12.90 33.66 7.09
N GLY D 438 11.77 33.75 6.39
CA GLY D 438 11.74 33.59 4.94
C GLY D 438 11.05 32.35 4.42
N GLN D 439 10.57 31.44 5.27
CA GLN D 439 9.86 30.27 4.75
C GLN D 439 8.85 29.69 5.74
N PRO D 440 7.55 29.76 5.43
CA PRO D 440 6.56 28.93 6.13
C PRO D 440 6.58 27.50 5.56
N LYS D 441 7.12 26.57 6.34
CA LYS D 441 7.50 25.29 5.76
C LYS D 441 6.29 24.37 5.62
N ARG D 442 5.69 23.97 6.73
CA ARG D 442 4.55 23.08 6.70
C ARG D 442 3.45 23.71 7.57
N TYR D 443 2.25 23.16 7.47
CA TYR D 443 1.05 23.85 7.90
C TYR D 443 0.15 22.88 8.67
N LYS D 444 -0.66 23.43 9.58
CA LYS D 444 -1.62 22.65 10.36
C LYS D 444 -2.99 23.33 10.33
N GLY D 445 -3.94 22.71 11.05
CA GLY D 445 -5.31 23.14 11.07
C GLY D 445 -6.23 22.01 10.64
N PHE D 446 -7.39 22.39 10.12
CA PHE D 446 -8.39 21.39 9.76
C PHE D 446 -8.37 21.04 8.29
N SER D 447 -8.34 22.06 7.41
CA SER D 447 -8.34 21.78 5.99
C SER D 447 -7.03 21.16 5.52
N ILE D 448 -5.97 21.25 6.32
CA ILE D 448 -4.75 20.48 6.07
C ILE D 448 -5.06 18.98 6.15
N ASP D 449 -5.94 18.61 7.11
CA ASP D 449 -6.30 17.21 7.30
C ASP D 449 -7.11 16.71 6.12
N VAL D 450 -7.75 17.63 5.40
CA VAL D 450 -8.66 17.26 4.33
C VAL D 450 -7.84 16.74 3.16
N LEU D 451 -6.92 17.58 2.68
CA LEU D 451 -6.09 17.22 1.53
C LEU D 451 -5.12 16.09 1.89
N ASP D 452 -4.72 16.02 3.17
CA ASP D 452 -4.02 14.84 3.67
C ASP D 452 -4.85 13.58 3.48
N ALA D 453 -6.13 13.62 3.88
CA ALA D 453 -7.01 12.47 3.74
C ALA D 453 -7.32 12.17 2.28
N LEU D 454 -7.30 13.20 1.43
CA LEU D 454 -7.55 13.00 0.01
C LEU D 454 -6.36 12.32 -0.65
N ALA D 455 -5.16 12.71 -0.26
CA ALA D 455 -3.97 12.07 -0.82
C ALA D 455 -3.87 10.63 -0.34
N LYS D 456 -4.12 10.38 0.96
CA LYS D 456 -3.90 9.03 1.47
C LYS D 456 -5.00 8.03 1.09
N ALA D 457 -6.22 8.50 0.85
CA ALA D 457 -7.29 7.57 0.50
C ALA D 457 -7.38 7.31 -1.00
N LEU D 458 -6.59 7.98 -1.79
CA LEU D 458 -6.67 7.86 -3.25
C LEU D 458 -5.34 7.49 -3.88
N GLY D 459 -4.23 7.98 -3.36
CA GLY D 459 -2.96 7.68 -3.98
C GLY D 459 -2.63 8.72 -5.02
N PHE D 460 -2.87 9.99 -4.71
CA PHE D 460 -2.59 11.05 -5.66
C PHE D 460 -2.03 12.27 -4.93
N LYS D 461 -1.48 13.17 -5.73
CA LYS D 461 -0.49 14.15 -5.29
C LYS D 461 -1.19 15.48 -5.03
N TYR D 462 -0.41 16.46 -4.57
CA TYR D 462 -0.93 17.76 -4.19
C TYR D 462 0.22 18.74 -4.03
N GLU D 463 -0.12 20.02 -3.87
CA GLU D 463 0.83 21.09 -3.59
C GLU D 463 0.14 22.06 -2.65
N ILE D 464 0.93 23.00 -2.09
CA ILE D 464 0.46 23.96 -1.10
C ILE D 464 0.92 25.34 -1.53
N TYR D 465 -0.02 26.17 -1.99
CA TYR D 465 0.28 27.51 -2.48
C TYR D 465 -0.51 28.52 -1.63
N GLN D 466 -0.48 29.78 -2.05
CA GLN D 466 -1.06 30.84 -1.23
C GLN D 466 -1.58 31.97 -2.12
N ALA D 467 -2.71 32.55 -1.73
CA ALA D 467 -3.12 33.84 -2.27
C ALA D 467 -2.38 34.96 -1.56
N PRO D 468 -1.84 35.94 -2.29
CA PRO D 468 -1.20 37.08 -1.64
C PRO D 468 -2.16 37.95 -0.85
N ASP D 469 -3.46 37.92 -1.18
CA ASP D 469 -4.44 38.61 -0.35
C ASP D 469 -4.77 37.78 0.88
N GLY D 470 -5.26 36.55 0.66
CA GLY D 470 -5.80 35.76 1.75
C GLY D 470 -7.05 36.39 2.31
N ARG D 471 -7.96 36.85 1.43
CA ARG D 471 -9.09 37.67 1.83
C ARG D 471 -10.40 37.19 1.22
N TYR D 472 -10.51 35.89 0.90
CA TYR D 472 -11.60 35.26 0.14
C TYR D 472 -11.80 35.83 -1.27
N GLY D 473 -10.91 36.69 -1.76
CA GLY D 473 -11.18 37.47 -2.94
C GLY D 473 -12.06 38.66 -2.63
N HIS D 474 -12.18 39.56 -3.60
CA HIS D 474 -13.15 40.64 -3.53
C HIS D 474 -13.92 40.70 -4.84
N GLN D 475 -15.23 40.51 -4.78
CA GLN D 475 -16.08 40.66 -5.95
C GLN D 475 -16.05 42.11 -6.43
N LEU D 476 -15.68 42.31 -7.67
CA LEU D 476 -15.51 43.67 -8.14
C LEU D 476 -16.79 44.20 -8.76
N HIS D 477 -16.84 45.52 -8.91
CA HIS D 477 -17.81 46.13 -9.82
C HIS D 477 -17.36 46.03 -11.27
N ASN D 478 -16.19 45.44 -11.52
CA ASN D 478 -15.79 44.85 -12.78
C ASN D 478 -16.46 43.51 -13.02
N THR D 479 -17.32 43.07 -12.09
CA THR D 479 -17.87 41.71 -12.01
C THR D 479 -16.77 40.67 -12.05
N SER D 480 -15.70 40.90 -11.30
CA SER D 480 -14.56 40.00 -11.30
C SER D 480 -13.96 40.00 -9.92
N TRP D 481 -12.72 39.50 -9.80
CA TRP D 481 -12.21 39.09 -8.50
C TRP D 481 -10.70 39.27 -8.41
N ASN D 482 -10.24 39.52 -7.19
CA ASN D 482 -8.89 39.21 -6.79
C ASN D 482 -8.92 37.92 -5.96
N GLY D 483 -7.79 37.64 -5.29
CA GLY D 483 -7.77 36.66 -4.22
C GLY D 483 -7.90 35.24 -4.72
N MET D 484 -8.60 34.43 -3.92
CA MET D 484 -8.73 33.00 -4.22
C MET D 484 -9.61 32.76 -5.45
N ILE D 485 -10.43 33.73 -5.84
CA ILE D 485 -11.32 33.57 -6.95
C ILE D 485 -10.71 34.13 -8.22
N GLY D 486 -10.01 35.26 -8.11
CA GLY D 486 -9.28 35.79 -9.25
C GLY D 486 -8.11 34.93 -9.66
N GLU D 487 -7.53 34.17 -8.72
CA GLU D 487 -6.53 33.15 -9.07
C GLU D 487 -7.11 32.04 -9.95
N LEU D 488 -8.42 31.76 -9.83
CA LEU D 488 -9.05 30.77 -10.68
C LEU D 488 -9.89 31.34 -11.80
N ILE D 489 -10.10 32.67 -11.83
CA ILE D 489 -10.48 33.33 -13.06
C ILE D 489 -9.36 33.20 -14.08
N SER D 490 -8.14 33.47 -13.62
CA SER D 490 -6.94 33.25 -14.43
C SER D 490 -6.53 31.79 -14.48
N LYS D 491 -7.04 30.95 -13.56
CA LYS D 491 -6.66 29.55 -13.40
C LYS D 491 -5.16 29.38 -13.24
N ARG D 492 -4.54 30.28 -12.47
CA ARG D 492 -3.19 30.04 -11.98
C ARG D 492 -3.14 28.90 -10.97
N ALA D 493 -4.25 28.60 -10.33
CA ALA D 493 -4.34 27.60 -9.27
C ALA D 493 -5.14 26.41 -9.75
N ASP D 494 -5.40 25.49 -8.81
CA ASP D 494 -6.33 24.38 -8.99
C ASP D 494 -7.44 24.36 -7.97
N LEU D 495 -7.13 24.63 -6.69
CA LEU D 495 -8.09 24.50 -5.61
C LEU D 495 -7.88 25.61 -4.59
N ALA D 496 -8.70 25.57 -3.54
CA ALA D 496 -8.51 26.39 -2.35
C ALA D 496 -9.20 25.66 -1.21
N ILE D 497 -8.42 25.09 -0.30
CA ILE D 497 -8.95 24.22 0.74
C ILE D 497 -8.68 24.90 2.08
N SER D 498 -9.68 25.63 2.58
CA SER D 498 -9.56 26.40 3.81
C SER D 498 -10.97 26.71 4.31
N ALA D 499 -11.08 27.73 5.17
CA ALA D 499 -12.37 28.34 5.46
C ALA D 499 -12.99 28.90 4.18
N ILE D 500 -14.29 28.66 4.00
CA ILE D 500 -14.97 28.93 2.75
C ILE D 500 -16.22 29.73 3.06
N THR D 501 -16.45 30.80 2.30
CA THR D 501 -17.73 31.45 2.21
C THR D 501 -18.45 31.01 0.95
N ILE D 502 -19.78 30.93 1.02
CA ILE D 502 -20.60 30.28 0.01
C ILE D 502 -21.41 31.34 -0.72
N THR D 503 -21.36 31.31 -2.06
CA THR D 503 -21.95 32.36 -2.86
C THR D 503 -22.51 31.75 -4.14
N PRO D 504 -23.70 32.15 -4.57
CA PRO D 504 -24.20 31.67 -5.88
C PRO D 504 -23.54 32.33 -7.05
N GLU D 505 -22.80 33.42 -6.82
CA GLU D 505 -21.93 34.00 -7.82
C GLU D 505 -20.57 33.35 -7.81
N ARG D 506 -20.23 32.63 -6.74
CA ARG D 506 -19.22 31.58 -6.81
C ARG D 506 -19.76 30.31 -7.46
N GLU D 507 -21.04 30.28 -7.82
CA GLU D 507 -21.57 29.22 -8.64
C GLU D 507 -21.92 29.67 -10.04
N SER D 508 -21.94 30.98 -10.29
CA SER D 508 -22.38 31.51 -11.57
C SER D 508 -21.46 31.10 -12.72
N VAL D 509 -20.15 31.13 -12.51
CA VAL D 509 -19.23 30.64 -13.54
C VAL D 509 -18.24 29.62 -13.00
N VAL D 510 -18.21 29.41 -11.69
CA VAL D 510 -17.25 28.52 -11.07
C VAL D 510 -18.00 27.56 -10.15
N ASP D 511 -17.28 26.62 -9.53
CA ASP D 511 -17.92 25.56 -8.77
C ASP D 511 -17.29 25.36 -7.40
N PHE D 512 -18.11 24.89 -6.47
CA PHE D 512 -17.68 24.27 -5.22
C PHE D 512 -17.68 22.76 -5.40
N SER D 513 -16.96 22.07 -4.53
CA SER D 513 -17.24 20.66 -4.28
C SER D 513 -18.23 20.58 -3.12
N LYS D 514 -18.47 19.36 -2.61
CA LYS D 514 -19.56 19.14 -1.69
C LYS D 514 -19.11 19.36 -0.25
N ARG D 515 -20.06 19.20 0.68
CA ARG D 515 -20.00 19.83 1.98
C ARG D 515 -18.91 19.26 2.88
N TYR D 516 -18.03 20.13 3.38
CA TYR D 516 -17.17 19.72 4.48
C TYR D 516 -17.80 20.06 5.83
N MET D 517 -18.44 21.22 5.93
CA MET D 517 -19.16 21.59 7.14
C MET D 517 -20.50 22.16 6.75
N ASP D 518 -21.23 22.63 7.74
CA ASP D 518 -22.58 23.15 7.58
C ASP D 518 -22.69 24.48 8.29
N TYR D 519 -23.80 25.18 8.02
CA TYR D 519 -23.92 26.59 8.32
C TYR D 519 -24.12 26.84 9.81
N SER D 520 -23.41 27.84 10.33
CA SER D 520 -23.57 28.26 11.72
C SER D 520 -22.92 29.62 11.88
N VAL D 521 -23.10 30.18 13.08
CA VAL D 521 -22.38 31.37 13.51
C VAL D 521 -22.30 31.30 15.02
N GLY D 522 -21.21 31.79 15.59
CA GLY D 522 -20.97 31.70 17.02
C GLY D 522 -21.17 33.04 17.70
N ILE D 523 -21.28 32.96 19.03
CA ILE D 523 -21.56 34.10 19.89
C ILE D 523 -20.62 34.04 21.08
N LEU D 524 -19.75 35.04 21.22
CA LEU D 524 -18.78 35.07 22.29
C LEU D 524 -19.29 35.95 23.43
N ILE D 525 -19.55 35.33 24.57
CA ILE D 525 -19.66 36.02 25.83
C ILE D 525 -18.42 35.65 26.63
N LYS D 526 -17.84 36.62 27.32
CA LYS D 526 -16.80 36.28 28.27
C LYS D 526 -17.42 36.04 29.64
N LYS D 527 -16.66 35.41 30.52
CA LYS D 527 -17.08 35.32 31.91
C LYS D 527 -16.24 36.25 32.78
N ILE D 532 -30.54 42.13 43.84
CA ILE D 532 -31.22 40.89 44.16
C ILE D 532 -30.21 39.89 44.72
N SER D 533 -30.19 39.75 46.04
CA SER D 533 -29.29 38.82 46.72
C SER D 533 -30.01 37.92 47.68
N ILE D 534 -31.01 38.44 48.39
CA ILE D 534 -31.79 37.66 49.34
C ILE D 534 -33.26 37.58 48.94
N PHE D 535 -33.66 38.34 47.93
CA PHE D 535 -35.02 38.30 47.38
C PHE D 535 -35.32 36.97 46.71
N SER D 536 -34.29 36.30 46.20
CA SER D 536 -34.41 35.23 45.22
C SER D 536 -34.92 33.91 45.76
N LEU D 537 -35.17 33.74 47.05
CA LEU D 537 -35.72 32.47 47.50
C LEU D 537 -37.21 32.54 47.80
N PHE D 538 -37.79 33.73 47.86
CA PHE D 538 -39.23 33.88 47.77
C PHE D 538 -39.72 33.75 46.34
N ALA D 539 -38.83 34.00 45.38
CA ALA D 539 -39.19 33.91 43.97
C ALA D 539 -39.57 32.52 43.44
N PRO D 540 -39.08 31.38 43.95
CA PRO D 540 -39.67 30.10 43.53
C PRO D 540 -41.13 29.89 43.93
N PHE D 541 -41.68 30.71 44.81
CA PHE D 541 -43.06 30.56 45.22
C PHE D 541 -43.98 31.62 44.60
N ASP D 542 -45.20 31.18 44.27
CA ASP D 542 -46.24 32.04 43.75
C ASP D 542 -46.66 33.07 44.78
N PHE D 543 -46.49 34.34 44.45
CA PHE D 543 -46.63 35.40 45.46
C PHE D 543 -48.08 35.66 45.87
N ALA D 544 -49.06 35.06 45.16
CA ALA D 544 -50.47 35.33 45.45
C ALA D 544 -50.90 34.68 46.76
N VAL D 545 -50.27 33.58 47.13
CA VAL D 545 -50.85 32.82 48.23
C VAL D 545 -50.47 33.46 49.56
N TRP D 546 -49.53 34.41 49.53
CA TRP D 546 -49.25 35.25 50.69
C TRP D 546 -50.50 35.99 51.11
N ALA D 547 -51.17 36.60 50.13
CA ALA D 547 -52.41 37.28 50.45
C ALA D 547 -53.56 36.31 50.58
N CYS D 548 -53.42 35.10 50.06
CA CYS D 548 -54.45 34.09 50.35
C CYS D 548 -54.44 33.73 51.83
N ILE D 549 -53.26 33.77 52.45
CA ILE D 549 -53.20 33.64 53.91
C ILE D 549 -53.72 34.91 54.57
N ALA D 550 -53.43 36.07 53.96
CA ALA D 550 -53.78 37.34 54.58
C ALA D 550 -55.28 37.60 54.59
N ALA D 551 -56.04 36.97 53.70
CA ALA D 551 -57.49 37.07 53.76
C ALA D 551 -58.11 35.95 54.59
N ALA D 552 -57.34 34.93 54.94
CA ALA D 552 -57.85 33.82 55.74
C ALA D 552 -58.09 34.25 57.18
N ILE D 553 -57.27 35.16 57.68
CA ILE D 553 -57.41 35.66 59.05
C ILE D 553 -58.69 36.47 59.23
N PRO D 554 -59.18 37.29 58.27
CA PRO D 554 -60.59 37.74 58.39
C PRO D 554 -61.64 36.64 58.48
N VAL D 555 -61.42 35.52 57.81
CA VAL D 555 -62.34 34.39 57.92
C VAL D 555 -62.27 33.78 59.31
N VAL D 556 -61.05 33.70 59.87
CA VAL D 556 -60.93 33.23 61.24
C VAL D 556 -61.51 34.26 62.20
N GLY D 557 -61.41 35.55 61.86
CA GLY D 557 -61.94 36.62 62.69
C GLY D 557 -63.44 36.70 62.71
N VAL D 558 -64.10 36.01 61.77
CA VAL D 558 -65.56 35.86 61.84
C VAL D 558 -65.95 35.12 63.12
N LEU D 559 -65.12 34.16 63.51
CA LEU D 559 -65.44 33.16 64.53
C LEU D 559 -65.45 33.73 65.95
N ILE D 560 -65.17 35.03 66.10
CA ILE D 560 -65.54 35.75 67.32
C ILE D 560 -67.01 35.54 67.63
N PHE D 561 -67.86 35.73 66.64
CA PHE D 561 -69.26 35.42 66.81
C PHE D 561 -69.59 34.12 66.10
N ALA D 609 -66.14 25.17 69.30
CA ALA D 609 -65.64 26.03 70.35
C ALA D 609 -64.61 27.00 69.80
N MET D 610 -63.65 27.40 70.63
CA MET D 610 -62.45 28.01 70.10
C MET D 610 -61.38 26.97 69.81
N ARG D 611 -61.43 25.81 70.48
CA ARG D 611 -60.40 24.78 70.29
C ARG D 611 -60.48 24.15 68.91
N ILE D 612 -61.65 24.23 68.25
CA ILE D 612 -61.73 23.83 66.85
C ILE D 612 -60.98 24.84 65.97
N VAL D 613 -60.95 26.11 66.38
CA VAL D 613 -60.33 27.12 65.57
C VAL D 613 -58.82 27.11 65.77
N MET D 614 -58.39 26.90 67.02
CA MET D 614 -56.98 26.63 67.30
C MET D 614 -56.50 25.38 66.56
N GLY D 615 -57.30 24.31 66.62
CA GLY D 615 -56.93 23.04 66.01
C GLY D 615 -56.98 23.06 64.51
N SER D 616 -57.66 24.04 63.93
CA SER D 616 -57.43 24.35 62.52
C SER D 616 -55.99 24.76 62.33
N TRP D 617 -55.53 25.71 63.14
CA TRP D 617 -54.38 26.50 62.76
C TRP D 617 -53.09 25.75 63.04
N TRP D 618 -53.06 24.98 64.14
CA TRP D 618 -51.96 24.06 64.47
C TRP D 618 -51.79 22.97 63.41
N LEU D 619 -52.80 22.71 62.60
CA LEU D 619 -52.61 21.89 61.41
C LEU D 619 -52.35 22.75 60.19
N PHE D 620 -52.75 24.00 60.23
CA PHE D 620 -52.83 24.84 59.03
C PHE D 620 -51.48 25.41 58.67
N THR D 621 -50.93 26.26 59.52
CA THR D 621 -49.64 26.86 59.17
C THR D 621 -48.45 25.92 59.33
N LEU D 622 -48.68 24.70 59.82
CA LEU D 622 -47.75 23.58 59.77
C LEU D 622 -47.05 23.48 58.41
N ILE D 623 -47.88 23.43 57.38
CA ILE D 623 -47.37 23.25 56.05
C ILE D 623 -46.80 24.55 55.53
N VAL D 624 -47.27 25.68 56.04
CA VAL D 624 -46.73 26.96 55.58
C VAL D 624 -45.31 27.14 56.07
N CYS D 625 -45.04 26.68 57.30
CA CYS D 625 -43.68 26.60 57.82
C CYS D 625 -42.85 25.64 57.01
N SER D 626 -43.42 24.49 56.65
CA SER D 626 -42.69 23.58 55.78
C SER D 626 -42.50 24.15 54.39
N SER D 627 -43.40 25.03 53.97
CA SER D 627 -43.33 25.64 52.65
C SER D 627 -42.20 26.63 52.59
N TYR D 628 -42.00 27.38 53.66
CA TYR D 628 -40.83 28.23 53.72
C TYR D 628 -39.56 27.43 54.00
N THR D 629 -39.70 26.22 54.53
CA THR D 629 -38.54 25.36 54.64
C THR D 629 -38.19 24.70 53.31
N ALA D 630 -39.14 24.69 52.38
CA ALA D 630 -38.97 23.97 51.12
C ALA D 630 -37.97 24.64 50.18
N ASN D 631 -38.09 25.95 49.97
CA ASN D 631 -37.29 26.63 48.95
C ASN D 631 -35.83 26.89 49.33
N LEU D 632 -35.32 26.28 50.38
CA LEU D 632 -33.88 26.31 50.63
C LEU D 632 -33.08 25.48 49.61
N ALA D 633 -33.73 24.55 48.92
CA ALA D 633 -33.06 23.57 48.07
C ALA D 633 -32.82 24.06 46.64
N ALA D 634 -32.55 25.35 46.43
CA ALA D 634 -32.63 26.01 45.13
C ALA D 634 -31.60 25.53 44.09
N PHE D 635 -30.73 24.55 44.39
CA PHE D 635 -29.83 24.01 43.39
C PHE D 635 -29.66 22.50 43.50
N LEU D 636 -30.72 21.78 43.88
CA LEU D 636 -30.59 20.42 44.38
C LEU D 636 -31.52 19.45 43.66
N THR D 637 -31.49 19.46 42.33
CA THR D 637 -32.27 18.48 41.55
C THR D 637 -31.60 18.14 40.24
N PRO D 644 -20.33 36.41 32.46
CA PRO D 644 -21.12 35.20 32.64
C PRO D 644 -22.46 35.25 31.91
N VAL D 645 -23.24 34.18 32.00
CA VAL D 645 -24.48 34.03 31.25
C VAL D 645 -25.61 33.69 32.21
N ARG D 646 -26.81 34.08 31.85
CA ARG D 646 -28.01 33.56 32.51
C ARG D 646 -29.02 33.04 31.50
N THR D 647 -29.16 33.70 30.36
CA THR D 647 -30.20 33.40 29.39
C THR D 647 -29.52 33.15 28.05
N PHE D 648 -30.04 32.19 27.28
CA PHE D 648 -29.29 31.64 26.17
C PHE D 648 -29.92 31.88 24.81
N GLN D 649 -31.04 32.57 24.72
CA GLN D 649 -31.66 32.77 23.41
C GLN D 649 -31.03 33.97 22.72
N ASP D 650 -30.89 33.85 21.40
CA ASP D 650 -30.50 34.99 20.58
C ASP D 650 -31.43 36.18 20.72
N LEU D 651 -32.74 35.92 20.82
CA LEU D 651 -33.70 37.00 21.04
C LEU D 651 -33.72 37.50 22.48
N SER D 652 -33.46 36.63 23.45
CA SER D 652 -33.54 37.04 24.85
C SER D 652 -32.40 37.98 25.23
N LYS D 653 -31.28 37.91 24.53
CA LYS D 653 -30.15 38.77 24.82
C LYS D 653 -30.16 40.07 24.03
N GLN D 654 -31.20 40.30 23.22
CA GLN D 654 -31.31 41.55 22.47
C GLN D 654 -31.67 42.73 23.37
N LEU D 655 -32.27 42.48 24.53
CA LEU D 655 -32.91 43.50 25.35
C LEU D 655 -31.96 44.19 26.33
N GLU D 656 -30.69 43.80 26.40
CA GLU D 656 -29.85 44.25 27.51
C GLU D 656 -28.75 45.21 27.08
N MET D 657 -27.81 44.79 26.24
CA MET D 657 -26.68 45.67 25.87
C MET D 657 -26.21 45.31 24.47
N SER D 658 -25.00 45.77 24.14
CA SER D 658 -24.48 45.81 22.78
C SER D 658 -24.22 44.42 22.21
N TYR D 659 -23.98 44.40 20.91
CA TYR D 659 -23.64 43.17 20.19
C TYR D 659 -22.55 43.51 19.18
N GLY D 660 -21.35 42.99 19.39
CA GLY D 660 -20.28 43.20 18.42
C GLY D 660 -20.48 42.36 17.16
N THR D 661 -19.97 42.87 16.04
CA THR D 661 -20.11 42.16 14.78
C THR D 661 -18.92 42.45 13.88
N VAL D 662 -18.93 41.83 12.70
CA VAL D 662 -17.86 41.98 11.72
C VAL D 662 -18.37 42.81 10.55
N ARG D 663 -17.59 43.82 10.19
CA ARG D 663 -17.85 44.56 8.97
C ARG D 663 -17.67 43.65 7.76
N ASP D 664 -18.71 43.60 6.92
CA ASP D 664 -18.69 42.95 5.60
C ASP D 664 -18.37 41.46 5.68
N SER D 665 -18.81 40.80 6.76
CA SER D 665 -18.79 39.36 6.74
C SER D 665 -20.07 38.85 6.08
N ALA D 666 -20.13 37.53 5.91
CA ALA D 666 -21.23 36.93 5.17
C ALA D 666 -22.51 36.95 5.98
N VAL D 667 -22.46 36.48 7.23
CA VAL D 667 -23.61 36.48 8.13
C VAL D 667 -24.08 37.90 8.43
N TYR D 668 -23.16 38.86 8.43
CA TYR D 668 -23.47 40.29 8.46
C TYR D 668 -24.40 40.71 7.32
N GLU D 669 -24.06 40.35 6.08
CA GLU D 669 -24.94 40.69 4.96
C GLU D 669 -26.21 39.87 5.00
N TYR D 670 -26.07 38.62 5.45
CA TYR D 670 -27.11 37.61 5.27
C TYR D 670 -28.28 37.88 6.21
N PHE D 671 -28.02 38.01 7.49
CA PHE D 671 -29.15 38.15 8.37
C PHE D 671 -29.65 39.59 8.44
N ARG D 672 -28.90 40.53 7.87
CA ARG D 672 -29.46 41.83 7.53
C ARG D 672 -30.47 41.72 6.39
N ALA D 673 -30.18 40.84 5.42
CA ALA D 673 -31.20 40.54 4.41
C ALA D 673 -32.36 39.73 4.96
N LYS D 674 -32.11 38.97 6.04
CA LYS D 674 -33.19 38.36 6.80
C LYS D 674 -33.95 39.35 7.67
N GLY D 675 -33.34 40.49 8.00
CA GLY D 675 -34.05 41.55 8.69
C GLY D 675 -35.07 42.28 7.85
N THR D 676 -35.03 42.12 6.53
CA THR D 676 -36.00 42.75 5.64
C THR D 676 -37.18 41.85 5.30
N ASN D 677 -37.37 40.75 6.03
CA ASN D 677 -38.49 39.86 5.78
C ASN D 677 -39.67 40.29 6.64
N PRO D 678 -40.80 40.70 6.05
CA PRO D 678 -41.94 41.13 6.87
C PRO D 678 -42.82 39.99 7.35
N LEU D 679 -42.86 38.86 6.65
CA LEU D 679 -43.81 37.80 6.98
C LEU D 679 -43.20 36.76 7.90
N GLU D 680 -42.11 36.14 7.47
CA GLU D 680 -41.48 35.05 8.21
C GLU D 680 -40.31 35.62 8.98
N GLN D 681 -40.43 35.62 10.30
CA GLN D 681 -39.48 36.32 11.15
C GLN D 681 -39.24 35.50 12.41
N ASP D 682 -37.97 35.30 12.78
CA ASP D 682 -37.63 34.65 14.03
C ASP D 682 -37.42 35.64 15.16
N SER D 683 -37.73 36.92 14.89
CA SER D 683 -37.77 38.08 15.78
C SER D 683 -36.39 38.56 16.24
N THR D 684 -35.32 37.82 15.96
CA THR D 684 -33.99 38.23 16.34
C THR D 684 -33.35 39.09 15.26
N PHE D 685 -33.63 38.74 13.99
CA PHE D 685 -32.84 39.17 12.84
C PHE D 685 -32.87 40.69 12.67
N ALA D 686 -34.07 41.23 12.44
CA ALA D 686 -34.23 42.68 12.34
C ALA D 686 -33.99 43.37 13.67
N GLU D 687 -34.28 42.69 14.77
CA GLU D 687 -33.96 43.24 16.09
C GLU D 687 -32.46 43.38 16.29
N LEU D 688 -31.68 42.40 15.87
CA LEU D 688 -30.23 42.54 15.95
C LEU D 688 -29.69 43.50 14.89
N TRP D 689 -30.43 43.65 13.78
CA TRP D 689 -30.09 44.70 12.82
C TRP D 689 -30.29 46.09 13.42
N ARG D 690 -31.38 46.27 14.17
CA ARG D 690 -31.58 47.53 14.87
C ARG D 690 -30.64 47.68 16.04
N THR D 691 -30.12 46.57 16.56
CA THR D 691 -29.06 46.64 17.55
C THR D 691 -27.78 47.19 16.92
N ILE D 692 -27.49 46.80 15.68
CA ILE D 692 -26.32 47.34 14.99
C ILE D 692 -26.65 48.58 14.16
N SER D 693 -27.93 48.97 14.07
CA SER D 693 -28.33 50.18 13.35
C SER D 693 -28.05 51.41 14.22
N LYS D 694 -26.76 51.70 14.39
CA LYS D 694 -26.33 52.82 15.20
C LYS D 694 -24.91 53.22 14.80
N ASN D 695 -24.68 54.54 14.75
CA ASN D 695 -23.41 55.16 14.42
C ASN D 695 -22.89 54.72 13.05
N GLY D 696 -23.80 54.66 12.07
CA GLY D 696 -23.47 54.16 10.75
C GLY D 696 -23.13 52.69 10.71
N GLY D 697 -23.52 51.93 11.75
CA GLY D 697 -23.11 50.55 11.89
C GLY D 697 -21.74 50.37 12.49
N ALA D 698 -20.92 51.42 12.55
CA ALA D 698 -19.52 51.30 12.92
C ALA D 698 -19.29 51.32 14.42
N ASP D 699 -20.35 51.29 15.22
CA ASP D 699 -20.19 51.14 16.66
C ASP D 699 -20.24 49.67 17.06
N ASN D 700 -20.37 48.77 16.08
CA ASN D 700 -20.37 47.34 16.33
C ASN D 700 -19.52 46.55 15.36
N CYS D 701 -19.20 47.09 14.19
CA CYS D 701 -18.45 46.38 13.16
C CYS D 701 -16.96 46.50 13.41
N VAL D 702 -16.26 45.37 13.45
CA VAL D 702 -14.83 45.35 13.68
C VAL D 702 -14.08 45.41 12.36
N SER D 703 -12.81 45.82 12.45
CA SER D 703 -11.90 45.67 11.32
C SER D 703 -11.35 44.25 11.23
N ASN D 704 -11.23 43.57 12.37
CA ASN D 704 -10.83 42.18 12.44
C ASN D 704 -11.34 41.60 13.74
N PRO D 705 -11.58 40.29 13.82
CA PRO D 705 -11.98 39.69 15.11
C PRO D 705 -10.87 39.65 16.13
N SER D 706 -9.63 39.98 15.77
CA SER D 706 -8.60 40.27 16.75
C SER D 706 -9.02 41.43 17.65
N GLU D 707 -9.67 42.45 17.07
CA GLU D 707 -10.35 43.46 17.87
C GLU D 707 -11.52 42.86 18.63
N GLY D 708 -12.23 41.92 18.01
CA GLY D 708 -13.33 41.26 18.69
C GLY D 708 -12.91 40.32 19.80
N ILE D 709 -11.62 40.07 19.96
CA ILE D 709 -11.14 39.33 21.12
C ILE D 709 -11.34 40.16 22.37
N ARG D 710 -10.66 41.30 22.43
CA ARG D 710 -10.65 42.08 23.65
C ARG D 710 -11.84 43.00 23.77
N LYS D 711 -12.47 43.39 22.65
CA LYS D 711 -13.64 44.23 22.76
C LYS D 711 -14.81 43.43 23.32
N ALA D 712 -14.87 42.14 22.99
CA ALA D 712 -15.79 41.26 23.70
C ALA D 712 -15.30 40.97 25.11
N LYS D 713 -13.98 40.96 25.34
CA LYS D 713 -13.48 40.88 26.71
C LYS D 713 -13.75 42.17 27.48
N LYS D 714 -13.56 43.32 26.84
CA LYS D 714 -13.66 44.61 27.51
C LYS D 714 -14.79 45.38 26.84
N GLY D 715 -16.00 45.22 27.35
CA GLY D 715 -17.19 45.74 26.68
C GLY D 715 -18.18 44.63 26.42
N ASN D 716 -19.45 44.91 26.74
CA ASN D 716 -20.51 43.91 26.63
C ASN D 716 -20.86 43.76 25.15
N TYR D 717 -20.04 42.98 24.45
CA TYR D 717 -20.21 42.70 23.04
C TYR D 717 -20.25 41.20 22.84
N ALA D 718 -21.42 40.68 22.51
CA ALA D 718 -21.51 39.33 21.99
C ALA D 718 -21.27 39.40 20.49
N PHE D 719 -20.54 38.42 19.96
CA PHE D 719 -19.90 38.56 18.67
C PHE D 719 -20.56 37.65 17.64
N LEU D 720 -20.21 37.89 16.37
CA LEU D 720 -20.76 37.21 15.21
C LEU D 720 -19.62 36.60 14.40
N TRP D 721 -19.39 35.29 14.56
CA TRP D 721 -18.18 34.69 14.03
C TRP D 721 -18.36 33.17 13.95
N ASP D 722 -17.37 32.51 13.35
CA ASP D 722 -17.23 31.06 13.47
C ASP D 722 -17.19 30.64 14.92
N VAL D 723 -17.95 29.58 15.23
CA VAL D 723 -17.87 28.98 16.55
C VAL D 723 -16.52 28.31 16.77
N ALA D 724 -15.91 27.73 15.73
CA ALA D 724 -14.72 26.92 15.90
C ALA D 724 -13.49 27.74 16.27
N VAL D 725 -13.46 28.99 15.82
CA VAL D 725 -12.44 29.93 16.28
C VAL D 725 -12.60 30.21 17.76
N VAL D 726 -13.83 30.45 18.20
CA VAL D 726 -14.12 30.66 19.61
C VAL D 726 -13.83 29.40 20.42
N GLU D 727 -14.06 28.23 19.83
CA GLU D 727 -13.69 26.95 20.41
C GLU D 727 -12.19 26.83 20.66
N TYR D 728 -11.38 27.26 19.70
CA TYR D 728 -9.95 27.22 19.96
C TYR D 728 -9.49 28.35 20.88
N ALA D 729 -10.19 29.49 20.87
CA ALA D 729 -9.89 30.54 21.83
C ALA D 729 -10.24 30.11 23.24
N ALA D 730 -11.25 29.26 23.39
CA ALA D 730 -11.50 28.59 24.67
C ALA D 730 -10.41 27.55 24.94
N LEU D 731 -9.84 26.99 23.89
CA LEU D 731 -8.80 25.98 24.07
C LEU D 731 -7.46 26.60 24.44
N THR D 732 -7.33 27.92 24.33
CA THR D 732 -6.06 28.60 24.54
C THR D 732 -5.99 29.42 25.83
N ASP D 733 -7.13 29.94 26.31
CA ASP D 733 -7.11 30.80 27.48
C ASP D 733 -6.78 30.01 28.72
N ASP D 734 -5.84 30.54 29.51
CA ASP D 734 -5.39 29.89 30.74
C ASP D 734 -6.44 29.87 31.83
N ASP D 735 -7.51 30.65 31.69
CA ASP D 735 -8.65 30.55 32.59
C ASP D 735 -9.93 30.31 31.79
N CYS D 736 -10.78 29.41 32.30
CA CYS D 736 -12.05 29.08 31.68
C CYS D 736 -13.00 30.26 31.91
N SER D 737 -13.00 31.23 31.00
CA SER D 737 -13.63 32.51 31.31
C SER D 737 -14.47 33.07 30.15
N VAL D 738 -15.08 32.22 29.34
CA VAL D 738 -15.93 32.67 28.25
C VAL D 738 -17.20 31.83 28.20
N THR D 739 -18.10 32.21 27.29
CA THR D 739 -19.39 31.52 27.12
C THR D 739 -19.79 31.53 25.66
N VAL D 740 -20.24 30.38 25.15
CA VAL D 740 -20.71 30.23 23.79
C VAL D 740 -22.11 29.62 23.81
N ILE D 741 -22.87 29.86 22.74
CA ILE D 741 -24.22 29.33 22.56
C ILE D 741 -24.29 28.65 21.21
N GLY D 742 -24.87 27.44 21.17
CA GLY D 742 -24.85 26.60 19.98
C GLY D 742 -25.65 27.15 18.81
N ASN D 743 -25.45 26.49 17.66
CA ASN D 743 -26.04 26.87 16.39
C ASN D 743 -26.18 25.59 15.58
N SER D 744 -27.31 25.44 14.88
CA SER D 744 -27.57 24.23 14.10
C SER D 744 -28.34 24.59 12.84
N ILE D 745 -27.62 24.78 11.73
CA ILE D 745 -28.24 25.03 10.42
C ILE D 745 -27.52 24.12 9.43
N SER D 746 -28.11 22.96 9.13
CA SER D 746 -27.46 21.96 8.30
C SER D 746 -28.03 21.88 6.89
N SER D 747 -29.06 22.68 6.57
CA SER D 747 -29.54 22.75 5.20
C SER D 747 -28.53 23.46 4.30
N LYS D 748 -27.86 24.48 4.81
CA LYS D 748 -26.77 25.13 4.10
C LYS D 748 -25.44 24.58 4.60
N GLY D 749 -24.53 24.30 3.66
CA GLY D 749 -23.27 23.67 3.97
C GLY D 749 -22.10 24.48 3.46
N TYR D 750 -20.91 23.96 3.73
CA TYR D 750 -19.66 24.54 3.25
C TYR D 750 -18.93 23.50 2.42
N GLY D 751 -18.82 23.74 1.11
CA GLY D 751 -18.00 22.94 0.24
C GLY D 751 -16.67 23.61 -0.08
N ILE D 752 -15.93 23.01 -1.02
CA ILE D 752 -14.60 23.46 -1.38
C ILE D 752 -14.56 23.76 -2.87
N ALA D 753 -14.13 24.96 -3.24
CA ALA D 753 -14.09 25.35 -4.63
C ALA D 753 -13.02 24.59 -5.41
N LEU D 754 -13.14 24.63 -6.73
CA LEU D 754 -12.27 23.89 -7.63
C LEU D 754 -12.26 24.60 -8.98
N GLN D 755 -11.40 24.10 -9.88
CA GLN D 755 -11.42 24.57 -11.25
C GLN D 755 -12.70 24.15 -11.96
N HIS D 756 -13.31 25.09 -12.65
CA HIS D 756 -14.59 24.87 -13.32
C HIS D 756 -14.35 24.00 -14.54
N GLY D 757 -14.63 22.72 -14.41
CA GLY D 757 -14.18 21.74 -15.37
C GLY D 757 -13.00 21.00 -14.80
N SER D 758 -13.27 19.82 -14.25
CA SER D 758 -12.26 18.98 -13.65
C SER D 758 -12.80 17.55 -13.66
N PRO D 759 -11.98 16.56 -13.99
CA PRO D 759 -12.53 15.22 -14.27
C PRO D 759 -12.99 14.50 -13.03
N TYR D 760 -12.45 14.85 -11.87
CA TYR D 760 -12.57 14.01 -10.68
C TYR D 760 -13.44 14.67 -9.63
N ARG D 761 -14.30 15.61 -10.03
CA ARG D 761 -15.04 16.45 -9.09
C ARG D 761 -16.00 15.61 -8.25
N ASP D 762 -16.79 14.76 -8.92
CA ASP D 762 -17.62 13.80 -8.21
C ASP D 762 -16.76 12.80 -7.46
N LEU D 763 -15.58 12.50 -7.99
CA LEU D 763 -14.66 11.58 -7.30
C LEU D 763 -14.03 12.25 -6.08
N PHE D 764 -13.77 13.56 -6.16
CA PHE D 764 -13.41 14.33 -4.97
C PHE D 764 -14.51 14.27 -3.95
N SER D 765 -15.73 14.57 -4.39
CA SER D 765 -16.86 14.68 -3.49
C SER D 765 -17.27 13.34 -2.94
N GLN D 766 -16.90 12.26 -3.62
CA GLN D 766 -17.15 10.92 -3.10
C GLN D 766 -16.33 10.67 -1.84
N ARG D 767 -15.07 11.09 -1.82
CA ARG D 767 -14.31 11.01 -0.58
C ARG D 767 -14.80 12.02 0.46
N ILE D 768 -15.26 13.20 -0.01
CA ILE D 768 -15.88 14.18 0.90
C ILE D 768 -17.11 13.58 1.57
N LEU D 769 -17.89 12.85 0.78
CA LEU D 769 -19.04 12.09 1.26
C LEU D 769 -18.63 11.03 2.26
N GLU D 770 -17.77 10.11 1.81
CA GLU D 770 -17.57 8.85 2.53
C GLU D 770 -16.75 9.02 3.78
N LEU D 771 -15.82 9.98 3.83
CA LEU D 771 -15.11 10.24 5.08
C LEU D 771 -16.02 10.83 6.14
N GLN D 772 -17.08 11.52 5.72
CA GLN D 772 -18.14 11.87 6.64
C GLN D 772 -19.04 10.68 6.93
N ASP D 773 -19.25 9.78 5.96
CA ASP D 773 -20.05 8.60 6.19
C ASP D 773 -19.36 7.64 7.14
N THR D 774 -18.04 7.57 7.08
CA THR D 774 -17.28 6.89 8.12
C THR D 774 -17.14 7.74 9.36
N GLY D 775 -17.36 9.05 9.26
CA GLY D 775 -17.21 9.96 10.37
C GLY D 775 -15.78 10.29 10.74
N ASP D 776 -14.81 9.84 9.96
CA ASP D 776 -13.41 10.17 10.23
C ASP D 776 -13.12 11.62 9.92
N LEU D 777 -13.94 12.26 9.09
CA LEU D 777 -13.91 13.71 8.94
C LEU D 777 -14.18 14.40 10.28
N ASP D 778 -15.09 13.84 11.07
CA ASP D 778 -15.29 14.38 12.40
C ASP D 778 -14.19 13.99 13.36
N VAL D 779 -13.48 12.88 13.11
CA VAL D 779 -12.28 12.61 13.87
C VAL D 779 -11.20 13.62 13.51
N LEU D 780 -11.17 14.07 12.26
CA LEU D 780 -10.27 15.16 11.89
C LEU D 780 -10.71 16.48 12.52
N LYS D 781 -12.01 16.61 12.81
CA LYS D 781 -12.43 17.78 13.58
C LYS D 781 -11.96 17.66 15.03
N GLN D 782 -11.98 16.44 15.56
CA GLN D 782 -11.65 16.18 16.95
C GLN D 782 -10.15 16.17 17.21
N LYS D 783 -9.34 16.24 16.16
CA LYS D 783 -7.90 16.31 16.34
C LYS D 783 -7.51 17.63 16.99
N TRP D 784 -7.75 18.72 16.28
CA TRP D 784 -7.28 20.04 16.67
C TRP D 784 -8.23 20.72 17.64
N TRP D 785 -9.48 20.26 17.68
CA TRP D 785 -10.45 20.72 18.69
C TRP D 785 -11.27 19.51 19.12
N PRO D 786 -10.95 18.92 20.26
CA PRO D 786 -11.81 17.89 20.84
C PRO D 786 -13.03 18.52 21.53
N HIS D 787 -13.89 17.64 22.05
CA HIS D 787 -15.15 18.06 22.64
C HIS D 787 -15.02 18.66 24.04
N THR D 788 -13.97 18.32 24.79
CA THR D 788 -13.83 18.84 26.15
C THR D 788 -13.13 20.20 26.18
N GLY D 789 -11.90 20.25 25.67
CA GLY D 789 -11.16 21.49 25.61
C GLY D 789 -10.62 21.98 26.95
N ARG D 790 -10.02 23.17 26.89
CA ARG D 790 -9.41 23.79 28.05
C ARG D 790 -10.44 24.38 29.02
N CYS D 791 -11.46 25.04 28.49
CA CYS D 791 -12.54 25.55 29.30
C CYS D 791 -13.71 24.57 29.25
N ASP D 792 -14.16 24.13 30.42
CA ASP D 792 -15.32 23.26 30.53
C ASP D 792 -16.64 24.02 30.59
N LEU D 793 -16.65 25.28 30.14
CA LEU D 793 -17.80 26.18 30.13
C LEU D 793 -18.38 26.39 31.53
N SER D 810 -26.92 37.36 50.89
CA SER D 810 -25.83 36.74 51.62
C SER D 810 -25.60 37.45 52.94
N PHE D 811 -24.33 37.64 53.29
CA PHE D 811 -23.95 38.39 54.47
C PHE D 811 -24.05 39.90 54.29
N ALA D 812 -24.57 40.35 53.16
CA ALA D 812 -24.79 41.77 52.93
C ALA D 812 -26.28 42.07 52.73
N GLY D 813 -27.16 41.18 53.16
CA GLY D 813 -28.59 41.36 52.99
C GLY D 813 -29.26 42.02 54.19
N VAL D 814 -28.60 43.01 54.78
CA VAL D 814 -29.07 43.59 56.03
C VAL D 814 -30.23 44.55 55.80
N PHE D 815 -29.98 45.62 55.02
CA PHE D 815 -30.91 46.75 54.93
C PHE D 815 -32.26 46.40 54.31
N CYS D 816 -32.33 45.32 53.52
CA CYS D 816 -33.45 45.09 52.61
C CYS D 816 -34.75 44.85 53.37
N ILE D 817 -34.75 43.82 54.22
CA ILE D 817 -35.91 43.57 55.06
C ILE D 817 -35.95 44.55 56.24
N LEU D 818 -34.81 45.16 56.57
CA LEU D 818 -34.74 46.11 57.67
C LEU D 818 -35.52 47.38 57.37
N ALA D 819 -35.62 47.78 56.11
CA ALA D 819 -36.20 49.07 55.76
C ALA D 819 -37.71 49.04 55.56
N ILE D 820 -38.31 47.86 55.38
CA ILE D 820 -39.71 47.81 54.99
C ILE D 820 -40.63 48.22 56.14
N GLY D 821 -40.25 47.90 57.38
CA GLY D 821 -41.01 48.26 58.54
C GLY D 821 -40.76 49.64 59.13
N LEU D 822 -39.74 50.34 58.64
CA LEU D 822 -39.43 51.66 59.15
C LEU D 822 -40.47 52.70 58.75
N LEU D 823 -41.25 52.40 57.71
CA LEU D 823 -42.49 53.11 57.43
C LEU D 823 -43.38 53.14 58.68
N LEU D 824 -43.67 51.97 59.22
CA LEU D 824 -44.47 51.86 60.43
C LEU D 824 -43.72 52.42 61.63
N ALA D 825 -42.41 52.17 61.71
CA ALA D 825 -41.64 52.66 62.85
C ALA D 825 -41.60 54.18 62.91
N CYS D 826 -41.65 54.84 61.75
CA CYS D 826 -41.87 56.28 61.76
C CYS D 826 -43.34 56.66 61.96
N LEU D 827 -44.27 55.80 61.56
CA LEU D 827 -45.68 56.19 61.60
C LEU D 827 -46.30 56.03 62.99
N VAL D 828 -45.61 55.30 63.88
CA VAL D 828 -46.10 55.09 65.23
C VAL D 828 -46.17 56.40 65.99
N ALA D 829 -45.07 57.17 65.98
CA ALA D 829 -45.04 58.42 66.71
C ALA D 829 -45.92 59.47 66.05
N ALA D 830 -46.17 59.32 64.74
CA ALA D 830 -47.08 60.23 64.05
C ALA D 830 -48.50 60.07 64.58
N LEU D 831 -48.99 58.83 64.67
CA LEU D 831 -50.33 58.65 65.22
C LEU D 831 -50.38 58.80 66.74
N GLU D 832 -49.24 58.63 67.42
CA GLU D 832 -49.18 58.99 68.84
C GLU D 832 -49.38 60.48 69.03
N LEU D 833 -48.55 61.30 68.38
CA LEU D 833 -48.62 62.73 68.65
C LEU D 833 -49.89 63.35 68.08
N TRP D 834 -50.42 62.75 67.00
CA TRP D 834 -51.73 63.13 66.49
C TRP D 834 -52.85 62.86 67.49
N TRP D 835 -52.82 61.74 68.20
CA TRP D 835 -53.97 61.59 69.08
C TRP D 835 -53.70 62.11 70.48
N ASN D 836 -52.43 62.17 70.88
CA ASN D 836 -52.07 62.70 72.18
C ASN D 836 -52.23 64.20 72.24
N SER D 837 -52.15 64.88 71.09
CA SER D 837 -52.59 66.26 71.07
C SER D 837 -54.11 66.37 71.05
N ASN D 838 -54.79 65.38 70.48
CA ASN D 838 -56.25 65.37 70.49
C ASN D 838 -56.76 65.06 71.89
#